data_1NXI
#
_entry.id   1NXI
#
_entity_poly.entity_id   1
_entity_poly.type   'polypeptide(L)'
_entity_poly.pdbx_seq_one_letter_code
;MSHQDDYLSVEELIEIQKEETRDIIQALLEDGSDPDALYEIEHHLFAEDFDKLEKAAVEAFKMGFEVLEAEETEDEDGNK
LLCFDATMQSALDAKLIDEQVEKLVNLAEKFDIIYDGWGTYYEGLEHHHHHH
;
_entity_poly.pdbx_strand_id   A
#
# COMPACT_ATOMS: atom_id res chain seq x y z
N MET A 1 1.31 4.10 -31.04
CA MET A 1 2.76 3.97 -30.73
C MET A 1 3.03 4.48 -29.31
N SER A 2 3.61 5.65 -29.20
CA SER A 2 3.90 6.20 -27.85
C SER A 2 4.45 5.10 -26.95
N HIS A 3 5.73 4.85 -27.01
CA HIS A 3 6.32 3.78 -26.17
C HIS A 3 6.54 4.31 -24.74
N GLN A 4 5.57 5.01 -24.21
CA GLN A 4 5.72 5.56 -22.83
C GLN A 4 5.16 4.55 -21.83
N ASP A 5 5.81 3.43 -21.67
CA ASP A 5 5.31 2.41 -20.70
C ASP A 5 6.49 1.55 -20.21
N ASP A 6 7.38 2.13 -19.47
CA ASP A 6 8.56 1.36 -18.96
C ASP A 6 8.82 1.74 -17.50
N TYR A 7 8.05 1.21 -16.59
CA TYR A 7 8.27 1.54 -15.15
C TYR A 7 9.27 0.54 -14.55
N LEU A 8 10.52 0.91 -14.49
CA LEU A 8 11.53 -0.01 -13.91
C LEU A 8 12.58 0.81 -13.14
N SER A 9 12.21 1.33 -12.00
CA SER A 9 13.18 2.13 -11.20
C SER A 9 12.58 2.41 -9.82
N VAL A 10 12.28 1.39 -9.08
CA VAL A 10 11.69 1.59 -7.72
C VAL A 10 12.29 2.86 -7.09
N GLU A 11 13.55 3.12 -7.32
CA GLU A 11 14.17 4.33 -6.73
C GLU A 11 13.27 5.55 -6.99
N GLU A 12 12.65 5.59 -8.13
CA GLU A 12 11.76 6.75 -8.45
C GLU A 12 10.47 6.63 -7.63
N LEU A 13 9.77 5.54 -7.77
CA LEU A 13 8.51 5.37 -7.00
C LEU A 13 8.76 5.65 -5.52
N ILE A 14 9.85 5.16 -4.98
CA ILE A 14 10.16 5.41 -3.55
C ILE A 14 10.24 6.92 -3.31
N GLU A 15 10.95 7.63 -4.14
CA GLU A 15 11.06 9.11 -3.97
C GLU A 15 9.67 9.73 -3.94
N ILE A 16 8.92 9.56 -4.99
CA ILE A 16 7.55 10.15 -5.03
C ILE A 16 6.83 9.86 -3.71
N GLN A 17 6.38 8.65 -3.53
CA GLN A 17 5.67 8.30 -2.26
C GLN A 17 6.30 9.06 -1.09
N LYS A 18 7.59 9.26 -1.13
CA LYS A 18 8.27 9.99 -0.02
C LYS A 18 7.64 11.37 0.13
N GLU A 19 7.68 12.17 -0.91
CA GLU A 19 7.09 13.53 -0.83
C GLU A 19 5.57 13.42 -0.63
N GLU A 20 4.89 12.86 -1.58
CA GLU A 20 3.41 12.73 -1.44
C GLU A 20 3.05 12.36 0.00
N THR A 21 3.40 11.18 0.42
CA THR A 21 3.08 10.76 1.82
C THR A 21 3.24 11.96 2.76
N ARG A 22 4.44 12.50 2.84
CA ARG A 22 4.66 13.66 3.75
C ARG A 22 3.52 14.66 3.58
N ASP A 23 3.23 15.06 2.37
CA ASP A 23 2.12 16.04 2.15
C ASP A 23 0.87 15.55 2.88
N ILE A 24 0.49 14.32 2.66
CA ILE A 24 -0.74 13.79 3.34
C ILE A 24 -0.56 13.90 4.85
N ILE A 25 0.48 13.31 5.39
CA ILE A 25 0.70 13.39 6.86
C ILE A 25 0.54 14.82 7.33
N GLN A 26 1.02 15.77 6.57
CA GLN A 26 0.88 17.20 6.97
C GLN A 26 -0.59 17.54 7.15
N ALA A 27 -1.41 17.26 6.18
CA ALA A 27 -2.86 17.55 6.30
C ALA A 27 -3.44 16.77 7.48
N LEU A 28 -3.28 15.48 7.48
CA LEU A 28 -3.82 14.67 8.61
C LEU A 28 -3.42 15.31 9.93
N LEU A 29 -2.17 15.65 10.08
CA LEU A 29 -1.71 16.28 11.35
C LEU A 29 -2.44 17.61 11.55
N GLU A 30 -2.17 18.57 10.70
CA GLU A 30 -2.85 19.89 10.82
C GLU A 30 -4.29 19.68 11.29
N ASP A 31 -4.92 18.63 10.82
CA ASP A 31 -6.33 18.36 11.25
C ASP A 31 -6.38 18.22 12.77
N GLY A 32 -5.33 17.73 13.37
CA GLY A 32 -5.32 17.57 14.85
C GLY A 32 -5.08 16.11 15.21
N SER A 33 -4.88 15.26 14.23
CA SER A 33 -4.63 13.82 14.52
C SER A 33 -3.52 13.69 15.56
N ASP A 34 -3.32 12.51 16.08
CA ASP A 34 -2.24 12.32 17.10
C ASP A 34 -1.41 11.08 16.74
N PRO A 35 -0.15 11.12 17.05
CA PRO A 35 0.79 9.99 16.76
C PRO A 35 0.52 8.77 17.65
N ASP A 36 -0.22 8.96 18.72
CA ASP A 36 -0.52 7.81 19.62
C ASP A 36 -1.87 7.20 19.23
N ALA A 37 -2.57 7.82 18.33
CA ALA A 37 -3.90 7.28 17.91
C ALA A 37 -3.68 6.00 17.11
N LEU A 38 -2.47 5.69 16.76
CA LEU A 38 -2.20 4.44 15.99
C LEU A 38 -3.02 4.48 14.69
N TYR A 39 -2.37 4.33 13.57
CA TYR A 39 -3.11 4.37 12.27
C TYR A 39 -2.97 3.03 11.56
N GLU A 40 -3.97 2.63 10.82
CA GLU A 40 -3.90 1.33 10.09
C GLU A 40 -3.51 1.60 8.64
N ILE A 41 -2.32 1.25 8.25
CA ILE A 41 -1.88 1.49 6.85
C ILE A 41 -2.53 0.44 5.92
N GLU A 42 -2.85 0.84 4.72
CA GLU A 42 -3.48 -0.12 3.76
C GLU A 42 -2.68 -0.15 2.47
N HIS A 43 -2.49 -1.31 1.90
CA HIS A 43 -1.72 -1.41 0.62
C HIS A 43 -2.45 -2.33 -0.34
N HIS A 44 -2.61 -1.92 -1.57
CA HIS A 44 -3.32 -2.78 -2.56
C HIS A 44 -2.29 -3.47 -3.46
N LEU A 45 -2.42 -4.76 -3.64
CA LEU A 45 -1.47 -5.50 -4.51
C LEU A 45 -2.24 -6.49 -5.37
N PHE A 46 -1.96 -6.53 -6.65
CA PHE A 46 -2.68 -7.48 -7.54
C PHE A 46 -1.68 -8.31 -8.34
N ALA A 47 -2.12 -9.44 -8.85
CA ALA A 47 -1.19 -10.30 -9.64
C ALA A 47 -1.93 -10.87 -10.85
N GLU A 48 -1.24 -11.61 -11.68
CA GLU A 48 -1.90 -12.19 -12.87
C GLU A 48 -1.94 -13.72 -12.74
N ASP A 49 -1.19 -14.26 -11.83
CA ASP A 49 -1.18 -15.74 -11.63
C ASP A 49 -1.88 -16.09 -10.31
N PHE A 50 -2.94 -16.84 -10.36
CA PHE A 50 -3.65 -17.20 -9.11
C PHE A 50 -2.65 -17.81 -8.12
N ASP A 51 -1.76 -18.64 -8.59
CA ASP A 51 -0.76 -19.26 -7.67
C ASP A 51 0.24 -18.20 -7.22
N LYS A 52 0.96 -17.61 -8.14
CA LYS A 52 1.95 -16.57 -7.78
C LYS A 52 1.32 -15.60 -6.79
N LEU A 53 0.03 -15.37 -6.92
CA LEU A 53 -0.66 -14.43 -6.00
C LEU A 53 -0.61 -14.99 -4.57
N GLU A 54 -1.29 -16.08 -4.34
CA GLU A 54 -1.27 -16.67 -2.97
C GLU A 54 0.18 -16.83 -2.50
N LYS A 55 1.10 -16.90 -3.42
CA LYS A 55 2.53 -17.05 -3.03
C LYS A 55 3.02 -15.74 -2.41
N ALA A 56 2.98 -14.67 -3.16
CA ALA A 56 3.45 -13.36 -2.61
C ALA A 56 2.56 -12.95 -1.43
N ALA A 57 1.29 -13.29 -1.49
CA ALA A 57 0.38 -12.92 -0.38
C ALA A 57 0.76 -13.68 0.88
N VAL A 58 1.23 -14.89 0.73
CA VAL A 58 1.63 -15.69 1.93
C VAL A 58 2.88 -15.06 2.56
N GLU A 59 3.91 -14.84 1.79
CA GLU A 59 5.15 -14.23 2.36
C GLU A 59 4.78 -12.95 3.09
N ALA A 60 4.14 -12.03 2.41
CA ALA A 60 3.76 -10.75 3.09
C ALA A 60 3.12 -11.05 4.43
N PHE A 61 2.05 -11.78 4.45
CA PHE A 61 1.38 -12.11 5.73
C PHE A 61 2.38 -12.79 6.68
N LYS A 62 3.36 -13.43 6.14
CA LYS A 62 4.37 -14.12 7.01
C LYS A 62 5.17 -13.08 7.78
N MET A 63 5.52 -11.99 7.14
CA MET A 63 6.31 -10.93 7.83
C MET A 63 5.46 -10.31 8.94
N GLY A 64 4.30 -9.80 8.59
CA GLY A 64 3.42 -9.18 9.62
C GLY A 64 2.45 -8.21 8.94
N PHE A 65 1.79 -8.65 7.90
CA PHE A 65 0.83 -7.76 7.20
C PHE A 65 -0.55 -8.42 7.16
N GLU A 66 -1.58 -7.69 7.51
CA GLU A 66 -2.95 -8.28 7.49
C GLU A 66 -3.41 -8.47 6.04
N VAL A 67 -2.93 -9.48 5.38
CA VAL A 67 -3.34 -9.71 3.96
C VAL A 67 -4.86 -9.84 3.88
N LEU A 68 -5.46 -9.28 2.87
CA LEU A 68 -6.94 -9.37 2.74
C LEU A 68 -7.30 -10.17 1.48
N GLU A 69 -8.31 -10.99 1.56
CA GLU A 69 -8.70 -11.80 0.37
C GLU A 69 -8.89 -10.87 -0.84
N ALA A 70 -8.65 -11.37 -2.01
CA ALA A 70 -8.82 -10.52 -3.23
C ALA A 70 -10.20 -10.76 -3.84
N GLU A 71 -10.50 -10.07 -4.92
CA GLU A 71 -11.83 -10.26 -5.57
C GLU A 71 -11.74 -9.80 -7.03
N GLU A 72 -12.46 -10.44 -7.91
CA GLU A 72 -12.42 -10.05 -9.34
C GLU A 72 -12.25 -8.53 -9.45
N THR A 73 -11.16 -8.09 -10.03
CA THR A 73 -10.94 -6.62 -10.15
C THR A 73 -10.89 -6.22 -11.63
N GLU A 74 -10.88 -4.95 -11.92
CA GLU A 74 -10.82 -4.50 -13.33
C GLU A 74 -9.89 -3.29 -13.44
N ASP A 75 -8.89 -3.38 -14.26
CA ASP A 75 -7.94 -2.24 -14.41
C ASP A 75 -7.94 -1.77 -15.87
N GLU A 76 -9.09 -1.49 -16.42
CA GLU A 76 -9.15 -1.02 -17.83
C GLU A 76 -8.10 -1.77 -18.65
N ASP A 77 -7.68 -2.92 -18.20
CA ASP A 77 -6.67 -3.70 -18.96
C ASP A 77 -6.81 -5.19 -18.63
N GLY A 78 -7.60 -5.51 -17.64
CA GLY A 78 -7.77 -6.94 -17.27
C GLY A 78 -9.26 -7.30 -17.27
N ASN A 79 -10.08 -6.45 -16.70
CA ASN A 79 -11.53 -6.75 -16.67
C ASN A 79 -11.78 -7.97 -15.78
N LYS A 80 -10.74 -8.64 -15.38
CA LYS A 80 -10.91 -9.84 -14.51
C LYS A 80 -9.56 -10.23 -13.90
N LEU A 81 -9.11 -9.50 -12.92
CA LEU A 81 -7.80 -9.83 -12.29
C LEU A 81 -7.98 -9.99 -10.78
N LEU A 82 -7.02 -10.59 -10.11
CA LEU A 82 -7.15 -10.78 -8.64
C LEU A 82 -6.44 -9.64 -7.92
N CYS A 83 -7.09 -9.04 -6.95
CA CYS A 83 -6.44 -7.91 -6.21
C CYS A 83 -6.63 -8.11 -4.71
N PHE A 84 -5.58 -8.43 -4.00
CA PHE A 84 -5.71 -8.61 -2.53
C PHE A 84 -5.24 -7.34 -1.82
N ASP A 85 -5.52 -7.19 -0.55
CA ASP A 85 -5.10 -5.97 0.16
C ASP A 85 -4.28 -6.34 1.41
N ALA A 86 -3.41 -5.47 1.84
CA ALA A 86 -2.59 -5.78 3.05
C ALA A 86 -2.73 -4.63 4.05
N THR A 87 -2.79 -4.94 5.32
CA THR A 87 -2.92 -3.86 6.34
C THR A 87 -1.79 -3.98 7.36
N MET A 88 -1.50 -2.94 8.08
CA MET A 88 -0.41 -2.99 9.10
C MET A 88 -0.62 -1.90 10.14
N GLN A 89 -0.78 -2.27 11.39
CA GLN A 89 -0.99 -1.25 12.45
C GLN A 89 0.34 -0.54 12.74
N SER A 90 0.34 0.76 12.73
CA SER A 90 1.61 1.49 13.01
C SER A 90 1.30 2.97 13.26
N ALA A 91 2.18 3.65 13.96
CA ALA A 91 1.94 5.09 14.25
C ALA A 91 1.87 5.87 12.94
N LEU A 92 1.56 7.13 13.00
CA LEU A 92 1.49 7.95 11.76
C LEU A 92 2.85 8.62 11.51
N ASP A 93 3.64 8.07 10.63
CA ASP A 93 4.96 8.68 10.35
C ASP A 93 5.31 8.49 8.87
N ALA A 94 5.84 9.50 8.25
CA ALA A 94 6.20 9.38 6.80
C ALA A 94 7.37 8.40 6.66
N LYS A 95 8.32 8.46 7.56
CA LYS A 95 9.48 7.53 7.47
C LYS A 95 8.98 6.08 7.56
N LEU A 96 8.14 5.80 8.52
CA LEU A 96 7.61 4.42 8.65
C LEU A 96 6.80 4.06 7.42
N ILE A 97 5.73 4.78 7.17
CA ILE A 97 4.90 4.48 5.98
C ILE A 97 5.80 4.28 4.76
N ASP A 98 6.82 5.09 4.64
CA ASP A 98 7.74 4.95 3.48
C ASP A 98 8.41 3.57 3.53
N GLU A 99 8.70 3.10 4.71
CA GLU A 99 9.35 1.77 4.85
C GLU A 99 8.40 0.67 4.38
N GLN A 100 7.21 0.65 4.90
CA GLN A 100 6.22 -0.40 4.48
C GLN A 100 6.15 -0.43 2.95
N VAL A 101 6.25 0.72 2.33
CA VAL A 101 6.18 0.77 0.83
C VAL A 101 7.48 0.20 0.25
N GLU A 102 8.58 0.40 0.93
CA GLU A 102 9.87 -0.12 0.41
C GLU A 102 9.88 -1.65 0.48
N LYS A 103 9.39 -2.20 1.56
CA LYS A 103 9.37 -3.69 1.70
C LYS A 103 8.34 -4.27 0.74
N LEU A 104 7.15 -3.73 0.71
CA LEU A 104 6.10 -4.27 -0.19
C LEU A 104 6.53 -4.08 -1.65
N VAL A 105 7.23 -3.01 -1.94
CA VAL A 105 7.67 -2.77 -3.34
C VAL A 105 8.77 -3.78 -3.70
N ASN A 106 9.83 -3.81 -2.95
CA ASN A 106 10.94 -4.77 -3.25
C ASN A 106 10.37 -6.19 -3.31
N LEU A 107 9.51 -6.53 -2.40
CA LEU A 107 8.92 -7.91 -2.41
C LEU A 107 8.03 -8.06 -3.65
N ALA A 108 7.28 -7.06 -3.98
CA ALA A 108 6.39 -7.16 -5.18
C ALA A 108 7.24 -7.44 -6.41
N GLU A 109 8.21 -6.62 -6.67
CA GLU A 109 9.08 -6.84 -7.88
C GLU A 109 9.87 -8.14 -7.70
N LYS A 110 10.03 -8.59 -6.49
CA LYS A 110 10.80 -9.85 -6.25
C LYS A 110 9.96 -11.05 -6.70
N PHE A 111 8.66 -10.93 -6.66
CA PHE A 111 7.79 -12.07 -7.08
C PHE A 111 7.33 -11.86 -8.53
N ASP A 112 6.37 -10.99 -8.74
CA ASP A 112 5.88 -10.76 -10.13
C ASP A 112 4.57 -9.99 -10.08
N ILE A 113 4.40 -9.14 -9.12
CA ILE A 113 3.12 -8.36 -9.02
C ILE A 113 3.42 -6.86 -9.19
N ILE A 114 2.40 -6.05 -9.18
CA ILE A 114 2.62 -4.59 -9.34
C ILE A 114 2.01 -3.84 -8.16
N TYR A 115 2.82 -3.29 -7.31
CA TYR A 115 2.28 -2.54 -6.12
C TYR A 115 2.08 -1.08 -6.50
N ASP A 116 0.86 -0.61 -6.47
CA ASP A 116 0.60 0.82 -6.83
C ASP A 116 -0.74 1.26 -6.23
N GLY A 117 -0.78 1.46 -4.94
CA GLY A 117 -2.06 1.90 -4.31
C GLY A 117 -1.92 1.87 -2.78
N TRP A 118 -1.59 2.98 -2.18
CA TRP A 118 -1.44 3.02 -0.70
C TRP A 118 -2.36 4.09 -0.12
N GLY A 119 -3.08 3.78 0.92
CA GLY A 119 -4.00 4.78 1.53
C GLY A 119 -4.03 4.60 3.04
N THR A 120 -4.40 5.61 3.77
CA THR A 120 -4.45 5.49 5.26
C THR A 120 -5.82 5.97 5.76
N TYR A 121 -6.48 5.16 6.55
CA TYR A 121 -7.81 5.57 7.07
C TYR A 121 -7.65 6.79 7.98
N TYR A 122 -8.74 7.41 8.35
CA TYR A 122 -8.65 8.60 9.24
C TYR A 122 -9.69 8.47 10.36
N GLU A 123 -9.28 7.95 11.49
CA GLU A 123 -10.23 7.78 12.63
C GLU A 123 -10.51 9.15 13.26
N GLY A 124 -11.73 9.40 13.65
CA GLY A 124 -12.05 10.72 14.28
C GLY A 124 -13.03 11.48 13.38
N LEU A 125 -14.22 10.97 13.20
CA LEU A 125 -15.21 11.68 12.34
C LEU A 125 -16.12 12.53 13.21
N GLU A 126 -16.35 13.76 12.83
CA GLU A 126 -17.24 14.63 13.63
C GLU A 126 -18.70 14.39 13.25
N HIS A 127 -19.26 15.23 12.42
CA HIS A 127 -20.68 15.05 12.01
C HIS A 127 -20.79 15.17 10.49
N HIS A 128 -21.77 14.53 9.91
CA HIS A 128 -21.94 14.62 8.43
C HIS A 128 -23.24 15.37 8.11
N HIS A 129 -24.12 14.78 7.37
CA HIS A 129 -25.39 15.48 7.04
C HIS A 129 -26.07 15.94 8.33
N HIS A 130 -27.28 16.40 8.25
CA HIS A 130 -27.99 16.86 9.49
C HIS A 130 -27.11 17.91 10.19
N HIS A 131 -27.54 19.15 10.19
CA HIS A 131 -26.73 20.20 10.87
C HIS A 131 -25.39 20.35 10.16
N HIS A 132 -25.27 21.32 9.29
CA HIS A 132 -23.97 21.52 8.57
C HIS A 132 -23.28 22.78 9.07
N MET A 1 6.84 2.19 -33.79
CA MET A 1 7.58 1.33 -32.81
C MET A 1 6.65 0.95 -31.66
N SER A 2 6.46 -0.31 -31.43
CA SER A 2 5.56 -0.73 -30.32
C SER A 2 6.39 -1.44 -29.23
N HIS A 3 7.70 -1.45 -29.39
CA HIS A 3 8.56 -2.12 -28.38
C HIS A 3 9.59 -1.12 -27.85
N GLN A 4 9.20 -0.25 -26.96
CA GLN A 4 10.17 0.75 -26.43
C GLN A 4 11.09 0.07 -25.40
N ASP A 5 11.72 0.84 -24.56
CA ASP A 5 12.63 0.23 -23.55
C ASP A 5 12.55 1.04 -22.25
N ASP A 6 11.64 0.69 -21.37
CA ASP A 6 11.51 1.44 -20.09
C ASP A 6 11.99 0.56 -18.93
N TYR A 7 13.28 0.38 -18.81
CA TYR A 7 13.80 -0.47 -17.69
C TYR A 7 13.10 -0.08 -16.39
N LEU A 8 12.75 -1.05 -15.58
CA LEU A 8 12.06 -0.73 -14.30
C LEU A 8 12.98 0.14 -13.43
N SER A 9 12.41 1.03 -12.66
CA SER A 9 13.25 1.90 -11.78
C SER A 9 12.49 2.18 -10.49
N VAL A 10 12.36 1.20 -9.65
CA VAL A 10 11.62 1.40 -8.36
C VAL A 10 12.10 2.70 -7.70
N GLU A 11 13.26 3.18 -8.06
CA GLU A 11 13.76 4.43 -7.44
C GLU A 11 12.79 5.58 -7.74
N GLU A 12 12.26 5.62 -8.93
CA GLU A 12 11.32 6.72 -9.28
C GLU A 12 10.00 6.52 -8.53
N LEU A 13 9.55 5.30 -8.41
CA LEU A 13 8.27 5.04 -7.69
C LEU A 13 8.45 5.35 -6.20
N ILE A 14 9.55 4.94 -5.63
CA ILE A 14 9.78 5.20 -4.18
C ILE A 14 9.85 6.71 -3.94
N GLU A 15 10.75 7.39 -4.57
CA GLU A 15 10.87 8.86 -4.37
C GLU A 15 9.47 9.48 -4.37
N ILE A 16 8.73 9.31 -5.42
CA ILE A 16 7.37 9.89 -5.48
C ILE A 16 6.61 9.56 -4.20
N GLN A 17 6.64 8.32 -3.77
CA GLN A 17 5.93 7.94 -2.52
C GLN A 17 6.37 8.85 -1.38
N LYS A 18 7.62 8.77 -0.99
CA LYS A 18 8.10 9.64 0.13
C LYS A 18 7.41 11.00 0.06
N GLU A 19 7.29 11.56 -1.10
CA GLU A 19 6.62 12.89 -1.23
C GLU A 19 5.12 12.74 -1.01
N GLU A 20 4.44 12.06 -1.90
CA GLU A 20 2.97 11.89 -1.74
C GLU A 20 2.62 11.76 -0.25
N THR A 21 3.34 10.95 0.46
CA THR A 21 3.05 10.78 1.91
C THR A 21 3.22 12.12 2.62
N ARG A 22 4.38 12.70 2.54
CA ARG A 22 4.60 14.02 3.21
C ARG A 22 3.36 14.89 3.04
N ASP A 23 2.90 15.06 1.82
CA ASP A 23 1.69 15.90 1.59
C ASP A 23 0.52 15.35 2.41
N ILE A 24 0.38 14.07 2.48
CA ILE A 24 -0.76 13.48 3.26
C ILE A 24 -0.51 13.70 4.76
N ILE A 25 0.49 13.08 5.31
CA ILE A 25 0.78 13.26 6.77
C ILE A 25 0.69 14.75 7.11
N GLN A 26 0.87 15.60 6.14
CA GLN A 26 0.80 17.07 6.41
C GLN A 26 -0.65 17.46 6.69
N ALA A 27 -1.53 17.19 5.77
CA ALA A 27 -2.97 17.55 5.98
C ALA A 27 -3.48 16.91 7.27
N LEU A 28 -3.11 15.68 7.52
CA LEU A 28 -3.58 15.01 8.76
C LEU A 28 -3.09 15.80 9.98
N LEU A 29 -1.83 16.12 10.02
CA LEU A 29 -1.30 16.88 11.19
C LEU A 29 -2.03 18.23 11.28
N GLU A 30 -2.32 18.84 10.17
CA GLU A 30 -3.02 20.16 10.21
C GLU A 30 -4.39 19.97 10.89
N ASP A 31 -4.99 18.82 10.75
CA ASP A 31 -6.31 18.59 11.38
C ASP A 31 -6.11 18.35 12.89
N GLY A 32 -5.07 17.66 13.25
CA GLY A 32 -4.82 17.38 14.69
C GLY A 32 -4.65 15.88 14.91
N SER A 33 -4.39 15.14 13.86
CA SER A 33 -4.20 13.67 14.01
C SER A 33 -3.54 13.37 15.35
N ASP A 34 -3.72 12.17 15.85
CA ASP A 34 -3.09 11.81 17.15
C ASP A 34 -2.25 10.55 16.99
N PRO A 35 -1.02 10.70 16.60
CA PRO A 35 -0.08 9.56 16.38
C PRO A 35 -0.01 8.64 17.62
N ASP A 36 -0.25 9.18 18.79
CA ASP A 36 -0.19 8.34 20.01
C ASP A 36 -1.29 7.28 19.97
N ALA A 37 -2.32 7.51 19.20
CA ALA A 37 -3.42 6.51 19.12
C ALA A 37 -3.10 5.50 18.01
N LEU A 38 -1.87 5.40 17.61
CA LEU A 38 -1.51 4.43 16.55
C LEU A 38 -2.36 4.69 15.30
N TYR A 39 -1.85 4.38 14.14
CA TYR A 39 -2.62 4.61 12.89
C TYR A 39 -2.64 3.33 12.06
N GLU A 40 -3.66 3.12 11.26
CA GLU A 40 -3.72 1.89 10.44
C GLU A 40 -3.45 2.24 8.98
N ILE A 41 -2.82 1.35 8.25
CA ILE A 41 -2.53 1.63 6.81
C ILE A 41 -3.16 0.54 5.95
N GLU A 42 -3.62 0.89 4.78
CA GLU A 42 -4.26 -0.13 3.90
C GLU A 42 -3.49 -0.22 2.57
N HIS A 43 -2.80 -1.30 2.34
CA HIS A 43 -2.04 -1.44 1.07
C HIS A 43 -2.83 -2.29 0.09
N HIS A 44 -2.79 -1.96 -1.18
CA HIS A 44 -3.54 -2.75 -2.19
C HIS A 44 -2.56 -3.30 -3.23
N LEU A 45 -2.54 -4.59 -3.44
CA LEU A 45 -1.61 -5.17 -4.44
C LEU A 45 -2.38 -6.12 -5.35
N PHE A 46 -1.98 -6.23 -6.59
CA PHE A 46 -2.70 -7.14 -7.53
C PHE A 46 -1.69 -7.99 -8.30
N ALA A 47 -2.11 -9.13 -8.78
CA ALA A 47 -1.17 -10.00 -9.53
C ALA A 47 -1.82 -10.43 -10.85
N GLU A 48 -1.13 -11.20 -11.64
CA GLU A 48 -1.71 -11.64 -12.95
C GLU A 48 -1.85 -13.16 -12.94
N ASP A 49 -1.11 -13.83 -12.11
CA ASP A 49 -1.19 -15.32 -12.05
C ASP A 49 -1.46 -15.75 -10.61
N PHE A 50 -2.63 -16.24 -10.32
CA PHE A 50 -2.96 -16.68 -8.93
C PHE A 50 -1.75 -17.41 -8.33
N ASP A 51 -0.84 -17.86 -9.15
CA ASP A 51 0.35 -18.58 -8.63
C ASP A 51 1.20 -17.63 -7.79
N LYS A 52 1.96 -16.78 -8.42
CA LYS A 52 2.82 -15.82 -7.66
C LYS A 52 1.95 -15.06 -6.66
N LEU A 53 0.72 -14.81 -7.00
CA LEU A 53 -0.17 -14.06 -6.07
C LEU A 53 -0.14 -14.71 -4.69
N GLU A 54 -0.44 -15.98 -4.61
CA GLU A 54 -0.43 -16.68 -3.30
C GLU A 54 0.99 -16.69 -2.73
N LYS A 55 1.94 -17.14 -3.50
CA LYS A 55 3.35 -17.18 -3.00
C LYS A 55 3.68 -15.86 -2.31
N ALA A 56 3.37 -14.75 -2.93
CA ALA A 56 3.67 -13.43 -2.31
C ALA A 56 2.73 -13.19 -1.12
N ALA A 57 1.45 -13.14 -1.38
CA ALA A 57 0.48 -12.91 -0.27
C ALA A 57 0.97 -13.61 1.00
N VAL A 58 1.29 -14.87 0.92
CA VAL A 58 1.78 -15.60 2.12
C VAL A 58 3.04 -14.91 2.65
N GLU A 59 4.03 -14.74 1.80
CA GLU A 59 5.28 -14.07 2.25
C GLU A 59 4.94 -12.79 3.00
N ALA A 60 3.99 -12.04 2.50
CA ALA A 60 3.61 -10.77 3.18
C ALA A 60 2.92 -11.10 4.51
N PHE A 61 2.16 -12.16 4.54
CA PHE A 61 1.46 -12.53 5.80
C PHE A 61 2.51 -12.82 6.89
N LYS A 62 3.45 -13.68 6.60
CA LYS A 62 4.49 -14.00 7.62
C LYS A 62 5.17 -12.71 8.07
N MET A 63 5.41 -11.80 7.16
CA MET A 63 6.06 -10.52 7.54
C MET A 63 5.32 -9.90 8.71
N GLY A 64 4.04 -9.64 8.55
CA GLY A 64 3.26 -9.03 9.66
C GLY A 64 2.13 -8.17 9.08
N PHE A 65 1.61 -8.54 7.94
CA PHE A 65 0.52 -7.75 7.32
C PHE A 65 -0.75 -8.61 7.23
N GLU A 66 -1.88 -8.05 7.54
CA GLU A 66 -3.15 -8.83 7.47
C GLU A 66 -3.64 -8.86 6.02
N VAL A 67 -3.13 -9.76 5.23
CA VAL A 67 -3.58 -9.84 3.81
C VAL A 67 -5.11 -9.98 3.75
N LEU A 68 -5.69 -9.76 2.61
CA LEU A 68 -7.18 -9.87 2.49
C LEU A 68 -7.53 -10.45 1.12
N GLU A 69 -8.39 -11.43 1.09
CA GLU A 69 -8.78 -12.03 -0.21
C GLU A 69 -8.90 -10.95 -1.28
N ALA A 70 -8.94 -11.34 -2.53
CA ALA A 70 -9.06 -10.33 -3.62
C ALA A 70 -10.38 -10.54 -4.37
N GLU A 71 -10.85 -9.52 -5.05
CA GLU A 71 -12.13 -9.67 -5.80
C GLU A 71 -11.88 -9.47 -7.29
N GLU A 72 -12.61 -10.14 -8.13
CA GLU A 72 -12.41 -9.99 -9.60
C GLU A 72 -12.74 -8.56 -10.03
N THR A 73 -11.77 -7.82 -10.48
CA THR A 73 -12.03 -6.43 -10.91
C THR A 73 -11.72 -6.28 -12.40
N GLU A 74 -11.11 -5.19 -12.79
CA GLU A 74 -10.78 -5.00 -14.23
C GLU A 74 -10.10 -3.64 -14.42
N ASP A 75 -8.97 -3.61 -15.07
CA ASP A 75 -8.27 -2.31 -15.29
C ASP A 75 -9.15 -1.40 -16.15
N GLU A 76 -8.66 -0.24 -16.48
CA GLU A 76 -9.46 0.69 -17.32
C GLU A 76 -9.48 0.17 -18.77
N ASP A 77 -9.39 -1.11 -18.95
CA ASP A 77 -9.40 -1.67 -20.33
C ASP A 77 -10.11 -3.02 -20.33
N GLY A 78 -9.97 -3.78 -19.28
CA GLY A 78 -10.64 -5.11 -19.22
C GLY A 78 -9.59 -6.23 -19.26
N ASN A 79 -8.78 -6.31 -18.25
CA ASN A 79 -7.73 -7.38 -18.23
C ASN A 79 -8.11 -8.43 -17.19
N LYS A 80 -9.09 -8.16 -16.37
CA LYS A 80 -9.49 -9.15 -15.34
C LYS A 80 -8.28 -9.55 -14.50
N LEU A 81 -8.14 -8.99 -13.33
CA LEU A 81 -6.98 -9.35 -12.46
C LEU A 81 -7.43 -9.42 -11.01
N LEU A 82 -6.76 -10.19 -10.20
CA LEU A 82 -7.15 -10.30 -8.77
C LEU A 82 -6.43 -9.23 -7.95
N CYS A 83 -7.14 -8.58 -7.05
CA CYS A 83 -6.50 -7.53 -6.22
C CYS A 83 -6.78 -7.80 -4.74
N PHE A 84 -5.80 -8.23 -4.00
CA PHE A 84 -6.01 -8.50 -2.56
C PHE A 84 -5.64 -7.26 -1.73
N ASP A 85 -6.04 -7.22 -0.49
CA ASP A 85 -5.71 -6.04 0.35
C ASP A 85 -4.91 -6.47 1.58
N ALA A 86 -4.17 -5.58 2.16
CA ALA A 86 -3.36 -5.93 3.37
C ALA A 86 -3.37 -4.75 4.35
N THR A 87 -3.53 -5.03 5.61
CA THR A 87 -3.55 -3.92 6.61
C THR A 87 -2.27 -3.96 7.46
N MET A 88 -1.90 -2.87 8.05
CA MET A 88 -0.67 -2.85 8.89
C MET A 88 -0.77 -1.72 9.92
N GLN A 89 -0.81 -2.05 11.18
CA GLN A 89 -0.90 -0.99 12.22
C GLN A 89 0.47 -0.36 12.44
N SER A 90 0.52 0.94 12.55
CA SER A 90 1.83 1.62 12.76
C SER A 90 1.59 3.09 13.13
N ALA A 91 2.54 3.69 13.80
CA ALA A 91 2.37 5.12 14.19
C ALA A 91 2.24 5.99 12.93
N LEU A 92 1.90 7.24 13.11
CA LEU A 92 1.77 8.14 11.93
C LEU A 92 3.09 8.85 11.67
N ASP A 93 3.93 8.29 10.84
CA ASP A 93 5.24 8.94 10.55
C ASP A 93 5.71 8.52 9.15
N ALA A 94 6.01 9.47 8.31
CA ALA A 94 6.48 9.13 6.94
C ALA A 94 7.59 8.08 7.02
N LYS A 95 8.68 8.41 7.64
CA LYS A 95 9.80 7.42 7.75
C LYS A 95 9.23 6.01 7.89
N LEU A 96 8.28 5.82 8.76
CA LEU A 96 7.70 4.47 8.95
C LEU A 96 7.01 4.03 7.66
N ILE A 97 5.91 4.66 7.32
CA ILE A 97 5.20 4.28 6.06
C ILE A 97 6.23 4.03 4.95
N ASP A 98 7.39 4.61 5.08
CA ASP A 98 8.43 4.41 4.03
C ASP A 98 9.04 3.02 4.17
N GLU A 99 9.36 2.62 5.36
CA GLU A 99 9.95 1.26 5.56
C GLU A 99 8.91 0.19 5.18
N GLN A 100 7.70 0.35 5.62
CA GLN A 100 6.64 -0.65 5.29
C GLN A 100 6.48 -0.73 3.77
N VAL A 101 6.10 0.35 3.15
CA VAL A 101 5.92 0.33 1.67
C VAL A 101 7.21 -0.15 1.01
N GLU A 102 8.33 0.38 1.40
CA GLU A 102 9.63 -0.06 0.79
C GLU A 102 9.69 -1.58 0.82
N LYS A 103 9.16 -2.19 1.84
CA LYS A 103 9.20 -3.68 1.92
C LYS A 103 8.26 -4.26 0.86
N LEU A 104 7.02 -3.87 0.88
CA LEU A 104 6.05 -4.39 -0.14
C LEU A 104 6.60 -4.12 -1.54
N VAL A 105 7.47 -3.16 -1.67
CA VAL A 105 8.03 -2.85 -3.02
C VAL A 105 9.04 -3.93 -3.41
N ASN A 106 10.00 -4.19 -2.56
CA ASN A 106 11.01 -5.24 -2.88
C ASN A 106 10.32 -6.60 -3.03
N LEU A 107 9.37 -6.88 -2.19
CA LEU A 107 8.67 -8.19 -2.27
C LEU A 107 7.87 -8.25 -3.58
N ALA A 108 7.00 -7.30 -3.81
CA ALA A 108 6.20 -7.32 -5.05
C ALA A 108 7.09 -7.66 -6.24
N GLU A 109 8.16 -6.93 -6.44
CA GLU A 109 9.06 -7.21 -7.59
C GLU A 109 9.76 -8.55 -7.37
N LYS A 110 9.96 -8.94 -6.14
CA LYS A 110 10.63 -10.24 -5.88
C LYS A 110 9.85 -11.38 -6.54
N PHE A 111 8.55 -11.24 -6.62
CA PHE A 111 7.73 -12.31 -7.26
C PHE A 111 7.36 -11.89 -8.68
N ASP A 112 6.44 -10.99 -8.82
CA ASP A 112 6.04 -10.54 -10.18
C ASP A 112 4.73 -9.74 -10.11
N ILE A 113 4.53 -9.02 -9.03
CA ILE A 113 3.28 -8.22 -8.90
C ILE A 113 3.65 -6.73 -8.84
N ILE A 114 2.68 -5.87 -9.00
CA ILE A 114 2.98 -4.41 -8.94
C ILE A 114 2.31 -3.79 -7.70
N TYR A 115 3.02 -2.95 -7.01
CA TYR A 115 2.43 -2.30 -5.80
C TYR A 115 2.05 -0.86 -6.15
N ASP A 116 0.78 -0.59 -6.25
CA ASP A 116 0.34 0.80 -6.59
C ASP A 116 -1.02 1.09 -5.95
N GLY A 117 -1.04 1.47 -4.70
CA GLY A 117 -2.33 1.77 -4.03
C GLY A 117 -2.16 1.72 -2.50
N TRP A 118 -1.78 2.82 -1.91
CA TRP A 118 -1.61 2.84 -0.43
C TRP A 118 -2.40 4.01 0.16
N GLY A 119 -3.07 3.81 1.26
CA GLY A 119 -3.86 4.92 1.87
C GLY A 119 -4.00 4.69 3.37
N THR A 120 -4.40 5.69 4.10
CA THR A 120 -4.56 5.54 5.57
C THR A 120 -6.00 5.84 5.97
N TYR A 121 -6.43 5.35 7.10
CA TYR A 121 -7.83 5.61 7.55
C TYR A 121 -7.87 6.86 8.43
N TYR A 122 -8.75 7.78 8.14
CA TYR A 122 -8.84 9.02 8.97
C TYR A 122 -9.38 8.66 10.36
N GLU A 123 -8.63 8.95 11.38
CA GLU A 123 -9.10 8.64 12.76
C GLU A 123 -10.09 9.71 13.22
N GLY A 124 -11.26 9.73 12.67
CA GLY A 124 -12.27 10.75 13.08
C GLY A 124 -13.51 10.63 12.18
N LEU A 125 -14.22 9.55 12.29
CA LEU A 125 -15.45 9.38 11.44
C LEU A 125 -16.61 8.90 12.31
N GLU A 126 -17.22 9.79 13.05
CA GLU A 126 -18.36 9.39 13.91
C GLU A 126 -19.59 10.22 13.55
N HIS A 127 -20.72 9.91 14.11
CA HIS A 127 -21.95 10.69 13.79
C HIS A 127 -21.81 12.12 14.32
N HIS A 128 -21.27 13.01 13.52
CA HIS A 128 -21.10 14.41 13.97
C HIS A 128 -20.50 14.43 15.38
N HIS A 129 -20.30 15.60 15.93
CA HIS A 129 -19.72 15.68 17.31
C HIS A 129 -20.83 15.51 18.33
N HIS A 130 -21.54 16.56 18.63
CA HIS A 130 -22.64 16.47 19.64
C HIS A 130 -23.33 17.82 19.76
N HIS A 131 -23.70 18.42 18.66
CA HIS A 131 -24.38 19.74 18.70
C HIS A 131 -25.20 19.94 17.43
N HIS A 132 -24.61 19.64 16.29
CA HIS A 132 -25.36 19.81 15.01
C HIS A 132 -25.83 18.45 14.51
N MET A 1 1.71 3.15 -33.46
CA MET A 1 3.10 2.75 -33.11
C MET A 1 3.08 1.85 -31.86
N SER A 2 3.40 0.60 -32.03
CA SER A 2 3.39 -0.33 -30.86
C SER A 2 4.80 -0.85 -30.61
N HIS A 3 5.66 -0.05 -30.04
CA HIS A 3 7.06 -0.50 -29.77
C HIS A 3 7.21 -0.81 -28.29
N GLN A 4 7.37 -2.07 -27.96
CA GLN A 4 7.53 -2.45 -26.53
C GLN A 4 8.52 -1.49 -25.85
N ASP A 5 8.24 -1.09 -24.65
CA ASP A 5 9.16 -0.16 -23.93
C ASP A 5 9.14 -0.47 -22.44
N ASP A 6 10.25 -0.30 -21.77
CA ASP A 6 10.30 -0.59 -20.31
C ASP A 6 10.78 0.65 -19.55
N TYR A 7 9.90 1.29 -18.82
CA TYR A 7 10.32 2.50 -18.06
C TYR A 7 9.86 2.37 -16.61
N LEU A 8 10.34 1.37 -15.92
CA LEU A 8 9.93 1.18 -14.50
C LEU A 8 11.18 1.27 -13.61
N SER A 9 11.31 2.33 -12.86
CA SER A 9 12.50 2.47 -11.97
C SER A 9 12.08 2.27 -10.52
N VAL A 10 12.90 1.61 -9.74
CA VAL A 10 12.56 1.38 -8.31
C VAL A 10 12.91 2.63 -7.49
N GLU A 11 13.77 3.47 -8.01
CA GLU A 11 14.16 4.69 -7.26
C GLU A 11 13.11 5.79 -7.47
N GLU A 12 12.74 6.05 -8.70
CA GLU A 12 11.73 7.10 -8.97
C GLU A 12 10.48 6.83 -8.14
N LEU A 13 10.00 5.62 -8.13
CA LEU A 13 8.78 5.29 -7.35
C LEU A 13 9.02 5.63 -5.87
N ILE A 14 10.17 5.26 -5.35
CA ILE A 14 10.46 5.57 -3.92
C ILE A 14 10.50 7.08 -3.72
N GLU A 15 11.04 7.80 -4.65
CA GLU A 15 11.12 9.29 -4.51
C GLU A 15 9.70 9.87 -4.50
N ILE A 16 9.00 9.79 -5.59
CA ILE A 16 7.62 10.34 -5.63
C ILE A 16 6.90 9.99 -4.33
N GLN A 17 6.63 8.74 -4.10
CA GLN A 17 5.93 8.35 -2.85
C GLN A 17 6.56 9.10 -1.67
N LYS A 18 7.82 9.37 -1.74
CA LYS A 18 8.49 10.11 -0.63
C LYS A 18 7.77 11.45 -0.42
N GLU A 19 7.64 12.22 -1.46
CA GLU A 19 6.95 13.54 -1.32
C GLU A 19 5.44 13.31 -1.16
N GLU A 20 4.83 12.71 -2.15
CA GLU A 20 3.35 12.46 -2.07
C GLU A 20 2.99 12.08 -0.63
N THR A 21 3.63 11.09 -0.09
CA THR A 21 3.32 10.68 1.31
C THR A 21 3.43 11.89 2.23
N ARG A 22 4.58 12.50 2.30
CA ARG A 22 4.75 13.69 3.17
C ARG A 22 3.55 14.63 2.99
N ASP A 23 3.10 14.80 1.78
CA ASP A 23 1.94 15.70 1.53
C ASP A 23 0.74 15.26 2.39
N ILE A 24 0.43 13.98 2.37
CA ILE A 24 -0.72 13.50 3.18
C ILE A 24 -0.42 13.67 4.67
N ILE A 25 0.53 12.92 5.17
CA ILE A 25 0.87 13.04 6.62
C ILE A 25 0.77 14.50 7.06
N GLN A 26 1.05 15.42 6.17
CA GLN A 26 0.98 16.87 6.53
C GLN A 26 -0.48 17.28 6.68
N ALA A 27 -1.32 16.90 5.75
CA ALA A 27 -2.76 17.28 5.84
C ALA A 27 -3.43 16.52 6.98
N LEU A 28 -3.02 15.31 7.22
CA LEU A 28 -3.64 14.52 8.32
C LEU A 28 -3.23 15.11 9.67
N LEU A 29 -1.95 15.22 9.92
CA LEU A 29 -1.50 15.79 11.22
C LEU A 29 -2.16 17.16 11.43
N GLU A 30 -1.99 18.06 10.49
CA GLU A 30 -2.61 19.39 10.64
C GLU A 30 -4.06 19.23 11.08
N ASP A 31 -4.77 18.32 10.49
CA ASP A 31 -6.19 18.10 10.86
C ASP A 31 -6.28 17.90 12.38
N GLY A 32 -5.23 17.42 13.00
CA GLY A 32 -5.25 17.21 14.47
C GLY A 32 -5.35 15.72 14.77
N SER A 33 -4.90 14.89 13.88
CA SER A 33 -4.96 13.42 14.11
C SER A 33 -4.33 13.09 15.46
N ASP A 34 -4.21 11.83 15.78
CA ASP A 34 -3.59 11.44 17.08
C ASP A 34 -2.63 10.27 16.86
N PRO A 35 -1.39 10.57 16.61
CA PRO A 35 -0.34 9.53 16.37
C PRO A 35 -0.14 8.60 17.57
N ASP A 36 -0.34 9.11 18.75
CA ASP A 36 -0.17 8.26 19.97
C ASP A 36 -1.20 7.14 19.97
N ALA A 37 -2.05 7.08 18.97
CA ALA A 37 -3.07 6.01 18.92
C ALA A 37 -2.74 5.03 17.79
N LEU A 38 -1.50 4.97 17.40
CA LEU A 38 -1.11 4.03 16.30
C LEU A 38 -1.99 4.31 15.08
N TYR A 39 -1.62 3.77 13.95
CA TYR A 39 -2.44 4.00 12.72
C TYR A 39 -2.52 2.72 11.90
N GLU A 40 -3.57 2.53 11.16
CA GLU A 40 -3.71 1.30 10.34
C GLU A 40 -3.44 1.63 8.87
N ILE A 41 -2.51 0.96 8.26
CA ILE A 41 -2.20 1.24 6.83
C ILE A 41 -2.92 0.22 5.94
N GLU A 42 -3.46 0.66 4.83
CA GLU A 42 -4.18 -0.27 3.93
C GLU A 42 -3.45 -0.35 2.58
N HIS A 43 -2.89 -1.48 2.26
CA HIS A 43 -2.16 -1.61 0.96
C HIS A 43 -3.02 -2.40 -0.03
N HIS A 44 -3.02 -1.99 -1.27
CA HIS A 44 -3.82 -2.72 -2.30
C HIS A 44 -2.88 -3.27 -3.38
N LEU A 45 -2.75 -4.57 -3.47
CA LEU A 45 -1.86 -5.16 -4.49
C LEU A 45 -2.63 -6.14 -5.36
N PHE A 46 -2.31 -6.23 -6.62
CA PHE A 46 -3.03 -7.18 -7.52
C PHE A 46 -2.04 -8.01 -8.32
N ALA A 47 -2.50 -9.05 -8.96
CA ALA A 47 -1.58 -9.90 -9.77
C ALA A 47 -2.37 -10.60 -10.88
N GLU A 48 -1.70 -11.26 -11.77
CA GLU A 48 -2.42 -11.97 -12.88
C GLU A 48 -2.33 -13.47 -12.67
N ASP A 49 -1.31 -13.94 -12.01
CA ASP A 49 -1.16 -15.40 -11.78
C ASP A 49 -1.47 -15.70 -10.30
N PHE A 50 -2.65 -16.18 -10.01
CA PHE A 50 -2.98 -16.49 -8.59
C PHE A 50 -1.83 -17.28 -7.96
N ASP A 51 -0.95 -17.81 -8.76
CA ASP A 51 0.20 -18.58 -8.19
C ASP A 51 1.12 -17.61 -7.45
N LYS A 52 1.71 -16.67 -8.15
CA LYS A 52 2.61 -15.70 -7.47
C LYS A 52 1.80 -14.84 -6.49
N LEU A 53 0.54 -14.64 -6.78
CA LEU A 53 -0.32 -13.83 -5.86
C LEU A 53 -0.36 -14.50 -4.49
N GLU A 54 -0.68 -15.77 -4.46
CA GLU A 54 -0.73 -16.48 -3.15
C GLU A 54 0.65 -16.46 -2.49
N LYS A 55 1.67 -16.81 -3.22
CA LYS A 55 3.04 -16.80 -2.63
C LYS A 55 3.31 -15.44 -1.98
N ALA A 56 3.22 -14.38 -2.73
CA ALA A 56 3.47 -13.03 -2.15
C ALA A 56 2.56 -12.82 -0.94
N ALA A 57 1.29 -13.07 -1.09
CA ALA A 57 0.36 -12.88 0.05
C ALA A 57 0.89 -13.63 1.28
N VAL A 58 1.04 -14.92 1.18
CA VAL A 58 1.55 -15.71 2.34
C VAL A 58 2.71 -14.96 3.00
N GLU A 59 3.76 -14.70 2.27
CA GLU A 59 4.92 -13.97 2.86
C GLU A 59 4.42 -12.71 3.57
N ALA A 60 3.45 -12.05 3.00
CA ALA A 60 2.91 -10.81 3.65
C ALA A 60 2.18 -11.18 4.94
N PHE A 61 1.54 -12.32 4.98
CA PHE A 61 0.81 -12.73 6.20
C PHE A 61 1.81 -13.06 7.31
N LYS A 62 2.78 -13.90 7.02
CA LYS A 62 3.78 -14.27 8.06
C LYS A 62 4.61 -13.04 8.40
N MET A 63 5.01 -12.27 7.42
CA MET A 63 5.83 -11.06 7.71
C MET A 63 5.15 -10.22 8.78
N GLY A 64 4.00 -9.67 8.49
CA GLY A 64 3.27 -8.85 9.50
C GLY A 64 2.18 -8.05 8.82
N PHE A 65 1.66 -8.54 7.72
CA PHE A 65 0.58 -7.80 7.01
C PHE A 65 -0.71 -8.63 7.05
N GLU A 66 -1.82 -8.00 7.33
CA GLU A 66 -3.11 -8.75 7.38
C GLU A 66 -3.70 -8.85 5.96
N VAL A 67 -3.14 -9.71 5.15
CA VAL A 67 -3.66 -9.87 3.76
C VAL A 67 -5.19 -9.89 3.78
N LEU A 68 -5.82 -9.40 2.74
CA LEU A 68 -7.31 -9.39 2.70
C LEU A 68 -7.77 -10.08 1.42
N GLU A 69 -8.78 -10.91 1.51
CA GLU A 69 -9.29 -11.61 0.30
C GLU A 69 -9.29 -10.64 -0.89
N ALA A 70 -9.29 -11.16 -2.09
CA ALA A 70 -9.29 -10.27 -3.29
C ALA A 70 -10.63 -10.38 -4.02
N GLU A 71 -10.84 -9.57 -5.01
CA GLU A 71 -12.11 -9.62 -5.79
C GLU A 71 -11.80 -9.52 -7.27
N GLU A 72 -12.65 -10.04 -8.11
CA GLU A 72 -12.41 -9.96 -9.58
C GLU A 72 -12.59 -8.52 -10.07
N THR A 73 -11.63 -7.97 -10.75
CA THR A 73 -11.76 -6.57 -11.25
C THR A 73 -11.64 -6.55 -12.77
N GLU A 74 -11.59 -5.39 -13.36
CA GLU A 74 -11.48 -5.31 -14.84
C GLU A 74 -11.18 -3.86 -15.24
N ASP A 75 -10.32 -3.65 -16.19
CA ASP A 75 -9.99 -2.27 -16.62
C ASP A 75 -10.42 -2.05 -18.07
N GLU A 76 -9.79 -2.73 -18.99
CA GLU A 76 -10.16 -2.57 -20.43
C GLU A 76 -11.66 -2.81 -20.62
N ASP A 77 -12.17 -3.88 -20.10
CA ASP A 77 -13.62 -4.16 -20.27
C ASP A 77 -13.92 -5.57 -19.77
N GLY A 78 -12.91 -6.36 -19.57
CA GLY A 78 -13.14 -7.75 -19.08
C GLY A 78 -11.83 -8.36 -18.59
N ASN A 79 -10.85 -7.55 -18.28
CA ASN A 79 -9.55 -8.10 -17.80
C ASN A 79 -9.76 -8.72 -16.41
N LYS A 80 -10.12 -9.96 -16.36
CA LYS A 80 -10.34 -10.62 -15.04
C LYS A 80 -9.05 -10.58 -14.21
N LEU A 81 -8.92 -9.61 -13.35
CA LEU A 81 -7.69 -9.51 -12.51
C LEU A 81 -8.06 -9.73 -11.05
N LEU A 82 -7.09 -10.01 -10.22
CA LEU A 82 -7.38 -10.23 -8.77
C LEU A 82 -6.70 -9.14 -7.95
N CYS A 83 -7.39 -8.61 -6.97
CA CYS A 83 -6.78 -7.52 -6.14
C CYS A 83 -6.99 -7.81 -4.66
N PHE A 84 -5.96 -8.23 -3.98
CA PHE A 84 -6.09 -8.52 -2.52
C PHE A 84 -5.63 -7.29 -1.73
N ASP A 85 -6.06 -7.17 -0.51
CA ASP A 85 -5.64 -5.98 0.31
C ASP A 85 -4.72 -6.44 1.43
N ALA A 86 -4.12 -5.51 2.14
CA ALA A 86 -3.21 -5.88 3.25
C ALA A 86 -3.25 -4.79 4.33
N THR A 87 -3.63 -5.13 5.52
CA THR A 87 -3.69 -4.11 6.61
C THR A 87 -2.45 -4.25 7.51
N MET A 88 -1.99 -3.16 8.06
CA MET A 88 -0.79 -3.23 8.94
C MET A 88 -0.91 -2.15 10.02
N GLN A 89 -0.30 -2.36 11.15
CA GLN A 89 -0.37 -1.34 12.24
C GLN A 89 0.97 -0.63 12.35
N SER A 90 0.94 0.68 12.41
CA SER A 90 2.23 1.43 12.52
C SER A 90 1.94 2.88 12.90
N ALA A 91 2.82 3.51 13.62
CA ALA A 91 2.60 4.93 14.02
C ALA A 91 2.46 5.79 12.76
N LEU A 92 1.76 6.89 12.86
CA LEU A 92 1.60 7.78 11.68
C LEU A 92 2.87 8.61 11.47
N ASP A 93 3.80 8.09 10.72
CA ASP A 93 5.07 8.83 10.49
C ASP A 93 5.54 8.61 9.05
N ALA A 94 5.63 9.65 8.28
CA ALA A 94 6.08 9.48 6.86
C ALA A 94 7.35 8.64 6.82
N LYS A 95 8.32 8.97 7.61
CA LYS A 95 9.59 8.18 7.61
C LYS A 95 9.25 6.69 7.74
N LEU A 96 8.35 6.34 8.61
CA LEU A 96 7.99 4.90 8.77
C LEU A 96 7.26 4.41 7.51
N ILE A 97 6.33 5.17 7.01
CA ILE A 97 5.58 4.76 5.79
C ILE A 97 6.57 4.51 4.65
N ASP A 98 7.67 5.21 4.64
CA ASP A 98 8.68 5.01 3.55
C ASP A 98 9.38 3.67 3.75
N GLU A 99 9.82 3.38 4.94
CA GLU A 99 10.52 2.09 5.18
C GLU A 99 9.57 0.93 4.91
N GLN A 100 8.35 1.02 5.39
CA GLN A 100 7.38 -0.08 5.15
C GLN A 100 7.13 -0.22 3.66
N VAL A 101 6.67 0.82 3.01
CA VAL A 101 6.42 0.74 1.56
C VAL A 101 7.66 0.20 0.86
N GLU A 102 8.83 0.61 1.29
CA GLU A 102 10.08 0.11 0.66
C GLU A 102 10.08 -1.42 0.66
N LYS A 103 9.70 -2.02 1.76
CA LYS A 103 9.68 -3.50 1.83
C LYS A 103 8.64 -4.04 0.84
N LEU A 104 7.49 -3.43 0.80
CA LEU A 104 6.43 -3.92 -0.13
C LEU A 104 6.92 -3.75 -1.57
N VAL A 105 7.78 -2.79 -1.81
CA VAL A 105 8.30 -2.58 -3.19
C VAL A 105 9.31 -3.67 -3.53
N ASN A 106 10.25 -3.92 -2.66
CA ASN A 106 11.27 -4.98 -2.94
C ASN A 106 10.57 -6.33 -3.08
N LEU A 107 9.77 -6.70 -2.12
CA LEU A 107 9.06 -8.02 -2.21
C LEU A 107 8.17 -8.04 -3.45
N ALA A 108 7.26 -7.12 -3.56
CA ALA A 108 6.35 -7.09 -4.75
C ALA A 108 7.15 -7.47 -5.99
N GLU A 109 8.22 -6.77 -6.25
CA GLU A 109 9.03 -7.08 -7.45
C GLU A 109 9.67 -8.47 -7.30
N LYS A 110 10.00 -8.84 -6.10
CA LYS A 110 10.62 -10.18 -5.89
C LYS A 110 9.77 -11.26 -6.58
N PHE A 111 8.48 -11.11 -6.57
CA PHE A 111 7.60 -12.11 -7.23
C PHE A 111 7.22 -11.62 -8.63
N ASP A 112 6.28 -10.72 -8.71
CA ASP A 112 5.86 -10.20 -10.05
C ASP A 112 4.57 -9.40 -9.90
N ILE A 113 4.37 -8.76 -8.76
CA ILE A 113 3.13 -7.97 -8.57
C ILE A 113 3.48 -6.47 -8.53
N ILE A 114 2.70 -5.65 -9.18
CA ILE A 114 2.99 -4.19 -9.18
C ILE A 114 2.38 -3.55 -7.92
N TYR A 115 3.18 -2.85 -7.16
CA TYR A 115 2.66 -2.21 -5.93
C TYR A 115 2.26 -0.76 -6.23
N ASP A 116 0.99 -0.46 -6.19
CA ASP A 116 0.55 0.93 -6.47
C ASP A 116 -0.82 1.17 -5.82
N GLY A 117 -0.83 1.51 -4.56
CA GLY A 117 -2.14 1.75 -3.87
C GLY A 117 -1.97 1.64 -2.36
N TRP A 118 -1.70 2.73 -1.70
CA TRP A 118 -1.54 2.68 -0.21
C TRP A 118 -2.31 3.84 0.42
N GLY A 119 -3.35 3.54 1.15
CA GLY A 119 -4.16 4.62 1.79
C GLY A 119 -4.32 4.33 3.28
N THR A 120 -4.66 5.32 4.05
CA THR A 120 -4.84 5.10 5.52
C THR A 120 -6.30 5.32 5.89
N TYR A 121 -6.69 4.88 7.05
CA TYR A 121 -8.12 5.06 7.47
C TYR A 121 -8.16 5.48 8.94
N TYR A 122 -8.79 6.57 9.25
CA TYR A 122 -8.85 7.03 10.67
C TYR A 122 -9.00 5.81 11.57
N GLU A 123 -8.44 5.87 12.76
CA GLU A 123 -8.56 4.71 13.69
C GLU A 123 -9.85 4.82 14.48
N GLY A 124 -10.97 4.76 13.82
CA GLY A 124 -12.27 4.88 14.55
C GLY A 124 -13.26 5.69 13.72
N LEU A 125 -14.52 5.40 13.83
CA LEU A 125 -15.54 6.17 13.04
C LEU A 125 -16.81 6.32 13.88
N GLU A 126 -16.90 7.37 14.66
CA GLU A 126 -18.11 7.57 15.50
C GLU A 126 -18.66 8.98 15.27
N HIS A 127 -19.72 9.34 15.94
CA HIS A 127 -20.30 10.70 15.75
C HIS A 127 -20.27 11.44 17.09
N HIS A 128 -19.19 11.34 17.81
CA HIS A 128 -19.10 12.04 19.12
C HIS A 128 -17.66 12.51 19.36
N HIS A 129 -17.50 13.70 19.87
CA HIS A 129 -16.12 14.22 20.11
C HIS A 129 -16.05 14.84 21.51
N HIS A 130 -16.12 14.03 22.54
CA HIS A 130 -16.05 14.58 23.92
C HIS A 130 -14.59 14.61 24.38
N HIS A 131 -13.75 15.30 23.65
CA HIS A 131 -12.31 15.37 24.05
C HIS A 131 -11.69 16.64 23.48
N HIS A 132 -12.34 17.76 23.64
CA HIS A 132 -11.78 19.03 23.11
C HIS A 132 -11.15 18.78 21.74
N MET A 1 14.85 -6.20 -13.92
CA MET A 1 14.45 -6.89 -15.18
C MET A 1 13.31 -7.88 -14.88
N SER A 2 12.11 -7.39 -14.76
CA SER A 2 10.97 -8.30 -14.47
C SER A 2 10.68 -9.18 -15.69
N HIS A 3 10.16 -8.60 -16.74
CA HIS A 3 9.86 -9.40 -17.96
C HIS A 3 9.82 -8.48 -19.18
N GLN A 4 9.44 -9.00 -20.32
CA GLN A 4 9.39 -8.15 -21.54
C GLN A 4 10.75 -7.50 -21.77
N ASP A 5 10.97 -6.35 -21.19
CA ASP A 5 12.28 -5.66 -21.38
C ASP A 5 12.16 -4.23 -20.83
N ASP A 6 10.99 -3.68 -20.82
CA ASP A 6 10.82 -2.29 -20.29
C ASP A 6 11.43 -2.20 -18.90
N TYR A 7 12.45 -1.39 -18.73
CA TYR A 7 13.09 -1.26 -17.40
C TYR A 7 12.50 -0.06 -16.67
N LEU A 8 11.87 -0.28 -15.54
CA LEU A 8 11.27 0.85 -14.79
C LEU A 8 12.24 1.29 -13.69
N SER A 9 12.26 2.56 -13.37
CA SER A 9 13.18 3.05 -12.32
C SER A 9 12.54 2.84 -10.94
N VAL A 10 12.55 1.63 -10.46
CA VAL A 10 11.94 1.35 -9.13
C VAL A 10 12.26 2.49 -8.17
N GLU A 11 13.27 3.27 -8.47
CA GLU A 11 13.63 4.41 -7.58
C GLU A 11 12.63 5.55 -7.76
N GLU A 12 12.45 6.02 -8.95
CA GLU A 12 11.49 7.14 -9.18
C GLU A 12 10.18 6.84 -8.44
N LEU A 13 9.70 5.63 -8.54
CA LEU A 13 8.43 5.28 -7.85
C LEU A 13 8.57 5.58 -6.36
N ILE A 14 9.71 5.27 -5.79
CA ILE A 14 9.91 5.54 -4.34
C ILE A 14 9.93 7.06 -4.10
N GLU A 15 10.60 7.78 -4.95
CA GLU A 15 10.67 9.25 -4.78
C GLU A 15 9.25 9.82 -4.78
N ILE A 16 8.47 9.50 -5.78
CA ILE A 16 7.07 10.02 -5.84
C ILE A 16 6.33 9.61 -4.56
N GLN A 17 6.20 8.34 -4.32
CA GLN A 17 5.49 7.87 -3.09
C GLN A 17 6.02 8.64 -1.88
N LYS A 18 7.29 8.94 -1.86
CA LYS A 18 7.87 9.67 -0.70
C LYS A 18 7.13 11.01 -0.54
N GLU A 19 7.04 11.77 -1.59
CA GLU A 19 6.34 13.09 -1.50
C GLU A 19 4.87 12.87 -1.16
N GLU A 20 4.15 12.17 -1.99
CA GLU A 20 2.71 11.93 -1.73
C GLU A 20 2.50 11.74 -0.22
N THR A 21 2.94 10.63 0.31
CA THR A 21 2.76 10.38 1.77
C THR A 21 3.06 11.66 2.55
N ARG A 22 4.19 12.26 2.32
CA ARG A 22 4.54 13.51 3.06
C ARG A 22 3.35 14.47 3.04
N ASP A 23 2.86 14.82 1.88
CA ASP A 23 1.70 15.75 1.82
C ASP A 23 0.56 15.22 2.68
N ILE A 24 0.45 13.91 2.78
CA ILE A 24 -0.64 13.33 3.61
C ILE A 24 -0.28 13.48 5.09
N ILE A 25 0.68 12.73 5.56
CA ILE A 25 1.08 12.83 6.99
C ILE A 25 1.10 14.31 7.40
N GLN A 26 1.38 15.18 6.47
CA GLN A 26 1.41 16.64 6.82
C GLN A 26 -0.02 17.14 7.00
N ALA A 27 -0.90 16.83 6.08
CA ALA A 27 -2.31 17.30 6.22
C ALA A 27 -2.96 16.61 7.42
N LEU A 28 -2.52 15.42 7.74
CA LEU A 28 -3.12 14.69 8.89
C LEU A 28 -2.66 15.36 10.19
N LEU A 29 -1.37 15.38 10.45
CA LEU A 29 -0.88 16.01 11.70
C LEU A 29 -1.44 17.43 11.80
N GLU A 30 -1.69 18.06 10.69
CA GLU A 30 -2.25 19.45 10.73
C GLU A 30 -3.75 19.38 11.03
N ASP A 31 -4.42 18.37 10.55
CA ASP A 31 -5.88 18.25 10.80
C ASP A 31 -6.11 17.96 12.28
N GLY A 32 -5.19 17.30 12.92
CA GLY A 32 -5.37 16.99 14.37
C GLY A 32 -5.03 15.52 14.62
N SER A 33 -4.57 14.82 13.62
CA SER A 33 -4.23 13.38 13.80
C SER A 33 -3.54 13.20 15.15
N ASP A 34 -3.44 11.98 15.62
CA ASP A 34 -2.79 11.74 16.94
C ASP A 34 -1.98 10.43 16.88
N PRO A 35 -0.71 10.53 16.62
CA PRO A 35 0.19 9.34 16.54
C PRO A 35 0.11 8.49 17.81
N ASP A 36 -0.44 9.03 18.87
CA ASP A 36 -0.55 8.25 20.13
C ASP A 36 -1.82 7.40 20.11
N ALA A 37 -2.36 7.15 18.95
CA ALA A 37 -3.60 6.34 18.87
C ALA A 37 -3.42 5.24 17.82
N LEU A 38 -2.23 5.09 17.30
CA LEU A 38 -1.99 4.04 16.27
C LEU A 38 -2.89 4.29 15.06
N TYR A 39 -2.50 3.76 13.93
CA TYR A 39 -3.33 3.97 12.69
C TYR A 39 -3.40 2.65 11.92
N GLU A 40 -4.35 2.54 11.03
CA GLU A 40 -4.48 1.29 10.23
C GLU A 40 -4.16 1.57 8.76
N ILE A 41 -3.07 1.05 8.29
CA ILE A 41 -2.69 1.29 6.87
C ILE A 41 -3.42 0.30 5.96
N GLU A 42 -3.64 0.67 4.72
CA GLU A 42 -4.35 -0.25 3.79
C GLU A 42 -3.62 -0.28 2.45
N HIS A 43 -2.92 -1.33 2.16
CA HIS A 43 -2.19 -1.41 0.87
C HIS A 43 -2.98 -2.26 -0.12
N HIS A 44 -2.91 -1.93 -1.38
CA HIS A 44 -3.66 -2.72 -2.41
C HIS A 44 -2.67 -3.34 -3.38
N LEU A 45 -2.80 -4.61 -3.67
CA LEU A 45 -1.86 -5.27 -4.62
C LEU A 45 -2.64 -6.10 -5.63
N PHE A 46 -2.13 -6.24 -6.82
CA PHE A 46 -2.83 -7.05 -7.85
C PHE A 46 -1.84 -7.95 -8.57
N ALA A 47 -2.31 -9.00 -9.19
CA ALA A 47 -1.39 -9.92 -9.91
C ALA A 47 -2.14 -10.60 -11.06
N GLU A 48 -1.48 -11.44 -11.80
CA GLU A 48 -2.15 -12.14 -12.94
C GLU A 48 -2.18 -13.64 -12.66
N ASP A 49 -1.16 -14.17 -12.05
CA ASP A 49 -1.13 -15.63 -11.77
C ASP A 49 -1.31 -15.85 -10.26
N PHE A 50 -2.39 -16.46 -9.86
CA PHE A 50 -2.63 -16.71 -8.41
C PHE A 50 -1.40 -17.41 -7.81
N ASP A 51 -0.51 -17.88 -8.63
CA ASP A 51 0.70 -18.57 -8.10
C ASP A 51 1.58 -17.57 -7.36
N LYS A 52 2.22 -16.69 -8.09
CA LYS A 52 3.10 -15.68 -7.43
C LYS A 52 2.28 -14.87 -6.43
N LEU A 53 1.06 -14.57 -6.75
CA LEU A 53 0.20 -13.78 -5.82
C LEU A 53 0.10 -14.50 -4.47
N GLU A 54 -0.28 -15.75 -4.48
CA GLU A 54 -0.41 -16.50 -3.20
C GLU A 54 0.92 -16.43 -2.43
N LYS A 55 1.99 -16.86 -3.02
CA LYS A 55 3.31 -16.83 -2.32
C LYS A 55 3.54 -15.45 -1.72
N ALA A 56 3.56 -14.43 -2.54
CA ALA A 56 3.79 -13.05 -2.00
C ALA A 56 2.80 -12.75 -0.88
N ALA A 57 1.60 -13.22 -0.99
CA ALA A 57 0.59 -12.95 0.08
C ALA A 57 1.07 -13.56 1.40
N VAL A 58 1.58 -14.76 1.37
CA VAL A 58 2.05 -15.41 2.63
C VAL A 58 3.20 -14.59 3.24
N GLU A 59 4.18 -14.25 2.44
CA GLU A 59 5.33 -13.46 2.99
C GLU A 59 4.81 -12.17 3.62
N ALA A 60 3.75 -11.61 3.10
CA ALA A 60 3.22 -10.35 3.68
C ALA A 60 2.66 -10.63 5.08
N PHE A 61 1.63 -11.43 5.17
CA PHE A 61 1.05 -11.73 6.51
C PHE A 61 2.15 -12.20 7.46
N LYS A 62 3.08 -12.97 6.97
CA LYS A 62 4.19 -13.46 7.85
C LYS A 62 4.86 -12.28 8.52
N MET A 63 5.32 -11.32 7.76
CA MET A 63 5.99 -10.13 8.36
C MET A 63 5.10 -9.55 9.46
N GLY A 64 3.82 -9.43 9.21
CA GLY A 64 2.91 -8.86 10.25
C GLY A 64 1.81 -8.05 9.57
N PHE A 65 1.47 -8.41 8.36
CA PHE A 65 0.39 -7.66 7.64
C PHE A 65 -0.91 -8.47 7.68
N GLU A 66 -2.00 -7.87 7.28
CA GLU A 66 -3.29 -8.61 7.30
C GLU A 66 -3.85 -8.69 5.87
N VAL A 67 -3.41 -9.66 5.12
CA VAL A 67 -3.92 -9.79 3.72
C VAL A 67 -5.43 -9.97 3.73
N LEU A 68 -6.11 -9.37 2.79
CA LEU A 68 -7.59 -9.49 2.74
C LEU A 68 -8.00 -10.15 1.42
N GLU A 69 -9.08 -10.88 1.42
CA GLU A 69 -9.53 -11.54 0.16
C GLU A 69 -9.53 -10.52 -0.98
N ALA A 70 -9.44 -10.99 -2.20
CA ALA A 70 -9.43 -10.04 -3.36
C ALA A 70 -10.76 -10.16 -4.12
N GLU A 71 -10.92 -9.38 -5.16
CA GLU A 71 -12.18 -9.45 -5.95
C GLU A 71 -11.88 -9.17 -7.42
N GLU A 72 -12.39 -9.97 -8.30
CA GLU A 72 -12.13 -9.75 -9.76
C GLU A 72 -12.42 -8.29 -10.11
N THR A 73 -11.42 -7.58 -10.58
CA THR A 73 -11.64 -6.15 -10.96
C THR A 73 -10.73 -5.79 -12.13
N GLU A 74 -10.66 -4.52 -12.44
CA GLU A 74 -9.79 -4.08 -13.58
C GLU A 74 -9.29 -2.67 -13.32
N ASP A 75 -8.15 -2.32 -13.85
CA ASP A 75 -7.62 -0.94 -13.63
C ASP A 75 -7.59 -0.17 -14.94
N GLU A 76 -6.49 0.47 -15.25
CA GLU A 76 -6.41 1.25 -16.52
C GLU A 76 -5.89 0.35 -17.65
N ASP A 77 -5.87 -0.94 -17.44
CA ASP A 77 -5.36 -1.86 -18.49
C ASP A 77 -6.56 -2.55 -19.16
N GLY A 78 -7.53 -2.96 -18.39
CA GLY A 78 -8.71 -3.65 -18.99
C GLY A 78 -8.37 -5.11 -19.26
N ASN A 79 -7.84 -5.80 -18.29
CA ASN A 79 -7.47 -7.23 -18.51
C ASN A 79 -8.14 -8.09 -17.43
N LYS A 80 -8.77 -7.47 -16.48
CA LYS A 80 -9.45 -8.26 -15.41
C LYS A 80 -8.39 -9.07 -14.64
N LEU A 81 -8.31 -8.90 -13.35
CA LEU A 81 -7.30 -9.67 -12.57
C LEU A 81 -7.76 -9.76 -11.11
N LEU A 82 -6.88 -10.14 -10.22
CA LEU A 82 -7.27 -10.25 -8.79
C LEU A 82 -6.53 -9.19 -7.97
N CYS A 83 -7.18 -8.66 -6.96
CA CYS A 83 -6.51 -7.61 -6.12
C CYS A 83 -6.85 -7.86 -4.65
N PHE A 84 -5.86 -8.16 -3.86
CA PHE A 84 -6.12 -8.40 -2.41
C PHE A 84 -5.76 -7.14 -1.61
N ASP A 85 -6.12 -7.09 -0.36
CA ASP A 85 -5.80 -5.89 0.46
C ASP A 85 -5.00 -6.30 1.70
N ALA A 86 -4.05 -5.50 2.09
CA ALA A 86 -3.24 -5.85 3.29
C ALA A 86 -3.34 -4.70 4.30
N THR A 87 -3.61 -5.01 5.54
CA THR A 87 -3.72 -3.93 6.56
C THR A 87 -2.57 -4.04 7.56
N MET A 88 -2.11 -2.93 8.07
CA MET A 88 -0.99 -2.95 9.03
C MET A 88 -1.20 -1.86 10.08
N GLN A 89 -0.65 -2.02 11.26
CA GLN A 89 -0.83 -0.98 12.31
C GLN A 89 0.48 -0.22 12.49
N SER A 90 0.45 1.08 12.31
CA SER A 90 1.70 1.89 12.48
C SER A 90 1.37 3.19 13.21
N ALA A 91 2.36 3.90 13.65
CA ALA A 91 2.11 5.18 14.37
C ALA A 91 2.04 6.32 13.36
N LEU A 92 1.36 6.12 12.27
CA LEU A 92 1.26 7.19 11.23
C LEU A 92 2.57 7.98 11.19
N ASP A 93 3.55 7.46 10.48
CA ASP A 93 4.85 8.18 10.39
C ASP A 93 5.37 8.08 8.96
N ALA A 94 6.08 9.08 8.51
CA ALA A 94 6.62 9.04 7.11
C ALA A 94 7.84 8.12 7.07
N LYS A 95 8.79 8.34 7.94
CA LYS A 95 10.01 7.49 7.95
C LYS A 95 9.59 6.01 8.04
N LEU A 96 8.83 5.67 9.04
CA LEU A 96 8.39 4.26 9.18
C LEU A 96 7.59 3.84 7.95
N ILE A 97 6.65 4.63 7.54
CA ILE A 97 5.85 4.28 6.34
C ILE A 97 6.78 4.04 5.15
N ASP A 98 7.92 4.68 5.14
CA ASP A 98 8.88 4.49 4.00
C ASP A 98 9.44 3.07 4.04
N GLU A 99 9.95 2.66 5.18
CA GLU A 99 10.51 1.28 5.29
C GLU A 99 9.46 0.26 4.86
N GLN A 100 8.21 0.51 5.14
CA GLN A 100 7.15 -0.45 4.74
C GLN A 100 6.98 -0.45 3.22
N VAL A 101 6.49 0.61 2.67
CA VAL A 101 6.30 0.67 1.19
C VAL A 101 7.54 0.09 0.49
N GLU A 102 8.70 0.46 0.94
CA GLU A 102 9.94 -0.08 0.30
C GLU A 102 9.92 -1.60 0.33
N LYS A 103 9.57 -2.18 1.44
CA LYS A 103 9.52 -3.66 1.53
C LYS A 103 8.49 -4.20 0.53
N LEU A 104 7.28 -3.71 0.59
CA LEU A 104 6.23 -4.20 -0.37
C LEU A 104 6.70 -3.91 -1.80
N VAL A 105 7.64 -3.03 -1.96
CA VAL A 105 8.14 -2.71 -3.33
C VAL A 105 9.17 -3.76 -3.75
N ASN A 106 10.32 -3.76 -3.15
CA ASN A 106 11.36 -4.76 -3.52
C ASN A 106 10.74 -6.15 -3.55
N LEU A 107 9.78 -6.40 -2.70
CA LEU A 107 9.12 -7.74 -2.67
C LEU A 107 8.18 -7.86 -3.86
N ALA A 108 7.19 -7.02 -3.94
CA ALA A 108 6.24 -7.08 -5.08
C ALA A 108 7.01 -7.36 -6.37
N GLU A 109 8.12 -6.70 -6.55
CA GLU A 109 8.93 -6.93 -7.78
C GLU A 109 9.73 -8.23 -7.64
N LYS A 110 10.05 -8.61 -6.43
CA LYS A 110 10.83 -9.86 -6.23
C LYS A 110 10.08 -11.03 -6.85
N PHE A 111 8.77 -10.99 -6.82
CA PHE A 111 7.98 -12.10 -7.42
C PHE A 111 7.51 -11.69 -8.82
N ASP A 112 6.50 -10.87 -8.91
CA ASP A 112 6.01 -10.44 -10.25
C ASP A 112 4.67 -9.72 -10.10
N ILE A 113 4.47 -9.04 -9.00
CA ILE A 113 3.19 -8.31 -8.81
C ILE A 113 3.46 -6.80 -8.78
N ILE A 114 2.56 -6.02 -9.29
CA ILE A 114 2.78 -4.55 -9.30
C ILE A 114 2.09 -3.89 -8.10
N TYR A 115 2.85 -3.34 -7.19
CA TYR A 115 2.24 -2.68 -6.00
C TYR A 115 2.06 -1.18 -6.30
N ASP A 116 0.85 -0.75 -6.52
CA ASP A 116 0.63 0.70 -6.81
C ASP A 116 -0.73 1.12 -6.25
N GLY A 117 -0.76 1.48 -5.00
CA GLY A 117 -2.06 1.92 -4.39
C GLY A 117 -2.00 1.73 -2.87
N TRP A 118 -1.61 2.77 -2.16
CA TRP A 118 -1.54 2.65 -0.67
C TRP A 118 -2.30 3.82 -0.03
N GLY A 119 -3.09 3.55 0.97
CA GLY A 119 -3.85 4.64 1.63
C GLY A 119 -4.17 4.24 3.07
N THR A 120 -4.19 5.19 3.97
CA THR A 120 -4.48 4.86 5.39
C THR A 120 -5.97 5.07 5.67
N TYR A 121 -6.43 4.69 6.82
CA TYR A 121 -7.87 4.87 7.15
C TYR A 121 -8.02 5.91 8.26
N TYR A 122 -8.91 6.84 8.10
CA TYR A 122 -9.08 7.89 9.16
C TYR A 122 -9.31 7.22 10.51
N GLU A 123 -9.36 7.99 11.56
CA GLU A 123 -9.57 7.40 12.91
C GLU A 123 -11.07 7.34 13.22
N GLY A 124 -11.78 6.51 12.52
CA GLY A 124 -13.25 6.40 12.78
C GLY A 124 -14.02 7.24 11.76
N LEU A 125 -13.35 7.73 10.76
CA LEU A 125 -14.06 8.55 9.73
C LEU A 125 -14.98 9.54 10.42
N GLU A 126 -14.44 10.48 11.15
CA GLU A 126 -15.29 11.47 11.85
C GLU A 126 -15.02 12.87 11.28
N HIS A 127 -15.99 13.46 10.65
CA HIS A 127 -15.79 14.83 10.07
C HIS A 127 -16.09 15.88 11.14
N HIS A 128 -15.11 16.21 11.95
CA HIS A 128 -15.34 17.23 13.01
C HIS A 128 -16.72 17.02 13.64
N HIS A 129 -17.69 17.78 13.22
CA HIS A 129 -19.06 17.62 13.81
C HIS A 129 -20.03 17.17 12.71
N HIS A 130 -21.16 17.82 12.61
CA HIS A 130 -22.14 17.43 11.56
C HIS A 130 -21.67 17.97 10.20
N HIS A 131 -20.44 18.39 10.11
CA HIS A 131 -19.93 18.93 8.83
C HIS A 131 -20.35 20.40 8.69
N HIS A 132 -20.23 21.16 9.74
CA HIS A 132 -20.62 22.59 9.67
C HIS A 132 -19.73 23.41 10.61
N MET A 1 30.03 -4.99 -23.33
CA MET A 1 29.32 -6.06 -24.09
C MET A 1 27.97 -5.54 -24.58
N SER A 2 27.95 -4.38 -25.19
CA SER A 2 26.66 -3.83 -25.68
C SER A 2 25.55 -4.13 -24.68
N HIS A 3 25.78 -3.86 -23.42
CA HIS A 3 24.74 -4.14 -22.39
C HIS A 3 24.33 -2.82 -21.72
N GLN A 4 23.68 -1.95 -22.45
CA GLN A 4 23.25 -0.65 -21.86
C GLN A 4 22.84 -0.86 -20.40
N ASP A 5 23.33 -0.03 -19.52
CA ASP A 5 22.98 -0.18 -18.07
C ASP A 5 21.59 0.40 -17.82
N ASP A 6 20.58 -0.43 -17.78
CA ASP A 6 19.21 0.08 -17.53
C ASP A 6 18.33 -1.07 -17.03
N TYR A 7 17.85 -0.99 -15.82
CA TYR A 7 16.99 -2.08 -15.29
C TYR A 7 15.98 -1.49 -14.30
N LEU A 8 15.03 -0.73 -14.78
CA LEU A 8 14.01 -0.12 -13.88
C LEU A 8 14.72 0.66 -12.77
N SER A 9 14.07 1.65 -12.23
CA SER A 9 14.71 2.45 -11.14
C SER A 9 13.84 2.38 -9.89
N VAL A 10 13.80 1.25 -9.24
CA VAL A 10 12.97 1.14 -8.01
C VAL A 10 13.16 2.39 -7.15
N GLU A 11 14.20 3.14 -7.41
CA GLU A 11 14.43 4.39 -6.61
C GLU A 11 13.38 5.43 -6.98
N GLU A 12 13.25 5.73 -8.24
CA GLU A 12 12.23 6.75 -8.65
C GLU A 12 10.89 6.43 -7.99
N LEU A 13 10.56 5.17 -7.88
CA LEU A 13 9.26 4.80 -7.25
C LEU A 13 9.28 5.21 -5.77
N ILE A 14 10.33 4.87 -5.07
CA ILE A 14 10.41 5.24 -3.62
C ILE A 14 10.31 6.76 -3.48
N GLU A 15 11.01 7.48 -4.31
CA GLU A 15 10.95 8.97 -4.22
C GLU A 15 9.51 9.44 -4.34
N ILE A 16 8.91 9.25 -5.49
CA ILE A 16 7.49 9.68 -5.67
C ILE A 16 6.65 9.21 -4.47
N GLN A 17 6.84 7.98 -4.07
CA GLN A 17 6.06 7.45 -2.92
C GLN A 17 6.24 8.36 -1.70
N LYS A 18 7.45 8.79 -1.46
CA LYS A 18 7.70 9.68 -0.29
C LYS A 18 6.90 10.97 -0.46
N GLU A 19 6.80 11.48 -1.66
CA GLU A 19 6.04 12.74 -1.87
C GLU A 19 4.58 12.52 -1.48
N GLU A 20 3.91 11.61 -2.12
CA GLU A 20 2.48 11.35 -1.79
C GLU A 20 2.33 11.23 -0.27
N THR A 21 3.31 10.69 0.40
CA THR A 21 3.22 10.54 1.88
C THR A 21 3.26 11.92 2.52
N ARG A 22 4.31 12.68 2.30
CA ARG A 22 4.41 14.03 2.90
C ARG A 22 3.08 14.77 2.75
N ASP A 23 2.48 14.71 1.59
CA ASP A 23 1.19 15.41 1.38
C ASP A 23 0.12 14.84 2.32
N ILE A 24 0.01 13.54 2.39
CA ILE A 24 -1.01 12.91 3.27
C ILE A 24 -0.69 13.23 4.74
N ILE A 25 0.48 12.92 5.18
CA ILE A 25 0.84 13.21 6.60
C ILE A 25 0.54 14.68 6.92
N GLN A 26 0.63 15.54 5.94
CA GLN A 26 0.34 16.98 6.19
C GLN A 26 -1.13 17.16 6.55
N ALA A 27 -2.02 16.79 5.66
CA ALA A 27 -3.47 16.95 5.95
C ALA A 27 -3.79 16.40 7.35
N LEU A 28 -3.30 15.23 7.66
CA LEU A 28 -3.59 14.65 9.00
C LEU A 28 -2.96 15.52 10.10
N LEU A 29 -1.66 15.54 10.18
CA LEU A 29 -1.00 16.37 11.22
C LEU A 29 -1.71 17.72 11.34
N GLU A 30 -2.15 18.27 10.24
CA GLU A 30 -2.85 19.58 10.29
C GLU A 30 -4.09 19.46 11.17
N ASP A 31 -4.92 18.49 10.92
CA ASP A 31 -6.14 18.32 11.75
C ASP A 31 -5.75 18.22 13.24
N GLY A 32 -4.58 17.71 13.51
CA GLY A 32 -4.14 17.60 14.93
C GLY A 32 -4.02 16.13 15.30
N SER A 33 -4.02 15.25 14.33
CA SER A 33 -3.91 13.80 14.63
C SER A 33 -2.76 13.57 15.62
N ASP A 34 -2.92 12.64 16.52
CA ASP A 34 -1.84 12.36 17.50
C ASP A 34 -1.17 11.03 17.15
N PRO A 35 0.11 10.93 17.38
CA PRO A 35 0.89 9.69 17.09
C PRO A 35 0.52 8.53 18.04
N ASP A 36 -0.07 8.84 19.15
CA ASP A 36 -0.45 7.77 20.12
C ASP A 36 -1.85 7.25 19.77
N ALA A 37 -2.40 7.67 18.66
CA ALA A 37 -3.75 7.19 18.28
C ALA A 37 -3.64 5.93 17.43
N LEU A 38 -2.44 5.60 17.00
CA LEU A 38 -2.27 4.37 16.17
C LEU A 38 -3.00 4.56 14.84
N TYR A 39 -2.41 4.13 13.75
CA TYR A 39 -3.07 4.28 12.43
C TYR A 39 -2.97 2.95 11.66
N GLU A 40 -3.96 2.64 10.87
CA GLU A 40 -3.92 1.37 10.10
C GLU A 40 -3.58 1.67 8.64
N ILE A 41 -2.52 1.10 8.14
CA ILE A 41 -2.13 1.35 6.72
C ILE A 41 -2.77 0.31 5.81
N GLU A 42 -3.49 0.74 4.81
CA GLU A 42 -4.15 -0.22 3.89
C GLU A 42 -3.39 -0.24 2.55
N HIS A 43 -2.81 -1.36 2.20
CA HIS A 43 -2.06 -1.45 0.92
C HIS A 43 -2.83 -2.34 -0.06
N HIS A 44 -2.91 -1.93 -1.30
CA HIS A 44 -3.63 -2.76 -2.30
C HIS A 44 -2.64 -3.33 -3.31
N LEU A 45 -2.77 -4.59 -3.65
CA LEU A 45 -1.82 -5.20 -4.62
C LEU A 45 -2.59 -6.14 -5.56
N PHE A 46 -2.20 -6.21 -6.80
CA PHE A 46 -2.90 -7.10 -7.76
C PHE A 46 -1.87 -7.97 -8.50
N ALA A 47 -2.28 -9.11 -8.97
CA ALA A 47 -1.32 -10.00 -9.70
C ALA A 47 -2.00 -10.55 -10.94
N GLU A 48 -1.25 -11.21 -11.80
CA GLU A 48 -1.85 -11.77 -13.04
C GLU A 48 -1.91 -13.29 -12.94
N ASP A 49 -1.25 -13.85 -11.96
CA ASP A 49 -1.28 -15.34 -11.80
C ASP A 49 -1.48 -15.69 -10.33
N PHE A 50 -2.45 -16.51 -10.04
CA PHE A 50 -2.70 -16.90 -8.62
C PHE A 50 -1.43 -17.55 -8.05
N ASP A 51 -0.54 -17.98 -8.90
CA ASP A 51 0.70 -18.63 -8.40
C ASP A 51 1.52 -17.61 -7.60
N LYS A 52 2.06 -16.62 -8.26
CA LYS A 52 2.87 -15.60 -7.54
C LYS A 52 1.99 -14.89 -6.51
N LEU A 53 0.71 -14.83 -6.75
CA LEU A 53 -0.19 -14.16 -5.78
C LEU A 53 -0.14 -14.88 -4.44
N GLU A 54 -0.42 -16.15 -4.43
CA GLU A 54 -0.39 -16.92 -3.15
C GLU A 54 1.01 -16.81 -2.53
N LYS A 55 2.05 -16.91 -3.32
CA LYS A 55 3.41 -16.80 -2.77
C LYS A 55 3.60 -15.44 -2.11
N ALA A 56 3.48 -14.38 -2.87
CA ALA A 56 3.65 -13.02 -2.30
C ALA A 56 2.72 -12.84 -1.10
N ALA A 57 1.44 -13.02 -1.29
CA ALA A 57 0.48 -12.85 -0.16
C ALA A 57 1.02 -13.58 1.08
N VAL A 58 1.18 -14.87 1.00
CA VAL A 58 1.70 -15.62 2.18
C VAL A 58 2.79 -14.80 2.89
N GLU A 59 3.76 -14.33 2.14
CA GLU A 59 4.86 -13.53 2.76
C GLU A 59 4.26 -12.34 3.51
N ALA A 60 3.52 -11.51 2.84
CA ALA A 60 2.91 -10.33 3.51
C ALA A 60 2.43 -10.73 4.90
N PHE A 61 1.73 -11.83 5.01
CA PHE A 61 1.22 -12.27 6.34
C PHE A 61 2.41 -12.58 7.26
N LYS A 62 3.43 -13.19 6.75
CA LYS A 62 4.61 -13.53 7.59
C LYS A 62 5.22 -12.23 8.15
N MET A 63 5.30 -11.21 7.35
CA MET A 63 5.88 -9.93 7.83
C MET A 63 4.93 -9.29 8.86
N GLY A 64 3.67 -9.21 8.54
CA GLY A 64 2.70 -8.60 9.49
C GLY A 64 1.64 -7.82 8.72
N PHE A 65 1.31 -8.28 7.54
CA PHE A 65 0.27 -7.55 6.74
C PHE A 65 -1.01 -8.39 6.70
N GLU A 66 -2.08 -7.86 7.21
CA GLU A 66 -3.36 -8.63 7.20
C GLU A 66 -3.88 -8.74 5.76
N VAL A 67 -3.44 -9.74 5.05
CA VAL A 67 -3.90 -9.90 3.64
C VAL A 67 -5.41 -10.15 3.62
N LEU A 68 -6.13 -9.44 2.78
CA LEU A 68 -7.60 -9.62 2.73
C LEU A 68 -7.99 -10.32 1.42
N GLU A 69 -9.05 -11.08 1.44
CA GLU A 69 -9.49 -11.79 0.20
C GLU A 69 -9.51 -10.82 -0.97
N ALA A 70 -9.32 -11.31 -2.17
CA ALA A 70 -9.34 -10.41 -3.36
C ALA A 70 -10.69 -10.54 -4.06
N GLU A 71 -10.98 -9.66 -4.98
CA GLU A 71 -12.28 -9.73 -5.70
C GLU A 71 -12.06 -9.50 -7.19
N GLU A 72 -12.26 -10.51 -7.99
CA GLU A 72 -12.06 -10.33 -9.46
C GLU A 72 -12.54 -8.95 -9.89
N THR A 73 -11.63 -8.04 -10.07
CA THR A 73 -12.03 -6.66 -10.49
C THR A 73 -11.77 -6.49 -11.99
N GLU A 74 -11.61 -5.28 -12.44
CA GLU A 74 -11.36 -5.05 -13.88
C GLU A 74 -10.51 -3.79 -14.06
N ASP A 75 -9.54 -3.82 -14.92
CA ASP A 75 -8.68 -2.63 -15.15
C ASP A 75 -9.51 -1.54 -15.84
N GLU A 76 -10.68 -1.27 -15.35
CA GLU A 76 -11.52 -0.21 -15.99
C GLU A 76 -11.38 -0.30 -17.51
N ASP A 77 -10.97 -1.43 -18.01
CA ASP A 77 -10.80 -1.58 -19.49
C ASP A 77 -11.52 -2.86 -19.96
N GLY A 78 -11.55 -3.87 -19.13
CA GLY A 78 -12.23 -5.13 -19.54
C GLY A 78 -11.27 -6.31 -19.35
N ASN A 79 -10.45 -6.26 -18.33
CA ASN A 79 -9.49 -7.37 -18.09
C ASN A 79 -9.98 -8.20 -16.90
N LYS A 80 -9.09 -8.94 -16.27
CA LYS A 80 -9.50 -9.76 -15.11
C LYS A 80 -8.27 -10.11 -14.26
N LEU A 81 -8.01 -9.35 -13.23
CA LEU A 81 -6.82 -9.64 -12.38
C LEU A 81 -7.27 -9.72 -10.92
N LEU A 82 -6.67 -10.59 -10.15
CA LEU A 82 -7.06 -10.71 -8.71
C LEU A 82 -6.45 -9.56 -7.91
N CYS A 83 -7.24 -8.91 -7.10
CA CYS A 83 -6.69 -7.78 -6.29
C CYS A 83 -6.94 -8.04 -4.80
N PHE A 84 -5.92 -8.38 -4.07
CA PHE A 84 -6.09 -8.65 -2.62
C PHE A 84 -5.70 -7.41 -1.82
N ASP A 85 -6.13 -7.32 -0.59
CA ASP A 85 -5.78 -6.13 0.24
C ASP A 85 -4.79 -6.54 1.32
N ALA A 86 -4.24 -5.58 2.03
CA ALA A 86 -3.26 -5.91 3.10
C ALA A 86 -3.25 -4.78 4.14
N THR A 87 -3.46 -5.08 5.39
CA THR A 87 -3.47 -4.02 6.43
C THR A 87 -2.29 -4.21 7.38
N MET A 88 -1.77 -3.15 7.93
CA MET A 88 -0.62 -3.26 8.87
C MET A 88 -0.65 -2.09 9.86
N GLN A 89 -0.94 -2.36 11.10
CA GLN A 89 -0.99 -1.26 12.11
C GLN A 89 0.37 -0.54 12.16
N SER A 90 0.36 0.75 12.36
CA SER A 90 1.64 1.50 12.42
C SER A 90 1.39 2.89 13.02
N ALA A 91 2.44 3.62 13.31
CA ALA A 91 2.26 4.97 13.89
C ALA A 91 2.48 6.04 12.81
N LEU A 92 1.50 6.86 12.58
CA LEU A 92 1.65 7.91 11.53
C LEU A 92 3.10 8.44 11.54
N ASP A 93 3.89 8.01 10.61
CA ASP A 93 5.31 8.48 10.57
C ASP A 93 5.88 8.27 9.17
N ALA A 94 5.87 9.29 8.35
CA ALA A 94 6.42 9.14 6.98
C ALA A 94 7.64 8.22 7.00
N LYS A 95 8.54 8.44 7.92
CA LYS A 95 9.75 7.58 8.00
C LYS A 95 9.33 6.12 8.05
N LEU A 96 8.49 5.76 8.98
CA LEU A 96 8.04 4.34 9.07
C LEU A 96 7.24 3.99 7.82
N ILE A 97 6.15 4.66 7.61
CA ILE A 97 5.31 4.37 6.40
C ILE A 97 6.23 4.07 5.22
N ASP A 98 7.32 4.78 5.11
CA ASP A 98 8.26 4.54 3.97
C ASP A 98 8.89 3.16 4.13
N GLU A 99 9.26 2.80 5.33
CA GLU A 99 9.89 1.47 5.54
C GLU A 99 8.90 0.37 5.15
N GLN A 100 7.65 0.52 5.53
CA GLN A 100 6.64 -0.51 5.17
C GLN A 100 6.50 -0.58 3.65
N VAL A 101 6.44 0.55 3.00
CA VAL A 101 6.30 0.56 1.52
C VAL A 101 7.56 -0.05 0.88
N GLU A 102 8.69 0.58 1.07
CA GLU A 102 9.95 0.04 0.48
C GLU A 102 9.90 -1.49 0.51
N LYS A 103 9.55 -2.07 1.62
CA LYS A 103 9.49 -3.55 1.71
C LYS A 103 8.49 -4.09 0.69
N LEU A 104 7.37 -3.45 0.56
CA LEU A 104 6.34 -3.92 -0.41
C LEU A 104 6.81 -3.63 -1.84
N VAL A 105 7.77 -2.75 -1.99
CA VAL A 105 8.26 -2.42 -3.35
C VAL A 105 9.29 -3.47 -3.79
N ASN A 106 10.27 -3.74 -2.98
CA ASN A 106 11.30 -4.75 -3.37
C ASN A 106 10.66 -6.14 -3.46
N LEU A 107 9.82 -6.48 -2.52
CA LEU A 107 9.17 -7.82 -2.55
C LEU A 107 8.22 -7.90 -3.75
N ALA A 108 7.35 -6.93 -3.89
CA ALA A 108 6.39 -6.95 -5.03
C ALA A 108 7.15 -7.21 -6.34
N GLU A 109 8.16 -6.43 -6.62
CA GLU A 109 8.93 -6.64 -7.88
C GLU A 109 9.73 -7.94 -7.80
N LYS A 110 9.93 -8.44 -6.62
CA LYS A 110 10.70 -9.71 -6.47
C LYS A 110 9.89 -10.86 -7.05
N PHE A 111 8.58 -10.80 -6.95
CA PHE A 111 7.75 -11.91 -7.50
C PHE A 111 7.23 -11.52 -8.89
N ASP A 112 6.24 -10.68 -8.96
CA ASP A 112 5.71 -10.28 -10.29
C ASP A 112 4.40 -9.48 -10.10
N ILE A 113 4.28 -8.77 -9.01
CA ILE A 113 3.05 -7.98 -8.77
C ILE A 113 3.39 -6.48 -8.79
N ILE A 114 2.41 -5.63 -8.72
CA ILE A 114 2.70 -4.17 -8.72
C ILE A 114 2.09 -3.52 -7.49
N TYR A 115 2.86 -2.72 -6.79
CA TYR A 115 2.32 -2.04 -5.57
C TYR A 115 2.00 -0.59 -5.92
N ASP A 116 0.77 -0.31 -6.25
CA ASP A 116 0.40 1.10 -6.61
C ASP A 116 -0.99 1.41 -6.06
N GLY A 117 -1.08 1.74 -4.79
CA GLY A 117 -2.41 2.06 -4.20
C GLY A 117 -2.37 1.90 -2.68
N TRP A 118 -1.78 2.85 -1.99
CA TRP A 118 -1.72 2.75 -0.50
C TRP A 118 -2.52 3.90 0.11
N GLY A 119 -3.07 3.71 1.27
CA GLY A 119 -3.85 4.80 1.92
C GLY A 119 -4.00 4.52 3.42
N THR A 120 -4.44 5.50 4.15
CA THR A 120 -4.60 5.30 5.63
C THR A 120 -6.02 5.70 6.04
N TYR A 121 -6.42 5.35 7.24
CA TYR A 121 -7.80 5.71 7.69
C TYR A 121 -7.79 7.12 8.29
N TYR A 122 -8.28 8.09 7.58
CA TYR A 122 -8.31 9.47 8.11
C TYR A 122 -9.20 9.53 9.35
N GLU A 123 -8.89 10.37 10.29
CA GLU A 123 -9.73 10.46 11.52
C GLU A 123 -10.69 11.65 11.39
N GLY A 124 -11.80 11.46 10.72
CA GLY A 124 -12.77 12.57 10.56
C GLY A 124 -14.07 12.03 9.95
N LEU A 125 -14.49 12.58 8.84
CA LEU A 125 -15.75 12.10 8.20
C LEU A 125 -16.89 12.17 9.22
N GLU A 126 -17.57 13.28 9.28
CA GLU A 126 -18.70 13.41 10.24
C GLU A 126 -20.03 13.26 9.50
N HIS A 127 -21.00 12.66 10.13
CA HIS A 127 -22.32 12.49 9.47
C HIS A 127 -22.14 11.70 8.17
N HIS A 128 -22.17 10.40 8.23
CA HIS A 128 -22.01 9.58 6.99
C HIS A 128 -22.87 10.18 5.88
N HIS A 129 -22.28 10.49 4.75
CA HIS A 129 -23.08 11.08 3.65
C HIS A 129 -22.20 11.26 2.40
N HIS A 130 -22.81 11.51 1.28
CA HIS A 130 -22.02 11.70 0.02
C HIS A 130 -22.51 12.95 -0.70
N HIS A 131 -22.70 12.87 -1.99
CA HIS A 131 -23.19 14.06 -2.75
C HIS A 131 -24.26 13.63 -3.75
N HIS A 132 -24.47 14.39 -4.79
CA HIS A 132 -25.50 14.03 -5.79
C HIS A 132 -26.86 13.90 -5.11
N MET A 1 -2.77 -1.53 -18.32
CA MET A 1 -2.60 -1.84 -16.87
C MET A 1 -1.16 -1.53 -16.45
N SER A 2 -0.41 -2.55 -16.11
CA SER A 2 1.00 -2.32 -15.69
C SER A 2 1.70 -1.46 -16.75
N HIS A 3 1.25 -1.53 -17.97
CA HIS A 3 1.90 -0.72 -19.05
C HIS A 3 3.25 -1.35 -19.41
N GLN A 4 3.89 -2.00 -18.47
CA GLN A 4 5.19 -2.63 -18.77
C GLN A 4 6.16 -1.59 -19.34
N ASP A 5 6.93 -0.95 -18.50
CA ASP A 5 7.88 0.08 -18.99
C ASP A 5 9.11 -0.62 -19.59
N ASP A 6 10.24 -0.49 -18.94
CA ASP A 6 11.48 -1.14 -19.47
C ASP A 6 12.51 -1.25 -18.34
N TYR A 7 12.46 -0.35 -17.40
CA TYR A 7 13.44 -0.39 -16.28
C TYR A 7 12.74 0.08 -14.98
N LEU A 8 11.70 -0.59 -14.58
CA LEU A 8 10.99 -0.18 -13.34
C LEU A 8 12.00 0.15 -12.25
N SER A 9 12.47 1.37 -12.21
CA SER A 9 13.47 1.75 -11.17
C SER A 9 12.76 1.96 -9.83
N VAL A 10 12.99 1.09 -8.89
CA VAL A 10 12.34 1.23 -7.56
C VAL A 10 12.76 2.58 -6.95
N GLU A 11 13.80 3.17 -7.46
CA GLU A 11 14.27 4.48 -6.91
C GLU A 11 13.27 5.56 -7.28
N GLU A 12 13.03 5.77 -8.55
CA GLU A 12 12.06 6.82 -8.97
C GLU A 12 10.70 6.56 -8.30
N LEU A 13 10.35 5.32 -8.12
CA LEU A 13 9.04 5.01 -7.48
C LEU A 13 9.10 5.40 -6.00
N ILE A 14 10.19 5.08 -5.34
CA ILE A 14 10.31 5.42 -3.90
C ILE A 14 10.25 6.95 -3.73
N GLU A 15 10.83 7.67 -4.64
CA GLU A 15 10.81 9.17 -4.53
C GLU A 15 9.36 9.65 -4.62
N ILE A 16 8.67 9.32 -5.68
CA ILE A 16 7.26 9.76 -5.83
C ILE A 16 6.49 9.50 -4.53
N GLN A 17 6.29 8.25 -4.20
CA GLN A 17 5.54 7.92 -2.96
C GLN A 17 6.06 8.78 -1.80
N LYS A 18 7.34 9.01 -1.74
CA LYS A 18 7.90 9.85 -0.63
C LYS A 18 7.25 11.23 -0.67
N GLU A 19 7.03 11.77 -1.83
CA GLU A 19 6.40 13.12 -1.93
C GLU A 19 4.91 13.01 -1.61
N GLU A 20 4.20 12.19 -2.33
CA GLU A 20 2.74 12.03 -2.06
C GLU A 20 2.51 11.82 -0.58
N THR A 21 3.05 10.76 -0.02
CA THR A 21 2.86 10.49 1.43
C THR A 21 3.15 11.77 2.23
N ARG A 22 4.36 12.24 2.18
CA ARG A 22 4.71 13.48 2.94
C ARG A 22 3.55 14.47 2.86
N ASP A 23 2.89 14.56 1.73
CA ASP A 23 1.75 15.50 1.60
C ASP A 23 0.60 15.06 2.51
N ILE A 24 0.26 13.80 2.48
CA ILE A 24 -0.85 13.30 3.33
C ILE A 24 -0.48 13.47 4.81
N ILE A 25 0.58 12.83 5.24
CA ILE A 25 1.00 12.95 6.66
C ILE A 25 0.81 14.39 7.14
N GLN A 26 1.26 15.35 6.38
CA GLN A 26 1.10 16.77 6.78
C GLN A 26 -0.40 17.09 6.93
N ALA A 27 -1.20 16.64 6.00
CA ALA A 27 -2.66 16.92 6.09
C ALA A 27 -3.22 16.30 7.38
N LEU A 28 -3.20 15.01 7.47
CA LEU A 28 -3.73 14.33 8.70
C LEU A 28 -3.23 15.09 9.94
N LEU A 29 -1.94 15.31 10.04
CA LEU A 29 -1.41 16.04 11.22
C LEU A 29 -2.18 17.33 11.43
N GLU A 30 -2.63 17.95 10.36
CA GLU A 30 -3.40 19.21 10.50
C GLU A 30 -4.80 18.91 11.00
N ASP A 31 -5.39 17.83 10.56
CA ASP A 31 -6.76 17.49 11.02
C ASP A 31 -6.79 16.03 11.50
N GLY A 32 -5.78 15.61 12.21
CA GLY A 32 -5.75 14.21 12.71
C GLY A 32 -4.48 14.00 13.55
N SER A 33 -3.98 15.04 14.15
CA SER A 33 -2.75 14.90 14.98
C SER A 33 -3.01 13.91 16.13
N ASP A 34 -3.04 12.64 15.82
CA ASP A 34 -3.28 11.63 16.89
C ASP A 34 -2.34 10.43 16.68
N PRO A 35 -1.07 10.70 16.55
CA PRO A 35 -0.04 9.64 16.34
C PRO A 35 0.09 8.71 17.56
N ASP A 36 -0.36 9.14 18.70
CA ASP A 36 -0.27 8.28 19.91
C ASP A 36 -1.46 7.34 19.97
N ALA A 37 -2.40 7.50 19.08
CA ALA A 37 -3.59 6.61 19.08
C ALA A 37 -3.39 5.48 18.08
N LEU A 38 -2.19 5.34 17.56
CA LEU A 38 -1.92 4.26 16.57
C LEU A 38 -2.74 4.51 15.31
N TYR A 39 -2.18 4.24 14.16
CA TYR A 39 -2.92 4.47 12.89
C TYR A 39 -3.06 3.14 12.14
N GLU A 40 -3.86 3.12 11.12
CA GLU A 40 -4.04 1.85 10.35
C GLU A 40 -3.70 2.10 8.88
N ILE A 41 -2.66 1.48 8.37
CA ILE A 41 -2.29 1.68 6.95
C ILE A 41 -3.01 0.64 6.08
N GLU A 42 -3.21 0.94 4.83
CA GLU A 42 -3.91 -0.03 3.94
C GLU A 42 -3.22 -0.07 2.57
N HIS A 43 -2.75 -1.21 2.16
CA HIS A 43 -2.07 -1.32 0.84
C HIS A 43 -2.88 -2.22 -0.09
N HIS A 44 -3.01 -1.85 -1.34
CA HIS A 44 -3.78 -2.68 -2.29
C HIS A 44 -2.83 -3.24 -3.35
N LEU A 45 -2.90 -4.52 -3.60
CA LEU A 45 -1.99 -5.11 -4.63
C LEU A 45 -2.80 -6.07 -5.52
N PHE A 46 -2.43 -6.18 -6.76
CA PHE A 46 -3.18 -7.10 -7.67
C PHE A 46 -2.19 -7.93 -8.50
N ALA A 47 -2.58 -9.11 -8.87
CA ALA A 47 -1.65 -9.97 -9.67
C ALA A 47 -2.45 -10.73 -10.72
N GLU A 48 -1.78 -11.49 -11.55
CA GLU A 48 -2.49 -12.26 -12.61
C GLU A 48 -2.39 -13.75 -12.30
N ASP A 49 -1.19 -14.25 -12.09
CA ASP A 49 -1.03 -15.69 -11.80
C ASP A 49 -1.36 -15.94 -10.33
N PHE A 50 -2.53 -16.43 -10.04
CA PHE A 50 -2.91 -16.70 -8.62
C PHE A 50 -1.75 -17.39 -7.91
N ASP A 51 -0.77 -17.84 -8.65
CA ASP A 51 0.40 -18.51 -8.01
C ASP A 51 1.27 -17.48 -7.31
N LYS A 52 1.90 -16.61 -8.07
CA LYS A 52 2.77 -15.58 -7.43
C LYS A 52 1.95 -14.71 -6.48
N LEU A 53 0.64 -14.72 -6.62
CA LEU A 53 -0.22 -13.89 -5.74
C LEU A 53 -0.23 -14.51 -4.33
N GLU A 54 -0.75 -15.70 -4.21
CA GLU A 54 -0.80 -16.35 -2.87
C GLU A 54 0.62 -16.49 -2.31
N LYS A 55 1.61 -16.45 -3.16
CA LYS A 55 3.01 -16.58 -2.69
C LYS A 55 3.45 -15.26 -2.04
N ALA A 56 3.35 -14.18 -2.77
CA ALA A 56 3.76 -12.87 -2.19
C ALA A 56 2.88 -12.53 -1.00
N ALA A 57 1.64 -12.97 -1.02
CA ALA A 57 0.73 -12.67 0.11
C ALA A 57 1.20 -13.43 1.36
N VAL A 58 1.42 -14.71 1.24
CA VAL A 58 1.89 -15.50 2.41
C VAL A 58 3.09 -14.81 3.06
N GLU A 59 4.12 -14.56 2.29
CA GLU A 59 5.32 -13.89 2.85
C GLU A 59 4.88 -12.64 3.63
N ALA A 60 4.12 -11.79 3.01
CA ALA A 60 3.66 -10.56 3.73
C ALA A 60 3.14 -10.93 5.11
N PHE A 61 2.32 -11.94 5.20
CA PHE A 61 1.79 -12.37 6.53
C PHE A 61 2.96 -12.57 7.50
N LYS A 62 3.91 -13.39 7.13
CA LYS A 62 5.06 -13.64 8.03
C LYS A 62 5.59 -12.30 8.56
N MET A 63 5.66 -11.30 7.72
CA MET A 63 6.16 -9.98 8.18
C MET A 63 5.21 -9.41 9.23
N GLY A 64 3.96 -9.27 8.91
CA GLY A 64 3.00 -8.72 9.90
C GLY A 64 1.95 -7.86 9.18
N PHE A 65 1.45 -8.32 8.07
CA PHE A 65 0.43 -7.53 7.32
C PHE A 65 -0.91 -8.28 7.35
N GLU A 66 -2.00 -7.57 7.40
CA GLU A 66 -3.33 -8.25 7.42
C GLU A 66 -3.81 -8.46 5.99
N VAL A 67 -3.19 -9.36 5.28
CA VAL A 67 -3.63 -9.62 3.87
C VAL A 67 -5.15 -9.75 3.83
N LEU A 68 -5.75 -9.36 2.73
CA LEU A 68 -7.23 -9.47 2.63
C LEU A 68 -7.62 -10.11 1.30
N GLU A 69 -8.72 -10.80 1.27
CA GLU A 69 -9.14 -11.46 -0.01
C GLU A 69 -9.26 -10.42 -1.12
N ALA A 70 -9.48 -10.84 -2.32
CA ALA A 70 -9.60 -9.89 -3.46
C ALA A 70 -10.99 -10.02 -4.10
N GLU A 71 -11.26 -9.25 -5.11
CA GLU A 71 -12.59 -9.34 -5.77
C GLU A 71 -12.44 -9.06 -7.27
N GLU A 72 -13.08 -9.84 -8.10
CA GLU A 72 -12.97 -9.62 -9.57
C GLU A 72 -13.00 -8.11 -9.86
N THR A 73 -11.90 -7.56 -10.30
CA THR A 73 -11.88 -6.10 -10.60
C THR A 73 -11.72 -5.88 -12.10
N GLU A 74 -11.39 -4.68 -12.50
CA GLU A 74 -11.22 -4.39 -13.95
C GLU A 74 -10.37 -3.12 -14.11
N ASP A 75 -9.47 -3.12 -15.05
CA ASP A 75 -8.61 -1.91 -15.25
C ASP A 75 -9.22 -1.04 -16.34
N GLU A 76 -8.47 -0.10 -16.85
CA GLU A 76 -9.00 0.78 -17.93
C GLU A 76 -8.93 0.07 -19.28
N ASP A 77 -8.84 -1.23 -19.26
CA ASP A 77 -8.77 -1.98 -20.55
C ASP A 77 -9.83 -3.07 -20.57
N GLY A 78 -10.38 -3.39 -19.42
CA GLY A 78 -11.44 -4.45 -19.38
C GLY A 78 -10.79 -5.81 -19.18
N ASN A 79 -10.43 -6.15 -17.97
CA ASN A 79 -9.79 -7.47 -17.71
C ASN A 79 -10.04 -7.88 -16.26
N LYS A 80 -10.71 -8.99 -16.06
CA LYS A 80 -10.98 -9.45 -14.67
C LYS A 80 -9.66 -9.76 -13.97
N LEU A 81 -9.26 -8.93 -13.04
CA LEU A 81 -7.98 -9.18 -12.31
C LEU A 81 -8.27 -9.36 -10.82
N LEU A 82 -7.35 -9.94 -10.10
CA LEU A 82 -7.58 -10.15 -8.64
C LEU A 82 -6.83 -9.06 -7.85
N CYS A 83 -7.50 -8.40 -6.95
CA CYS A 83 -6.84 -7.33 -6.16
C CYS A 83 -6.99 -7.62 -4.67
N PHE A 84 -5.97 -8.16 -4.05
CA PHE A 84 -6.05 -8.46 -2.59
C PHE A 84 -5.56 -7.24 -1.81
N ASP A 85 -5.96 -7.10 -0.57
CA ASP A 85 -5.52 -5.91 0.22
C ASP A 85 -4.57 -6.34 1.34
N ALA A 86 -3.98 -5.39 2.00
CA ALA A 86 -3.05 -5.72 3.12
C ALA A 86 -3.06 -4.58 4.14
N THR A 87 -3.60 -4.83 5.31
CA THR A 87 -3.66 -3.76 6.35
C THR A 87 -2.59 -3.99 7.40
N MET A 88 -2.22 -2.97 8.12
CA MET A 88 -1.18 -3.13 9.18
C MET A 88 -1.27 -1.96 10.16
N GLN A 89 -1.58 -2.25 11.40
CA GLN A 89 -1.68 -1.16 12.42
C GLN A 89 -0.29 -0.69 12.81
N SER A 90 -0.01 0.57 12.67
CA SER A 90 1.33 1.09 13.03
C SER A 90 1.24 2.59 13.31
N ALA A 91 2.11 3.10 14.15
CA ALA A 91 2.08 4.56 14.46
C ALA A 91 2.07 5.37 13.16
N LEU A 92 1.71 6.62 13.23
CA LEU A 92 1.70 7.46 11.99
C LEU A 92 3.04 8.16 11.83
N ASP A 93 3.85 7.72 10.91
CA ASP A 93 5.17 8.37 10.70
C ASP A 93 5.61 8.18 9.25
N ALA A 94 5.85 9.26 8.55
CA ALA A 94 6.28 9.15 7.13
C ALA A 94 7.42 8.12 7.02
N LYS A 95 8.54 8.41 7.61
CA LYS A 95 9.68 7.46 7.55
C LYS A 95 9.16 6.03 7.69
N LEU A 96 8.62 5.70 8.83
CA LEU A 96 8.09 4.32 9.03
C LEU A 96 7.35 3.88 7.77
N ILE A 97 6.38 4.64 7.35
CA ILE A 97 5.61 4.27 6.12
C ILE A 97 6.59 4.06 4.97
N ASP A 98 7.72 4.72 5.00
CA ASP A 98 8.71 4.55 3.90
C ASP A 98 9.33 3.16 3.98
N GLU A 99 9.89 2.81 5.10
CA GLU A 99 10.52 1.46 5.22
C GLU A 99 9.46 0.39 4.92
N GLN A 100 8.23 0.63 5.26
CA GLN A 100 7.17 -0.38 4.98
C GLN A 100 6.93 -0.46 3.47
N VAL A 101 6.52 0.61 2.87
CA VAL A 101 6.28 0.58 1.40
C VAL A 101 7.52 0.06 0.68
N GLU A 102 8.68 0.52 1.09
CA GLU A 102 9.94 0.05 0.45
C GLU A 102 10.02 -1.48 0.54
N LYS A 103 9.59 -2.04 1.64
CA LYS A 103 9.65 -3.51 1.79
C LYS A 103 8.68 -4.17 0.80
N LEU A 104 7.50 -3.61 0.67
CA LEU A 104 6.51 -4.20 -0.28
C LEU A 104 7.00 -3.99 -1.71
N VAL A 105 7.69 -2.91 -1.96
CA VAL A 105 8.20 -2.64 -3.33
C VAL A 105 9.28 -3.66 -3.70
N ASN A 106 10.12 -4.00 -2.77
CA ASN A 106 11.21 -4.98 -3.08
C ASN A 106 10.59 -6.36 -3.32
N LEU A 107 9.79 -6.84 -2.41
CA LEU A 107 9.16 -8.18 -2.59
C LEU A 107 8.34 -8.19 -3.89
N ALA A 108 7.48 -7.22 -4.06
CA ALA A 108 6.64 -7.17 -5.28
C ALA A 108 7.52 -7.42 -6.52
N GLU A 109 8.53 -6.62 -6.70
CA GLU A 109 9.42 -6.82 -7.88
C GLU A 109 10.19 -8.13 -7.75
N LYS A 110 10.23 -8.69 -6.57
CA LYS A 110 10.96 -9.98 -6.39
C LYS A 110 10.12 -11.13 -6.96
N PHE A 111 8.84 -10.95 -7.05
CA PHE A 111 7.98 -12.05 -7.59
C PHE A 111 7.49 -11.68 -8.99
N ASP A 112 6.51 -10.82 -9.09
CA ASP A 112 6.00 -10.44 -10.43
C ASP A 112 4.68 -9.67 -10.30
N ILE A 113 4.55 -8.89 -9.26
CA ILE A 113 3.29 -8.11 -9.07
C ILE A 113 3.60 -6.61 -9.07
N ILE A 114 2.64 -5.79 -9.37
CA ILE A 114 2.87 -4.32 -9.39
C ILE A 114 2.26 -3.69 -8.14
N TYR A 115 3.06 -3.04 -7.33
CA TYR A 115 2.52 -2.40 -6.10
C TYR A 115 2.26 -0.92 -6.35
N ASP A 116 1.02 -0.52 -6.38
CA ASP A 116 0.71 0.92 -6.63
C ASP A 116 -0.70 1.24 -6.13
N GLY A 117 -0.86 1.42 -4.85
CA GLY A 117 -2.21 1.73 -4.30
C GLY A 117 -2.16 1.69 -2.77
N TRP A 118 -1.48 2.63 -2.16
CA TRP A 118 -1.39 2.65 -0.68
C TRP A 118 -2.18 3.85 -0.12
N GLY A 119 -2.78 3.69 1.02
CA GLY A 119 -3.55 4.82 1.60
C GLY A 119 -3.84 4.54 3.08
N THR A 120 -4.41 5.48 3.78
CA THR A 120 -4.71 5.26 5.22
C THR A 120 -6.04 5.92 5.58
N TYR A 121 -6.55 5.66 6.75
CA TYR A 121 -7.84 6.27 7.16
C TYR A 121 -7.68 6.96 8.51
N TYR A 122 -8.17 8.16 8.65
CA TYR A 122 -8.03 8.87 9.95
C TYR A 122 -9.07 8.33 10.94
N GLU A 123 -8.67 8.13 12.16
CA GLU A 123 -9.63 7.60 13.18
C GLU A 123 -10.67 8.67 13.51
N GLY A 124 -11.84 8.56 12.96
CA GLY A 124 -12.89 9.58 13.25
C GLY A 124 -13.77 9.76 12.02
N LEU A 125 -14.22 10.96 11.77
CA LEU A 125 -15.07 11.22 10.57
C LEU A 125 -16.29 10.28 10.61
N GLU A 126 -17.05 10.33 11.67
CA GLU A 126 -18.25 9.45 11.76
C GLU A 126 -19.52 10.29 11.69
N HIS A 127 -19.45 11.44 11.08
CA HIS A 127 -20.66 12.30 10.97
C HIS A 127 -21.30 12.11 9.60
N HIS A 128 -22.04 11.06 9.41
CA HIS A 128 -22.68 10.81 8.10
C HIS A 128 -24.04 11.49 8.06
N HIS A 129 -24.09 12.78 8.24
CA HIS A 129 -25.39 13.50 8.21
C HIS A 129 -25.15 15.01 8.24
N HIS A 130 -25.21 15.64 7.10
CA HIS A 130 -25.00 17.12 7.05
C HIS A 130 -26.05 17.75 6.14
N HIS A 131 -26.94 16.94 5.60
CA HIS A 131 -27.99 17.49 4.71
C HIS A 131 -29.16 18.02 5.55
N HIS A 132 -28.87 18.85 6.51
CA HIS A 132 -29.96 19.39 7.38
C HIS A 132 -30.92 18.27 7.75
N MET A 1 12.28 -12.44 -26.89
CA MET A 1 12.30 -12.19 -25.42
C MET A 1 12.69 -10.74 -25.15
N SER A 2 12.16 -9.82 -25.90
CA SER A 2 12.51 -8.38 -25.70
C SER A 2 11.31 -7.51 -26.08
N HIS A 3 10.17 -7.78 -25.53
CA HIS A 3 8.97 -6.97 -25.87
C HIS A 3 9.03 -5.63 -25.14
N GLN A 4 8.00 -4.85 -25.22
CA GLN A 4 7.99 -3.53 -24.53
C GLN A 4 6.73 -3.42 -23.66
N ASP A 5 6.81 -2.69 -22.57
CA ASP A 5 5.62 -2.56 -21.68
C ASP A 5 5.83 -1.41 -20.70
N ASP A 6 5.87 -0.20 -21.19
CA ASP A 6 6.07 0.97 -20.28
C ASP A 6 6.98 0.57 -19.12
N TYR A 7 8.17 0.12 -19.41
CA TYR A 7 9.09 -0.29 -18.32
C TYR A 7 8.94 0.66 -17.13
N LEU A 8 8.62 0.15 -15.98
CA LEU A 8 8.45 1.01 -14.78
C LEU A 8 9.64 0.83 -13.84
N SER A 9 10.12 1.90 -13.27
CA SER A 9 11.28 1.78 -12.33
C SER A 9 10.82 2.03 -10.90
N VAL A 10 10.91 1.05 -10.05
CA VAL A 10 10.47 1.23 -8.64
C VAL A 10 11.09 2.50 -8.07
N GLU A 11 12.24 2.89 -8.57
CA GLU A 11 12.90 4.12 -8.06
C GLU A 11 11.94 5.31 -8.15
N GLU A 12 11.54 5.65 -9.35
CA GLU A 12 10.60 6.81 -9.51
C GLU A 12 9.36 6.59 -8.65
N LEU A 13 8.66 5.52 -8.85
CA LEU A 13 7.44 5.26 -8.04
C LEU A 13 7.72 5.57 -6.57
N ILE A 14 8.84 5.14 -6.06
CA ILE A 14 9.16 5.42 -4.63
C ILE A 14 9.25 6.93 -4.40
N GLU A 15 9.80 7.65 -5.35
CA GLU A 15 9.91 9.12 -5.19
C GLU A 15 8.50 9.72 -5.12
N ILE A 16 7.70 9.50 -6.12
CA ILE A 16 6.32 10.06 -6.11
C ILE A 16 5.61 9.64 -4.82
N GLN A 17 5.96 8.50 -4.29
CA GLN A 17 5.30 8.03 -3.04
C GLN A 17 5.82 8.85 -1.86
N LYS A 18 7.08 9.19 -1.86
CA LYS A 18 7.64 9.98 -0.74
C LYS A 18 6.98 11.35 -0.70
N GLU A 19 6.72 11.92 -1.85
CA GLU A 19 6.05 13.26 -1.88
C GLU A 19 4.59 13.11 -1.46
N GLU A 20 3.91 12.12 -1.98
CA GLU A 20 2.48 11.93 -1.61
C GLU A 20 2.38 11.70 -0.10
N THR A 21 3.09 10.73 0.41
CA THR A 21 3.03 10.47 1.87
C THR A 21 3.19 11.79 2.64
N ARG A 22 4.27 12.48 2.41
CA ARG A 22 4.48 13.77 3.13
C ARG A 22 3.23 14.63 2.99
N ASP A 23 2.60 14.61 1.85
CA ASP A 23 1.37 15.44 1.66
C ASP A 23 0.26 14.92 2.58
N ILE A 24 0.12 13.63 2.69
CA ILE A 24 -0.95 13.06 3.56
C ILE A 24 -0.56 13.27 5.03
N ILE A 25 0.51 12.66 5.47
CA ILE A 25 0.93 12.83 6.88
C ILE A 25 0.70 14.28 7.31
N GLN A 26 0.96 15.22 6.44
CA GLN A 26 0.74 16.65 6.80
C GLN A 26 -0.75 16.92 6.96
N ALA A 27 -1.53 16.61 5.97
CA ALA A 27 -3.00 16.85 6.05
C ALA A 27 -3.53 16.20 7.33
N LEU A 28 -3.20 14.97 7.57
CA LEU A 28 -3.69 14.28 8.80
C LEU A 28 -3.31 15.10 10.03
N LEU A 29 -2.04 15.41 10.18
CA LEU A 29 -1.61 16.22 11.35
C LEU A 29 -2.35 17.55 11.36
N GLU A 30 -2.90 17.95 10.25
CA GLU A 30 -3.65 19.24 10.20
C GLU A 30 -5.06 19.05 10.73
N ASP A 31 -5.63 17.88 10.56
CA ASP A 31 -7.01 17.64 11.04
C ASP A 31 -7.12 16.20 11.56
N GLY A 32 -6.05 15.64 12.05
CA GLY A 32 -6.12 14.23 12.56
C GLY A 32 -4.80 13.88 13.23
N SER A 33 -4.21 14.79 13.94
CA SER A 33 -2.91 14.48 14.62
C SER A 33 -3.09 13.30 15.57
N ASP A 34 -2.83 13.48 16.82
CA ASP A 34 -2.99 12.36 17.79
C ASP A 34 -2.19 11.16 17.31
N PRO A 35 -0.95 11.36 16.95
CA PRO A 35 -0.06 10.27 16.45
C PRO A 35 0.33 9.29 17.57
N ASP A 36 -0.10 9.56 18.78
CA ASP A 36 0.24 8.64 19.90
C ASP A 36 -0.81 7.54 20.00
N ALA A 37 -1.95 7.74 19.39
CA ALA A 37 -3.02 6.70 19.45
C ALA A 37 -2.60 5.50 18.61
N LEU A 38 -2.85 5.55 17.33
CA LEU A 38 -2.47 4.41 16.45
C LEU A 38 -3.11 4.59 15.07
N TYR A 39 -2.47 4.09 14.05
CA TYR A 39 -3.04 4.24 12.67
C TYR A 39 -2.87 2.92 11.91
N GLU A 40 -3.66 2.71 10.89
CA GLU A 40 -3.54 1.45 10.11
C GLU A 40 -3.21 1.78 8.66
N ILE A 41 -2.06 1.37 8.19
CA ILE A 41 -1.68 1.67 6.79
C ILE A 41 -2.25 0.58 5.87
N GLU A 42 -2.80 0.97 4.75
CA GLU A 42 -3.38 -0.05 3.82
C GLU A 42 -2.57 -0.09 2.53
N HIS A 43 -2.10 -1.25 2.15
CA HIS A 43 -1.31 -1.37 0.89
C HIS A 43 -2.05 -2.27 -0.09
N HIS A 44 -2.23 -1.81 -1.31
CA HIS A 44 -2.95 -2.64 -2.31
C HIS A 44 -1.97 -3.17 -3.36
N LEU A 45 -2.06 -4.44 -3.68
CA LEU A 45 -1.14 -5.02 -4.70
C LEU A 45 -1.93 -5.93 -5.63
N PHE A 46 -1.61 -5.94 -6.89
CA PHE A 46 -2.35 -6.81 -7.85
C PHE A 46 -1.39 -7.81 -8.49
N ALA A 47 -1.90 -8.91 -8.99
CA ALA A 47 -1.02 -9.92 -9.62
C ALA A 47 -1.70 -10.46 -10.90
N GLU A 48 -1.01 -11.27 -11.64
CA GLU A 48 -1.60 -11.83 -12.89
C GLU A 48 -1.86 -13.32 -12.70
N ASP A 49 -1.09 -13.98 -11.89
CA ASP A 49 -1.31 -15.43 -11.67
C ASP A 49 -1.65 -15.70 -10.20
N PHE A 50 -2.65 -16.49 -9.94
CA PHE A 50 -3.02 -16.77 -8.53
C PHE A 50 -1.85 -17.45 -7.82
N ASP A 51 -0.99 -18.10 -8.56
CA ASP A 51 0.17 -18.78 -7.93
C ASP A 51 1.03 -17.76 -7.17
N LYS A 52 1.76 -16.95 -7.90
CA LYS A 52 2.63 -15.94 -7.23
C LYS A 52 1.76 -15.05 -6.33
N LEU A 53 0.50 -14.93 -6.64
CA LEU A 53 -0.39 -14.07 -5.79
C LEU A 53 -0.49 -14.67 -4.38
N GLU A 54 -0.85 -15.92 -4.28
CA GLU A 54 -0.95 -16.55 -2.94
C GLU A 54 0.43 -16.58 -2.29
N LYS A 55 1.47 -16.63 -3.08
CA LYS A 55 2.84 -16.67 -2.52
C LYS A 55 3.14 -15.32 -1.85
N ALA A 56 3.26 -14.28 -2.63
CA ALA A 56 3.55 -12.94 -2.04
C ALA A 56 2.59 -12.69 -0.87
N ALA A 57 1.32 -12.92 -1.07
CA ALA A 57 0.35 -12.70 0.04
C ALA A 57 0.81 -13.46 1.28
N VAL A 58 0.89 -14.76 1.19
CA VAL A 58 1.33 -15.57 2.36
C VAL A 58 2.61 -14.97 2.92
N GLU A 59 3.47 -14.48 2.06
CA GLU A 59 4.75 -13.88 2.54
C GLU A 59 4.44 -12.67 3.43
N ALA A 60 3.64 -11.77 2.95
CA ALA A 60 3.29 -10.57 3.76
C ALA A 60 2.55 -11.03 5.02
N PHE A 61 1.61 -11.91 4.89
CA PHE A 61 0.86 -12.39 6.08
C PHE A 61 1.85 -12.85 7.15
N LYS A 62 2.95 -13.43 6.75
CA LYS A 62 3.96 -13.89 7.74
C LYS A 62 4.65 -12.69 8.36
N MET A 63 5.19 -11.82 7.55
CA MET A 63 5.88 -10.62 8.10
C MET A 63 5.05 -10.03 9.25
N GLY A 64 3.78 -9.84 9.03
CA GLY A 64 2.92 -9.26 10.11
C GLY A 64 1.88 -8.33 9.49
N PHE A 65 1.42 -8.63 8.31
CA PHE A 65 0.42 -7.74 7.65
C PHE A 65 -0.95 -8.44 7.66
N GLU A 66 -2.01 -7.69 7.62
CA GLU A 66 -3.37 -8.30 7.62
C GLU A 66 -3.86 -8.43 6.18
N VAL A 67 -3.33 -9.37 5.44
CA VAL A 67 -3.76 -9.56 4.03
C VAL A 67 -5.30 -9.52 3.96
N LEU A 68 -5.84 -8.97 2.90
CA LEU A 68 -7.31 -8.92 2.77
C LEU A 68 -7.73 -9.49 1.41
N GLU A 69 -8.75 -10.30 1.39
CA GLU A 69 -9.20 -10.90 0.10
C GLU A 69 -9.11 -9.84 -1.00
N ALA A 70 -9.10 -10.25 -2.24
CA ALA A 70 -9.00 -9.27 -3.35
C ALA A 70 -10.37 -9.11 -4.03
N GLU A 71 -10.46 -8.24 -4.99
CA GLU A 71 -11.77 -8.04 -5.69
C GLU A 71 -11.53 -8.07 -7.20
N GLU A 72 -12.16 -8.98 -7.89
CA GLU A 72 -11.97 -9.07 -9.37
C GLU A 72 -12.37 -7.74 -10.02
N THR A 73 -11.43 -6.83 -10.14
CA THR A 73 -11.75 -5.53 -10.79
C THR A 73 -11.04 -5.43 -12.13
N GLU A 74 -10.51 -4.28 -12.46
CA GLU A 74 -9.80 -4.14 -13.76
C GLU A 74 -9.02 -2.82 -13.77
N ASP A 75 -7.88 -2.80 -14.41
CA ASP A 75 -7.08 -1.55 -14.45
C ASP A 75 -7.66 -0.61 -15.51
N GLU A 76 -8.95 -0.41 -15.48
CA GLU A 76 -9.57 0.49 -16.49
C GLU A 76 -9.10 0.10 -17.89
N ASP A 77 -8.48 -1.05 -18.01
CA ASP A 77 -7.99 -1.50 -19.34
C ASP A 77 -8.80 -2.71 -19.80
N GLY A 78 -9.70 -3.18 -18.99
CA GLY A 78 -10.52 -4.36 -19.38
C GLY A 78 -9.71 -5.64 -19.18
N ASN A 79 -9.00 -5.74 -18.09
CA ASN A 79 -8.18 -6.96 -17.83
C ASN A 79 -8.47 -7.50 -16.43
N LYS A 80 -9.41 -8.39 -16.30
CA LYS A 80 -9.73 -8.93 -14.95
C LYS A 80 -8.43 -9.23 -14.20
N LEU A 81 -8.20 -8.57 -13.10
CA LEU A 81 -6.95 -8.83 -12.33
C LEU A 81 -7.29 -8.89 -10.84
N LEU A 82 -6.65 -9.78 -10.12
CA LEU A 82 -6.94 -9.88 -8.67
C LEU A 82 -6.17 -8.80 -7.89
N CYS A 83 -6.85 -8.09 -7.04
CA CYS A 83 -6.17 -7.02 -6.25
C CYS A 83 -6.37 -7.29 -4.75
N PHE A 84 -5.38 -7.84 -4.10
CA PHE A 84 -5.52 -8.13 -2.65
C PHE A 84 -5.00 -6.94 -1.84
N ASP A 85 -5.59 -6.67 -0.71
CA ASP A 85 -5.13 -5.52 0.12
C ASP A 85 -4.39 -6.03 1.36
N ALA A 86 -3.66 -5.18 2.01
CA ALA A 86 -2.91 -5.61 3.23
C ALA A 86 -2.93 -4.47 4.26
N THR A 87 -3.32 -4.77 5.47
CA THR A 87 -3.37 -3.70 6.51
C THR A 87 -2.23 -3.91 7.53
N MET A 88 -1.60 -2.85 7.94
CA MET A 88 -0.49 -2.98 8.93
C MET A 88 -0.71 -1.99 10.07
N GLN A 89 -1.23 -2.44 11.18
CA GLN A 89 -1.48 -1.52 12.32
C GLN A 89 -0.15 -1.03 12.89
N SER A 90 0.05 0.27 12.93
CA SER A 90 1.33 0.80 13.47
C SER A 90 1.17 2.31 13.74
N ALA A 91 2.12 2.91 14.39
CA ALA A 91 2.01 4.38 14.67
C ALA A 91 1.99 5.16 13.36
N LEU A 92 1.92 6.45 13.42
CA LEU A 92 1.89 7.27 12.18
C LEU A 92 3.22 8.00 12.00
N ASP A 93 4.10 7.46 11.20
CA ASP A 93 5.41 8.11 10.98
C ASP A 93 5.82 7.97 9.51
N ALA A 94 5.77 9.03 8.76
CA ALA A 94 6.13 8.94 7.32
C ALA A 94 7.35 8.01 7.15
N LYS A 95 8.50 8.47 7.55
CA LYS A 95 9.73 7.63 7.41
C LYS A 95 9.36 6.14 7.58
N LEU A 96 8.84 5.78 8.72
CA LEU A 96 8.46 4.36 8.94
C LEU A 96 7.64 3.86 7.74
N ILE A 97 6.69 4.63 7.30
CA ILE A 97 5.86 4.20 6.14
C ILE A 97 6.77 3.96 4.94
N ASP A 98 7.92 4.61 4.90
CA ASP A 98 8.84 4.41 3.75
C ASP A 98 9.52 3.05 3.88
N GLU A 99 9.92 2.68 5.06
CA GLU A 99 10.59 1.36 5.26
C GLU A 99 9.60 0.25 4.93
N GLN A 100 8.36 0.42 5.32
CA GLN A 100 7.34 -0.63 5.03
C GLN A 100 7.02 -0.63 3.53
N VAL A 101 6.77 0.52 2.97
CA VAL A 101 6.45 0.58 1.52
C VAL A 101 7.62 -0.02 0.73
N GLU A 102 8.82 0.40 1.02
CA GLU A 102 10.00 -0.16 0.30
C GLU A 102 10.02 -1.67 0.46
N LYS A 103 9.77 -2.15 1.65
CA LYS A 103 9.76 -3.62 1.87
C LYS A 103 8.72 -4.26 0.93
N LEU A 104 7.57 -3.66 0.82
CA LEU A 104 6.53 -4.22 -0.09
C LEU A 104 7.01 -4.11 -1.54
N VAL A 105 7.86 -3.15 -1.81
CA VAL A 105 8.37 -2.98 -3.19
C VAL A 105 9.35 -4.11 -3.51
N ASN A 106 10.49 -4.12 -2.87
CA ASN A 106 11.48 -5.19 -3.12
C ASN A 106 10.75 -6.55 -3.19
N LEU A 107 9.74 -6.71 -2.39
CA LEU A 107 8.99 -8.00 -2.39
C LEU A 107 8.20 -8.12 -3.70
N ALA A 108 7.37 -7.15 -3.99
CA ALA A 108 6.57 -7.21 -5.25
C ALA A 108 7.47 -7.67 -6.40
N GLU A 109 8.57 -7.00 -6.61
CA GLU A 109 9.49 -7.40 -7.72
C GLU A 109 10.11 -8.76 -7.40
N LYS A 110 10.16 -9.12 -6.14
CA LYS A 110 10.77 -10.43 -5.78
C LYS A 110 9.94 -11.57 -6.38
N PHE A 111 8.64 -11.38 -6.48
CA PHE A 111 7.79 -12.46 -7.06
C PHE A 111 7.42 -12.09 -8.50
N ASP A 112 6.50 -11.19 -8.67
CA ASP A 112 6.10 -10.80 -10.05
C ASP A 112 4.81 -9.96 -9.99
N ILE A 113 4.66 -9.19 -8.96
CA ILE A 113 3.43 -8.35 -8.83
C ILE A 113 3.83 -6.87 -8.83
N ILE A 114 2.88 -5.98 -8.73
CA ILE A 114 3.21 -4.53 -8.73
C ILE A 114 2.63 -3.87 -7.47
N TYR A 115 3.27 -2.84 -7.00
CA TYR A 115 2.75 -2.13 -5.79
C TYR A 115 2.55 -0.65 -6.10
N ASP A 116 1.38 -0.28 -6.53
CA ASP A 116 1.12 1.16 -6.85
C ASP A 116 -0.28 1.55 -6.38
N GLY A 117 -0.51 1.54 -5.10
CA GLY A 117 -1.86 1.92 -4.58
C GLY A 117 -1.90 1.76 -3.06
N TRP A 118 -1.45 2.75 -2.34
CA TRP A 118 -1.48 2.66 -0.85
C TRP A 118 -2.34 3.80 -0.30
N GLY A 119 -3.01 3.58 0.80
CA GLY A 119 -3.86 4.66 1.38
C GLY A 119 -4.17 4.35 2.85
N THR A 120 -4.41 5.37 3.64
CA THR A 120 -4.73 5.14 5.07
C THR A 120 -5.92 6.01 5.47
N TYR A 121 -6.61 5.65 6.52
CA TYR A 121 -7.78 6.46 6.95
C TYR A 121 -7.68 6.75 8.45
N TYR A 122 -8.36 7.76 8.92
CA TYR A 122 -8.30 8.10 10.37
C TYR A 122 -9.45 7.40 11.10
N GLU A 123 -9.55 7.61 12.39
CA GLU A 123 -10.64 6.95 13.17
C GLU A 123 -11.91 7.79 13.07
N GLY A 124 -13.01 7.29 13.59
CA GLY A 124 -14.28 8.05 13.53
C GLY A 124 -14.40 8.76 12.18
N LEU A 125 -14.43 8.01 11.11
CA LEU A 125 -14.56 8.64 9.77
C LEU A 125 -15.65 7.94 8.98
N GLU A 126 -16.69 8.65 8.62
CA GLU A 126 -17.80 8.02 7.85
C GLU A 126 -17.52 8.13 6.35
N HIS A 127 -17.13 9.29 5.89
CA HIS A 127 -16.84 9.46 4.44
C HIS A 127 -16.16 10.80 4.20
N HIS A 128 -15.02 10.80 3.55
CA HIS A 128 -14.30 12.07 3.29
C HIS A 128 -15.00 12.82 2.15
N HIS A 129 -14.89 12.31 0.95
CA HIS A 129 -15.54 13.00 -0.20
C HIS A 129 -17.05 13.06 0.03
N HIS A 130 -17.68 14.12 -0.37
CA HIS A 130 -19.16 14.25 -0.17
C HIS A 130 -19.88 13.90 -1.49
N HIS A 131 -20.43 12.73 -1.56
CA HIS A 131 -21.16 12.33 -2.81
C HIS A 131 -22.66 12.23 -2.51
N HIS A 132 -23.43 11.86 -3.50
CA HIS A 132 -24.90 11.74 -3.28
C HIS A 132 -25.39 10.39 -3.84
N MET A 1 17.62 -10.94 -28.23
CA MET A 1 17.99 -9.60 -28.74
C MET A 1 16.76 -8.70 -28.77
N SER A 2 16.85 -7.52 -28.22
CA SER A 2 15.68 -6.60 -28.21
C SER A 2 16.18 -5.16 -28.39
N HIS A 3 15.69 -4.25 -27.59
CA HIS A 3 16.14 -2.83 -27.74
C HIS A 3 15.89 -2.09 -26.41
N GLN A 4 14.77 -1.46 -26.27
CA GLN A 4 14.48 -0.73 -25.01
C GLN A 4 13.17 -1.22 -24.41
N ASP A 5 13.22 -2.29 -23.66
CA ASP A 5 11.98 -2.82 -23.03
C ASP A 5 11.56 -1.92 -21.87
N ASP A 6 10.45 -2.21 -21.25
CA ASP A 6 10.00 -1.36 -20.11
C ASP A 6 10.68 -1.84 -18.82
N TYR A 7 11.51 -1.02 -18.24
CA TYR A 7 12.19 -1.43 -16.97
C TYR A 7 11.92 -0.38 -15.89
N LEU A 8 10.88 -0.56 -15.13
CA LEU A 8 10.57 0.41 -14.05
C LEU A 8 11.78 0.57 -13.13
N SER A 9 11.62 1.30 -12.06
CA SER A 9 12.76 1.48 -11.12
C SER A 9 12.22 1.88 -9.75
N VAL A 10 12.24 0.98 -8.80
CA VAL A 10 11.73 1.31 -7.44
C VAL A 10 12.36 2.63 -6.97
N GLU A 11 13.45 3.02 -7.57
CA GLU A 11 14.11 4.29 -7.15
C GLU A 11 13.17 5.46 -7.43
N GLU A 12 12.57 5.49 -8.58
CA GLU A 12 11.64 6.61 -8.91
C GLU A 12 10.32 6.41 -8.16
N LEU A 13 9.66 5.30 -8.38
CA LEU A 13 8.38 5.05 -7.67
C LEU A 13 8.53 5.41 -6.18
N ILE A 14 9.65 5.07 -5.60
CA ILE A 14 9.86 5.38 -4.16
C ILE A 14 9.90 6.90 -3.97
N GLU A 15 10.92 7.55 -4.48
CA GLU A 15 11.00 9.03 -4.34
C GLU A 15 9.60 9.63 -4.43
N ILE A 16 8.80 9.15 -5.35
CA ILE A 16 7.43 9.71 -5.49
C ILE A 16 6.60 9.33 -4.26
N GLN A 17 6.41 8.07 -4.01
CA GLN A 17 5.62 7.65 -2.82
C GLN A 17 6.09 8.44 -1.60
N LYS A 18 7.36 8.70 -1.51
CA LYS A 18 7.88 9.47 -0.35
C LYS A 18 7.24 10.86 -0.35
N GLU A 19 7.50 11.64 -1.35
CA GLU A 19 6.90 12.99 -1.41
C GLU A 19 5.39 12.90 -1.14
N GLU A 20 4.68 12.18 -1.97
CA GLU A 20 3.22 12.04 -1.76
C GLU A 20 2.95 11.75 -0.28
N THR A 21 3.39 10.62 0.19
CA THR A 21 3.17 10.27 1.62
C THR A 21 3.33 11.53 2.48
N ARG A 22 4.50 12.08 2.54
CA ARG A 22 4.71 13.31 3.35
C ARG A 22 3.54 14.27 3.13
N ASP A 23 3.02 14.31 1.93
CA ASP A 23 1.88 15.22 1.65
C ASP A 23 0.70 14.86 2.55
N ILE A 24 0.37 13.59 2.63
CA ILE A 24 -0.77 13.18 3.49
C ILE A 24 -0.41 13.41 4.95
N ILE A 25 0.64 12.80 5.43
CA ILE A 25 1.04 13.01 6.85
C ILE A 25 0.88 14.48 7.21
N GLN A 26 1.42 15.36 6.42
CA GLN A 26 1.29 16.82 6.72
C GLN A 26 -0.18 17.17 6.92
N ALA A 27 -1.02 16.78 6.00
CA ALA A 27 -2.47 17.09 6.13
C ALA A 27 -3.01 16.47 7.42
N LEU A 28 -3.10 15.16 7.47
CA LEU A 28 -3.61 14.50 8.70
C LEU A 28 -3.12 15.26 9.93
N LEU A 29 -1.93 15.77 9.89
CA LEU A 29 -1.40 16.53 11.05
C LEU A 29 -2.12 17.88 11.15
N GLU A 30 -2.25 18.58 10.06
CA GLU A 30 -2.95 19.89 10.09
C GLU A 30 -4.41 19.69 10.51
N ASP A 31 -4.98 18.57 10.15
CA ASP A 31 -6.40 18.30 10.53
C ASP A 31 -6.52 18.19 12.05
N GLY A 32 -5.47 17.74 12.70
CA GLY A 32 -5.53 17.61 14.18
C GLY A 32 -5.55 16.13 14.56
N SER A 33 -5.09 15.28 13.68
CA SER A 33 -5.08 13.82 13.99
C SER A 33 -4.32 13.57 15.28
N ASP A 34 -4.07 12.33 15.61
CA ASP A 34 -3.33 12.02 16.86
C ASP A 34 -2.41 10.82 16.63
N PRO A 35 -1.22 11.07 16.16
CA PRO A 35 -0.21 10.00 15.88
C PRO A 35 -0.01 9.05 17.08
N ASP A 36 -0.09 9.57 18.27
CA ASP A 36 0.10 8.71 19.47
C ASP A 36 -1.10 7.79 19.65
N ALA A 37 -1.96 7.72 18.66
CA ALA A 37 -3.15 6.84 18.77
C ALA A 37 -3.00 5.63 17.83
N LEU A 38 -1.82 5.41 17.32
CA LEU A 38 -1.61 4.27 16.40
C LEU A 38 -2.42 4.48 15.12
N TYR A 39 -1.90 4.08 14.00
CA TYR A 39 -2.64 4.27 12.72
C TYR A 39 -2.64 2.95 11.93
N GLU A 40 -3.66 2.72 11.15
CA GLU A 40 -3.71 1.47 10.35
C GLU A 40 -3.39 1.79 8.89
N ILE A 41 -2.36 1.20 8.34
CA ILE A 41 -2.00 1.48 6.93
C ILE A 41 -2.65 0.43 6.03
N GLU A 42 -3.19 0.84 4.91
CA GLU A 42 -3.84 -0.12 3.98
C GLU A 42 -3.03 -0.21 2.68
N HIS A 43 -2.83 -1.39 2.17
CA HIS A 43 -2.05 -1.53 0.91
C HIS A 43 -2.83 -2.40 -0.08
N HIS A 44 -3.04 -1.90 -1.27
CA HIS A 44 -3.79 -2.71 -2.28
C HIS A 44 -2.82 -3.24 -3.33
N LEU A 45 -2.64 -4.53 -3.39
CA LEU A 45 -1.70 -5.11 -4.40
C LEU A 45 -2.47 -6.04 -5.33
N PHE A 46 -2.06 -6.13 -6.56
CA PHE A 46 -2.76 -7.02 -7.52
C PHE A 46 -1.73 -7.86 -8.29
N ALA A 47 -2.15 -8.95 -8.87
CA ALA A 47 -1.19 -9.81 -9.62
C ALA A 47 -1.89 -10.38 -10.86
N GLU A 48 -1.12 -10.81 -11.83
CA GLU A 48 -1.74 -11.38 -13.06
C GLU A 48 -1.75 -12.91 -12.96
N ASP A 49 -1.04 -13.46 -12.01
CA ASP A 49 -1.00 -14.94 -11.86
C ASP A 49 -1.58 -15.32 -10.49
N PHE A 50 -2.58 -16.17 -10.47
CA PHE A 50 -3.18 -16.57 -9.17
C PHE A 50 -2.12 -17.25 -8.32
N ASP A 51 -1.15 -17.86 -8.94
CA ASP A 51 -0.07 -18.53 -8.15
C ASP A 51 0.85 -17.47 -7.56
N LYS A 52 1.24 -16.51 -8.35
CA LYS A 52 2.13 -15.44 -7.84
C LYS A 52 1.39 -14.63 -6.78
N LEU A 53 0.09 -14.72 -6.77
CA LEU A 53 -0.71 -13.97 -5.76
C LEU A 53 -0.60 -14.68 -4.41
N GLU A 54 -0.89 -15.94 -4.36
CA GLU A 54 -0.80 -16.69 -3.07
C GLU A 54 0.64 -16.66 -2.57
N LYS A 55 1.59 -16.74 -3.46
CA LYS A 55 3.02 -16.72 -3.02
C LYS A 55 3.34 -15.37 -2.36
N ALA A 56 3.28 -14.31 -3.11
CA ALA A 56 3.59 -12.97 -2.52
C ALA A 56 2.68 -12.71 -1.31
N ALA A 57 1.40 -12.89 -1.48
CA ALA A 57 0.47 -12.65 -0.34
C ALA A 57 0.92 -13.46 0.88
N VAL A 58 1.25 -14.70 0.69
CA VAL A 58 1.70 -15.54 1.84
C VAL A 58 2.84 -14.83 2.58
N GLU A 59 3.95 -14.60 1.92
CA GLU A 59 5.08 -13.91 2.59
C GLU A 59 4.59 -12.64 3.27
N ALA A 60 3.50 -12.08 2.80
CA ALA A 60 2.98 -10.83 3.43
C ALA A 60 2.38 -11.15 4.79
N PHE A 61 1.54 -12.16 4.86
CA PHE A 61 0.92 -12.52 6.17
C PHE A 61 2.01 -12.98 7.14
N LYS A 62 3.05 -13.59 6.64
CA LYS A 62 4.14 -14.07 7.54
C LYS A 62 4.90 -12.86 8.10
N MET A 63 5.02 -11.81 7.33
CA MET A 63 5.76 -10.61 7.82
C MET A 63 4.91 -9.89 8.88
N GLY A 64 3.66 -9.69 8.61
CA GLY A 64 2.79 -8.99 9.61
C GLY A 64 1.74 -8.15 8.88
N PHE A 65 1.55 -8.39 7.61
CA PHE A 65 0.53 -7.61 6.85
C PHE A 65 -0.77 -8.40 6.78
N GLU A 66 -1.80 -7.92 7.42
CA GLU A 66 -3.10 -8.65 7.39
C GLU A 66 -3.58 -8.76 5.94
N VAL A 67 -3.12 -9.74 5.23
CA VAL A 67 -3.54 -9.92 3.80
C VAL A 67 -5.05 -10.17 3.75
N LEU A 68 -5.73 -9.55 2.82
CA LEU A 68 -7.20 -9.77 2.70
C LEU A 68 -7.50 -10.46 1.37
N GLU A 69 -8.42 -11.39 1.37
CA GLU A 69 -8.76 -12.10 0.11
C GLU A 69 -8.96 -11.08 -1.02
N ALA A 70 -8.69 -11.46 -2.23
CA ALA A 70 -8.88 -10.51 -3.36
C ALA A 70 -10.17 -10.84 -4.10
N GLU A 71 -10.65 -9.92 -4.89
CA GLU A 71 -11.91 -10.18 -5.66
C GLU A 71 -11.65 -9.94 -7.15
N GLU A 72 -12.18 -10.77 -8.00
CA GLU A 72 -11.95 -10.60 -9.46
C GLU A 72 -12.52 -9.24 -9.91
N THR A 73 -11.69 -8.41 -10.47
CA THR A 73 -12.17 -7.07 -10.93
C THR A 73 -11.80 -6.88 -12.40
N GLU A 74 -11.88 -5.68 -12.90
CA GLU A 74 -11.52 -5.44 -14.32
C GLU A 74 -10.76 -4.11 -14.44
N ASP A 75 -9.74 -4.07 -15.24
CA ASP A 75 -8.96 -2.82 -15.41
C ASP A 75 -9.54 -2.03 -16.59
N GLU A 76 -8.91 -0.94 -16.95
CA GLU A 76 -9.43 -0.13 -18.09
C GLU A 76 -9.10 -0.84 -19.41
N ASP A 77 -9.03 -2.14 -19.39
CA ASP A 77 -8.71 -2.89 -20.64
C ASP A 77 -9.44 -4.23 -20.63
N GLY A 78 -9.33 -4.96 -19.55
CA GLY A 78 -10.02 -6.28 -19.48
C GLY A 78 -8.98 -7.39 -19.31
N ASN A 79 -8.14 -7.29 -18.31
CA ASN A 79 -7.11 -8.33 -18.09
C ASN A 79 -7.55 -9.26 -16.96
N LYS A 80 -8.68 -9.01 -16.37
CA LYS A 80 -9.15 -9.88 -15.26
C LYS A 80 -8.00 -10.16 -14.29
N LEU A 81 -7.89 -9.40 -13.25
CA LEU A 81 -6.78 -9.62 -12.28
C LEU A 81 -7.34 -9.69 -10.86
N LEU A 82 -6.56 -10.17 -9.92
CA LEU A 82 -7.05 -10.27 -8.51
C LEU A 82 -6.37 -9.20 -7.67
N CYS A 83 -7.09 -8.57 -6.78
CA CYS A 83 -6.48 -7.52 -5.93
C CYS A 83 -6.72 -7.85 -4.45
N PHE A 84 -5.69 -8.26 -3.75
CA PHE A 84 -5.86 -8.58 -2.30
C PHE A 84 -5.53 -7.33 -1.47
N ASP A 85 -6.13 -7.20 -0.32
CA ASP A 85 -5.83 -6.00 0.52
C ASP A 85 -4.91 -6.39 1.67
N ALA A 86 -4.10 -5.47 2.12
CA ALA A 86 -3.17 -5.78 3.25
C ALA A 86 -3.30 -4.70 4.33
N THR A 87 -3.26 -5.09 5.58
CA THR A 87 -3.38 -4.09 6.67
C THR A 87 -2.18 -4.22 7.62
N MET A 88 -1.71 -3.11 8.13
CA MET A 88 -0.54 -3.18 9.06
C MET A 88 -0.62 -2.04 10.07
N GLN A 89 -0.78 -2.36 11.32
CA GLN A 89 -0.88 -1.29 12.35
C GLN A 89 0.52 -0.72 12.63
N SER A 90 0.64 0.58 12.68
CA SER A 90 1.97 1.20 12.93
C SER A 90 1.80 2.68 13.24
N ALA A 91 2.79 3.29 13.83
CA ALA A 91 2.68 4.74 14.17
C ALA A 91 2.67 5.56 12.87
N LEU A 92 1.78 6.50 12.76
CA LEU A 92 1.71 7.33 11.52
C LEU A 92 2.98 8.19 11.42
N ASP A 93 4.04 7.64 10.87
CA ASP A 93 5.30 8.43 10.76
C ASP A 93 5.86 8.26 9.35
N ALA A 94 6.13 9.35 8.67
CA ALA A 94 6.68 9.25 7.29
C ALA A 94 7.82 8.23 7.27
N LYS A 95 8.84 8.45 8.04
CA LYS A 95 9.98 7.49 8.07
C LYS A 95 9.44 6.06 8.13
N LEU A 96 8.51 5.79 9.01
CA LEU A 96 7.95 4.42 9.11
C LEU A 96 7.34 4.02 7.78
N ILE A 97 6.42 4.80 7.27
CA ILE A 97 5.78 4.45 5.97
C ILE A 97 6.85 4.30 4.89
N ASP A 98 7.99 4.90 5.07
CA ASP A 98 9.06 4.79 4.04
C ASP A 98 9.58 3.35 4.01
N GLU A 99 10.00 2.85 5.14
CA GLU A 99 10.52 1.45 5.17
C GLU A 99 9.37 0.47 4.90
N GLN A 100 8.20 0.78 5.38
CA GLN A 100 7.04 -0.13 5.16
C GLN A 100 6.79 -0.27 3.65
N VAL A 101 6.70 0.83 2.95
CA VAL A 101 6.46 0.76 1.49
C VAL A 101 7.65 0.08 0.80
N GLU A 102 8.85 0.45 1.17
CA GLU A 102 10.05 -0.18 0.55
C GLU A 102 9.98 -1.70 0.73
N LYS A 103 9.36 -2.15 1.77
CA LYS A 103 9.26 -3.63 2.00
C LYS A 103 8.27 -4.23 1.00
N LEU A 104 7.12 -3.63 0.85
CA LEU A 104 6.12 -4.18 -0.11
C LEU A 104 6.64 -4.02 -1.54
N VAL A 105 7.28 -2.92 -1.82
CA VAL A 105 7.81 -2.72 -3.20
C VAL A 105 8.93 -3.73 -3.47
N ASN A 106 9.72 -4.03 -2.47
CA ASN A 106 10.82 -5.01 -2.67
C ASN A 106 10.23 -6.39 -2.95
N LEU A 107 9.44 -6.90 -2.05
CA LEU A 107 8.82 -8.24 -2.26
C LEU A 107 7.99 -8.21 -3.55
N ALA A 108 7.36 -7.10 -3.83
CA ALA A 108 6.54 -7.00 -5.06
C ALA A 108 7.43 -7.11 -6.30
N GLU A 109 8.39 -6.25 -6.43
CA GLU A 109 9.29 -6.30 -7.61
C GLU A 109 10.05 -7.63 -7.62
N LYS A 110 10.12 -8.29 -6.50
CA LYS A 110 10.86 -9.59 -6.46
C LYS A 110 9.94 -10.72 -6.97
N PHE A 111 8.66 -10.52 -6.89
CA PHE A 111 7.72 -11.59 -7.35
C PHE A 111 7.21 -11.26 -8.76
N ASP A 112 6.29 -10.35 -8.88
CA ASP A 112 5.76 -9.99 -10.22
C ASP A 112 4.43 -9.26 -10.07
N ILE A 113 4.30 -8.45 -9.06
CA ILE A 113 3.01 -7.71 -8.86
C ILE A 113 3.29 -6.20 -8.89
N ILE A 114 2.27 -5.40 -8.87
CA ILE A 114 2.49 -3.93 -8.90
C ILE A 114 2.05 -3.32 -7.56
N TYR A 115 2.83 -2.44 -7.02
CA TYR A 115 2.45 -1.81 -5.71
C TYR A 115 2.04 -0.36 -5.96
N ASP A 116 0.78 -0.14 -6.22
CA ASP A 116 0.31 1.27 -6.47
C ASP A 116 -1.11 1.43 -5.93
N GLY A 117 -1.26 1.59 -4.64
CA GLY A 117 -2.62 1.76 -4.07
C GLY A 117 -2.56 1.69 -2.53
N TRP A 118 -1.86 2.60 -1.92
CA TRP A 118 -1.76 2.59 -0.43
C TRP A 118 -2.50 3.81 0.13
N GLY A 119 -2.79 3.81 1.40
CA GLY A 119 -3.50 4.98 1.99
C GLY A 119 -3.97 4.63 3.41
N THR A 120 -4.25 5.62 4.21
CA THR A 120 -4.71 5.36 5.61
C THR A 120 -6.13 5.89 5.77
N TYR A 121 -6.80 5.51 6.83
CA TYR A 121 -8.19 6.00 7.05
C TYR A 121 -8.30 6.61 8.45
N TYR A 122 -9.27 7.47 8.66
CA TYR A 122 -9.42 8.10 10.00
C TYR A 122 -9.77 7.03 11.03
N GLU A 123 -8.80 6.27 11.46
CA GLU A 123 -9.08 5.21 12.48
C GLU A 123 -10.41 4.53 12.16
N GLY A 124 -10.56 4.01 10.98
CA GLY A 124 -11.83 3.33 10.61
C GLY A 124 -13.00 4.30 10.79
N LEU A 125 -13.90 4.32 9.84
CA LEU A 125 -15.08 5.25 9.95
C LEU A 125 -16.05 4.97 8.80
N GLU A 126 -17.27 4.61 9.12
CA GLU A 126 -18.26 4.33 8.04
C GLU A 126 -19.63 4.84 8.47
N HIS A 127 -19.86 6.12 8.35
CA HIS A 127 -21.18 6.69 8.75
C HIS A 127 -21.22 8.17 8.39
N HIS A 128 -21.25 8.48 7.13
CA HIS A 128 -21.29 9.91 6.70
C HIS A 128 -22.26 10.08 5.53
N HIS A 129 -22.23 11.20 4.88
CA HIS A 129 -23.15 11.43 3.73
C HIS A 129 -22.41 11.14 2.42
N HIS A 130 -22.84 11.71 1.33
CA HIS A 130 -22.16 11.46 0.03
C HIS A 130 -22.65 12.48 -1.00
N HIS A 131 -23.54 13.35 -0.62
CA HIS A 131 -24.04 14.36 -1.59
C HIS A 131 -23.05 15.51 -1.69
N HIS A 132 -22.15 15.45 -2.63
CA HIS A 132 -21.15 16.54 -2.78
C HIS A 132 -21.58 17.48 -3.92
N MET A 1 21.99 -8.25 -19.78
CA MET A 1 20.80 -7.34 -19.80
C MET A 1 20.82 -6.53 -21.10
N SER A 2 20.22 -7.03 -22.14
CA SER A 2 20.18 -6.28 -23.43
C SER A 2 19.59 -4.90 -23.20
N HIS A 3 18.89 -4.37 -24.18
CA HIS A 3 18.29 -3.02 -24.02
C HIS A 3 16.79 -3.16 -23.75
N GLN A 4 16.27 -2.38 -22.84
CA GLN A 4 14.82 -2.45 -22.53
C GLN A 4 14.09 -1.28 -23.19
N ASP A 5 14.06 -0.15 -22.55
CA ASP A 5 13.37 1.02 -23.14
C ASP A 5 13.39 2.19 -22.13
N ASP A 6 12.65 2.08 -21.06
CA ASP A 6 12.63 3.16 -20.05
C ASP A 6 13.81 2.98 -19.09
N TYR A 7 14.49 4.04 -18.77
CA TYR A 7 15.64 3.93 -17.84
C TYR A 7 15.15 4.05 -16.39
N LEU A 8 15.62 3.19 -15.52
CA LEU A 8 15.18 3.25 -14.10
C LEU A 8 13.67 3.07 -14.03
N SER A 9 13.16 2.83 -12.85
CA SER A 9 11.68 2.64 -12.70
C SER A 9 11.34 2.53 -11.21
N VAL A 10 11.65 1.42 -10.60
CA VAL A 10 11.35 1.25 -9.16
C VAL A 10 11.67 2.55 -8.41
N GLU A 11 12.59 3.32 -8.91
CA GLU A 11 12.96 4.59 -8.24
C GLU A 11 11.85 5.62 -8.48
N GLU A 12 11.18 5.54 -9.60
CA GLU A 12 10.10 6.52 -9.89
C GLU A 12 8.94 6.29 -8.95
N LEU A 13 8.57 5.05 -8.73
CA LEU A 13 7.44 4.75 -7.82
C LEU A 13 7.78 5.20 -6.40
N ILE A 14 8.80 4.63 -5.82
CA ILE A 14 9.19 5.03 -4.44
C ILE A 14 9.30 6.55 -4.34
N GLU A 15 10.04 7.16 -5.23
CA GLU A 15 10.18 8.65 -5.20
C GLU A 15 8.81 9.29 -4.97
N ILE A 16 7.91 9.15 -5.89
CA ILE A 16 6.56 9.77 -5.73
C ILE A 16 5.89 9.22 -4.46
N GLN A 17 5.69 7.94 -4.38
CA GLN A 17 5.04 7.35 -3.17
C GLN A 17 5.51 8.12 -1.93
N LYS A 18 6.74 8.56 -1.91
CA LYS A 18 7.23 9.31 -0.72
C LYS A 18 6.60 10.70 -0.71
N GLU A 19 6.95 11.53 -1.63
CA GLU A 19 6.35 12.91 -1.67
C GLU A 19 4.88 12.82 -1.30
N GLU A 20 4.21 11.78 -1.70
CA GLU A 20 2.77 11.63 -1.37
C GLU A 20 2.61 11.42 0.13
N THR A 21 3.11 10.33 0.64
CA THR A 21 3.00 10.06 2.10
C THR A 21 3.17 11.38 2.86
N ARG A 22 4.17 12.15 2.51
CA ARG A 22 4.39 13.44 3.21
C ARG A 22 3.15 14.33 3.04
N ASP A 23 2.56 14.33 1.88
CA ASP A 23 1.35 15.16 1.66
C ASP A 23 0.24 14.71 2.62
N ILE A 24 0.04 13.43 2.74
CA ILE A 24 -1.02 12.93 3.66
C ILE A 24 -0.63 13.25 5.11
N ILE A 25 0.44 12.67 5.58
CA ILE A 25 0.87 12.95 6.98
C ILE A 25 0.81 14.46 7.24
N GLN A 26 1.17 15.25 6.27
CA GLN A 26 1.13 16.73 6.45
C GLN A 26 -0.31 17.17 6.75
N ALA A 27 -1.25 16.63 6.04
CA ALA A 27 -2.68 17.01 6.28
C ALA A 27 -3.10 16.56 7.68
N LEU A 28 -2.87 15.32 8.00
CA LEU A 28 -3.26 14.81 9.34
C LEU A 28 -2.63 15.71 10.41
N LEU A 29 -1.33 15.78 10.47
CA LEU A 29 -0.68 16.64 11.49
C LEU A 29 -1.34 18.03 11.46
N GLU A 30 -1.45 18.61 10.30
CA GLU A 30 -2.09 19.95 10.21
C GLU A 30 -3.44 19.93 10.92
N ASP A 31 -4.18 18.87 10.76
CA ASP A 31 -5.51 18.79 11.44
C ASP A 31 -5.32 18.86 12.95
N GLY A 32 -4.41 18.07 13.49
CA GLY A 32 -4.19 18.10 14.95
C GLY A 32 -4.17 16.68 15.51
N SER A 33 -4.05 15.69 14.66
CA SER A 33 -4.02 14.29 15.15
C SER A 33 -2.67 14.00 15.80
N ASP A 34 -2.58 12.93 16.55
CA ASP A 34 -1.28 12.60 17.21
C ASP A 34 -0.95 11.13 16.99
N PRO A 35 0.31 10.79 17.08
CA PRO A 35 0.79 9.39 16.88
C PRO A 35 0.38 8.48 18.04
N ASP A 36 -0.38 9.00 18.97
CA ASP A 36 -0.82 8.16 20.12
C ASP A 36 -2.15 7.51 19.81
N ALA A 37 -2.76 7.85 18.70
CA ALA A 37 -4.07 7.25 18.35
C ALA A 37 -3.86 6.12 17.34
N LEU A 38 -2.64 5.70 17.14
CA LEU A 38 -2.37 4.60 16.17
C LEU A 38 -2.97 4.96 14.81
N TYR A 39 -2.68 4.18 13.80
CA TYR A 39 -3.24 4.48 12.45
C TYR A 39 -3.32 3.18 11.64
N GLU A 40 -4.26 3.10 10.74
CA GLU A 40 -4.39 1.86 9.92
C GLU A 40 -3.86 2.10 8.51
N ILE A 41 -2.86 1.37 8.11
CA ILE A 41 -2.30 1.56 6.74
C ILE A 41 -2.73 0.40 5.85
N GLU A 42 -3.29 0.68 4.71
CA GLU A 42 -3.74 -0.42 3.81
C GLU A 42 -2.95 -0.36 2.49
N HIS A 43 -2.50 -1.50 2.03
CA HIS A 43 -1.72 -1.53 0.75
C HIS A 43 -2.50 -2.35 -0.29
N HIS A 44 -2.36 -2.02 -1.54
CA HIS A 44 -3.10 -2.79 -2.59
C HIS A 44 -2.10 -3.47 -3.53
N LEU A 45 -2.29 -4.73 -3.80
CA LEU A 45 -1.36 -5.46 -4.71
C LEU A 45 -2.16 -6.42 -5.59
N PHE A 46 -1.91 -6.42 -6.87
CA PHE A 46 -2.66 -7.34 -7.77
C PHE A 46 -1.66 -8.18 -8.58
N ALA A 47 -2.11 -9.25 -9.17
CA ALA A 47 -1.19 -10.10 -9.97
C ALA A 47 -1.97 -10.78 -11.09
N GLU A 48 -1.29 -11.35 -12.05
CA GLU A 48 -1.98 -12.03 -13.16
C GLU A 48 -1.91 -13.55 -12.97
N ASP A 49 -0.84 -14.03 -12.41
CA ASP A 49 -0.71 -15.49 -12.19
C ASP A 49 -1.05 -15.82 -10.73
N PHE A 50 -2.16 -16.46 -10.50
CA PHE A 50 -2.55 -16.80 -9.10
C PHE A 50 -1.38 -17.48 -8.39
N ASP A 51 -0.48 -18.06 -9.13
CA ASP A 51 0.67 -18.75 -8.49
C ASP A 51 1.48 -17.74 -7.66
N LYS A 52 2.11 -16.80 -8.30
CA LYS A 52 2.92 -15.79 -7.56
C LYS A 52 2.01 -15.01 -6.60
N LEU A 53 0.78 -14.80 -6.98
CA LEU A 53 -0.15 -14.03 -6.10
C LEU A 53 -0.20 -14.68 -4.72
N GLU A 54 -0.29 -15.99 -4.66
CA GLU A 54 -0.35 -16.68 -3.34
C GLU A 54 1.01 -16.59 -2.65
N LYS A 55 2.07 -16.88 -3.36
CA LYS A 55 3.43 -16.83 -2.75
C LYS A 55 3.69 -15.43 -2.17
N ALA A 56 3.32 -14.41 -2.90
CA ALA A 56 3.56 -13.02 -2.40
C ALA A 56 2.65 -12.74 -1.20
N ALA A 57 1.44 -13.23 -1.24
CA ALA A 57 0.51 -12.97 -0.09
C ALA A 57 1.04 -13.67 1.17
N VAL A 58 1.40 -14.92 1.06
CA VAL A 58 1.91 -15.66 2.25
C VAL A 58 3.08 -14.89 2.87
N GLU A 59 4.14 -14.70 2.12
CA GLU A 59 5.31 -13.96 2.66
C GLU A 59 4.83 -12.67 3.34
N ALA A 60 3.95 -11.95 2.71
CA ALA A 60 3.45 -10.69 3.32
C ALA A 60 2.84 -10.98 4.69
N PHE A 61 2.03 -12.01 4.78
CA PHE A 61 1.42 -12.35 6.09
C PHE A 61 2.50 -12.54 7.14
N LYS A 62 3.58 -13.18 6.79
CA LYS A 62 4.69 -13.39 7.77
C LYS A 62 5.45 -12.08 7.98
N MET A 63 5.40 -11.20 7.01
CA MET A 63 6.12 -9.91 7.16
C MET A 63 5.35 -8.99 8.12
N GLY A 64 4.05 -8.94 7.98
CA GLY A 64 3.24 -8.08 8.87
C GLY A 64 2.23 -7.28 8.05
N PHE A 65 1.18 -7.93 7.61
CA PHE A 65 0.16 -7.21 6.79
C PHE A 65 -1.13 -8.04 6.72
N GLU A 66 -2.16 -7.61 7.40
CA GLU A 66 -3.43 -8.39 7.37
C GLU A 66 -3.91 -8.51 5.92
N VAL A 67 -3.43 -9.49 5.21
CA VAL A 67 -3.84 -9.66 3.79
C VAL A 67 -5.35 -9.91 3.72
N LEU A 68 -6.00 -9.33 2.74
CA LEU A 68 -7.48 -9.53 2.61
C LEU A 68 -7.77 -10.17 1.25
N GLU A 69 -8.78 -11.00 1.19
CA GLU A 69 -9.13 -11.67 -0.10
C GLU A 69 -9.16 -10.64 -1.22
N ALA A 70 -9.03 -11.08 -2.44
CA ALA A 70 -9.07 -10.12 -3.59
C ALA A 70 -10.44 -10.17 -4.25
N GLU A 71 -10.72 -9.25 -5.13
CA GLU A 71 -12.05 -9.24 -5.81
C GLU A 71 -11.87 -9.01 -7.30
N GLU A 72 -12.10 -10.01 -8.10
CA GLU A 72 -11.94 -9.84 -9.58
C GLU A 72 -12.37 -8.42 -9.98
N THR A 73 -11.44 -7.62 -10.41
CA THR A 73 -11.79 -6.23 -10.81
C THR A 73 -11.31 -5.96 -12.23
N GLU A 74 -10.67 -4.85 -12.46
CA GLU A 74 -10.17 -4.54 -13.83
C GLU A 74 -9.27 -3.30 -13.77
N ASP A 75 -8.15 -3.35 -14.44
CA ASP A 75 -7.23 -2.17 -14.42
C ASP A 75 -8.02 -0.91 -14.78
N GLU A 76 -7.99 -0.51 -16.02
CA GLU A 76 -8.74 0.71 -16.42
C GLU A 76 -9.38 0.50 -17.80
N ASP A 77 -9.65 -0.73 -18.15
CA ASP A 77 -10.28 -1.02 -19.47
C ASP A 77 -11.39 -2.05 -19.31
N GLY A 78 -11.09 -3.16 -18.68
CA GLY A 78 -12.13 -4.21 -18.49
C GLY A 78 -11.47 -5.59 -18.44
N ASN A 79 -10.36 -5.70 -17.76
CA ASN A 79 -9.67 -7.02 -17.67
C ASN A 79 -10.02 -7.70 -16.35
N LYS A 80 -9.86 -8.99 -16.27
CA LYS A 80 -10.18 -9.70 -15.00
C LYS A 80 -8.89 -10.06 -14.27
N LEU A 81 -8.55 -9.34 -13.24
CA LEU A 81 -7.30 -9.64 -12.49
C LEU A 81 -7.62 -9.76 -10.99
N LEU A 82 -6.70 -10.24 -10.22
CA LEU A 82 -6.94 -10.39 -8.76
C LEU A 82 -6.27 -9.25 -8.00
N CYS A 83 -6.94 -8.69 -7.02
CA CYS A 83 -6.35 -7.56 -6.25
C CYS A 83 -6.60 -7.78 -4.75
N PHE A 84 -5.63 -8.28 -4.03
CA PHE A 84 -5.84 -8.50 -2.57
C PHE A 84 -5.39 -7.26 -1.82
N ASP A 85 -5.85 -7.09 -0.60
CA ASP A 85 -5.45 -5.89 0.18
C ASP A 85 -4.56 -6.30 1.35
N ALA A 86 -3.93 -5.34 1.98
CA ALA A 86 -3.04 -5.67 3.13
C ALA A 86 -3.19 -4.59 4.21
N THR A 87 -3.68 -4.95 5.36
CA THR A 87 -3.86 -3.94 6.44
C THR A 87 -2.69 -4.05 7.42
N MET A 88 -2.36 -2.98 8.10
CA MET A 88 -1.23 -3.03 9.07
C MET A 88 -1.41 -1.92 10.11
N GLN A 89 -1.83 -2.26 11.29
CA GLN A 89 -2.01 -1.22 12.34
C GLN A 89 -0.64 -0.71 12.80
N SER A 90 -0.39 0.56 12.65
CA SER A 90 0.93 1.10 13.08
C SER A 90 0.79 2.59 13.40
N ALA A 91 1.66 3.11 14.23
CA ALA A 91 1.59 4.56 14.57
C ALA A 91 1.57 5.39 13.29
N LEU A 92 1.65 6.69 13.41
CA LEU A 92 1.64 7.55 12.19
C LEU A 92 3.00 8.24 12.05
N ASP A 93 3.76 7.86 11.07
CA ASP A 93 5.10 8.49 10.88
C ASP A 93 5.57 8.27 9.44
N ALA A 94 5.85 9.32 8.73
CA ALA A 94 6.31 9.17 7.32
C ALA A 94 7.50 8.21 7.28
N LYS A 95 8.44 8.37 8.17
CA LYS A 95 9.61 7.45 8.18
C LYS A 95 9.15 6.00 8.31
N LEU A 96 8.59 5.64 9.44
CA LEU A 96 8.12 4.25 9.62
C LEU A 96 7.41 3.78 8.34
N ILE A 97 6.50 4.57 7.84
CA ILE A 97 5.77 4.16 6.60
C ILE A 97 6.77 4.06 5.44
N ASP A 98 7.90 4.70 5.55
CA ASP A 98 8.90 4.64 4.46
C ASP A 98 9.56 3.25 4.44
N GLU A 99 9.82 2.70 5.59
CA GLU A 99 10.45 1.35 5.65
C GLU A 99 9.40 0.29 5.34
N GLN A 100 8.24 0.40 5.95
CA GLN A 100 7.17 -0.60 5.69
C GLN A 100 6.91 -0.69 4.19
N VAL A 101 6.72 0.42 3.54
CA VAL A 101 6.48 0.40 2.08
C VAL A 101 7.70 -0.19 1.37
N GLU A 102 8.85 0.41 1.54
CA GLU A 102 10.06 -0.12 0.88
C GLU A 102 10.06 -1.65 0.98
N LYS A 103 9.68 -2.17 2.11
CA LYS A 103 9.65 -3.66 2.27
C LYS A 103 8.65 -4.25 1.27
N LEU A 104 7.50 -3.63 1.13
CA LEU A 104 6.50 -4.16 0.18
C LEU A 104 7.06 -4.08 -1.25
N VAL A 105 7.30 -2.88 -1.72
CA VAL A 105 7.85 -2.73 -3.10
C VAL A 105 8.97 -3.75 -3.33
N ASN A 106 9.76 -4.00 -2.31
CA ASN A 106 10.87 -4.99 -2.48
C ASN A 106 10.29 -6.37 -2.78
N LEU A 107 9.36 -6.82 -1.98
CA LEU A 107 8.75 -8.16 -2.22
C LEU A 107 7.98 -8.13 -3.54
N ALA A 108 7.08 -7.20 -3.69
CA ALA A 108 6.27 -7.13 -4.94
C ALA A 108 7.21 -7.30 -6.15
N GLU A 109 8.34 -6.66 -6.14
CA GLU A 109 9.28 -6.79 -7.28
C GLU A 109 10.05 -8.10 -7.16
N LYS A 110 10.05 -8.69 -6.01
CA LYS A 110 10.79 -9.98 -5.84
C LYS A 110 10.01 -11.12 -6.49
N PHE A 111 8.71 -10.99 -6.59
CA PHE A 111 7.91 -12.07 -7.22
C PHE A 111 7.57 -11.69 -8.66
N ASP A 112 6.62 -10.83 -8.87
CA ASP A 112 6.25 -10.43 -10.25
C ASP A 112 4.94 -9.67 -10.26
N ILE A 113 4.67 -8.91 -9.23
CA ILE A 113 3.39 -8.14 -9.18
C ILE A 113 3.69 -6.64 -9.14
N ILE A 114 2.70 -5.82 -9.35
CA ILE A 114 2.92 -4.35 -9.32
C ILE A 114 2.21 -3.74 -8.11
N TYR A 115 2.94 -3.47 -7.06
CA TYR A 115 2.30 -2.88 -5.85
C TYR A 115 2.35 -1.35 -5.93
N ASP A 116 1.22 -0.72 -6.05
CA ASP A 116 1.21 0.77 -6.14
C ASP A 116 -0.19 1.29 -5.79
N GLY A 117 -0.52 1.38 -4.53
CA GLY A 117 -1.86 1.87 -4.13
C GLY A 117 -2.07 1.66 -2.63
N TRP A 118 -1.60 2.57 -1.82
CA TRP A 118 -1.78 2.42 -0.35
C TRP A 118 -2.58 3.60 0.20
N GLY A 119 -3.30 3.39 1.26
CA GLY A 119 -4.11 4.51 1.84
C GLY A 119 -4.54 4.14 3.26
N THR A 120 -4.90 5.11 4.06
CA THR A 120 -5.34 4.80 5.45
C THR A 120 -6.62 5.58 5.77
N TYR A 121 -7.27 5.25 6.85
CA TYR A 121 -8.52 5.97 7.21
C TYR A 121 -8.27 6.83 8.45
N TYR A 122 -9.08 7.84 8.65
CA TYR A 122 -8.89 8.71 9.84
C TYR A 122 -9.21 7.92 11.11
N GLU A 123 -9.09 8.53 12.26
CA GLU A 123 -9.38 7.81 13.52
C GLU A 123 -10.76 8.23 14.05
N GLY A 124 -11.56 7.28 14.46
CA GLY A 124 -12.92 7.64 14.98
C GLY A 124 -13.71 8.35 13.88
N LEU A 125 -14.51 7.62 13.15
CA LEU A 125 -15.31 8.25 12.06
C LEU A 125 -16.79 7.92 12.24
N GLU A 126 -17.55 8.84 12.79
CA GLU A 126 -19.01 8.56 12.99
C GLU A 126 -19.61 8.06 11.68
N HIS A 127 -19.85 6.77 11.58
CA HIS A 127 -20.43 6.23 10.33
C HIS A 127 -21.05 4.86 10.60
N HIS A 128 -21.51 4.63 11.81
CA HIS A 128 -22.13 3.32 12.14
C HIS A 128 -23.27 3.53 13.13
N HIS A 129 -23.70 2.48 13.78
CA HIS A 129 -24.82 2.63 14.76
C HIS A 129 -25.88 3.58 14.18
N HIS A 130 -26.50 3.19 13.10
CA HIS A 130 -27.53 4.07 12.48
C HIS A 130 -28.73 3.22 12.03
N HIS A 131 -29.91 3.76 12.10
CA HIS A 131 -31.11 2.99 11.67
C HIS A 131 -30.95 2.58 10.21
N HIS A 132 -31.22 3.48 9.30
CA HIS A 132 -31.07 3.14 7.85
C HIS A 132 -30.36 4.28 7.13
N MET A 1 2.81 5.36 -25.54
CA MET A 1 3.86 6.17 -26.23
C MET A 1 5.09 5.30 -26.49
N SER A 2 5.97 5.22 -25.53
CA SER A 2 7.19 4.40 -25.73
C SER A 2 6.97 3.01 -25.12
N HIS A 3 8.03 2.30 -24.84
CA HIS A 3 7.89 0.93 -24.24
C HIS A 3 8.32 0.97 -22.78
N GLN A 4 7.60 0.32 -21.92
CA GLN A 4 7.98 0.31 -20.48
C GLN A 4 7.37 -0.91 -19.79
N ASP A 5 6.52 -1.62 -20.47
CA ASP A 5 5.89 -2.82 -19.86
C ASP A 5 6.97 -3.86 -19.53
N ASP A 6 8.22 -3.46 -19.58
CA ASP A 6 9.32 -4.43 -19.27
C ASP A 6 10.44 -3.70 -18.53
N TYR A 7 10.74 -2.49 -18.92
CA TYR A 7 11.83 -1.74 -18.23
C TYR A 7 11.24 -0.85 -17.14
N LEU A 8 10.62 -1.44 -16.16
CA LEU A 8 10.03 -0.62 -15.06
C LEU A 8 11.15 0.06 -14.27
N SER A 9 10.86 0.57 -13.11
CA SER A 9 11.91 1.24 -12.31
C SER A 9 11.39 1.50 -10.89
N VAL A 10 11.52 0.54 -10.01
CA VAL A 10 11.02 0.72 -8.62
C VAL A 10 11.60 2.02 -8.05
N GLU A 11 12.81 2.37 -8.43
CA GLU A 11 13.42 3.62 -7.92
C GLU A 11 12.43 4.78 -8.03
N GLU A 12 11.66 4.81 -9.09
CA GLU A 12 10.67 5.91 -9.26
C GLU A 12 9.48 5.68 -8.32
N LEU A 13 8.74 4.64 -8.55
CA LEU A 13 7.56 4.35 -7.66
C LEU A 13 7.91 4.72 -6.22
N ILE A 14 9.12 4.46 -5.79
CA ILE A 14 9.50 4.80 -4.40
C ILE A 14 9.55 6.31 -4.23
N GLU A 15 10.31 6.99 -5.04
CA GLU A 15 10.41 8.47 -4.91
C GLU A 15 9.00 9.08 -4.93
N ILE A 16 8.22 8.75 -5.92
CA ILE A 16 6.83 9.31 -5.99
C ILE A 16 6.13 9.12 -4.65
N GLN A 17 6.01 7.91 -4.19
CA GLN A 17 5.32 7.67 -2.89
C GLN A 17 5.93 8.56 -1.82
N LYS A 18 7.22 8.53 -1.66
CA LYS A 18 7.87 9.38 -0.62
C LYS A 18 7.22 10.77 -0.59
N GLU A 19 7.08 11.40 -1.73
CA GLU A 19 6.47 12.75 -1.76
C GLU A 19 4.96 12.65 -1.52
N GLU A 20 4.29 11.78 -2.23
CA GLU A 20 2.82 11.65 -2.03
C GLU A 20 2.50 11.50 -0.54
N THR A 21 3.02 10.47 0.08
CA THR A 21 2.74 10.28 1.54
C THR A 21 3.07 11.55 2.31
N ARG A 22 4.31 11.98 2.26
CA ARG A 22 4.70 13.21 3.01
C ARG A 22 3.55 14.22 2.96
N ASP A 23 2.96 14.42 1.81
CA ASP A 23 1.83 15.39 1.71
C ASP A 23 0.68 14.93 2.60
N ILE A 24 0.39 13.65 2.59
CA ILE A 24 -0.71 13.13 3.44
C ILE A 24 -0.35 13.29 4.91
N ILE A 25 0.64 12.56 5.37
CA ILE A 25 1.05 12.67 6.80
C ILE A 25 1.08 14.14 7.21
N GLN A 26 1.44 15.01 6.31
CA GLN A 26 1.50 16.45 6.66
C GLN A 26 0.08 16.99 6.87
N ALA A 27 -0.76 16.93 5.87
CA ALA A 27 -2.15 17.42 6.03
C ALA A 27 -2.75 16.88 7.34
N LEU A 28 -2.63 15.60 7.56
CA LEU A 28 -3.18 15.01 8.81
C LEU A 28 -2.51 15.67 10.02
N LEU A 29 -1.27 15.39 10.25
CA LEU A 29 -0.56 16.00 11.42
C LEU A 29 -1.06 17.43 11.61
N GLU A 30 -1.01 18.24 10.58
CA GLU A 30 -1.46 19.65 10.70
C GLU A 30 -2.89 19.67 11.27
N ASP A 31 -3.73 18.79 10.81
CA ASP A 31 -5.13 18.77 11.33
C ASP A 31 -5.12 18.62 12.85
N GLY A 32 -4.10 18.00 13.39
CA GLY A 32 -4.03 17.83 14.87
C GLY A 32 -4.04 16.33 15.20
N SER A 33 -4.13 15.49 14.21
CA SER A 33 -4.13 14.03 14.47
C SER A 33 -2.72 13.58 14.88
N ASP A 34 -2.55 13.14 16.09
CA ASP A 34 -1.20 12.69 16.54
C ASP A 34 -1.16 11.16 16.59
N PRO A 35 0.00 10.59 16.42
CA PRO A 35 0.19 9.11 16.46
C PRO A 35 -0.20 8.51 17.81
N ASP A 36 -0.22 9.30 18.84
CA ASP A 36 -0.60 8.77 20.17
C ASP A 36 -1.99 8.13 20.11
N ALA A 37 -2.64 8.24 18.98
CA ALA A 37 -4.00 7.63 18.84
C ALA A 37 -3.91 6.42 17.90
N LEU A 38 -2.73 5.95 17.63
CA LEU A 38 -2.59 4.78 16.73
C LEU A 38 -3.26 5.08 15.38
N TYR A 39 -2.90 4.34 14.36
CA TYR A 39 -3.51 4.58 13.02
C TYR A 39 -3.44 3.29 12.20
N GLU A 40 -4.40 3.05 11.35
CA GLU A 40 -4.39 1.81 10.53
C GLU A 40 -4.07 2.15 9.08
N ILE A 41 -3.35 1.30 8.40
CA ILE A 41 -3.01 1.57 6.98
C ILE A 41 -3.41 0.37 6.14
N GLU A 42 -3.56 0.56 4.84
CA GLU A 42 -3.96 -0.58 3.98
C GLU A 42 -3.23 -0.48 2.63
N HIS A 43 -2.73 -1.57 2.13
CA HIS A 43 -2.02 -1.55 0.83
C HIS A 43 -2.79 -2.39 -0.20
N HIS A 44 -2.70 -2.06 -1.44
CA HIS A 44 -3.43 -2.85 -2.48
C HIS A 44 -2.42 -3.45 -3.46
N LEU A 45 -2.38 -4.75 -3.58
CA LEU A 45 -1.42 -5.39 -4.52
C LEU A 45 -2.16 -6.36 -5.43
N PHE A 46 -1.80 -6.41 -6.68
CA PHE A 46 -2.47 -7.34 -7.62
C PHE A 46 -1.42 -8.13 -8.41
N ALA A 47 -1.78 -9.29 -8.88
CA ALA A 47 -0.81 -10.10 -9.66
C ALA A 47 -1.48 -10.67 -10.90
N GLU A 48 -0.76 -11.40 -11.71
CA GLU A 48 -1.38 -11.98 -12.94
C GLU A 48 -1.25 -13.50 -12.90
N ASP A 49 -0.41 -14.02 -12.06
CA ASP A 49 -0.24 -15.50 -11.98
C ASP A 49 -0.74 -16.00 -10.62
N PHE A 50 -1.91 -16.59 -10.59
CA PHE A 50 -2.44 -17.10 -9.30
C PHE A 50 -1.30 -17.61 -8.42
N ASP A 51 -0.40 -18.36 -8.99
CA ASP A 51 0.74 -18.89 -8.19
C ASP A 51 1.56 -17.74 -7.62
N LYS A 52 1.98 -16.82 -8.45
CA LYS A 52 2.78 -15.67 -7.97
C LYS A 52 1.93 -14.81 -7.03
N LEU A 53 0.64 -14.99 -7.07
CA LEU A 53 -0.25 -14.18 -6.17
C LEU A 53 -0.26 -14.79 -4.77
N GLU A 54 -0.67 -16.02 -4.65
CA GLU A 54 -0.70 -16.67 -3.31
C GLU A 54 0.72 -16.71 -2.73
N LYS A 55 1.71 -16.57 -3.56
CA LYS A 55 3.11 -16.60 -3.04
C LYS A 55 3.47 -15.23 -2.46
N ALA A 56 3.23 -14.18 -3.19
CA ALA A 56 3.56 -12.81 -2.67
C ALA A 56 2.60 -12.47 -1.53
N ALA A 57 1.39 -12.96 -1.58
CA ALA A 57 0.42 -12.67 -0.50
C ALA A 57 0.89 -13.34 0.80
N VAL A 58 1.05 -14.64 0.78
CA VAL A 58 1.51 -15.33 2.02
C VAL A 58 2.73 -14.62 2.57
N GLU A 59 3.75 -14.45 1.76
CA GLU A 59 4.98 -13.76 2.26
C GLU A 59 4.57 -12.48 2.99
N ALA A 60 3.66 -11.73 2.44
CA ALA A 60 3.23 -10.47 3.11
C ALA A 60 2.66 -10.81 4.50
N PHE A 61 2.02 -11.93 4.62
CA PHE A 61 1.45 -12.32 5.95
C PHE A 61 2.59 -12.66 6.90
N LYS A 62 3.60 -13.34 6.42
CA LYS A 62 4.75 -13.70 7.30
C LYS A 62 5.37 -12.43 7.89
N MET A 63 5.40 -11.37 7.12
CA MET A 63 6.00 -10.10 7.63
C MET A 63 5.14 -9.57 8.77
N GLY A 64 3.89 -9.29 8.52
CA GLY A 64 3.01 -8.75 9.60
C GLY A 64 1.81 -8.04 8.98
N PHE A 65 1.61 -8.21 7.70
CA PHE A 65 0.45 -7.53 7.04
C PHE A 65 -0.75 -8.48 7.05
N GLU A 66 -1.92 -7.98 7.34
CA GLU A 66 -3.12 -8.86 7.36
C GLU A 66 -3.72 -8.93 5.96
N VAL A 67 -3.21 -9.80 5.12
CA VAL A 67 -3.75 -9.92 3.74
C VAL A 67 -5.27 -10.09 3.79
N LEU A 68 -5.95 -9.63 2.78
CA LEU A 68 -7.43 -9.77 2.76
C LEU A 68 -7.86 -10.40 1.44
N GLU A 69 -8.84 -11.26 1.47
CA GLU A 69 -9.30 -11.92 0.22
C GLU A 69 -9.32 -10.90 -0.93
N ALA A 70 -8.99 -11.33 -2.11
CA ALA A 70 -9.00 -10.41 -3.27
C ALA A 70 -10.34 -10.51 -4.00
N GLU A 71 -10.52 -9.75 -5.05
CA GLU A 71 -11.81 -9.80 -5.79
C GLU A 71 -11.56 -9.43 -7.25
N GLU A 72 -11.82 -10.33 -8.16
CA GLU A 72 -11.61 -10.01 -9.60
C GLU A 72 -12.16 -8.63 -9.91
N THR A 73 -11.31 -7.63 -9.98
CA THR A 73 -11.79 -6.26 -10.28
C THR A 73 -11.34 -5.85 -11.67
N GLU A 74 -11.30 -4.57 -11.95
CA GLU A 74 -10.87 -4.12 -13.30
C GLU A 74 -9.95 -2.91 -13.17
N ASP A 75 -8.95 -2.82 -13.99
CA ASP A 75 -8.01 -1.67 -13.92
C ASP A 75 -8.15 -0.81 -15.18
N GLU A 76 -9.35 -0.54 -15.59
CA GLU A 76 -9.56 0.29 -16.81
C GLU A 76 -8.86 -0.37 -18.00
N ASP A 77 -8.32 -1.54 -17.80
CA ASP A 77 -7.64 -2.25 -18.92
C ASP A 77 -8.44 -3.48 -19.31
N GLY A 78 -9.44 -3.82 -18.55
CA GLY A 78 -10.27 -5.01 -18.88
C GLY A 78 -9.37 -6.25 -18.96
N ASN A 79 -9.07 -6.85 -17.85
CA ASN A 79 -8.19 -8.06 -17.87
C ASN A 79 -8.53 -8.95 -16.67
N LYS A 80 -9.61 -8.68 -16.00
CA LYS A 80 -9.98 -9.51 -14.82
C LYS A 80 -8.72 -9.88 -14.03
N LEU A 81 -8.21 -8.96 -13.26
CA LEU A 81 -6.98 -9.26 -12.47
C LEU A 81 -7.36 -9.55 -11.02
N LEU A 82 -6.44 -10.10 -10.26
CA LEU A 82 -6.74 -10.41 -8.83
C LEU A 82 -6.05 -9.38 -7.93
N CYS A 83 -6.79 -8.75 -7.05
CA CYS A 83 -6.17 -7.74 -6.16
C CYS A 83 -6.47 -8.08 -4.69
N PHE A 84 -5.46 -8.42 -3.93
CA PHE A 84 -5.68 -8.75 -2.50
C PHE A 84 -5.38 -7.50 -1.65
N ASP A 85 -5.97 -7.40 -0.50
CA ASP A 85 -5.73 -6.20 0.35
C ASP A 85 -4.87 -6.58 1.56
N ALA A 86 -4.07 -5.67 2.03
CA ALA A 86 -3.22 -5.95 3.21
C ALA A 86 -3.38 -4.82 4.24
N THR A 87 -3.65 -5.15 5.46
CA THR A 87 -3.82 -4.08 6.50
C THR A 87 -2.65 -4.11 7.47
N MET A 88 -2.38 -3.00 8.11
CA MET A 88 -1.25 -2.95 9.09
C MET A 88 -1.56 -1.90 10.15
N GLN A 89 -1.62 -2.29 11.40
CA GLN A 89 -1.92 -1.30 12.48
C GLN A 89 -0.61 -0.78 13.07
N SER A 90 -0.45 0.52 13.13
CA SER A 90 0.80 1.10 13.69
C SER A 90 0.58 2.58 14.00
N ALA A 91 1.57 3.23 14.56
CA ALA A 91 1.41 4.68 14.88
C ALA A 91 1.41 5.50 13.59
N LEU A 92 1.21 6.78 13.69
CA LEU A 92 1.19 7.64 12.47
C LEU A 92 2.58 8.26 12.28
N ASP A 93 3.35 7.74 11.35
CA ASP A 93 4.71 8.30 11.11
C ASP A 93 5.08 8.16 9.63
N ALA A 94 5.67 9.16 9.06
CA ALA A 94 6.04 9.07 7.61
C ALA A 94 7.34 8.27 7.46
N LYS A 95 8.32 8.54 8.28
CA LYS A 95 9.60 7.78 8.17
C LYS A 95 9.31 6.28 8.16
N LEU A 96 8.57 5.80 9.12
CA LEU A 96 8.25 4.35 9.17
C LEU A 96 7.45 3.96 7.92
N ILE A 97 6.38 4.66 7.64
CA ILE A 97 5.58 4.33 6.44
C ILE A 97 6.49 4.26 5.21
N ASP A 98 7.54 5.02 5.20
CA ASP A 98 8.46 5.00 4.03
C ASP A 98 9.20 3.66 3.99
N GLU A 99 9.69 3.20 5.11
CA GLU A 99 10.41 1.89 5.13
C GLU A 99 9.41 0.76 4.87
N GLN A 100 8.24 0.85 5.45
CA GLN A 100 7.22 -0.22 5.24
C GLN A 100 6.87 -0.29 3.75
N VAL A 101 6.51 0.82 3.16
CA VAL A 101 6.16 0.81 1.71
C VAL A 101 7.36 0.31 0.91
N GLU A 102 8.52 0.84 1.15
CA GLU A 102 9.73 0.39 0.41
C GLU A 102 9.91 -1.12 0.61
N LYS A 103 9.41 -1.62 1.71
CA LYS A 103 9.54 -3.08 1.98
C LYS A 103 8.63 -3.86 1.03
N LEU A 104 7.37 -3.51 0.98
CA LEU A 104 6.43 -4.22 0.08
C LEU A 104 6.81 -3.96 -1.39
N VAL A 105 7.38 -2.82 -1.66
CA VAL A 105 7.77 -2.49 -3.06
C VAL A 105 8.87 -3.46 -3.51
N ASN A 106 9.93 -3.58 -2.76
CA ASN A 106 11.03 -4.51 -3.15
C ASN A 106 10.48 -5.93 -3.26
N LEU A 107 9.63 -6.32 -2.37
CA LEU A 107 9.06 -7.70 -2.42
C LEU A 107 8.18 -7.84 -3.66
N ALA A 108 7.42 -6.83 -3.97
CA ALA A 108 6.54 -6.91 -5.17
C ALA A 108 7.39 -7.16 -6.41
N GLU A 109 8.25 -6.23 -6.75
CA GLU A 109 9.12 -6.43 -7.96
C GLU A 109 9.94 -7.70 -7.79
N LYS A 110 10.29 -8.04 -6.58
CA LYS A 110 11.10 -9.27 -6.35
C LYS A 110 10.34 -10.48 -6.87
N PHE A 111 9.05 -10.47 -6.78
CA PHE A 111 8.25 -11.64 -7.27
C PHE A 111 7.81 -11.38 -8.71
N ASP A 112 6.82 -10.57 -8.91
CA ASP A 112 6.35 -10.28 -10.30
C ASP A 112 4.98 -9.61 -10.24
N ILE A 113 4.78 -8.75 -9.28
CA ILE A 113 3.46 -8.05 -9.17
C ILE A 113 3.69 -6.54 -9.20
N ILE A 114 2.63 -5.78 -9.11
CA ILE A 114 2.77 -4.29 -9.13
C ILE A 114 2.15 -3.70 -7.86
N TYR A 115 2.93 -3.00 -7.09
CA TYR A 115 2.39 -2.39 -5.83
C TYR A 115 2.12 -0.90 -6.08
N ASP A 116 0.88 -0.51 -6.13
CA ASP A 116 0.56 0.93 -6.35
C ASP A 116 -0.88 1.21 -5.91
N GLY A 117 -1.07 1.51 -4.65
CA GLY A 117 -2.45 1.80 -4.16
C GLY A 117 -2.48 1.65 -2.64
N TRP A 118 -2.03 2.64 -1.93
CA TRP A 118 -2.04 2.55 -0.44
C TRP A 118 -2.80 3.74 0.14
N GLY A 119 -3.28 3.62 1.35
CA GLY A 119 -4.05 4.74 1.97
C GLY A 119 -4.40 4.36 3.41
N THR A 120 -5.04 5.26 4.12
CA THR A 120 -5.42 4.95 5.53
C THR A 120 -6.75 5.61 5.86
N TYR A 121 -7.44 5.11 6.86
CA TYR A 121 -8.75 5.72 7.22
C TYR A 121 -8.54 6.76 8.32
N TYR A 122 -9.10 7.94 8.15
CA TYR A 122 -8.93 8.99 9.18
C TYR A 122 -9.93 8.76 10.32
N GLU A 123 -9.55 9.09 11.52
CA GLU A 123 -10.47 8.88 12.67
C GLU A 123 -11.66 9.83 12.56
N GLY A 124 -12.53 9.84 13.52
CA GLY A 124 -13.71 10.74 13.47
C GLY A 124 -14.81 10.10 12.63
N LEU A 125 -14.96 8.81 12.72
CA LEU A 125 -16.01 8.11 11.92
C LEU A 125 -17.21 7.82 12.83
N GLU A 126 -18.16 8.71 12.91
CA GLU A 126 -19.34 8.48 13.77
C GLU A 126 -20.07 7.21 13.33
N HIS A 127 -20.30 6.30 14.23
CA HIS A 127 -21.01 5.03 13.86
C HIS A 127 -22.51 5.22 14.06
N HIS A 128 -23.13 4.40 14.86
CA HIS A 128 -24.59 4.52 15.09
C HIS A 128 -25.32 4.51 13.75
N HIS A 129 -24.84 3.75 12.80
CA HIS A 129 -25.51 3.71 11.47
C HIS A 129 -26.87 3.01 11.61
N HIS A 130 -27.12 2.41 12.74
CA HIS A 130 -28.43 1.71 12.93
C HIS A 130 -29.54 2.75 13.12
N HIS A 131 -30.76 2.31 13.22
CA HIS A 131 -31.89 3.27 13.40
C HIS A 131 -32.83 2.75 14.49
N HIS A 132 -33.12 1.48 14.49
CA HIS A 132 -34.02 0.92 15.52
C HIS A 132 -33.33 -0.24 16.24
N MET A 1 28.81 1.83 -21.50
CA MET A 1 29.37 1.30 -20.22
C MET A 1 28.27 0.59 -19.44
N SER A 2 27.98 -0.64 -19.78
CA SER A 2 26.92 -1.38 -19.05
C SER A 2 25.66 -0.52 -18.96
N HIS A 3 25.40 0.28 -19.95
CA HIS A 3 24.19 1.15 -19.92
C HIS A 3 22.94 0.28 -19.81
N GLN A 4 23.06 -0.99 -20.08
CA GLN A 4 21.88 -1.89 -19.99
C GLN A 4 21.42 -1.97 -18.53
N ASP A 5 20.45 -2.80 -18.24
CA ASP A 5 19.96 -2.93 -16.85
C ASP A 5 19.82 -1.55 -16.22
N ASP A 6 20.63 -1.24 -15.24
CA ASP A 6 20.55 0.10 -14.59
C ASP A 6 19.10 0.36 -14.16
N TYR A 7 18.68 -0.19 -13.07
CA TYR A 7 17.28 0.03 -12.60
C TYR A 7 16.83 1.44 -12.97
N LEU A 8 15.61 1.58 -13.41
CA LEU A 8 15.11 2.94 -13.79
C LEU A 8 13.59 2.99 -13.63
N SER A 9 13.05 2.16 -12.79
CA SER A 9 11.57 2.16 -12.59
C SER A 9 11.25 1.93 -11.11
N VAL A 10 11.62 0.80 -10.58
CA VAL A 10 11.33 0.53 -9.14
C VAL A 10 11.86 1.68 -8.29
N GLU A 11 12.89 2.35 -8.77
CA GLU A 11 13.46 3.49 -7.98
C GLU A 11 12.63 4.74 -8.24
N GLU A 12 12.03 4.84 -9.39
CA GLU A 12 11.21 6.04 -9.71
C GLU A 12 9.97 6.08 -8.81
N LEU A 13 9.29 4.97 -8.69
CA LEU A 13 8.07 4.94 -7.83
C LEU A 13 8.46 5.18 -6.36
N ILE A 14 9.69 4.90 -6.02
CA ILE A 14 10.11 5.11 -4.61
C ILE A 14 10.26 6.60 -4.32
N GLU A 15 10.90 7.33 -5.20
CA GLU A 15 11.07 8.79 -4.98
C GLU A 15 9.70 9.46 -4.95
N ILE A 16 8.90 9.26 -5.97
CA ILE A 16 7.55 9.89 -6.00
C ILE A 16 6.73 9.41 -4.80
N GLN A 17 6.49 8.13 -4.72
CA GLN A 17 5.70 7.60 -3.56
C GLN A 17 6.05 8.40 -2.31
N LYS A 18 7.31 8.57 -2.05
CA LYS A 18 7.73 9.35 -0.84
C LYS A 18 7.01 10.70 -0.84
N GLU A 19 7.20 11.47 -1.87
CA GLU A 19 6.53 12.80 -1.93
C GLU A 19 5.05 12.63 -1.61
N GLU A 20 4.42 11.62 -2.15
CA GLU A 20 2.98 11.39 -1.88
C GLU A 20 2.77 11.20 -0.38
N THR A 21 3.50 10.29 0.23
CA THR A 21 3.35 10.06 1.68
C THR A 21 3.56 11.37 2.45
N ARG A 22 4.74 11.93 2.36
CA ARG A 22 5.00 13.22 3.08
C ARG A 22 3.81 14.16 2.92
N ASP A 23 3.22 14.19 1.76
CA ASP A 23 2.06 15.09 1.53
C ASP A 23 0.92 14.73 2.49
N ILE A 24 0.58 13.47 2.58
CA ILE A 24 -0.53 13.06 3.49
C ILE A 24 -0.10 13.29 4.95
N ILE A 25 0.96 12.68 5.38
CA ILE A 25 1.42 12.86 6.79
C ILE A 25 1.34 14.34 7.16
N GLN A 26 1.49 15.22 6.21
CA GLN A 26 1.43 16.68 6.51
C GLN A 26 -0.03 17.10 6.69
N ALA A 27 -0.86 16.80 5.74
CA ALA A 27 -2.30 17.19 5.85
C ALA A 27 -2.91 16.53 7.09
N LEU A 28 -2.46 15.36 7.43
CA LEU A 28 -3.01 14.67 8.63
C LEU A 28 -2.59 15.43 9.89
N LEU A 29 -1.34 15.79 9.99
CA LEU A 29 -0.87 16.53 11.19
C LEU A 29 -1.51 17.92 11.22
N GLU A 30 -1.39 18.66 10.16
CA GLU A 30 -2.00 20.03 10.12
C GLU A 30 -3.45 19.94 10.61
N ASP A 31 -4.19 18.96 10.14
CA ASP A 31 -5.60 18.83 10.58
C ASP A 31 -5.67 18.82 12.10
N GLY A 32 -4.69 18.25 12.75
CA GLY A 32 -4.70 18.20 14.23
C GLY A 32 -4.93 16.76 14.70
N SER A 33 -4.65 15.81 13.85
CA SER A 33 -4.86 14.39 14.24
C SER A 33 -4.22 14.12 15.61
N ASP A 34 -4.52 13.01 16.21
CA ASP A 34 -3.94 12.70 17.54
C ASP A 34 -3.27 11.32 17.49
N PRO A 35 -2.11 11.25 16.90
CA PRO A 35 -1.33 9.98 16.77
C PRO A 35 -1.14 9.28 18.12
N ASP A 36 -1.21 10.01 19.20
CA ASP A 36 -1.02 9.39 20.54
C ASP A 36 -1.90 8.14 20.66
N ALA A 37 -2.88 8.01 19.80
CA ALA A 37 -3.76 6.81 19.87
C ALA A 37 -3.20 5.70 18.97
N LEU A 38 -3.77 5.52 17.81
CA LEU A 38 -3.27 4.45 16.90
C LEU A 38 -3.65 4.79 15.46
N TYR A 39 -3.01 4.18 14.50
CA TYR A 39 -3.34 4.48 13.08
C TYR A 39 -3.29 3.18 12.26
N GLU A 40 -4.23 3.00 11.38
CA GLU A 40 -4.25 1.76 10.55
C GLU A 40 -3.86 2.11 9.10
N ILE A 41 -3.12 1.24 8.46
CA ILE A 41 -2.72 1.52 7.05
C ILE A 41 -3.13 0.33 6.17
N GLU A 42 -3.29 0.55 4.90
CA GLU A 42 -3.69 -0.57 4.00
C GLU A 42 -2.93 -0.47 2.67
N HIS A 43 -2.41 -1.58 2.20
CA HIS A 43 -1.66 -1.55 0.91
C HIS A 43 -2.35 -2.48 -0.08
N HIS A 44 -2.52 -2.04 -1.31
CA HIS A 44 -3.19 -2.90 -2.32
C HIS A 44 -2.15 -3.46 -3.30
N LEU A 45 -2.27 -4.72 -3.63
CA LEU A 45 -1.30 -5.33 -4.58
C LEU A 45 -2.04 -6.30 -5.51
N PHE A 46 -1.89 -6.14 -6.80
CA PHE A 46 -2.59 -7.05 -7.74
C PHE A 46 -1.57 -7.98 -8.39
N ALA A 47 -2.02 -9.09 -8.93
CA ALA A 47 -1.08 -10.04 -9.58
C ALA A 47 -1.69 -10.54 -10.89
N GLU A 48 -0.91 -11.15 -11.73
CA GLU A 48 -1.44 -11.66 -13.02
C GLU A 48 -1.56 -13.19 -12.94
N ASP A 49 -0.82 -13.81 -12.08
CA ASP A 49 -0.90 -15.29 -11.95
C ASP A 49 -1.44 -15.65 -10.56
N PHE A 50 -2.59 -16.27 -10.51
CA PHE A 50 -3.17 -16.64 -9.18
C PHE A 50 -2.06 -17.22 -8.29
N ASP A 51 -1.17 -17.99 -8.86
CA ASP A 51 -0.07 -18.58 -8.05
C ASP A 51 0.79 -17.46 -7.47
N LYS A 52 1.58 -16.82 -8.30
CA LYS A 52 2.44 -15.72 -7.79
C LYS A 52 1.68 -14.93 -6.73
N LEU A 53 0.39 -14.81 -6.86
CA LEU A 53 -0.41 -14.06 -5.86
C LEU A 53 -0.34 -14.79 -4.50
N GLU A 54 -0.44 -16.09 -4.52
CA GLU A 54 -0.38 -16.84 -3.24
C GLU A 54 1.05 -16.77 -2.65
N LYS A 55 2.03 -16.59 -3.48
CA LYS A 55 3.43 -16.52 -2.97
C LYS A 55 3.70 -15.13 -2.37
N ALA A 56 3.65 -14.11 -3.17
CA ALA A 56 3.91 -12.73 -2.65
C ALA A 56 2.99 -12.45 -1.46
N ALA A 57 1.83 -13.04 -1.43
CA ALA A 57 0.89 -12.80 -0.31
C ALA A 57 1.40 -13.52 0.95
N VAL A 58 1.78 -14.76 0.81
CA VAL A 58 2.28 -15.53 1.99
C VAL A 58 3.49 -14.81 2.60
N GLU A 59 4.23 -14.11 1.79
CA GLU A 59 5.43 -13.39 2.31
C GLU A 59 4.99 -12.18 3.14
N ALA A 60 4.20 -11.32 2.57
CA ALA A 60 3.73 -10.12 3.33
C ALA A 60 3.09 -10.56 4.65
N PHE A 61 2.29 -11.60 4.61
CA PHE A 61 1.62 -12.07 5.86
C PHE A 61 2.69 -12.50 6.87
N LYS A 62 3.72 -13.16 6.41
CA LYS A 62 4.79 -13.61 7.35
C LYS A 62 5.48 -12.39 7.97
N MET A 63 5.46 -11.27 7.29
CA MET A 63 6.10 -10.05 7.84
C MET A 63 5.17 -9.42 8.89
N GLY A 64 3.89 -9.59 8.74
CA GLY A 64 2.95 -9.01 9.73
C GLY A 64 1.78 -8.34 8.99
N PHE A 65 1.94 -8.10 7.72
CA PHE A 65 0.84 -7.45 6.94
C PHE A 65 -0.40 -8.33 6.98
N GLU A 66 -1.55 -7.76 7.24
CA GLU A 66 -2.79 -8.58 7.29
C GLU A 66 -3.36 -8.72 5.87
N VAL A 67 -2.82 -9.62 5.09
CA VAL A 67 -3.32 -9.81 3.71
C VAL A 67 -4.82 -10.05 3.73
N LEU A 68 -5.57 -9.38 2.90
CA LEU A 68 -7.04 -9.58 2.88
C LEU A 68 -7.44 -10.21 1.54
N GLU A 69 -8.35 -11.15 1.57
CA GLU A 69 -8.78 -11.81 0.30
C GLU A 69 -8.87 -10.77 -0.81
N ALA A 70 -8.88 -11.20 -2.04
CA ALA A 70 -8.97 -10.23 -3.17
C ALA A 70 -10.39 -10.23 -3.74
N GLU A 71 -10.63 -9.42 -4.73
CA GLU A 71 -12.00 -9.37 -5.34
C GLU A 71 -11.87 -9.05 -6.82
N GLU A 72 -12.03 -10.04 -7.66
CA GLU A 72 -11.92 -9.80 -9.13
C GLU A 72 -12.45 -8.40 -9.47
N THR A 73 -11.58 -7.51 -9.85
CA THR A 73 -12.02 -6.13 -10.20
C THR A 73 -11.68 -5.83 -11.65
N GLU A 74 -11.66 -4.58 -12.02
CA GLU A 74 -11.33 -4.22 -13.43
C GLU A 74 -10.13 -3.27 -13.44
N ASP A 75 -9.22 -3.45 -14.36
CA ASP A 75 -8.02 -2.57 -14.42
C ASP A 75 -8.47 -1.13 -14.67
N GLU A 76 -7.85 -0.47 -15.60
CA GLU A 76 -8.24 0.94 -15.91
C GLU A 76 -8.97 0.99 -17.25
N ASP A 77 -8.87 -0.04 -18.03
CA ASP A 77 -9.55 -0.06 -19.35
C ASP A 77 -10.78 -0.98 -19.27
N GLY A 78 -10.78 -1.90 -18.36
CA GLY A 78 -11.94 -2.82 -18.23
C GLY A 78 -11.48 -4.27 -18.45
N ASN A 79 -11.02 -4.92 -17.41
CA ASN A 79 -10.55 -6.32 -17.56
C ASN A 79 -10.87 -7.11 -16.28
N LYS A 80 -10.21 -8.21 -16.07
CA LYS A 80 -10.47 -9.01 -14.84
C LYS A 80 -9.15 -9.45 -14.22
N LEU A 81 -8.83 -8.96 -13.06
CA LEU A 81 -7.54 -9.34 -12.41
C LEU A 81 -7.77 -9.57 -10.91
N LEU A 82 -6.91 -10.30 -10.27
CA LEU A 82 -7.06 -10.55 -8.81
C LEU A 82 -6.37 -9.43 -8.03
N CYS A 83 -7.07 -8.81 -7.13
CA CYS A 83 -6.45 -7.72 -6.34
C CYS A 83 -6.57 -8.01 -4.84
N PHE A 84 -5.48 -8.38 -4.22
CA PHE A 84 -5.54 -8.67 -2.76
C PHE A 84 -5.07 -7.44 -1.99
N ASP A 85 -5.47 -7.30 -0.76
CA ASP A 85 -5.04 -6.11 0.03
C ASP A 85 -4.40 -6.54 1.35
N ALA A 86 -3.76 -5.63 2.03
CA ALA A 86 -3.12 -5.97 3.33
C ALA A 86 -3.29 -4.81 4.30
N THR A 87 -3.32 -5.08 5.58
CA THR A 87 -3.50 -3.98 6.56
C THR A 87 -2.42 -4.09 7.66
N MET A 88 -2.13 -3.01 8.32
CA MET A 88 -1.10 -3.05 9.39
C MET A 88 -1.38 -1.94 10.42
N GLN A 89 -1.66 -2.31 11.64
CA GLN A 89 -1.94 -1.27 12.67
C GLN A 89 -0.62 -0.81 13.29
N SER A 90 -0.43 0.47 13.43
CA SER A 90 0.84 0.98 14.02
C SER A 90 0.69 2.46 14.38
N ALA A 91 1.75 3.09 14.77
CA ALA A 91 1.67 4.54 15.14
C ALA A 91 2.00 5.41 13.92
N LEU A 92 1.09 6.23 13.51
CA LEU A 92 1.35 7.10 12.33
C LEU A 92 2.81 7.57 12.35
N ASP A 93 3.48 7.50 11.23
CA ASP A 93 4.91 7.94 11.19
C ASP A 93 5.45 7.78 9.77
N ALA A 94 5.75 8.87 9.11
CA ALA A 94 6.27 8.79 7.72
C ALA A 94 7.36 7.72 7.64
N LYS A 95 8.50 7.96 8.25
CA LYS A 95 9.60 6.96 8.21
C LYS A 95 9.03 5.55 8.35
N LEU A 96 8.17 5.34 9.31
CA LEU A 96 7.59 3.98 9.50
C LEU A 96 6.86 3.55 8.22
N ILE A 97 5.94 4.33 7.76
CA ILE A 97 5.19 3.97 6.52
C ILE A 97 6.17 3.77 5.37
N ASP A 98 7.27 4.46 5.38
CA ASP A 98 8.26 4.31 4.28
C ASP A 98 8.80 2.88 4.29
N GLU A 99 9.08 2.33 5.44
CA GLU A 99 9.59 0.94 5.51
C GLU A 99 8.53 -0.02 5.00
N GLN A 100 7.30 0.20 5.35
CA GLN A 100 6.21 -0.70 4.89
C GLN A 100 6.08 -0.62 3.38
N VAL A 101 6.01 0.57 2.83
CA VAL A 101 5.89 0.72 1.36
C VAL A 101 7.16 0.20 0.68
N GLU A 102 8.28 0.78 0.98
CA GLU A 102 9.56 0.33 0.35
C GLU A 102 9.62 -1.20 0.40
N LYS A 103 9.05 -1.80 1.42
CA LYS A 103 9.09 -3.28 1.52
C LYS A 103 8.14 -3.89 0.48
N LEU A 104 6.87 -3.58 0.57
CA LEU A 104 5.91 -4.14 -0.42
C LEU A 104 6.35 -3.77 -1.83
N VAL A 105 7.23 -2.82 -1.95
CA VAL A 105 7.71 -2.41 -3.31
C VAL A 105 8.83 -3.35 -3.76
N ASN A 106 9.96 -3.27 -3.12
CA ASN A 106 11.10 -4.16 -3.52
C ASN A 106 10.61 -5.60 -3.59
N LEU A 107 9.74 -6.00 -2.70
CA LEU A 107 9.23 -7.40 -2.72
C LEU A 107 8.27 -7.57 -3.90
N ALA A 108 7.46 -6.58 -4.16
CA ALA A 108 6.49 -6.69 -5.29
C ALA A 108 7.25 -7.05 -6.57
N GLU A 109 8.24 -6.27 -6.92
CA GLU A 109 9.02 -6.56 -8.15
C GLU A 109 9.86 -7.82 -7.94
N LYS A 110 10.34 -8.03 -6.75
CA LYS A 110 11.17 -9.25 -6.48
C LYS A 110 10.35 -10.49 -6.80
N PHE A 111 9.05 -10.37 -6.80
CA PHE A 111 8.19 -11.56 -7.11
C PHE A 111 7.70 -11.44 -8.56
N ASP A 112 6.74 -10.60 -8.81
CA ASP A 112 6.22 -10.44 -10.20
C ASP A 112 4.86 -9.74 -10.16
N ILE A 113 4.68 -8.84 -9.24
CA ILE A 113 3.38 -8.11 -9.16
C ILE A 113 3.62 -6.61 -9.33
N ILE A 114 2.58 -5.83 -9.31
CA ILE A 114 2.75 -4.35 -9.47
C ILE A 114 2.20 -3.63 -8.24
N TYR A 115 3.05 -3.05 -7.46
CA TYR A 115 2.58 -2.33 -6.24
C TYR A 115 2.23 -0.89 -6.60
N ASP A 116 1.05 -0.45 -6.29
CA ASP A 116 0.65 0.94 -6.62
C ASP A 116 -0.76 1.21 -6.09
N GLY A 117 -0.87 1.52 -4.83
CA GLY A 117 -2.22 1.80 -4.24
C GLY A 117 -2.17 1.65 -2.73
N TRP A 118 -1.70 2.65 -2.04
CA TRP A 118 -1.63 2.56 -0.56
C TRP A 118 -2.43 3.72 0.07
N GLY A 119 -3.03 3.49 1.20
CA GLY A 119 -3.82 4.58 1.85
C GLY A 119 -4.05 4.24 3.32
N THR A 120 -4.60 5.15 4.08
CA THR A 120 -4.84 4.88 5.52
C THR A 120 -6.22 5.41 5.91
N TYR A 121 -6.63 5.20 7.14
CA TYR A 121 -7.97 5.69 7.57
C TYR A 121 -7.79 6.67 8.73
N TYR A 122 -8.31 7.86 8.61
CA TYR A 122 -8.18 8.86 9.70
C TYR A 122 -9.04 8.42 10.89
N GLU A 123 -8.55 8.59 12.09
CA GLU A 123 -9.34 8.18 13.29
C GLU A 123 -9.54 9.40 14.20
N GLY A 124 -10.27 9.22 15.26
CA GLY A 124 -10.50 10.36 16.20
C GLY A 124 -12.00 10.62 16.33
N LEU A 125 -12.75 10.30 15.31
CA LEU A 125 -14.23 10.53 15.36
C LEU A 125 -14.87 9.48 16.27
N GLU A 126 -15.54 9.91 17.32
CA GLU A 126 -16.19 8.94 18.24
C GLU A 126 -17.31 8.21 17.50
N HIS A 127 -18.16 8.95 16.83
CA HIS A 127 -19.28 8.29 16.09
C HIS A 127 -20.17 7.52 17.06
N HIS A 128 -20.65 8.18 18.09
CA HIS A 128 -21.53 7.49 19.08
C HIS A 128 -22.34 8.55 19.84
N HIS A 129 -21.72 9.63 20.21
CA HIS A 129 -22.44 10.68 20.96
C HIS A 129 -22.50 11.96 20.11
N HIS A 130 -22.79 13.08 20.71
CA HIS A 130 -22.85 14.35 19.93
C HIS A 130 -23.92 14.22 18.85
N HIS A 131 -25.06 14.83 19.06
CA HIS A 131 -26.15 14.74 18.04
C HIS A 131 -26.62 16.15 17.68
N HIS A 132 -27.17 16.86 18.63
CA HIS A 132 -27.66 18.24 18.34
C HIS A 132 -26.48 19.21 18.44
N MET A 1 26.18 1.37 -12.88
CA MET A 1 27.53 1.17 -13.48
C MET A 1 27.59 -0.20 -14.16
N SER A 2 28.30 -1.13 -13.57
CA SER A 2 28.40 -2.48 -14.20
C SER A 2 27.96 -3.54 -13.20
N HIS A 3 27.99 -3.22 -11.92
CA HIS A 3 27.56 -4.22 -10.90
C HIS A 3 26.16 -3.87 -10.40
N GLN A 4 25.25 -4.81 -10.45
CA GLN A 4 23.87 -4.53 -9.96
C GLN A 4 23.26 -3.39 -10.78
N ASP A 5 22.95 -3.63 -12.02
CA ASP A 5 22.36 -2.55 -12.87
C ASP A 5 21.32 -3.16 -13.81
N ASP A 6 20.11 -2.64 -13.78
CA ASP A 6 19.06 -3.18 -14.67
C ASP A 6 18.30 -2.02 -15.32
N TYR A 7 17.39 -1.42 -14.61
CA TYR A 7 16.62 -0.28 -15.19
C TYR A 7 16.32 0.74 -14.09
N LEU A 8 15.76 1.86 -14.44
CA LEU A 8 15.45 2.90 -13.42
C LEU A 8 13.95 3.17 -13.40
N SER A 9 13.23 2.55 -12.50
CA SER A 9 11.76 2.78 -12.44
C SER A 9 11.26 2.52 -11.01
N VAL A 10 11.31 1.29 -10.57
CA VAL A 10 10.85 0.97 -9.19
C VAL A 10 11.35 2.05 -8.22
N GLU A 11 12.49 2.61 -8.48
CA GLU A 11 13.02 3.66 -7.57
C GLU A 11 12.29 4.98 -7.82
N GLU A 12 11.85 5.21 -9.02
CA GLU A 12 11.12 6.48 -9.31
C GLU A 12 9.80 6.50 -8.55
N LEU A 13 9.04 5.44 -8.62
CA LEU A 13 7.74 5.41 -7.89
C LEU A 13 7.96 5.69 -6.41
N ILE A 14 9.08 5.24 -5.88
CA ILE A 14 9.36 5.48 -4.44
C ILE A 14 9.53 6.98 -4.19
N GLU A 15 10.37 7.63 -4.96
CA GLU A 15 10.60 9.09 -4.77
C GLU A 15 9.23 9.81 -4.77
N ILE A 16 8.53 9.75 -5.86
CA ILE A 16 7.21 10.42 -5.92
C ILE A 16 6.33 9.95 -4.76
N GLN A 17 6.29 8.67 -4.52
CA GLN A 17 5.46 8.14 -3.40
C GLN A 17 5.91 8.77 -2.09
N LYS A 18 7.09 9.31 -2.05
CA LYS A 18 7.58 9.93 -0.78
C LYS A 18 7.04 11.37 -0.67
N GLU A 19 7.38 12.21 -1.61
CA GLU A 19 6.89 13.62 -1.56
C GLU A 19 5.38 13.61 -1.31
N GLU A 20 4.68 12.66 -1.86
CA GLU A 20 3.20 12.60 -1.66
C GLU A 20 2.91 12.21 -0.20
N THR A 21 3.50 11.14 0.26
CA THR A 21 3.24 10.71 1.66
C THR A 21 3.57 11.85 2.62
N ARG A 22 4.51 12.68 2.29
CA ARG A 22 4.86 13.82 3.18
C ARG A 22 3.70 14.82 3.22
N ASP A 23 3.18 15.19 2.08
CA ASP A 23 2.06 16.16 2.06
C ASP A 23 0.88 15.61 2.87
N ILE A 24 0.49 14.39 2.63
CA ILE A 24 -0.65 13.80 3.37
C ILE A 24 -0.35 13.83 4.88
N ILE A 25 0.72 13.22 5.29
CA ILE A 25 1.07 13.20 6.74
C ILE A 25 0.91 14.61 7.32
N GLN A 26 1.63 15.56 6.78
CA GLN A 26 1.53 16.95 7.31
C GLN A 26 0.05 17.34 7.45
N ALA A 27 -0.76 16.96 6.51
CA ALA A 27 -2.21 17.31 6.60
C ALA A 27 -2.85 16.54 7.74
N LEU A 28 -2.93 15.24 7.64
CA LEU A 28 -3.55 14.44 8.73
C LEU A 28 -3.18 15.04 10.09
N LEU A 29 -1.96 15.47 10.23
CA LEU A 29 -1.53 16.05 11.54
C LEU A 29 -2.30 17.36 11.78
N GLU A 30 -2.10 18.35 10.95
CA GLU A 30 -2.83 19.64 11.14
C GLU A 30 -4.27 19.35 11.52
N ASP A 31 -4.82 18.26 11.05
CA ASP A 31 -6.24 17.94 11.38
C ASP A 31 -6.32 17.54 12.85
N GLY A 32 -5.21 17.20 13.46
CA GLY A 32 -5.24 16.81 14.89
C GLY A 32 -5.56 15.32 15.01
N SER A 33 -5.11 14.52 14.07
CA SER A 33 -5.39 13.07 14.12
C SER A 33 -4.78 12.47 15.39
N ASP A 34 -3.75 13.10 15.92
CA ASP A 34 -3.11 12.58 17.16
C ASP A 34 -2.64 11.14 16.93
N PRO A 35 -1.44 10.99 16.44
CA PRO A 35 -0.85 9.65 16.16
C PRO A 35 -0.77 8.79 17.43
N ASP A 36 -1.19 9.32 18.54
CA ASP A 36 -1.14 8.53 19.81
C ASP A 36 -2.10 7.34 19.71
N ALA A 37 -3.15 7.47 18.95
CA ALA A 37 -4.12 6.35 18.81
C ALA A 37 -3.63 5.39 17.72
N LEU A 38 -2.35 5.39 17.45
CA LEU A 38 -1.81 4.49 16.40
C LEU A 38 -2.53 4.78 15.08
N TYR A 39 -1.99 4.31 13.98
CA TYR A 39 -2.65 4.57 12.67
C TYR A 39 -2.78 3.25 11.90
N GLU A 40 -3.73 3.17 11.01
CA GLU A 40 -3.91 1.91 10.23
C GLU A 40 -3.42 2.12 8.80
N ILE A 41 -2.48 1.33 8.36
CA ILE A 41 -1.96 1.49 6.97
C ILE A 41 -2.63 0.46 6.05
N GLU A 42 -2.91 0.83 4.84
CA GLU A 42 -3.57 -0.13 3.90
C GLU A 42 -2.85 -0.10 2.55
N HIS A 43 -2.66 -1.25 1.95
CA HIS A 43 -1.97 -1.29 0.63
C HIS A 43 -2.78 -2.16 -0.34
N HIS A 44 -2.58 -1.99 -1.61
CA HIS A 44 -3.35 -2.81 -2.59
C HIS A 44 -2.41 -3.33 -3.68
N LEU A 45 -2.35 -4.63 -3.84
CA LEU A 45 -1.44 -5.21 -4.88
C LEU A 45 -2.24 -6.17 -5.76
N PHE A 46 -1.86 -6.33 -7.00
CA PHE A 46 -2.60 -7.26 -7.90
C PHE A 46 -1.62 -8.16 -8.63
N ALA A 47 -2.10 -9.26 -9.15
CA ALA A 47 -1.19 -10.20 -9.89
C ALA A 47 -1.98 -10.89 -11.00
N GLU A 48 -1.29 -11.49 -11.93
CA GLU A 48 -2.00 -12.18 -13.05
C GLU A 48 -1.81 -13.70 -12.93
N ASP A 49 -1.07 -14.13 -11.95
CA ASP A 49 -0.83 -15.59 -11.77
C ASP A 49 -1.41 -16.05 -10.43
N PHE A 50 -2.28 -17.03 -10.45
CA PHE A 50 -2.87 -17.52 -9.17
C PHE A 50 -1.76 -18.12 -8.30
N ASP A 51 -0.72 -18.62 -8.91
CA ASP A 51 0.39 -19.22 -8.13
C ASP A 51 1.20 -18.11 -7.46
N LYS A 52 1.68 -17.16 -8.22
CA LYS A 52 2.48 -16.05 -7.62
C LYS A 52 1.58 -15.25 -6.66
N LEU A 53 0.31 -15.18 -6.94
CA LEU A 53 -0.61 -14.43 -6.05
C LEU A 53 -0.67 -15.10 -4.68
N GLU A 54 -0.74 -16.41 -4.65
CA GLU A 54 -0.80 -17.12 -3.35
C GLU A 54 0.57 -17.12 -2.68
N LYS A 55 1.62 -16.92 -3.45
CA LYS A 55 2.98 -16.90 -2.84
C LYS A 55 3.27 -15.52 -2.25
N ALA A 56 3.23 -14.50 -3.06
CA ALA A 56 3.50 -13.13 -2.54
C ALA A 56 2.52 -12.80 -1.40
N ALA A 57 1.32 -13.28 -1.48
CA ALA A 57 0.32 -12.99 -0.42
C ALA A 57 0.66 -13.80 0.84
N VAL A 58 0.92 -15.07 0.68
CA VAL A 58 1.25 -15.91 1.87
C VAL A 58 2.42 -15.28 2.64
N GLU A 59 3.44 -14.86 1.94
CA GLU A 59 4.61 -14.26 2.63
C GLU A 59 4.20 -12.91 3.25
N ALA A 60 3.41 -12.14 2.56
CA ALA A 60 2.99 -10.83 3.10
C ALA A 60 2.44 -11.00 4.52
N PHE A 61 1.59 -11.96 4.73
CA PHE A 61 1.02 -12.19 6.09
C PHE A 61 2.13 -12.68 7.03
N LYS A 62 2.72 -13.80 6.73
CA LYS A 62 3.80 -14.33 7.61
C LYS A 62 4.63 -13.17 8.16
N MET A 63 4.81 -12.13 7.39
CA MET A 63 5.61 -10.98 7.88
C MET A 63 4.81 -10.24 8.97
N GLY A 64 3.62 -9.81 8.67
CA GLY A 64 2.80 -9.09 9.68
C GLY A 64 1.68 -8.33 8.96
N PHE A 65 1.87 -8.00 7.72
CA PHE A 65 0.81 -7.26 6.97
C PHE A 65 -0.47 -8.09 6.96
N GLU A 66 -1.54 -7.55 7.46
CA GLU A 66 -2.82 -8.31 7.46
C GLU A 66 -3.36 -8.42 6.03
N VAL A 67 -2.91 -9.41 5.31
CA VAL A 67 -3.38 -9.58 3.90
C VAL A 67 -4.90 -9.75 3.88
N LEU A 68 -5.54 -9.25 2.86
CA LEU A 68 -7.02 -9.37 2.78
C LEU A 68 -7.40 -10.05 1.45
N GLU A 69 -8.31 -10.99 1.49
CA GLU A 69 -8.70 -11.68 0.23
C GLU A 69 -8.83 -10.66 -0.90
N ALA A 70 -8.65 -11.09 -2.12
CA ALA A 70 -8.76 -10.15 -3.27
C ALA A 70 -10.08 -10.38 -4.00
N GLU A 71 -10.54 -9.41 -4.75
CA GLU A 71 -11.82 -9.58 -5.50
C GLU A 71 -11.54 -9.43 -6.99
N GLU A 72 -12.55 -9.55 -7.81
CA GLU A 72 -12.34 -9.42 -9.27
C GLU A 72 -12.55 -7.96 -9.69
N THR A 73 -11.52 -7.33 -10.21
CA THR A 73 -11.67 -5.91 -10.64
C THR A 73 -10.70 -5.63 -11.79
N GLU A 74 -10.42 -4.39 -12.07
CA GLU A 74 -9.49 -4.07 -13.18
C GLU A 74 -8.85 -2.69 -12.94
N ASP A 75 -8.12 -2.20 -13.90
CA ASP A 75 -7.47 -0.87 -13.73
C ASP A 75 -7.50 -0.11 -15.06
N GLU A 76 -6.51 -0.29 -15.88
CA GLU A 76 -6.47 0.42 -17.19
C GLU A 76 -5.70 -0.42 -18.21
N ASP A 77 -5.55 -1.70 -17.96
CA ASP A 77 -4.80 -2.56 -18.91
C ASP A 77 -4.94 -4.02 -18.50
N GLY A 78 -5.70 -4.29 -17.47
CA GLY A 78 -5.89 -5.70 -17.04
C GLY A 78 -7.26 -6.20 -17.48
N ASN A 79 -8.30 -5.46 -17.20
CA ASN A 79 -9.66 -5.88 -17.61
C ASN A 79 -10.03 -7.18 -16.89
N LYS A 80 -9.12 -7.75 -16.16
CA LYS A 80 -9.41 -9.02 -15.43
C LYS A 80 -8.20 -9.43 -14.59
N LEU A 81 -8.22 -9.13 -13.31
CA LEU A 81 -7.08 -9.51 -12.44
C LEU A 81 -7.55 -9.57 -10.99
N LEU A 82 -6.71 -10.04 -10.11
CA LEU A 82 -7.11 -10.13 -8.67
C LEU A 82 -6.29 -9.13 -7.85
N CYS A 83 -6.91 -8.50 -6.87
CA CYS A 83 -6.16 -7.51 -6.04
C CYS A 83 -6.47 -7.74 -4.56
N PHE A 84 -5.47 -8.11 -3.79
CA PHE A 84 -5.70 -8.33 -2.34
C PHE A 84 -5.32 -7.07 -1.57
N ASP A 85 -5.79 -6.93 -0.36
CA ASP A 85 -5.45 -5.71 0.42
C ASP A 85 -4.61 -6.10 1.64
N ALA A 86 -3.71 -5.25 2.05
CA ALA A 86 -2.86 -5.57 3.23
C ALA A 86 -3.07 -4.50 4.31
N THR A 87 -3.13 -4.90 5.55
CA THR A 87 -3.33 -3.90 6.64
C THR A 87 -2.24 -4.06 7.70
N MET A 88 -1.85 -2.98 8.33
CA MET A 88 -0.80 -3.08 9.38
C MET A 88 -0.86 -1.83 10.27
N GLN A 89 -0.95 -2.02 11.55
CA GLN A 89 -1.03 -0.85 12.47
C GLN A 89 0.37 -0.27 12.69
N SER A 90 0.54 0.99 12.40
CA SER A 90 1.88 1.62 12.58
C SER A 90 1.70 3.04 13.13
N ALA A 91 2.76 3.80 13.22
CA ALA A 91 2.64 5.18 13.75
C ALA A 91 2.61 6.18 12.59
N LEU A 92 1.76 7.17 12.66
CA LEU A 92 1.68 8.17 11.55
C LEU A 92 3.05 8.82 11.38
N ASP A 93 3.78 8.43 10.36
CA ASP A 93 5.13 9.04 10.14
C ASP A 93 5.59 8.72 8.72
N ALA A 94 6.22 9.67 8.06
CA ALA A 94 6.69 9.42 6.67
C ALA A 94 7.80 8.36 6.70
N LYS A 95 8.96 8.71 7.19
CA LYS A 95 10.08 7.73 7.26
C LYS A 95 9.51 6.34 7.55
N LEU A 96 8.63 6.23 8.51
CA LEU A 96 8.05 4.91 8.84
C LEU A 96 7.36 4.33 7.61
N ILE A 97 6.45 5.07 7.02
CA ILE A 97 5.74 4.56 5.82
C ILE A 97 6.76 4.20 4.74
N ASP A 98 7.89 4.86 4.74
CA ASP A 98 8.94 4.55 3.73
C ASP A 98 9.44 3.12 3.94
N GLU A 99 9.67 2.74 5.17
CA GLU A 99 10.16 1.36 5.44
C GLU A 99 9.12 0.35 4.95
N GLN A 100 7.88 0.51 5.35
CA GLN A 100 6.83 -0.43 4.90
C GLN A 100 6.75 -0.42 3.37
N VAL A 101 6.53 0.72 2.79
CA VAL A 101 6.45 0.79 1.30
C VAL A 101 7.71 0.15 0.70
N GLU A 102 8.79 0.13 1.44
CA GLU A 102 10.04 -0.48 0.92
C GLU A 102 9.91 -2.01 0.90
N LYS A 103 9.42 -2.58 1.97
CA LYS A 103 9.26 -4.06 2.02
C LYS A 103 8.25 -4.49 0.96
N LEU A 104 7.16 -3.78 0.84
CA LEU A 104 6.13 -4.16 -0.17
C LEU A 104 6.69 -3.96 -1.58
N VAL A 105 7.57 -3.01 -1.74
CA VAL A 105 8.15 -2.76 -3.09
C VAL A 105 9.19 -3.83 -3.42
N ASN A 106 10.10 -4.09 -2.52
CA ASN A 106 11.14 -5.13 -2.78
C ASN A 106 10.48 -6.50 -2.93
N LEU A 107 9.62 -6.84 -2.01
CA LEU A 107 8.94 -8.17 -2.07
C LEU A 107 8.08 -8.24 -3.34
N ALA A 108 7.33 -7.22 -3.62
CA ALA A 108 6.47 -7.23 -4.84
C ALA A 108 7.32 -7.51 -6.08
N GLU A 109 8.28 -6.66 -6.35
CA GLU A 109 9.13 -6.87 -7.56
C GLU A 109 9.92 -8.16 -7.42
N LYS A 110 10.08 -8.66 -6.23
CA LYS A 110 10.85 -9.92 -6.04
C LYS A 110 10.04 -11.10 -6.57
N PHE A 111 8.74 -11.02 -6.52
CA PHE A 111 7.90 -12.14 -7.03
C PHE A 111 7.44 -11.83 -8.46
N ASP A 112 6.47 -10.99 -8.62
CA ASP A 112 5.99 -10.66 -9.98
C ASP A 112 4.69 -9.85 -9.89
N ILE A 113 4.58 -9.01 -8.90
CA ILE A 113 3.34 -8.19 -8.75
C ILE A 113 3.71 -6.71 -8.71
N ILE A 114 2.74 -5.84 -8.73
CA ILE A 114 3.04 -4.39 -8.69
C ILE A 114 2.41 -3.76 -7.45
N TYR A 115 3.05 -2.79 -6.87
CA TYR A 115 2.48 -2.13 -5.66
C TYR A 115 2.07 -0.69 -6.02
N ASP A 116 0.81 -0.48 -6.29
CA ASP A 116 0.35 0.89 -6.64
C ASP A 116 -0.99 1.17 -5.97
N GLY A 117 -0.97 1.53 -4.71
CA GLY A 117 -2.26 1.81 -4.01
C GLY A 117 -2.04 1.78 -2.49
N TRP A 118 -1.53 2.83 -1.92
CA TRP A 118 -1.30 2.86 -0.45
C TRP A 118 -2.19 3.93 0.18
N GLY A 119 -3.11 3.54 1.01
CA GLY A 119 -4.01 4.56 1.65
C GLY A 119 -4.10 4.28 3.15
N THR A 120 -4.47 5.26 3.92
CA THR A 120 -4.58 5.05 5.39
C THR A 120 -5.95 5.53 5.87
N TYR A 121 -6.34 5.18 7.07
CA TYR A 121 -7.66 5.62 7.59
C TYR A 121 -7.47 6.79 8.56
N TYR A 122 -8.31 7.78 8.49
CA TYR A 122 -8.17 8.95 9.40
C TYR A 122 -8.87 8.63 10.73
N GLU A 123 -8.11 8.30 11.75
CA GLU A 123 -8.73 8.00 13.07
C GLU A 123 -9.87 8.99 13.34
N GLY A 124 -11.07 8.51 13.41
CA GLY A 124 -12.22 9.42 13.67
C GLY A 124 -13.36 9.11 12.70
N LEU A 125 -13.06 8.45 11.62
CA LEU A 125 -14.14 8.12 10.63
C LEU A 125 -14.90 6.88 11.11
N GLU A 126 -15.17 6.81 12.38
CA GLU A 126 -15.91 5.63 12.92
C GLU A 126 -15.09 4.36 12.72
N HIS A 127 -15.51 3.28 13.28
CA HIS A 127 -14.75 2.00 13.11
C HIS A 127 -15.62 0.83 13.61
N HIS A 128 -16.89 0.87 13.32
CA HIS A 128 -17.79 -0.23 13.77
C HIS A 128 -18.06 -1.18 12.60
N HIS A 129 -17.97 -2.47 12.83
CA HIS A 129 -18.22 -3.43 11.73
C HIS A 129 -19.72 -3.76 11.67
N HIS A 130 -20.43 -3.18 10.74
CA HIS A 130 -21.89 -3.46 10.64
C HIS A 130 -22.36 -3.16 9.22
N HIS A 131 -21.46 -2.80 8.34
CA HIS A 131 -21.86 -2.50 6.94
C HIS A 131 -22.83 -1.33 6.93
N HIS A 132 -23.87 -1.40 6.13
CA HIS A 132 -24.85 -0.28 6.07
C HIS A 132 -26.26 -0.84 6.10
N MET A 1 33.06 -4.45 -17.90
CA MET A 1 33.29 -4.09 -16.48
C MET A 1 33.59 -2.59 -16.37
N SER A 2 32.63 -1.76 -16.66
CA SER A 2 32.87 -0.29 -16.57
C SER A 2 31.76 0.36 -15.74
N HIS A 3 31.41 -0.23 -14.62
CA HIS A 3 30.35 0.34 -13.77
C HIS A 3 29.15 0.76 -14.65
N GLN A 4 28.26 -0.14 -14.91
CA GLN A 4 27.08 0.21 -15.75
C GLN A 4 25.91 0.60 -14.85
N ASP A 5 25.27 1.70 -15.13
CA ASP A 5 24.11 2.13 -14.28
C ASP A 5 22.84 1.44 -14.76
N ASP A 6 22.21 1.99 -15.77
CA ASP A 6 20.95 1.36 -16.28
C ASP A 6 19.97 1.16 -15.12
N TYR A 7 19.88 2.13 -14.26
CA TYR A 7 18.94 2.01 -13.10
C TYR A 7 17.50 1.96 -13.60
N LEU A 8 16.67 1.16 -12.98
CA LEU A 8 15.25 1.07 -13.42
C LEU A 8 14.46 2.24 -12.82
N SER A 9 13.16 2.19 -12.89
CA SER A 9 12.34 3.29 -12.31
C SER A 9 11.89 2.91 -10.91
N VAL A 10 12.13 1.69 -10.52
CA VAL A 10 11.72 1.26 -9.14
C VAL A 10 12.12 2.36 -8.15
N GLU A 11 13.20 3.02 -8.40
CA GLU A 11 13.64 4.11 -7.48
C GLU A 11 12.78 5.34 -7.74
N GLU A 12 12.14 5.39 -8.88
CA GLU A 12 11.28 6.55 -9.21
C GLU A 12 10.01 6.49 -8.36
N LEU A 13 9.28 5.42 -8.45
CA LEU A 13 8.03 5.29 -7.65
C LEU A 13 8.33 5.64 -6.20
N ILE A 14 9.37 5.08 -5.64
CA ILE A 14 9.72 5.38 -4.23
C ILE A 14 9.78 6.90 -4.02
N GLU A 15 10.72 7.54 -4.66
CA GLU A 15 10.84 9.02 -4.50
C GLU A 15 9.45 9.65 -4.55
N ILE A 16 8.73 9.43 -5.62
CA ILE A 16 7.36 10.01 -5.72
C ILE A 16 6.57 9.70 -4.44
N GLN A 17 6.26 8.45 -4.21
CA GLN A 17 5.50 8.08 -2.97
C GLN A 17 6.02 8.92 -1.81
N LYS A 18 7.30 8.88 -1.55
CA LYS A 18 7.87 9.67 -0.43
C LYS A 18 7.16 11.03 -0.35
N GLU A 19 7.22 11.79 -1.40
CA GLU A 19 6.56 13.13 -1.40
C GLU A 19 5.07 12.95 -1.09
N GLU A 20 4.33 12.32 -1.96
CA GLU A 20 2.88 12.11 -1.72
C GLU A 20 2.64 11.86 -0.23
N THR A 21 3.47 11.06 0.39
CA THR A 21 3.29 10.77 1.85
C THR A 21 3.36 12.08 2.64
N ARG A 22 4.47 12.76 2.58
CA ARG A 22 4.59 14.04 3.33
C ARG A 22 3.31 14.85 3.17
N ASP A 23 2.79 14.94 1.97
CA ASP A 23 1.55 15.72 1.74
C ASP A 23 0.45 15.20 2.69
N ILE A 24 0.28 13.90 2.73
CA ILE A 24 -0.77 13.33 3.63
C ILE A 24 -0.34 13.50 5.08
N ILE A 25 0.69 12.82 5.49
CA ILE A 25 1.16 12.94 6.90
C ILE A 25 0.99 14.38 7.38
N GLN A 26 1.07 15.32 6.48
CA GLN A 26 0.91 16.75 6.89
C GLN A 26 -0.57 17.04 7.13
N ALA A 27 -1.41 16.73 6.17
CA ALA A 27 -2.87 17.01 6.35
C ALA A 27 -3.35 16.41 7.67
N LEU A 28 -3.04 15.17 7.92
CA LEU A 28 -3.48 14.53 9.19
C LEU A 28 -2.91 15.30 10.39
N LEU A 29 -1.61 15.32 10.52
CA LEU A 29 -1.00 16.05 11.66
C LEU A 29 -1.68 17.42 11.82
N GLU A 30 -1.69 18.20 10.79
CA GLU A 30 -2.34 19.54 10.88
C GLU A 30 -3.77 19.40 11.41
N ASP A 31 -4.41 18.30 11.11
CA ASP A 31 -5.80 18.10 11.60
C ASP A 31 -5.79 17.94 13.13
N GLY A 32 -4.69 17.54 13.68
CA GLY A 32 -4.61 17.37 15.16
C GLY A 32 -4.99 15.93 15.53
N SER A 33 -4.67 14.99 14.69
CA SER A 33 -5.02 13.57 14.99
C SER A 33 -4.07 13.04 16.07
N ASP A 34 -4.61 12.49 17.13
CA ASP A 34 -3.75 11.94 18.21
C ASP A 34 -2.55 11.20 17.60
N PRO A 35 -1.39 11.81 17.60
CA PRO A 35 -0.16 11.19 17.04
C PRO A 35 0.16 9.84 17.67
N ASP A 36 -0.53 9.48 18.73
CA ASP A 36 -0.25 8.17 19.39
C ASP A 36 -1.49 7.29 19.35
N ALA A 37 -2.45 7.62 18.53
CA ALA A 37 -3.69 6.79 18.47
C ALA A 37 -3.46 5.64 17.49
N LEU A 38 -2.28 5.52 16.97
CA LEU A 38 -1.99 4.41 16.01
C LEU A 38 -2.83 4.61 14.75
N TYR A 39 -2.29 4.29 13.61
CA TYR A 39 -3.06 4.45 12.34
C TYR A 39 -3.03 3.14 11.56
N GLU A 40 -3.95 2.95 10.65
CA GLU A 40 -3.96 1.70 9.85
C GLU A 40 -3.57 2.00 8.41
N ILE A 41 -2.60 1.30 7.89
CA ILE A 41 -2.16 1.54 6.49
C ILE A 41 -2.76 0.46 5.58
N GLU A 42 -3.34 0.85 4.49
CA GLU A 42 -3.93 -0.15 3.55
C GLU A 42 -3.18 -0.12 2.22
N HIS A 43 -2.67 -1.24 1.79
CA HIS A 43 -1.92 -1.26 0.50
C HIS A 43 -2.68 -2.14 -0.51
N HIS A 44 -2.75 -1.72 -1.75
CA HIS A 44 -3.47 -2.53 -2.77
C HIS A 44 -2.46 -3.26 -3.65
N LEU A 45 -2.51 -4.56 -3.67
CA LEU A 45 -1.55 -5.34 -4.50
C LEU A 45 -2.34 -6.30 -5.40
N PHE A 46 -1.98 -6.39 -6.65
CA PHE A 46 -2.72 -7.31 -7.57
C PHE A 46 -1.74 -8.26 -8.26
N ALA A 47 -2.26 -9.27 -8.90
CA ALA A 47 -1.37 -10.23 -9.61
C ALA A 47 -2.12 -10.86 -10.78
N GLU A 48 -1.47 -11.69 -11.54
CA GLU A 48 -2.16 -12.33 -12.71
C GLU A 48 -2.29 -13.83 -12.47
N ASP A 49 -1.37 -14.41 -11.73
CA ASP A 49 -1.45 -15.88 -11.47
C ASP A 49 -1.62 -16.12 -9.98
N PHE A 50 -2.77 -16.60 -9.56
CA PHE A 50 -2.98 -16.87 -8.12
C PHE A 50 -1.79 -17.65 -7.56
N ASP A 51 -1.04 -18.28 -8.42
CA ASP A 51 0.15 -19.05 -7.94
C ASP A 51 1.18 -18.08 -7.35
N LYS A 52 1.81 -17.30 -8.18
CA LYS A 52 2.82 -16.33 -7.66
C LYS A 52 2.16 -15.39 -6.65
N LEU A 53 0.87 -15.18 -6.78
CA LEU A 53 0.16 -14.29 -5.83
C LEU A 53 0.20 -14.90 -4.42
N GLU A 54 -0.34 -16.08 -4.26
CA GLU A 54 -0.34 -16.73 -2.92
C GLU A 54 1.09 -16.70 -2.35
N LYS A 55 2.07 -16.90 -3.18
CA LYS A 55 3.48 -16.90 -2.69
C LYS A 55 3.79 -15.55 -2.04
N ALA A 56 3.50 -14.47 -2.72
CA ALA A 56 3.78 -13.13 -2.14
C ALA A 56 2.88 -12.90 -0.92
N ALA A 57 1.60 -12.84 -1.14
CA ALA A 57 0.66 -12.61 0.00
C ALA A 57 1.10 -13.43 1.21
N VAL A 58 1.41 -14.68 1.01
CA VAL A 58 1.85 -15.53 2.15
C VAL A 58 3.05 -14.87 2.85
N GLU A 59 4.04 -14.48 2.11
CA GLU A 59 5.22 -13.83 2.74
C GLU A 59 4.79 -12.57 3.47
N ALA A 60 3.88 -11.82 2.90
CA ALA A 60 3.40 -10.57 3.57
C ALA A 60 2.82 -10.92 4.94
N PHE A 61 1.81 -11.76 4.97
CA PHE A 61 1.20 -12.14 6.27
C PHE A 61 2.31 -12.53 7.25
N LYS A 62 3.23 -13.35 6.82
CA LYS A 62 4.34 -13.77 7.73
C LYS A 62 4.95 -12.53 8.39
N MET A 63 5.47 -11.63 7.60
CA MET A 63 6.07 -10.40 8.19
C MET A 63 5.12 -9.81 9.24
N GLY A 64 3.93 -9.45 8.83
CA GLY A 64 2.97 -8.86 9.80
C GLY A 64 1.92 -8.05 9.04
N PHE A 65 1.59 -8.46 7.84
CA PHE A 65 0.57 -7.70 7.06
C PHE A 65 -0.76 -8.44 7.10
N GLU A 66 -1.86 -7.72 7.05
CA GLU A 66 -3.20 -8.39 7.09
C GLU A 66 -3.73 -8.53 5.67
N VAL A 67 -3.31 -9.52 4.95
CA VAL A 67 -3.80 -9.70 3.55
C VAL A 67 -5.32 -9.87 3.58
N LEU A 68 -6.03 -9.05 2.84
CA LEU A 68 -7.51 -9.18 2.81
C LEU A 68 -7.93 -9.85 1.50
N GLU A 69 -8.95 -10.66 1.54
CA GLU A 69 -9.40 -11.34 0.29
C GLU A 69 -9.32 -10.36 -0.88
N ALA A 70 -9.36 -10.85 -2.08
CA ALA A 70 -9.29 -9.95 -3.27
C ALA A 70 -10.63 -9.95 -3.99
N GLU A 71 -10.76 -9.14 -5.01
CA GLU A 71 -12.05 -9.09 -5.77
C GLU A 71 -11.75 -9.08 -7.27
N GLU A 72 -12.66 -9.57 -8.06
CA GLU A 72 -12.44 -9.58 -9.54
C GLU A 72 -12.62 -8.17 -10.10
N THR A 73 -11.54 -7.51 -10.42
CA THR A 73 -11.65 -6.13 -10.97
C THR A 73 -10.87 -6.05 -12.29
N GLU A 74 -10.24 -4.94 -12.54
CA GLU A 74 -9.47 -4.79 -13.80
C GLU A 74 -8.65 -3.49 -13.75
N ASP A 75 -7.74 -3.32 -14.67
CA ASP A 75 -6.91 -2.08 -14.66
C ASP A 75 -6.61 -1.65 -16.09
N GLU A 76 -5.35 -1.56 -16.45
CA GLU A 76 -5.00 -1.15 -17.84
C GLU A 76 -4.74 -2.38 -18.70
N ASP A 77 -5.17 -3.53 -18.26
CA ASP A 77 -4.95 -4.77 -19.06
C ASP A 77 -5.30 -6.00 -18.23
N GLY A 78 -5.88 -5.80 -17.08
CA GLY A 78 -6.25 -6.96 -16.22
C GLY A 78 -7.51 -7.62 -16.79
N ASN A 79 -8.52 -6.86 -17.05
CA ASN A 79 -9.78 -7.44 -17.61
C ASN A 79 -10.36 -8.46 -16.63
N LYS A 80 -9.52 -9.18 -15.92
CA LYS A 80 -10.04 -10.18 -14.95
C LYS A 80 -8.89 -10.71 -14.10
N LEU A 81 -8.40 -9.92 -13.19
CA LEU A 81 -7.28 -10.40 -12.33
C LEU A 81 -7.73 -10.38 -10.86
N LEU A 82 -6.81 -10.52 -9.94
CA LEU A 82 -7.19 -10.51 -8.50
C LEU A 82 -6.49 -9.36 -7.79
N CYS A 83 -7.17 -8.72 -6.87
CA CYS A 83 -6.54 -7.59 -6.13
C CYS A 83 -6.77 -7.79 -4.63
N PHE A 84 -5.77 -8.25 -3.92
CA PHE A 84 -5.94 -8.47 -2.46
C PHE A 84 -5.51 -7.21 -1.71
N ASP A 85 -6.10 -6.96 -0.57
CA ASP A 85 -5.74 -5.74 0.22
C ASP A 85 -4.87 -6.15 1.40
N ALA A 86 -4.07 -5.24 1.90
CA ALA A 86 -3.20 -5.57 3.06
C ALA A 86 -3.33 -4.48 4.13
N THR A 87 -3.53 -4.86 5.35
CA THR A 87 -3.68 -3.86 6.44
C THR A 87 -2.52 -4.02 7.44
N MET A 88 -2.04 -2.93 7.97
CA MET A 88 -0.92 -3.03 8.95
C MET A 88 -1.01 -1.86 9.95
N GLN A 89 -1.18 -2.15 11.21
CA GLN A 89 -1.27 -1.06 12.22
C GLN A 89 0.10 -0.42 12.39
N SER A 90 0.22 0.85 12.12
CA SER A 90 1.54 1.51 12.26
C SER A 90 1.34 2.93 12.81
N ALA A 91 2.21 3.36 13.69
CA ALA A 91 2.09 4.73 14.25
C ALA A 91 2.17 5.76 13.11
N LEU A 92 1.40 6.81 13.20
CA LEU A 92 1.44 7.84 12.13
C LEU A 92 2.86 8.39 11.98
N ASP A 93 3.52 8.07 10.91
CA ASP A 93 4.91 8.57 10.71
C ASP A 93 5.37 8.26 9.28
N ALA A 94 5.89 9.23 8.58
CA ALA A 94 6.35 9.00 7.19
C ALA A 94 7.48 7.97 7.19
N LYS A 95 8.47 8.16 8.01
CA LYS A 95 9.61 7.19 8.04
C LYS A 95 9.07 5.77 8.23
N LEU A 96 7.95 5.65 8.89
CA LEU A 96 7.38 4.28 9.11
C LEU A 96 6.76 3.77 7.81
N ILE A 97 5.93 4.55 7.19
CA ILE A 97 5.30 4.10 5.91
C ILE A 97 6.37 3.92 4.84
N ASP A 98 7.45 4.66 4.92
CA ASP A 98 8.53 4.52 3.90
C ASP A 98 9.20 3.16 4.04
N GLU A 99 9.59 2.79 5.23
CA GLU A 99 10.26 1.48 5.43
C GLU A 99 9.32 0.36 4.97
N GLN A 100 8.08 0.38 5.39
CA GLN A 100 7.13 -0.68 4.98
C GLN A 100 6.91 -0.62 3.47
N VAL A 101 6.78 0.56 2.92
CA VAL A 101 6.56 0.67 1.45
C VAL A 101 7.73 0.03 0.70
N GLU A 102 8.92 0.53 0.89
CA GLU A 102 10.09 -0.06 0.19
C GLU A 102 10.05 -1.59 0.30
N LYS A 103 9.78 -2.09 1.46
CA LYS A 103 9.73 -3.57 1.64
C LYS A 103 8.73 -4.19 0.65
N LEU A 104 7.51 -3.74 0.68
CA LEU A 104 6.49 -4.30 -0.26
C LEU A 104 6.90 -4.04 -1.70
N VAL A 105 7.53 -2.93 -1.96
CA VAL A 105 7.95 -2.62 -3.36
C VAL A 105 9.02 -3.62 -3.81
N ASN A 106 9.99 -3.88 -2.98
CA ASN A 106 11.06 -4.84 -3.37
C ASN A 106 10.46 -6.23 -3.58
N LEU A 107 9.79 -6.76 -2.60
CA LEU A 107 9.18 -8.11 -2.74
C LEU A 107 8.21 -8.12 -3.93
N ALA A 108 7.35 -7.14 -4.01
CA ALA A 108 6.38 -7.09 -5.14
C ALA A 108 7.12 -7.32 -6.46
N GLU A 109 8.23 -6.67 -6.64
CA GLU A 109 8.99 -6.86 -7.91
C GLU A 109 9.77 -8.18 -7.86
N LYS A 110 10.07 -8.65 -6.69
CA LYS A 110 10.83 -9.94 -6.58
C LYS A 110 9.98 -11.07 -7.16
N PHE A 111 8.69 -10.98 -7.06
CA PHE A 111 7.83 -12.07 -7.61
C PHE A 111 7.28 -11.64 -8.97
N ASP A 112 6.29 -10.79 -9.00
CA ASP A 112 5.72 -10.35 -10.30
C ASP A 112 4.39 -9.63 -10.06
N ILE A 113 4.27 -8.89 -8.99
CA ILE A 113 3.00 -8.17 -8.72
C ILE A 113 3.26 -6.66 -8.70
N ILE A 114 2.41 -5.89 -9.30
CA ILE A 114 2.61 -4.42 -9.32
C ILE A 114 2.00 -3.80 -8.06
N TYR A 115 2.83 -3.26 -7.21
CA TYR A 115 2.30 -2.63 -5.96
C TYR A 115 2.24 -1.11 -6.14
N ASP A 116 1.06 -0.58 -6.37
CA ASP A 116 0.93 0.89 -6.56
C ASP A 116 -0.47 1.33 -6.12
N GLY A 117 -0.64 1.65 -4.86
CA GLY A 117 -1.97 2.09 -4.38
C GLY A 117 -2.02 1.98 -2.86
N TRP A 118 -1.35 2.87 -2.17
CA TRP A 118 -1.36 2.82 -0.68
C TRP A 118 -2.20 3.98 -0.13
N GLY A 119 -3.12 3.69 0.75
CA GLY A 119 -3.96 4.77 1.33
C GLY A 119 -4.25 4.47 2.80
N THR A 120 -4.29 5.47 3.62
CA THR A 120 -4.57 5.24 5.07
C THR A 120 -6.04 5.55 5.37
N TYR A 121 -6.45 5.36 6.59
CA TYR A 121 -7.86 5.65 6.95
C TYR A 121 -7.91 6.43 8.27
N TYR A 122 -8.64 7.50 8.31
CA TYR A 122 -8.72 8.31 9.57
C TYR A 122 -9.15 7.40 10.72
N GLU A 123 -8.73 7.71 11.91
CA GLU A 123 -9.11 6.88 13.09
C GLU A 123 -10.55 7.18 13.49
N GLY A 124 -11.43 7.32 12.53
CA GLY A 124 -12.85 7.61 12.87
C GLY A 124 -13.25 8.95 12.23
N LEU A 125 -14.51 9.30 12.32
CA LEU A 125 -14.96 10.60 11.72
C LEU A 125 -15.77 11.38 12.76
N GLU A 126 -15.67 12.69 12.74
CA GLU A 126 -16.42 13.51 13.73
C GLU A 126 -17.16 14.63 12.98
N HIS A 127 -18.25 14.32 12.34
CA HIS A 127 -19.00 15.37 11.61
C HIS A 127 -20.41 14.87 11.29
N HIS A 128 -20.68 13.61 11.55
CA HIS A 128 -22.04 13.07 11.27
C HIS A 128 -22.99 13.44 12.41
N HIS A 129 -24.28 13.35 12.16
CA HIS A 129 -25.27 13.71 13.21
C HIS A 129 -26.38 12.66 13.23
N HIS A 130 -26.87 12.31 14.39
CA HIS A 130 -27.95 11.30 14.46
C HIS A 130 -29.09 11.82 15.34
N HIS A 131 -30.19 11.12 15.40
CA HIS A 131 -31.33 11.58 16.23
C HIS A 131 -32.34 10.44 16.38
N HIS A 132 -33.29 10.37 15.50
CA HIS A 132 -34.31 9.28 15.58
C HIS A 132 -33.63 7.97 15.97
N MET A 1 24.53 1.68 -3.49
CA MET A 1 23.84 2.92 -3.03
C MET A 1 24.14 4.06 -4.01
N SER A 2 25.29 4.03 -4.63
CA SER A 2 25.63 5.11 -5.60
C SER A 2 26.71 4.61 -6.57
N HIS A 3 26.76 3.32 -6.79
CA HIS A 3 27.78 2.77 -7.72
C HIS A 3 27.12 1.79 -8.68
N GLN A 4 25.93 2.09 -9.14
CA GLN A 4 25.24 1.17 -10.09
C GLN A 4 24.17 1.95 -10.85
N ASP A 5 23.95 1.60 -12.09
CA ASP A 5 22.92 2.32 -12.89
C ASP A 5 22.40 1.41 -14.00
N ASP A 6 21.10 1.22 -14.06
CA ASP A 6 20.52 0.35 -15.12
C ASP A 6 19.05 0.71 -15.31
N TYR A 7 18.76 1.69 -16.13
CA TYR A 7 17.34 2.09 -16.35
C TYR A 7 16.59 2.03 -15.02
N LEU A 8 16.75 3.03 -14.19
CA LEU A 8 16.06 3.02 -12.88
C LEU A 8 14.54 3.05 -13.09
N SER A 9 13.79 2.74 -12.07
CA SER A 9 12.31 2.74 -12.21
C SER A 9 11.68 2.53 -10.82
N VAL A 10 12.07 1.48 -10.14
CA VAL A 10 11.51 1.23 -8.79
C VAL A 10 11.75 2.45 -7.90
N GLU A 11 12.79 3.20 -8.18
CA GLU A 11 13.10 4.39 -7.36
C GLU A 11 12.06 5.48 -7.65
N GLU A 12 11.42 5.41 -8.78
CA GLU A 12 10.39 6.43 -9.14
C GLU A 12 9.13 6.19 -8.31
N LEU A 13 8.66 4.96 -8.28
CA LEU A 13 7.44 4.64 -7.50
C LEU A 13 7.68 4.97 -6.02
N ILE A 14 8.79 4.55 -5.49
CA ILE A 14 9.09 4.82 -4.06
C ILE A 14 9.15 6.35 -3.82
N GLU A 15 9.97 7.03 -4.57
CA GLU A 15 10.08 8.51 -4.39
C GLU A 15 8.69 9.13 -4.46
N ILE A 16 7.97 8.88 -5.52
CA ILE A 16 6.60 9.47 -5.64
C ILE A 16 5.83 9.26 -4.33
N GLN A 17 6.01 8.14 -3.70
CA GLN A 17 5.27 7.86 -2.43
C GLN A 17 5.88 8.71 -1.31
N LYS A 18 7.16 8.90 -1.33
CA LYS A 18 7.80 9.72 -0.25
C LYS A 18 7.22 11.13 -0.26
N GLU A 19 7.06 11.72 -1.41
CA GLU A 19 6.50 13.09 -1.49
C GLU A 19 5.02 13.07 -1.07
N GLU A 20 4.23 12.26 -1.72
CA GLU A 20 2.79 12.19 -1.37
C GLU A 20 2.62 11.86 0.11
N THR A 21 3.57 11.18 0.69
CA THR A 21 3.47 10.83 2.13
C THR A 21 3.58 12.08 2.98
N ARG A 22 4.62 12.86 2.78
CA ARG A 22 4.77 14.11 3.59
C ARG A 22 3.56 15.00 3.38
N ASP A 23 2.91 14.90 2.26
CA ASP A 23 1.71 15.75 2.00
C ASP A 23 0.53 15.23 2.83
N ILE A 24 0.23 13.96 2.73
CA ILE A 24 -0.91 13.40 3.50
C ILE A 24 -0.63 13.56 5.00
N ILE A 25 0.48 13.07 5.46
CA ILE A 25 0.80 13.19 6.92
C ILE A 25 0.73 14.66 7.32
N GLN A 26 1.08 15.56 6.43
CA GLN A 26 1.03 17.01 6.76
C GLN A 26 -0.43 17.45 6.93
N ALA A 27 -1.23 17.26 5.92
CA ALA A 27 -2.67 17.68 6.02
C ALA A 27 -3.29 17.06 7.27
N LEU A 28 -3.17 15.78 7.44
CA LEU A 28 -3.77 15.12 8.64
C LEU A 28 -3.21 15.75 9.90
N LEU A 29 -1.90 15.90 9.98
CA LEU A 29 -1.30 16.51 11.20
C LEU A 29 -1.96 17.86 11.47
N GLU A 30 -2.13 18.66 10.46
CA GLU A 30 -2.77 19.99 10.65
C GLU A 30 -4.24 19.80 11.01
N ASP A 31 -4.86 18.76 10.52
CA ASP A 31 -6.29 18.51 10.84
C ASP A 31 -6.46 18.33 12.35
N GLY A 32 -5.50 17.70 12.99
CA GLY A 32 -5.61 17.50 14.46
C GLY A 32 -5.50 16.01 14.80
N SER A 33 -5.04 15.21 13.87
CA SER A 33 -4.92 13.76 14.14
C SER A 33 -4.22 13.55 15.49
N ASP A 34 -3.96 12.33 15.85
CA ASP A 34 -3.28 12.07 17.16
C ASP A 34 -2.29 10.91 17.00
N PRO A 35 -1.08 11.22 16.63
CA PRO A 35 0.00 10.21 16.44
C PRO A 35 0.20 9.32 17.67
N ASP A 36 -0.29 9.75 18.80
CA ASP A 36 -0.13 8.93 20.04
C ASP A 36 -1.30 7.96 20.17
N ALA A 37 -2.08 7.80 19.13
CA ALA A 37 -3.23 6.87 19.19
C ALA A 37 -3.08 5.78 18.14
N LEU A 38 -1.87 5.48 17.76
CA LEU A 38 -1.66 4.43 16.72
C LEU A 38 -2.45 4.78 15.46
N TYR A 39 -2.11 4.21 14.35
CA TYR A 39 -2.85 4.51 13.09
C TYR A 39 -2.99 3.24 12.25
N GLU A 40 -3.76 3.28 11.21
CA GLU A 40 -3.94 2.07 10.35
C GLU A 40 -3.52 2.38 8.91
N ILE A 41 -2.67 1.56 8.35
CA ILE A 41 -2.23 1.80 6.95
C ILE A 41 -2.57 0.57 6.09
N GLU A 42 -3.21 0.77 4.98
CA GLU A 42 -3.56 -0.38 4.11
C GLU A 42 -2.83 -0.26 2.77
N HIS A 43 -2.45 -1.37 2.19
CA HIS A 43 -1.74 -1.31 0.88
C HIS A 43 -2.51 -2.11 -0.16
N HIS A 44 -2.36 -1.77 -1.42
CA HIS A 44 -3.09 -2.51 -2.47
C HIS A 44 -2.08 -3.13 -3.46
N LEU A 45 -2.28 -4.36 -3.83
CA LEU A 45 -1.33 -5.01 -4.77
C LEU A 45 -2.09 -5.96 -5.70
N PHE A 46 -1.65 -6.08 -6.92
CA PHE A 46 -2.35 -6.98 -7.88
C PHE A 46 -1.36 -7.99 -8.46
N ALA A 47 -1.84 -9.07 -9.00
CA ALA A 47 -0.93 -10.09 -9.59
C ALA A 47 -1.55 -10.66 -10.86
N GLU A 48 -0.88 -11.59 -11.50
CA GLU A 48 -1.43 -12.17 -12.76
C GLU A 48 -1.89 -13.61 -12.51
N ASP A 49 -1.08 -14.40 -11.84
CA ASP A 49 -1.47 -15.82 -11.59
C ASP A 49 -2.00 -15.96 -10.16
N PHE A 50 -2.98 -16.80 -9.96
CA PHE A 50 -3.53 -16.99 -8.59
C PHE A 50 -2.44 -17.61 -7.70
N ASP A 51 -1.57 -18.39 -8.28
CA ASP A 51 -0.49 -19.01 -7.46
C ASP A 51 0.51 -17.94 -7.03
N LYS A 52 1.29 -17.44 -7.95
CA LYS A 52 2.28 -16.39 -7.60
C LYS A 52 1.64 -15.41 -6.61
N LEU A 53 0.37 -15.15 -6.77
CA LEU A 53 -0.32 -14.21 -5.84
C LEU A 53 -0.36 -14.82 -4.44
N GLU A 54 -0.87 -16.02 -4.32
CA GLU A 54 -0.95 -16.66 -2.98
C GLU A 54 0.45 -16.70 -2.35
N LYS A 55 1.47 -16.70 -3.16
CA LYS A 55 2.86 -16.74 -2.61
C LYS A 55 3.23 -15.35 -2.07
N ALA A 56 3.33 -14.38 -2.93
CA ALA A 56 3.69 -13.01 -2.46
C ALA A 56 2.80 -12.65 -1.27
N ALA A 57 1.54 -12.97 -1.34
CA ALA A 57 0.61 -12.65 -0.22
C ALA A 57 1.04 -13.44 1.03
N VAL A 58 1.26 -14.72 0.87
CA VAL A 58 1.68 -15.55 2.04
C VAL A 58 2.87 -14.87 2.72
N GLU A 59 3.90 -14.59 1.99
CA GLU A 59 5.09 -13.93 2.60
C GLU A 59 4.64 -12.70 3.39
N ALA A 60 3.73 -11.93 2.84
CA ALA A 60 3.25 -10.73 3.55
C ALA A 60 2.75 -11.12 4.94
N PHE A 61 1.80 -12.00 5.00
CA PHE A 61 1.27 -12.43 6.34
C PHE A 61 2.45 -12.76 7.27
N LYS A 62 3.26 -13.71 6.89
CA LYS A 62 4.42 -14.08 7.75
C LYS A 62 5.17 -12.81 8.17
N MET A 63 5.36 -11.88 7.26
CA MET A 63 6.08 -10.63 7.61
C MET A 63 5.26 -9.82 8.62
N GLY A 64 3.97 -10.02 8.62
CA GLY A 64 3.11 -9.26 9.58
C GLY A 64 2.20 -8.31 8.81
N PHE A 65 1.49 -8.81 7.85
CA PHE A 65 0.58 -7.94 7.06
C PHE A 65 -0.80 -8.60 6.93
N GLU A 66 -1.82 -7.98 7.45
CA GLU A 66 -3.17 -8.59 7.36
C GLU A 66 -3.59 -8.66 5.89
N VAL A 67 -3.25 -9.73 5.22
CA VAL A 67 -3.61 -9.87 3.78
C VAL A 67 -5.12 -10.08 3.66
N LEU A 68 -5.71 -9.57 2.61
CA LEU A 68 -7.18 -9.74 2.42
C LEU A 68 -7.45 -10.36 1.05
N GLU A 69 -8.37 -11.28 0.97
CA GLU A 69 -8.66 -11.92 -0.34
C GLU A 69 -8.79 -10.84 -1.43
N ALA A 70 -8.74 -11.23 -2.68
CA ALA A 70 -8.85 -10.23 -3.77
C ALA A 70 -10.22 -10.36 -4.45
N GLU A 71 -10.47 -9.56 -5.44
CA GLU A 71 -11.78 -9.64 -6.14
C GLU A 71 -11.60 -9.25 -7.61
N GLU A 72 -11.89 -10.15 -8.51
CA GLU A 72 -11.73 -9.83 -9.96
C GLU A 72 -12.23 -8.41 -10.23
N THR A 73 -11.37 -7.54 -10.65
CA THR A 73 -11.80 -6.13 -10.94
C THR A 73 -11.62 -5.83 -12.42
N GLU A 74 -11.38 -4.60 -12.76
CA GLU A 74 -11.20 -4.24 -14.20
C GLU A 74 -10.23 -3.06 -14.32
N ASP A 75 -9.15 -3.24 -15.04
CA ASP A 75 -8.17 -2.13 -15.19
C ASP A 75 -8.52 -1.32 -16.44
N GLU A 76 -8.52 -1.95 -17.58
CA GLU A 76 -8.85 -1.23 -18.84
C GLU A 76 -10.32 -1.45 -19.17
N ASP A 77 -11.15 -1.64 -18.19
CA ASP A 77 -12.59 -1.88 -18.44
C ASP A 77 -12.74 -3.01 -19.47
N GLY A 78 -11.68 -3.69 -19.77
CA GLY A 78 -11.76 -4.80 -20.77
C GLY A 78 -10.84 -5.94 -20.32
N ASN A 79 -10.43 -5.95 -19.09
CA ASN A 79 -9.54 -7.02 -18.60
C ASN A 79 -10.07 -7.56 -17.27
N LYS A 80 -9.38 -8.50 -16.68
CA LYS A 80 -9.85 -9.07 -15.39
C LYS A 80 -8.66 -9.65 -14.62
N LEU A 81 -8.27 -9.03 -13.54
CA LEU A 81 -7.11 -9.55 -12.76
C LEU A 81 -7.50 -9.65 -11.28
N LEU A 82 -6.69 -10.30 -10.49
CA LEU A 82 -7.02 -10.43 -9.04
C LEU A 82 -6.26 -9.37 -8.24
N CYS A 83 -6.94 -8.67 -7.38
CA CYS A 83 -6.25 -7.62 -6.57
C CYS A 83 -6.49 -7.89 -5.08
N PHE A 84 -5.45 -8.21 -4.35
CA PHE A 84 -5.63 -8.48 -2.90
C PHE A 84 -5.20 -7.25 -2.10
N ASP A 85 -5.62 -7.16 -0.86
CA ASP A 85 -5.23 -5.97 -0.05
C ASP A 85 -4.50 -6.42 1.22
N ALA A 86 -3.85 -5.50 1.89
CA ALA A 86 -3.11 -5.87 3.13
C ALA A 86 -3.31 -4.77 4.18
N THR A 87 -3.08 -5.07 5.42
CA THR A 87 -3.27 -4.02 6.47
C THR A 87 -2.14 -4.10 7.50
N MET A 88 -1.80 -2.98 8.09
CA MET A 88 -0.71 -2.97 9.11
C MET A 88 -0.90 -1.77 10.03
N GLN A 89 -0.89 -1.97 11.31
CA GLN A 89 -1.08 -0.84 12.26
C GLN A 89 0.29 -0.33 12.75
N SER A 90 0.42 0.94 12.91
CA SER A 90 1.73 1.50 13.39
C SER A 90 1.57 3.00 13.65
N ALA A 91 2.63 3.66 14.02
CA ALA A 91 2.54 5.12 14.30
C ALA A 91 2.60 5.90 12.98
N LEU A 92 1.51 6.50 12.59
CA LEU A 92 1.50 7.28 11.32
C LEU A 92 2.80 8.09 11.21
N ASP A 93 3.78 7.58 10.52
CA ASP A 93 5.05 8.32 10.38
C ASP A 93 5.64 8.10 8.98
N ALA A 94 6.15 9.13 8.37
CA ALA A 94 6.73 8.96 7.00
C ALA A 94 7.87 7.94 7.04
N LYS A 95 8.74 8.04 8.02
CA LYS A 95 9.87 7.06 8.10
C LYS A 95 9.32 5.64 8.09
N LEU A 96 8.37 5.35 8.94
CA LEU A 96 7.80 3.97 8.97
C LEU A 96 7.17 3.65 7.61
N ILE A 97 6.15 4.35 7.24
CA ILE A 97 5.49 4.09 5.93
C ILE A 97 6.56 3.87 4.85
N ASP A 98 7.63 4.62 4.91
CA ASP A 98 8.70 4.47 3.89
C ASP A 98 9.31 3.06 3.98
N GLU A 99 9.75 2.68 5.15
CA GLU A 99 10.35 1.32 5.30
C GLU A 99 9.30 0.24 5.00
N GLN A 100 8.12 0.37 5.54
CA GLN A 100 7.06 -0.64 5.28
C GLN A 100 6.83 -0.77 3.77
N VAL A 101 6.57 0.33 3.11
CA VAL A 101 6.34 0.27 1.64
C VAL A 101 7.59 -0.27 0.94
N GLU A 102 8.72 0.33 1.19
CA GLU A 102 9.98 -0.15 0.54
C GLU A 102 10.02 -1.68 0.59
N LYS A 103 9.52 -2.26 1.64
CA LYS A 103 9.53 -3.75 1.74
C LYS A 103 8.57 -4.34 0.71
N LEU A 104 7.30 -4.03 0.83
CA LEU A 104 6.32 -4.57 -0.15
C LEU A 104 6.77 -4.25 -1.57
N VAL A 105 7.61 -3.27 -1.72
CA VAL A 105 8.10 -2.89 -3.08
C VAL A 105 9.10 -3.95 -3.56
N ASN A 106 10.23 -4.04 -2.92
CA ASN A 106 11.26 -5.04 -3.34
C ASN A 106 10.60 -6.41 -3.46
N LEU A 107 9.89 -6.83 -2.44
CA LEU A 107 9.23 -8.17 -2.50
C LEU A 107 8.34 -8.26 -3.74
N ALA A 108 7.56 -7.23 -4.00
CA ALA A 108 6.68 -7.26 -5.20
C ALA A 108 7.50 -7.58 -6.45
N GLU A 109 8.42 -6.72 -6.80
CA GLU A 109 9.25 -6.96 -8.01
C GLU A 109 9.93 -8.33 -7.90
N LYS A 110 10.41 -8.69 -6.74
CA LYS A 110 11.08 -10.01 -6.58
C LYS A 110 10.13 -11.12 -7.03
N PHE A 111 8.86 -10.92 -6.90
CA PHE A 111 7.89 -11.97 -7.33
C PHE A 111 7.41 -11.68 -8.75
N ASP A 112 6.54 -10.72 -8.91
CA ASP A 112 6.03 -10.39 -10.27
C ASP A 112 4.72 -9.60 -10.13
N ILE A 113 4.62 -8.80 -9.12
CA ILE A 113 3.37 -8.00 -8.91
C ILE A 113 3.70 -6.51 -8.96
N ILE A 114 2.70 -5.68 -9.08
CA ILE A 114 2.95 -4.22 -9.13
C ILE A 114 2.34 -3.56 -7.90
N TYR A 115 3.17 -3.02 -7.04
CA TYR A 115 2.65 -2.36 -5.81
C TYR A 115 2.47 -0.87 -6.07
N ASP A 116 1.26 -0.39 -6.05
CA ASP A 116 1.03 1.06 -6.30
C ASP A 116 -0.39 1.44 -5.81
N GLY A 117 -0.52 1.73 -4.55
CA GLY A 117 -1.86 2.10 -4.01
C GLY A 117 -1.85 1.98 -2.49
N TRP A 118 -1.38 2.99 -1.80
CA TRP A 118 -1.35 2.93 -0.31
C TRP A 118 -2.20 4.07 0.26
N GLY A 119 -2.65 3.93 1.48
CA GLY A 119 -3.48 5.00 2.09
C GLY A 119 -3.98 4.56 3.46
N THR A 120 -4.32 5.49 4.31
CA THR A 120 -4.82 5.11 5.66
C THR A 120 -6.23 5.68 5.85
N TYR A 121 -6.93 5.24 6.87
CA TYR A 121 -8.30 5.75 7.11
C TYR A 121 -8.34 6.52 8.43
N TYR A 122 -9.16 7.53 8.52
CA TYR A 122 -9.23 8.32 9.79
C TYR A 122 -9.75 7.41 10.92
N GLU A 123 -9.20 7.54 12.09
CA GLU A 123 -9.65 6.68 13.22
C GLU A 123 -10.60 7.48 14.12
N GLY A 124 -11.88 7.20 14.04
CA GLY A 124 -12.85 7.94 14.89
C GLY A 124 -13.61 8.97 14.04
N LEU A 125 -14.50 8.52 13.20
CA LEU A 125 -15.27 9.47 12.36
C LEU A 125 -16.48 9.98 13.15
N GLU A 126 -16.26 10.80 14.14
CA GLU A 126 -17.40 11.32 14.94
C GLU A 126 -17.04 12.71 15.48
N HIS A 127 -15.98 13.30 14.98
CA HIS A 127 -15.59 14.66 15.47
C HIS A 127 -15.84 15.68 14.37
N HIS A 128 -17.01 15.71 13.82
CA HIS A 128 -17.31 16.69 12.73
C HIS A 128 -18.25 17.77 13.27
N HIS A 129 -17.91 19.01 13.08
CA HIS A 129 -18.78 20.11 13.58
C HIS A 129 -20.07 20.15 12.76
N HIS A 130 -20.13 20.99 11.77
CA HIS A 130 -21.37 21.07 10.93
C HIS A 130 -21.17 20.26 9.65
N HIS A 131 -20.30 19.29 9.67
CA HIS A 131 -20.07 18.47 8.46
C HIS A 131 -19.71 19.39 7.28
N HIS A 132 -19.58 20.66 7.53
CA HIS A 132 -19.23 21.60 6.42
C HIS A 132 -17.78 22.05 6.56
N MET A 1 27.75 -6.14 -19.42
CA MET A 1 27.86 -7.36 -20.25
C MET A 1 27.02 -7.20 -21.52
N SER A 2 25.76 -6.92 -21.38
CA SER A 2 24.89 -6.75 -22.57
C SER A 2 24.60 -5.25 -22.78
N HIS A 3 24.30 -4.55 -21.73
CA HIS A 3 24.00 -3.10 -21.86
C HIS A 3 24.06 -2.44 -20.48
N GLN A 4 23.00 -2.54 -19.73
CA GLN A 4 22.98 -1.91 -18.38
C GLN A 4 22.14 -2.76 -17.42
N ASP A 5 22.32 -2.59 -16.14
CA ASP A 5 21.53 -3.38 -15.16
C ASP A 5 20.64 -2.43 -14.35
N ASP A 6 19.63 -2.95 -13.70
CA ASP A 6 18.74 -2.08 -12.90
C ASP A 6 18.21 -0.95 -13.79
N TYR A 7 17.11 -0.36 -13.43
CA TYR A 7 16.54 0.74 -14.27
C TYR A 7 16.25 1.96 -13.38
N LEU A 8 16.16 3.11 -13.98
CA LEU A 8 15.88 4.34 -13.18
C LEU A 8 14.38 4.46 -12.92
N SER A 9 13.79 3.45 -12.34
CA SER A 9 12.33 3.51 -12.06
C SER A 9 12.08 3.13 -10.59
N VAL A 10 12.54 1.98 -10.18
CA VAL A 10 12.32 1.56 -8.77
C VAL A 10 12.52 2.76 -7.85
N GLU A 11 13.37 3.67 -8.23
CA GLU A 11 13.60 4.87 -7.39
C GLU A 11 12.51 5.90 -7.64
N GLU A 12 12.41 6.38 -8.86
CA GLU A 12 11.35 7.39 -9.17
C GLU A 12 10.06 6.98 -8.46
N LEU A 13 9.83 5.71 -8.30
CA LEU A 13 8.59 5.25 -7.61
C LEU A 13 8.68 5.63 -6.13
N ILE A 14 9.67 5.15 -5.45
CA ILE A 14 9.82 5.48 -4.00
C ILE A 14 9.83 7.01 -3.84
N GLU A 15 10.39 7.71 -4.78
CA GLU A 15 10.42 9.20 -4.68
C GLU A 15 8.99 9.74 -4.66
N ILE A 16 8.25 9.54 -5.70
CA ILE A 16 6.85 10.06 -5.75
C ILE A 16 6.09 9.56 -4.51
N GLN A 17 5.95 8.27 -4.38
CA GLN A 17 5.21 7.72 -3.20
C GLN A 17 5.68 8.43 -1.92
N LYS A 18 6.96 8.53 -1.73
CA LYS A 18 7.48 9.20 -0.50
C LYS A 18 6.98 10.66 -0.46
N GLU A 19 7.28 11.42 -1.47
CA GLU A 19 6.83 12.83 -1.51
C GLU A 19 5.33 12.91 -1.21
N GLU A 20 4.53 12.34 -2.07
CA GLU A 20 3.06 12.38 -1.85
C GLU A 20 2.76 12.11 -0.37
N THR A 21 3.02 10.92 0.10
CA THR A 21 2.75 10.59 1.53
C THR A 21 3.18 11.78 2.41
N ARG A 22 4.45 12.07 2.44
CA ARG A 22 4.92 13.20 3.28
C ARG A 22 3.88 14.32 3.28
N ASP A 23 3.21 14.52 2.18
CA ASP A 23 2.17 15.59 2.12
C ASP A 23 0.93 15.14 2.88
N ILE A 24 0.51 13.92 2.70
CA ILE A 24 -0.69 13.41 3.42
C ILE A 24 -0.44 13.49 4.93
N ILE A 25 0.63 12.89 5.39
CA ILE A 25 0.93 12.91 6.85
C ILE A 25 0.90 14.36 7.35
N GLN A 26 1.69 15.21 6.77
CA GLN A 26 1.71 16.64 7.21
C GLN A 26 0.27 17.18 7.24
N ALA A 27 -0.57 16.66 6.39
CA ALA A 27 -1.99 17.15 6.37
C ALA A 27 -2.71 16.67 7.62
N LEU A 28 -2.90 15.39 7.75
CA LEU A 28 -3.60 14.85 8.95
C LEU A 28 -2.95 15.39 10.22
N LEU A 29 -1.64 15.48 10.24
CA LEU A 29 -0.95 16.00 11.44
C LEU A 29 -1.32 17.47 11.65
N GLU A 30 -1.10 18.30 10.67
CA GLU A 30 -1.45 19.74 10.81
C GLU A 30 -2.90 19.87 11.27
N ASP A 31 -3.72 18.89 10.94
CA ASP A 31 -5.15 18.96 11.35
C ASP A 31 -5.27 18.78 12.87
N GLY A 32 -4.45 17.93 13.44
CA GLY A 32 -4.52 17.72 14.92
C GLY A 32 -4.74 16.23 15.20
N SER A 33 -4.49 15.38 14.25
CA SER A 33 -4.68 13.92 14.47
C SER A 33 -4.07 13.51 15.80
N ASP A 34 -4.33 12.31 16.25
CA ASP A 34 -3.77 11.84 17.54
C ASP A 34 -2.90 10.61 17.30
N PRO A 35 -1.63 10.80 17.08
CA PRO A 35 -0.67 9.69 16.83
C PRO A 35 -0.73 8.61 17.92
N ASP A 36 -1.09 8.97 19.11
CA ASP A 36 -1.16 7.96 20.21
C ASP A 36 -2.44 7.14 20.09
N ALA A 37 -3.14 7.27 19.00
CA ALA A 37 -4.40 6.50 18.82
C ALA A 37 -4.16 5.35 17.84
N LEU A 38 -2.92 5.07 17.53
CA LEU A 38 -2.62 3.96 16.57
C LEU A 38 -3.28 4.26 15.22
N TYR A 39 -2.66 3.85 14.15
CA TYR A 39 -3.25 4.09 12.81
C TYR A 39 -3.24 2.79 12.00
N GLU A 40 -4.14 2.66 11.06
CA GLU A 40 -4.19 1.42 10.25
C GLU A 40 -3.88 1.75 8.79
N ILE A 41 -2.83 1.18 8.25
CA ILE A 41 -2.47 1.47 6.83
C ILE A 41 -3.02 0.35 5.93
N GLU A 42 -3.23 0.64 4.68
CA GLU A 42 -3.76 -0.41 3.76
C GLU A 42 -3.02 -0.33 2.42
N HIS A 43 -2.45 -1.42 1.98
CA HIS A 43 -1.73 -1.41 0.68
C HIS A 43 -2.50 -2.24 -0.35
N HIS A 44 -2.64 -1.73 -1.54
CA HIS A 44 -3.38 -2.50 -2.58
C HIS A 44 -2.37 -3.22 -3.49
N LEU A 45 -2.47 -4.50 -3.63
CA LEU A 45 -1.51 -5.24 -4.50
C LEU A 45 -2.27 -6.20 -5.41
N PHE A 46 -1.91 -6.25 -6.66
CA PHE A 46 -2.61 -7.16 -7.60
C PHE A 46 -1.59 -8.10 -8.26
N ALA A 47 -2.01 -9.25 -8.69
CA ALA A 47 -1.07 -10.21 -9.33
C ALA A 47 -1.68 -10.72 -10.64
N GLU A 48 -0.97 -11.57 -11.33
CA GLU A 48 -1.51 -12.11 -12.61
C GLU A 48 -1.92 -13.57 -12.42
N ASP A 49 -1.21 -14.29 -11.59
CA ASP A 49 -1.57 -15.72 -11.37
C ASP A 49 -2.03 -15.91 -9.93
N PHE A 50 -3.06 -16.69 -9.72
CA PHE A 50 -3.56 -16.92 -8.33
C PHE A 50 -2.46 -17.59 -7.51
N ASP A 51 -1.66 -18.41 -8.12
CA ASP A 51 -0.57 -19.09 -7.37
C ASP A 51 0.38 -18.05 -6.80
N LYS A 52 1.13 -17.38 -7.64
CA LYS A 52 2.07 -16.35 -7.13
C LYS A 52 1.36 -15.47 -6.10
N LEU A 53 0.17 -15.04 -6.42
CA LEU A 53 -0.58 -14.17 -5.45
C LEU A 53 -0.46 -14.76 -4.05
N GLU A 54 -0.67 -16.05 -3.91
CA GLU A 54 -0.56 -16.68 -2.56
C GLU A 54 0.90 -16.65 -2.11
N LYS A 55 1.82 -16.62 -3.04
CA LYS A 55 3.26 -16.60 -2.66
C LYS A 55 3.61 -15.22 -2.09
N ALA A 56 3.31 -14.18 -2.81
CA ALA A 56 3.64 -12.82 -2.31
C ALA A 56 2.75 -12.48 -1.11
N ALA A 57 1.52 -12.89 -1.12
CA ALA A 57 0.61 -12.59 0.02
C ALA A 57 1.08 -13.36 1.26
N VAL A 58 1.47 -14.60 1.09
CA VAL A 58 1.94 -15.40 2.25
C VAL A 58 3.11 -14.70 2.92
N GLU A 59 4.18 -14.50 2.19
CA GLU A 59 5.37 -13.81 2.78
C GLU A 59 4.93 -12.50 3.45
N ALA A 60 3.98 -11.83 2.87
CA ALA A 60 3.51 -10.55 3.47
C ALA A 60 2.88 -10.82 4.84
N PHE A 61 1.91 -11.70 4.89
CA PHE A 61 1.26 -12.01 6.20
C PHE A 61 2.33 -12.34 7.24
N LYS A 62 3.24 -13.21 6.90
CA LYS A 62 4.31 -13.59 7.87
C LYS A 62 4.98 -12.32 8.40
N MET A 63 5.49 -11.49 7.53
CA MET A 63 6.15 -10.24 7.99
C MET A 63 5.33 -9.60 9.10
N GLY A 64 4.03 -9.60 8.97
CA GLY A 64 3.17 -8.99 10.02
C GLY A 64 2.03 -8.21 9.36
N PHE A 65 1.73 -8.49 8.12
CA PHE A 65 0.63 -7.76 7.44
C PHE A 65 -0.64 -8.61 7.47
N GLU A 66 -1.77 -8.00 7.25
CA GLU A 66 -3.05 -8.76 7.25
C GLU A 66 -3.63 -8.79 5.84
N VAL A 67 -3.28 -9.78 5.06
CA VAL A 67 -3.80 -9.85 3.67
C VAL A 67 -5.32 -10.01 3.68
N LEU A 68 -5.97 -9.51 2.66
CA LEU A 68 -7.46 -9.63 2.60
C LEU A 68 -7.86 -10.26 1.25
N GLU A 69 -8.82 -11.14 1.27
CA GLU A 69 -9.24 -11.79 -0.01
C GLU A 69 -9.28 -10.75 -1.13
N ALA A 70 -9.13 -11.19 -2.36
CA ALA A 70 -9.16 -10.22 -3.50
C ALA A 70 -10.49 -10.36 -4.24
N GLU A 71 -10.79 -9.44 -5.12
CA GLU A 71 -12.07 -9.52 -5.88
C GLU A 71 -11.80 -9.27 -7.36
N GLU A 72 -11.90 -10.28 -8.17
CA GLU A 72 -11.65 -10.10 -9.63
C GLU A 72 -12.20 -8.75 -10.08
N THR A 73 -11.34 -7.85 -10.47
CA THR A 73 -11.82 -6.51 -10.92
C THR A 73 -11.44 -6.30 -12.39
N GLU A 74 -10.73 -5.24 -12.69
CA GLU A 74 -10.33 -4.98 -14.09
C GLU A 74 -9.47 -3.71 -14.15
N ASP A 75 -8.58 -3.63 -15.09
CA ASP A 75 -7.71 -2.42 -15.20
C ASP A 75 -8.48 -1.31 -15.92
N GLU A 76 -9.65 -0.99 -15.45
CA GLU A 76 -10.44 0.09 -16.11
C GLU A 76 -10.57 -0.21 -17.62
N ASP A 77 -10.08 -1.33 -18.04
CA ASP A 77 -10.17 -1.68 -19.50
C ASP A 77 -11.10 -2.88 -19.67
N GLY A 78 -11.04 -3.83 -18.78
CA GLY A 78 -11.93 -5.02 -18.91
C GLY A 78 -11.11 -6.30 -18.69
N ASN A 79 -9.83 -6.16 -18.46
CA ASN A 79 -8.99 -7.37 -18.25
C ASN A 79 -9.41 -8.07 -16.96
N LYS A 80 -8.87 -9.23 -16.70
CA LYS A 80 -9.25 -9.96 -15.46
C LYS A 80 -8.02 -10.13 -14.57
N LEU A 81 -8.08 -9.67 -13.35
CA LEU A 81 -6.92 -9.81 -12.43
C LEU A 81 -7.41 -9.82 -10.99
N LEU A 82 -6.61 -10.32 -10.08
CA LEU A 82 -7.04 -10.37 -8.66
C LEU A 82 -6.33 -9.27 -7.86
N CYS A 83 -7.05 -8.63 -6.97
CA CYS A 83 -6.42 -7.55 -6.16
C CYS A 83 -6.63 -7.85 -4.67
N PHE A 84 -5.62 -8.30 -4.00
CA PHE A 84 -5.78 -8.61 -2.54
C PHE A 84 -5.38 -7.38 -1.73
N ASP A 85 -5.88 -7.24 -0.54
CA ASP A 85 -5.54 -6.05 0.29
C ASP A 85 -4.74 -6.47 1.52
N ALA A 86 -3.84 -5.64 1.96
CA ALA A 86 -3.02 -5.97 3.17
C ALA A 86 -3.04 -4.78 4.12
N THR A 87 -3.24 -5.01 5.38
CA THR A 87 -3.27 -3.88 6.36
C THR A 87 -2.07 -3.99 7.31
N MET A 88 -1.77 -2.92 8.01
CA MET A 88 -0.61 -2.97 8.97
C MET A 88 -0.75 -1.83 9.98
N GLN A 89 -1.00 -2.16 11.21
CA GLN A 89 -1.14 -1.10 12.25
C GLN A 89 0.22 -0.45 12.52
N SER A 90 0.26 0.85 12.66
CA SER A 90 1.55 1.53 12.92
C SER A 90 1.30 2.81 13.71
N ALA A 91 2.24 3.72 13.71
CA ALA A 91 2.05 4.99 14.46
C ALA A 91 2.09 6.17 13.48
N LEU A 92 1.36 6.08 12.40
CA LEU A 92 1.36 7.19 11.40
C LEU A 92 2.72 7.89 11.39
N ASP A 93 3.58 7.51 10.50
CA ASP A 93 4.92 8.16 10.43
C ASP A 93 5.49 8.05 9.02
N ALA A 94 5.83 9.16 8.42
CA ALA A 94 6.39 9.12 7.04
C ALA A 94 7.61 8.19 7.00
N LYS A 95 8.40 8.20 8.04
CA LYS A 95 9.60 7.32 8.07
C LYS A 95 9.16 5.86 8.04
N LEU A 96 8.18 5.51 8.83
CA LEU A 96 7.70 4.10 8.84
C LEU A 96 7.02 3.78 7.51
N ILE A 97 5.95 4.44 7.20
CA ILE A 97 5.25 4.17 5.92
C ILE A 97 6.28 4.02 4.80
N ASP A 98 7.35 4.77 4.87
CA ASP A 98 8.39 4.67 3.81
C ASP A 98 9.06 3.29 3.87
N GLU A 99 9.47 2.86 5.04
CA GLU A 99 10.12 1.54 5.16
C GLU A 99 9.14 0.44 4.73
N GLN A 100 7.88 0.61 5.04
CA GLN A 100 6.88 -0.43 4.65
C GLN A 100 6.69 -0.41 3.13
N VAL A 101 6.46 0.73 2.56
CA VAL A 101 6.26 0.81 1.09
C VAL A 101 7.53 0.34 0.37
N GLU A 102 8.68 0.75 0.84
CA GLU A 102 9.95 0.32 0.18
C GLU A 102 10.08 -1.20 0.24
N LYS A 103 9.71 -1.79 1.33
CA LYS A 103 9.81 -3.28 1.44
C LYS A 103 8.76 -3.94 0.56
N LEU A 104 7.59 -3.36 0.47
CA LEU A 104 6.53 -3.97 -0.37
C LEU A 104 6.88 -3.82 -1.84
N VAL A 105 7.53 -2.74 -2.19
CA VAL A 105 7.92 -2.51 -3.61
C VAL A 105 8.96 -3.55 -4.02
N ASN A 106 10.14 -3.47 -3.45
CA ASN A 106 11.21 -4.45 -3.80
C ASN A 106 10.64 -5.87 -3.80
N LEU A 107 9.84 -6.20 -2.84
CA LEU A 107 9.25 -7.57 -2.78
C LEU A 107 8.33 -7.80 -3.98
N ALA A 108 7.39 -6.92 -4.20
CA ALA A 108 6.46 -7.10 -5.35
C ALA A 108 7.26 -7.50 -6.60
N GLU A 109 8.22 -6.71 -6.98
CA GLU A 109 9.02 -7.04 -8.19
C GLU A 109 9.73 -8.38 -7.99
N LYS A 110 10.27 -8.62 -6.83
CA LYS A 110 10.97 -9.91 -6.59
C LYS A 110 10.07 -11.08 -7.01
N PHE A 111 8.78 -10.92 -6.84
CA PHE A 111 7.84 -12.02 -7.23
C PHE A 111 7.39 -11.83 -8.68
N ASP A 112 6.51 -10.89 -8.90
CA ASP A 112 6.01 -10.65 -10.28
C ASP A 112 4.69 -9.89 -10.23
N ILE A 113 4.55 -8.99 -9.29
CA ILE A 113 3.28 -8.21 -9.19
C ILE A 113 3.58 -6.72 -9.33
N ILE A 114 2.57 -5.90 -9.33
CA ILE A 114 2.79 -4.44 -9.45
C ILE A 114 2.12 -3.73 -8.28
N TYR A 115 2.89 -3.27 -7.33
CA TYR A 115 2.29 -2.57 -6.16
C TYR A 115 2.30 -1.06 -6.39
N ASP A 116 1.14 -0.45 -6.41
CA ASP A 116 1.09 1.02 -6.65
C ASP A 116 -0.27 1.56 -6.21
N GLY A 117 -0.51 1.67 -4.94
CA GLY A 117 -1.83 2.18 -4.47
C GLY A 117 -1.96 1.94 -2.97
N TRP A 118 -1.65 2.92 -2.16
CA TRP A 118 -1.77 2.75 -0.69
C TRP A 118 -2.70 3.82 -0.12
N GLY A 119 -3.54 3.44 0.81
CA GLY A 119 -4.47 4.44 1.41
C GLY A 119 -4.47 4.28 2.93
N THR A 120 -4.87 5.29 3.66
CA THR A 120 -4.88 5.18 5.14
C THR A 120 -6.27 5.55 5.67
N TYR A 121 -6.66 4.99 6.79
CA TYR A 121 -7.99 5.31 7.36
C TYR A 121 -7.84 6.48 8.34
N TYR A 122 -8.66 7.49 8.19
CA TYR A 122 -8.56 8.66 9.12
C TYR A 122 -9.70 8.61 10.13
N GLU A 123 -9.40 8.79 11.39
CA GLU A 123 -10.47 8.75 12.42
C GLU A 123 -11.09 10.14 12.55
N GLY A 124 -12.21 10.37 11.91
CA GLY A 124 -12.86 11.70 11.99
C GLY A 124 -13.57 12.01 10.69
N LEU A 125 -14.46 11.15 10.26
CA LEU A 125 -15.19 11.40 8.98
C LEU A 125 -16.59 10.81 9.07
N GLU A 126 -17.52 11.55 9.61
CA GLU A 126 -18.92 11.03 9.73
C GLU A 126 -19.69 11.34 8.45
N HIS A 127 -20.98 11.56 8.56
CA HIS A 127 -21.79 11.87 7.34
C HIS A 127 -22.99 12.73 7.74
N HIS A 128 -23.09 13.90 7.17
CA HIS A 128 -24.24 14.79 7.51
C HIS A 128 -24.16 16.07 6.68
N HIS A 129 -23.01 16.70 6.65
CA HIS A 129 -22.87 17.95 5.86
C HIS A 129 -21.71 17.80 4.87
N HIS A 130 -21.47 18.80 4.07
CA HIS A 130 -20.35 18.71 3.08
C HIS A 130 -19.20 19.60 3.54
N HIS A 131 -18.26 19.86 2.65
CA HIS A 131 -17.11 20.72 3.03
C HIS A 131 -17.22 22.06 2.32
N HIS A 132 -18.24 22.82 2.62
CA HIS A 132 -18.42 24.15 1.97
C HIS A 132 -17.13 24.97 2.12
N MET A 1 34.06 8.81 -14.22
CA MET A 1 33.83 9.43 -12.89
C MET A 1 32.47 9.01 -12.35
N SER A 2 31.54 8.70 -13.23
CA SER A 2 30.19 8.28 -12.77
C SER A 2 29.95 6.82 -13.14
N HIS A 3 30.29 5.91 -12.27
CA HIS A 3 30.08 4.46 -12.58
C HIS A 3 28.63 4.24 -13.00
N GLN A 4 27.73 5.05 -12.52
CA GLN A 4 26.29 4.87 -12.88
C GLN A 4 25.72 3.66 -12.15
N ASP A 5 24.43 3.62 -11.96
CA ASP A 5 23.82 2.46 -11.27
C ASP A 5 23.50 1.36 -12.29
N ASP A 6 22.30 0.82 -12.24
CA ASP A 6 21.94 -0.26 -13.21
C ASP A 6 20.47 -0.62 -13.04
N TYR A 7 19.67 -0.38 -14.04
CA TYR A 7 18.22 -0.71 -13.94
C TYR A 7 17.67 -0.28 -12.59
N LEU A 8 17.04 0.87 -12.53
CA LEU A 8 16.47 1.34 -11.24
C LEU A 8 14.95 1.44 -11.35
N SER A 9 14.46 2.56 -11.77
CA SER A 9 12.97 2.71 -11.90
C SER A 9 12.32 2.54 -10.54
N VAL A 10 12.52 1.42 -9.90
CA VAL A 10 11.90 1.19 -8.56
C VAL A 10 12.15 2.41 -7.67
N GLU A 11 13.21 3.13 -7.92
CA GLU A 11 13.51 4.33 -7.10
C GLU A 11 12.61 5.49 -7.52
N GLU A 12 12.28 5.57 -8.79
CA GLU A 12 11.39 6.67 -9.26
C GLU A 12 10.04 6.57 -8.55
N LEU A 13 9.41 5.43 -8.63
CA LEU A 13 8.09 5.27 -7.95
C LEU A 13 8.21 5.69 -6.49
N ILE A 14 9.19 5.18 -5.80
CA ILE A 14 9.36 5.54 -4.37
C ILE A 14 9.58 7.06 -4.25
N GLU A 15 10.17 7.66 -5.25
CA GLU A 15 10.41 9.13 -5.20
C GLU A 15 9.08 9.86 -5.13
N ILE A 16 8.30 9.80 -6.17
CA ILE A 16 6.98 10.50 -6.17
C ILE A 16 6.19 10.11 -4.91
N GLN A 17 6.22 8.85 -4.55
CA GLN A 17 5.47 8.42 -3.34
C GLN A 17 5.99 9.16 -2.11
N LYS A 18 7.26 9.00 -1.80
CA LYS A 18 7.81 9.70 -0.61
C LYS A 18 7.25 11.12 -0.53
N GLU A 19 7.31 11.86 -1.61
CA GLU A 19 6.78 13.24 -1.60
C GLU A 19 5.27 13.21 -1.33
N GLU A 20 4.55 12.42 -2.07
CA GLU A 20 3.08 12.34 -1.86
C GLU A 20 2.78 12.15 -0.37
N THR A 21 3.22 11.06 0.19
CA THR A 21 2.97 10.81 1.64
C THR A 21 3.21 12.11 2.41
N ARG A 22 4.36 12.71 2.25
CA ARG A 22 4.65 13.97 2.99
C ARG A 22 3.42 14.89 2.91
N ASP A 23 2.83 15.02 1.76
CA ASP A 23 1.63 15.90 1.63
C ASP A 23 0.50 15.34 2.49
N ILE A 24 0.35 14.04 2.55
CA ILE A 24 -0.73 13.45 3.38
C ILE A 24 -0.40 13.63 4.85
N ILE A 25 0.67 13.03 5.31
CA ILE A 25 1.03 13.17 6.75
C ILE A 25 0.82 14.63 7.18
N GLN A 26 1.22 15.56 6.37
CA GLN A 26 1.03 16.99 6.72
C GLN A 26 -0.45 17.26 7.00
N ALA A 27 -1.29 17.01 6.04
CA ALA A 27 -2.75 17.26 6.24
C ALA A 27 -3.18 16.67 7.58
N LEU A 28 -3.14 15.38 7.73
CA LEU A 28 -3.55 14.75 9.01
C LEU A 28 -2.97 15.58 10.18
N LEU A 29 -1.67 15.60 10.32
CA LEU A 29 -1.05 16.37 11.43
C LEU A 29 -1.87 17.65 11.67
N GLU A 30 -2.12 18.41 10.64
CA GLU A 30 -2.92 19.66 10.82
C GLU A 30 -4.31 19.30 11.32
N ASP A 31 -4.85 18.20 10.87
CA ASP A 31 -6.21 17.80 11.34
C ASP A 31 -6.24 16.28 11.57
N GLY A 32 -5.39 15.78 12.40
CA GLY A 32 -5.36 14.32 12.67
C GLY A 32 -4.08 13.95 13.41
N SER A 33 -3.57 14.84 14.21
CA SER A 33 -2.31 14.54 14.97
C SER A 33 -2.56 13.36 15.92
N ASP A 34 -2.48 13.60 17.19
CA ASP A 34 -2.71 12.50 18.18
C ASP A 34 -1.94 11.25 17.74
N PRO A 35 -0.68 11.40 17.44
CA PRO A 35 0.19 10.28 17.00
C PRO A 35 0.43 9.27 18.13
N ASP A 36 0.00 9.58 19.32
CA ASP A 36 0.20 8.65 20.45
C ASP A 36 -0.90 7.59 20.43
N ALA A 37 -1.74 7.61 19.44
CA ALA A 37 -2.84 6.61 19.37
C ALA A 37 -2.41 5.45 18.47
N LEU A 38 -2.97 5.35 17.30
CA LEU A 38 -2.58 4.24 16.38
C LEU A 38 -3.14 4.52 14.99
N TYR A 39 -2.42 4.16 13.97
CA TYR A 39 -2.92 4.40 12.58
C TYR A 39 -2.88 3.09 11.79
N GLU A 40 -3.97 2.71 11.20
CA GLU A 40 -4.00 1.45 10.41
C GLU A 40 -3.84 1.77 8.92
N ILE A 41 -2.82 1.25 8.30
CA ILE A 41 -2.60 1.53 6.86
C ILE A 41 -3.23 0.43 6.01
N GLU A 42 -3.70 0.75 4.84
CA GLU A 42 -4.31 -0.27 3.96
C GLU A 42 -3.59 -0.26 2.61
N HIS A 43 -2.89 -1.32 2.30
CA HIS A 43 -2.17 -1.36 1.00
C HIS A 43 -2.99 -2.14 -0.03
N HIS A 44 -2.73 -1.92 -1.30
CA HIS A 44 -3.50 -2.63 -2.36
C HIS A 44 -2.53 -3.18 -3.39
N LEU A 45 -2.31 -4.47 -3.39
CA LEU A 45 -1.38 -5.07 -4.38
C LEU A 45 -2.13 -6.10 -5.22
N PHE A 46 -1.95 -6.08 -6.51
CA PHE A 46 -2.66 -7.06 -7.39
C PHE A 46 -1.64 -7.97 -8.09
N ALA A 47 -2.06 -9.14 -8.47
CA ALA A 47 -1.13 -10.08 -9.17
C ALA A 47 -1.71 -10.46 -10.53
N GLU A 48 -0.96 -11.14 -11.33
CA GLU A 48 -1.48 -11.55 -12.67
C GLU A 48 -1.62 -13.07 -12.73
N ASP A 49 -1.08 -13.76 -11.77
CA ASP A 49 -1.18 -15.25 -11.76
C ASP A 49 -1.64 -15.72 -10.38
N PHE A 50 -2.76 -16.38 -10.31
CA PHE A 50 -3.27 -16.86 -8.99
C PHE A 50 -2.13 -17.58 -8.25
N ASP A 51 -1.20 -18.14 -8.97
CA ASP A 51 -0.08 -18.86 -8.31
C ASP A 51 0.80 -17.86 -7.56
N LYS A 52 1.55 -17.04 -8.26
CA LYS A 52 2.41 -16.05 -7.58
C LYS A 52 1.56 -15.22 -6.61
N LEU A 53 0.30 -15.09 -6.88
CA LEU A 53 -0.58 -14.29 -5.99
C LEU A 53 -0.56 -14.91 -4.58
N GLU A 54 -0.78 -16.19 -4.47
CA GLU A 54 -0.77 -16.84 -3.14
C GLU A 54 0.64 -16.76 -2.54
N LYS A 55 1.65 -16.81 -3.36
CA LYS A 55 3.04 -16.75 -2.83
C LYS A 55 3.30 -15.37 -2.21
N ALA A 56 3.25 -14.33 -3.01
CA ALA A 56 3.50 -12.97 -2.46
C ALA A 56 2.50 -12.66 -1.35
N ALA A 57 1.30 -13.14 -1.47
CA ALA A 57 0.29 -12.86 -0.41
C ALA A 57 0.65 -13.62 0.87
N VAL A 58 1.13 -14.83 0.73
CA VAL A 58 1.51 -15.63 1.93
C VAL A 58 2.73 -15.00 2.60
N GLU A 59 3.74 -14.70 1.85
CA GLU A 59 4.96 -14.07 2.45
C GLU A 59 4.58 -12.76 3.14
N ALA A 60 3.95 -11.86 2.42
CA ALA A 60 3.56 -10.56 3.03
C ALA A 60 2.81 -10.82 4.34
N PHE A 61 2.03 -11.86 4.38
CA PHE A 61 1.29 -12.17 5.64
C PHE A 61 2.25 -12.74 6.69
N LYS A 62 3.24 -13.46 6.25
CA LYS A 62 4.22 -14.05 7.20
C LYS A 62 4.94 -12.92 7.94
N MET A 63 5.27 -11.87 7.26
CA MET A 63 5.98 -10.73 7.92
C MET A 63 5.10 -10.19 9.04
N GLY A 64 3.86 -9.88 8.75
CA GLY A 64 2.95 -9.35 9.81
C GLY A 64 1.92 -8.42 9.18
N PHE A 65 1.48 -8.73 7.98
CA PHE A 65 0.48 -7.87 7.31
C PHE A 65 -0.86 -8.60 7.22
N GLU A 66 -1.95 -7.90 7.41
CA GLU A 66 -3.28 -8.55 7.34
C GLU A 66 -3.75 -8.59 5.88
N VAL A 67 -3.27 -9.54 5.12
CA VAL A 67 -3.69 -9.63 3.69
C VAL A 67 -5.19 -9.87 3.61
N LEU A 68 -5.88 -9.06 2.86
CA LEU A 68 -7.35 -9.23 2.74
C LEU A 68 -7.67 -9.90 1.40
N GLU A 69 -8.65 -10.76 1.37
CA GLU A 69 -9.00 -11.45 0.09
C GLU A 69 -9.00 -10.43 -1.05
N ALA A 70 -8.97 -10.89 -2.27
CA ALA A 70 -8.97 -9.96 -3.43
C ALA A 70 -10.28 -10.09 -4.20
N GLU A 71 -10.52 -9.22 -5.15
CA GLU A 71 -11.77 -9.30 -5.93
C GLU A 71 -11.44 -9.27 -7.44
N GLU A 72 -12.16 -10.02 -8.22
CA GLU A 72 -11.87 -10.03 -9.69
C GLU A 72 -11.86 -8.60 -10.21
N THR A 73 -10.89 -8.27 -11.04
CA THR A 73 -10.83 -6.89 -11.58
C THR A 73 -10.86 -6.93 -13.11
N GLU A 74 -10.63 -5.83 -13.75
CA GLU A 74 -10.66 -5.81 -15.25
C GLU A 74 -10.40 -4.38 -15.74
N ASP A 75 -9.74 -4.24 -16.84
CA ASP A 75 -9.44 -2.87 -17.37
C ASP A 75 -10.50 -2.50 -18.43
N GLU A 76 -11.23 -3.46 -18.92
CA GLU A 76 -12.26 -3.14 -19.94
C GLU A 76 -13.17 -4.36 -20.14
N ASP A 77 -13.49 -5.05 -19.07
CA ASP A 77 -14.37 -6.24 -19.19
C ASP A 77 -13.72 -7.26 -20.12
N GLY A 78 -12.41 -7.28 -20.19
CA GLY A 78 -11.73 -8.25 -21.08
C GLY A 78 -10.59 -8.95 -20.32
N ASN A 79 -10.30 -8.50 -19.13
CA ASN A 79 -9.21 -9.14 -18.35
C ASN A 79 -9.71 -9.44 -16.93
N LYS A 80 -9.07 -10.37 -16.26
CA LYS A 80 -9.50 -10.71 -14.87
C LYS A 80 -8.28 -10.70 -13.94
N LEU A 81 -8.11 -9.63 -13.20
CA LEU A 81 -6.94 -9.55 -12.28
C LEU A 81 -7.42 -9.72 -10.84
N LEU A 82 -6.52 -9.78 -9.89
CA LEU A 82 -6.92 -9.93 -8.48
C LEU A 82 -6.25 -8.85 -7.63
N CYS A 83 -6.97 -8.24 -6.74
CA CYS A 83 -6.37 -7.17 -5.90
C CYS A 83 -6.56 -7.50 -4.41
N PHE A 84 -5.55 -8.02 -3.78
CA PHE A 84 -5.67 -8.36 -2.32
C PHE A 84 -5.23 -7.14 -1.51
N ASP A 85 -5.87 -6.89 -0.40
CA ASP A 85 -5.47 -5.71 0.43
C ASP A 85 -4.67 -6.16 1.64
N ALA A 86 -3.94 -5.26 2.25
CA ALA A 86 -3.14 -5.63 3.45
C ALA A 86 -3.29 -4.54 4.51
N THR A 87 -3.44 -4.93 5.75
CA THR A 87 -3.60 -3.91 6.83
C THR A 87 -2.44 -4.03 7.82
N MET A 88 -1.89 -2.91 8.24
CA MET A 88 -0.76 -2.95 9.21
C MET A 88 -0.94 -1.84 10.24
N GLN A 89 -1.02 -2.18 11.50
CA GLN A 89 -1.18 -1.14 12.55
C GLN A 89 0.17 -0.53 12.88
N SER A 90 0.31 0.76 12.70
CA SER A 90 1.61 1.42 13.00
C SER A 90 1.35 2.84 13.53
N ALA A 91 2.39 3.55 13.87
CA ALA A 91 2.20 4.93 14.38
C ALA A 91 2.27 5.92 13.21
N LEU A 92 1.46 6.95 13.23
CA LEU A 92 1.48 7.93 12.13
C LEU A 92 2.90 8.48 11.95
N ASP A 93 3.61 8.03 10.95
CA ASP A 93 4.99 8.53 10.73
C ASP A 93 5.37 8.34 9.25
N ALA A 94 5.80 9.39 8.61
CA ALA A 94 6.19 9.27 7.18
C ALA A 94 7.35 8.28 7.04
N LYS A 95 8.29 8.34 7.95
CA LYS A 95 9.45 7.40 7.89
C LYS A 95 8.94 5.96 8.02
N LEU A 96 8.24 5.67 9.08
CA LEU A 96 7.71 4.28 9.26
C LEU A 96 6.96 3.88 7.99
N ILE A 97 6.15 4.76 7.46
CA ILE A 97 5.39 4.42 6.24
C ILE A 97 6.38 4.19 5.07
N ASP A 98 7.50 4.84 5.12
CA ASP A 98 8.51 4.67 4.02
C ASP A 98 9.07 3.24 4.07
N GLU A 99 9.56 2.83 5.21
CA GLU A 99 10.13 1.46 5.31
C GLU A 99 9.04 0.43 4.96
N GLN A 100 7.89 0.57 5.55
CA GLN A 100 6.78 -0.40 5.26
C GLN A 100 6.60 -0.50 3.74
N VAL A 101 6.43 0.61 3.08
CA VAL A 101 6.23 0.58 1.61
C VAL A 101 7.47 -0.02 0.94
N GLU A 102 8.60 0.59 1.13
CA GLU A 102 9.86 0.07 0.51
C GLU A 102 9.92 -1.45 0.66
N LYS A 103 9.39 -1.96 1.74
CA LYS A 103 9.42 -3.44 1.95
C LYS A 103 8.49 -4.13 0.94
N LEU A 104 7.28 -3.66 0.83
CA LEU A 104 6.33 -4.28 -0.14
C LEU A 104 6.81 -4.00 -1.57
N VAL A 105 7.55 -2.95 -1.77
CA VAL A 105 8.05 -2.64 -3.13
C VAL A 105 9.12 -3.64 -3.53
N ASN A 106 10.14 -3.79 -2.73
CA ASN A 106 11.22 -4.76 -3.06
C ASN A 106 10.62 -6.16 -3.18
N LEU A 107 9.82 -6.56 -2.23
CA LEU A 107 9.20 -7.92 -2.30
C LEU A 107 8.32 -8.02 -3.54
N ALA A 108 7.52 -7.03 -3.81
CA ALA A 108 6.64 -7.07 -5.00
C ALA A 108 7.46 -7.50 -6.22
N GLU A 109 8.50 -6.78 -6.53
CA GLU A 109 9.34 -7.14 -7.71
C GLU A 109 10.04 -8.46 -7.44
N LYS A 110 10.17 -8.84 -6.19
CA LYS A 110 10.85 -10.13 -5.87
C LYS A 110 10.00 -11.30 -6.34
N PHE A 111 8.70 -11.14 -6.35
CA PHE A 111 7.81 -12.24 -6.80
C PHE A 111 7.32 -11.96 -8.22
N ASP A 112 6.39 -11.05 -8.37
CA ASP A 112 5.88 -10.73 -9.73
C ASP A 112 4.53 -10.00 -9.62
N ILE A 113 4.45 -9.04 -8.74
CA ILE A 113 3.17 -8.28 -8.57
C ILE A 113 3.44 -6.79 -8.71
N ILE A 114 2.47 -6.04 -9.15
CA ILE A 114 2.68 -4.57 -9.31
C ILE A 114 2.11 -3.84 -8.09
N TYR A 115 2.95 -3.28 -7.27
CA TYR A 115 2.46 -2.55 -6.07
C TYR A 115 2.22 -1.09 -6.42
N ASP A 116 1.06 -0.57 -6.14
CA ASP A 116 0.78 0.85 -6.47
C ASP A 116 -0.63 1.20 -5.99
N GLY A 117 -0.78 1.50 -4.73
CA GLY A 117 -2.14 1.86 -4.21
C GLY A 117 -2.14 1.76 -2.68
N TRP A 118 -1.68 2.76 -2.00
CA TRP A 118 -1.67 2.71 -0.51
C TRP A 118 -2.50 3.88 0.04
N GLY A 119 -3.37 3.61 0.98
CA GLY A 119 -4.20 4.71 1.55
C GLY A 119 -4.33 4.53 3.07
N THR A 120 -4.76 5.54 3.75
CA THR A 120 -4.90 5.43 5.23
C THR A 120 -6.23 6.07 5.66
N TYR A 121 -6.81 5.59 6.73
CA TYR A 121 -8.10 6.18 7.20
C TYR A 121 -7.90 6.88 8.54
N TYR A 122 -8.41 8.07 8.70
CA TYR A 122 -8.23 8.79 9.98
C TYR A 122 -9.14 8.17 11.04
N GLU A 123 -8.56 7.46 11.98
CA GLU A 123 -9.38 6.81 13.04
C GLU A 123 -10.37 7.83 13.61
N GLY A 124 -11.58 7.82 13.14
CA GLY A 124 -12.60 8.79 13.66
C GLY A 124 -14.00 8.26 13.36
N LEU A 125 -14.36 8.16 12.11
CA LEU A 125 -15.72 7.66 11.76
C LEU A 125 -16.76 8.35 12.63
N GLU A 126 -17.47 9.31 12.09
CA GLU A 126 -18.51 10.02 12.90
C GLU A 126 -19.87 9.41 12.61
N HIS A 127 -20.92 10.17 12.79
CA HIS A 127 -22.29 9.64 12.52
C HIS A 127 -22.69 9.94 11.08
N HIS A 128 -22.44 9.03 10.19
CA HIS A 128 -22.79 9.26 8.76
C HIS A 128 -22.66 7.94 7.99
N HIS A 129 -23.28 7.85 6.84
CA HIS A 129 -23.18 6.58 6.04
C HIS A 129 -24.05 6.71 4.78
N HIS A 130 -25.11 7.46 4.85
CA HIS A 130 -25.99 7.61 3.65
C HIS A 130 -26.77 8.91 3.75
N HIS A 131 -26.41 9.90 2.99
CA HIS A 131 -27.14 11.19 3.04
C HIS A 131 -27.40 11.56 4.50
N HIS A 132 -28.62 11.40 4.96
CA HIS A 132 -28.94 11.73 6.37
C HIS A 132 -28.28 10.72 7.30
N MET A 1 11.83 -8.72 -22.17
CA MET A 1 11.89 -9.01 -23.63
C MET A 1 13.16 -9.80 -23.95
N SER A 2 14.30 -9.17 -23.90
CA SER A 2 15.56 -9.90 -24.19
C SER A 2 16.70 -9.29 -23.37
N HIS A 3 17.67 -10.08 -22.99
CA HIS A 3 18.80 -9.56 -22.18
C HIS A 3 19.15 -8.14 -22.66
N GLN A 4 18.97 -7.16 -21.81
CA GLN A 4 19.28 -5.76 -22.21
C GLN A 4 20.24 -5.15 -21.19
N ASP A 5 19.86 -4.05 -20.60
CA ASP A 5 20.76 -3.41 -19.59
C ASP A 5 20.16 -3.58 -18.18
N ASP A 6 20.05 -2.51 -17.44
CA ASP A 6 19.48 -2.62 -16.07
C ASP A 6 19.00 -1.25 -15.60
N TYR A 7 17.71 -1.07 -15.50
CA TYR A 7 17.17 0.25 -15.04
C TYR A 7 16.77 0.14 -13.57
N LEU A 8 16.21 1.19 -13.02
CA LEU A 8 15.79 1.14 -11.59
C LEU A 8 14.26 1.18 -11.52
N SER A 9 13.68 2.33 -11.73
CA SER A 9 12.20 2.44 -11.67
C SER A 9 11.74 2.53 -10.21
N VAL A 10 12.05 1.53 -9.42
CA VAL A 10 11.62 1.56 -7.99
C VAL A 10 12.09 2.87 -7.35
N GLU A 11 13.13 3.45 -7.86
CA GLU A 11 13.62 4.74 -7.27
C GLU A 11 12.62 5.86 -7.59
N GLU A 12 12.47 6.19 -8.84
CA GLU A 12 11.51 7.27 -9.21
C GLU A 12 10.21 7.09 -8.42
N LEU A 13 9.58 5.95 -8.56
CA LEU A 13 8.31 5.71 -7.81
C LEU A 13 8.52 6.05 -6.32
N ILE A 14 9.42 5.36 -5.68
CA ILE A 14 9.67 5.63 -4.24
C ILE A 14 9.76 7.14 -4.01
N GLU A 15 10.51 7.84 -4.81
CA GLU A 15 10.62 9.31 -4.63
C GLU A 15 9.22 9.93 -4.63
N ILE A 16 8.42 9.62 -5.61
CA ILE A 16 7.04 10.19 -5.65
C ILE A 16 6.27 9.72 -4.42
N GLN A 17 6.66 8.61 -3.85
CA GLN A 17 5.94 8.10 -2.64
C GLN A 17 6.31 8.96 -1.44
N LYS A 18 7.56 9.34 -1.33
CA LYS A 18 7.98 10.19 -0.18
C LYS A 18 7.26 11.54 -0.27
N GLU A 19 7.01 12.01 -1.46
CA GLU A 19 6.31 13.31 -1.61
C GLU A 19 4.83 13.14 -1.25
N GLU A 20 4.10 12.43 -2.07
CA GLU A 20 2.65 12.22 -1.77
C GLU A 20 2.47 12.00 -0.27
N THR A 21 2.99 10.93 0.26
CA THR A 21 2.86 10.66 1.72
C THR A 21 3.12 11.95 2.49
N ARG A 22 4.34 12.42 2.49
CA ARG A 22 4.67 13.67 3.22
C ARG A 22 3.50 14.65 3.08
N ASP A 23 2.95 14.78 1.90
CA ASP A 23 1.81 15.71 1.69
C ASP A 23 0.62 15.28 2.57
N ILE A 24 0.30 14.02 2.55
CA ILE A 24 -0.85 13.52 3.36
C ILE A 24 -0.50 13.66 4.84
N ILE A 25 0.55 13.02 5.28
CA ILE A 25 0.94 13.13 6.71
C ILE A 25 0.74 14.57 7.20
N GLN A 26 1.20 15.52 6.43
CA GLN A 26 1.03 16.94 6.84
C GLN A 26 -0.45 17.26 7.02
N ALA A 27 -1.28 16.84 6.10
CA ALA A 27 -2.73 17.12 6.21
C ALA A 27 -3.29 16.44 7.48
N LEU A 28 -2.89 15.23 7.73
CA LEU A 28 -3.41 14.53 8.95
C LEU A 28 -2.88 15.24 10.20
N LEU A 29 -1.59 15.24 10.41
CA LEU A 29 -1.03 15.92 11.61
C LEU A 29 -1.62 17.33 11.72
N GLU A 30 -1.36 18.17 10.75
CA GLU A 30 -1.90 19.55 10.80
C GLU A 30 -3.35 19.52 11.29
N ASP A 31 -4.16 18.69 10.70
CA ASP A 31 -5.58 18.59 11.12
C ASP A 31 -5.65 18.37 12.64
N GLY A 32 -4.82 17.49 13.14
CA GLY A 32 -4.83 17.23 14.62
C GLY A 32 -4.79 15.72 14.87
N SER A 33 -4.62 14.94 13.85
CA SER A 33 -4.56 13.45 14.04
C SER A 33 -3.80 13.14 15.34
N ASP A 34 -4.04 11.99 15.91
CA ASP A 34 -3.33 11.63 17.17
C ASP A 34 -2.55 10.33 16.97
N PRO A 35 -1.31 10.44 16.58
CA PRO A 35 -0.43 9.26 16.34
C PRO A 35 -0.23 8.41 17.60
N ASP A 36 -0.87 8.78 18.68
CA ASP A 36 -0.70 8.00 19.94
C ASP A 36 -1.70 6.82 19.96
N ALA A 37 -2.72 6.90 19.15
CA ALA A 37 -3.72 5.79 19.13
C ALA A 37 -3.40 4.83 17.98
N LEU A 38 -2.16 4.78 17.58
CA LEU A 38 -1.78 3.86 16.47
C LEU A 38 -2.64 4.16 15.23
N TYR A 39 -2.08 4.02 14.06
CA TYR A 39 -2.86 4.32 12.83
C TYR A 39 -2.99 3.04 12.00
N GLU A 40 -3.84 3.05 11.01
CA GLU A 40 -4.01 1.84 10.16
C GLU A 40 -3.72 2.20 8.69
N ILE A 41 -2.97 1.37 8.02
CA ILE A 41 -2.65 1.66 6.59
C ILE A 41 -2.98 0.43 5.74
N GLU A 42 -3.30 0.63 4.49
CA GLU A 42 -3.63 -0.53 3.62
C GLU A 42 -2.88 -0.40 2.29
N HIS A 43 -2.56 -1.52 1.67
CA HIS A 43 -1.82 -1.47 0.39
C HIS A 43 -2.60 -2.26 -0.67
N HIS A 44 -2.44 -1.94 -1.92
CA HIS A 44 -3.18 -2.67 -2.99
C HIS A 44 -2.19 -3.36 -3.92
N LEU A 45 -2.12 -4.66 -3.88
CA LEU A 45 -1.18 -5.38 -4.78
C LEU A 45 -1.96 -6.42 -5.59
N PHE A 46 -1.75 -6.44 -6.89
CA PHE A 46 -2.50 -7.41 -7.74
C PHE A 46 -1.51 -8.35 -8.43
N ALA A 47 -1.99 -9.46 -8.94
CA ALA A 47 -1.09 -10.42 -9.64
C ALA A 47 -1.82 -11.02 -10.84
N GLU A 48 -1.17 -11.85 -11.60
CA GLU A 48 -1.83 -12.47 -12.78
C GLU A 48 -1.79 -13.98 -12.64
N ASP A 49 -1.14 -14.49 -11.63
CA ASP A 49 -1.07 -15.97 -11.45
C ASP A 49 -1.57 -16.34 -10.05
N PHE A 50 -2.74 -16.92 -9.96
CA PHE A 50 -3.28 -17.30 -8.62
C PHE A 50 -2.13 -17.78 -7.74
N ASP A 51 -1.27 -18.62 -8.27
CA ASP A 51 -0.13 -19.11 -7.45
C ASP A 51 0.75 -17.94 -7.03
N LYS A 52 1.44 -17.34 -7.97
CA LYS A 52 2.31 -16.18 -7.63
C LYS A 52 1.59 -15.30 -6.61
N LEU A 53 0.29 -15.23 -6.68
CA LEU A 53 -0.47 -14.39 -5.71
C LEU A 53 -0.34 -14.98 -4.32
N GLU A 54 -0.62 -16.25 -4.17
CA GLU A 54 -0.50 -16.89 -2.83
C GLU A 54 0.93 -16.77 -2.31
N LYS A 55 1.89 -16.97 -3.17
CA LYS A 55 3.31 -16.88 -2.73
C LYS A 55 3.56 -15.53 -2.06
N ALA A 56 3.43 -14.46 -2.81
CA ALA A 56 3.66 -13.11 -2.23
C ALA A 56 2.70 -12.90 -1.04
N ALA A 57 1.46 -13.25 -1.19
CA ALA A 57 0.49 -13.06 -0.08
C ALA A 57 1.05 -13.71 1.20
N VAL A 58 1.22 -15.00 1.19
CA VAL A 58 1.75 -15.69 2.40
C VAL A 58 2.95 -14.90 2.95
N GLU A 59 3.83 -14.46 2.09
CA GLU A 59 5.01 -13.68 2.57
C GLU A 59 4.53 -12.45 3.34
N ALA A 60 3.54 -11.77 2.82
CA ALA A 60 3.02 -10.56 3.53
C ALA A 60 2.40 -10.98 4.86
N PHE A 61 1.59 -12.01 4.86
CA PHE A 61 0.96 -12.46 6.12
C PHE A 61 2.03 -12.99 7.08
N LYS A 62 3.18 -13.34 6.57
CA LYS A 62 4.25 -13.86 7.46
C LYS A 62 4.92 -12.68 8.19
N MET A 63 5.09 -11.58 7.52
CA MET A 63 5.74 -10.41 8.18
C MET A 63 4.80 -9.85 9.25
N GLY A 64 3.56 -9.61 8.91
CA GLY A 64 2.60 -9.08 9.92
C GLY A 64 1.43 -8.40 9.20
N PHE A 65 1.58 -8.10 7.94
CA PHE A 65 0.48 -7.44 7.19
C PHE A 65 -0.73 -8.38 7.10
N GLU A 66 -1.89 -7.88 7.42
CA GLU A 66 -3.11 -8.75 7.35
C GLU A 66 -3.66 -8.71 5.92
N VAL A 67 -3.41 -9.74 5.15
CA VAL A 67 -3.92 -9.76 3.75
C VAL A 67 -5.45 -9.76 3.75
N LEU A 68 -6.04 -9.02 2.86
CA LEU A 68 -7.53 -8.97 2.80
C LEU A 68 -8.00 -9.64 1.51
N GLU A 69 -9.05 -10.42 1.57
CA GLU A 69 -9.54 -11.11 0.35
C GLU A 69 -9.48 -10.16 -0.85
N ALA A 70 -9.22 -10.69 -2.01
CA ALA A 70 -9.15 -9.83 -3.23
C ALA A 70 -10.51 -9.82 -3.93
N GLU A 71 -10.61 -9.11 -5.03
CA GLU A 71 -11.91 -9.06 -5.75
C GLU A 71 -11.63 -8.98 -7.25
N GLU A 72 -11.87 -10.05 -7.98
CA GLU A 72 -11.63 -10.02 -9.44
C GLU A 72 -12.03 -8.65 -9.99
N THR A 73 -11.09 -7.89 -10.48
CA THR A 73 -11.42 -6.55 -11.04
C THR A 73 -10.72 -6.37 -12.38
N GLU A 74 -10.56 -5.15 -12.83
CA GLU A 74 -9.89 -4.91 -14.14
C GLU A 74 -9.11 -3.60 -14.07
N ASP A 75 -8.22 -3.39 -14.99
CA ASP A 75 -7.42 -2.13 -15.00
C ASP A 75 -7.40 -1.57 -16.42
N GLU A 76 -8.40 -1.84 -17.20
CA GLU A 76 -8.42 -1.33 -18.59
C GLU A 76 -7.35 -2.03 -19.42
N ASP A 77 -6.63 -2.95 -18.81
CA ASP A 77 -5.56 -3.67 -19.56
C ASP A 77 -5.40 -5.07 -18.96
N GLY A 78 -6.00 -5.32 -17.82
CA GLY A 78 -5.88 -6.67 -17.19
C GLY A 78 -7.14 -7.47 -17.47
N ASN A 79 -8.24 -6.80 -17.71
CA ASN A 79 -9.51 -7.53 -18.00
C ASN A 79 -9.88 -8.41 -16.80
N LYS A 80 -9.09 -9.40 -16.50
CA LYS A 80 -9.40 -10.29 -15.35
C LYS A 80 -8.15 -10.50 -14.50
N LEU A 81 -8.08 -9.88 -13.36
CA LEU A 81 -6.89 -10.06 -12.48
C LEU A 81 -7.33 -10.12 -11.02
N LEU A 82 -6.43 -10.41 -10.13
CA LEU A 82 -6.81 -10.49 -8.69
C LEU A 82 -6.13 -9.35 -7.92
N CYS A 83 -6.85 -8.71 -7.04
CA CYS A 83 -6.24 -7.59 -6.26
C CYS A 83 -6.46 -7.83 -4.77
N PHE A 84 -5.44 -8.28 -4.08
CA PHE A 84 -5.58 -8.52 -2.62
C PHE A 84 -5.11 -7.29 -1.85
N ASP A 85 -5.67 -7.04 -0.70
CA ASP A 85 -5.26 -5.84 0.08
C ASP A 85 -4.57 -6.28 1.37
N ALA A 86 -3.61 -5.52 1.82
CA ALA A 86 -2.91 -5.88 3.09
C ALA A 86 -2.95 -4.69 4.05
N THR A 87 -3.10 -4.94 5.32
CA THR A 87 -3.16 -3.80 6.30
C THR A 87 -1.97 -3.89 7.26
N MET A 88 -1.74 -2.84 8.00
CA MET A 88 -0.60 -2.84 8.97
C MET A 88 -0.74 -1.65 9.91
N GLN A 89 -0.55 -1.85 11.19
CA GLN A 89 -0.68 -0.72 12.15
C GLN A 89 0.69 -0.08 12.37
N SER A 90 0.71 1.21 12.59
CA SER A 90 2.02 1.90 12.81
C SER A 90 1.78 3.17 13.64
N ALA A 91 2.81 3.92 13.90
CA ALA A 91 2.64 5.17 14.70
C ALA A 91 2.57 6.37 13.76
N LEU A 92 1.85 6.27 12.69
CA LEU A 92 1.75 7.40 11.73
C LEU A 92 3.09 8.14 11.67
N ASP A 93 3.93 7.77 10.74
CA ASP A 93 5.25 8.44 10.61
C ASP A 93 5.81 8.21 9.21
N ALA A 94 5.88 9.24 8.40
CA ALA A 94 6.42 9.07 7.03
C ALA A 94 7.60 8.11 7.06
N LYS A 95 8.69 8.50 7.65
CA LYS A 95 9.88 7.62 7.71
C LYS A 95 9.44 6.16 7.83
N LEU A 96 8.47 5.89 8.66
CA LEU A 96 7.99 4.49 8.82
C LEU A 96 7.26 4.04 7.55
N ILE A 97 6.23 4.76 7.18
CA ILE A 97 5.46 4.38 5.95
C ILE A 97 6.44 4.17 4.80
N ASP A 98 7.60 4.78 4.85
CA ASP A 98 8.58 4.61 3.75
C ASP A 98 9.21 3.22 3.84
N GLU A 99 9.82 2.89 4.95
CA GLU A 99 10.46 1.56 5.09
C GLU A 99 9.42 0.46 4.82
N GLN A 100 8.23 0.64 5.28
CA GLN A 100 7.17 -0.40 5.05
C GLN A 100 6.82 -0.44 3.56
N VAL A 101 6.47 0.67 2.99
CA VAL A 101 6.12 0.70 1.54
C VAL A 101 7.28 0.16 0.71
N GLU A 102 8.49 0.40 1.15
CA GLU A 102 9.67 -0.10 0.38
C GLU A 102 9.70 -1.63 0.43
N LYS A 103 9.37 -2.21 1.54
CA LYS A 103 9.38 -3.69 1.66
C LYS A 103 8.38 -4.28 0.65
N LEU A 104 7.17 -3.81 0.66
CA LEU A 104 6.15 -4.33 -0.30
C LEU A 104 6.62 -4.06 -1.73
N VAL A 105 7.44 -3.06 -1.91
CA VAL A 105 7.93 -2.75 -3.30
C VAL A 105 8.94 -3.81 -3.74
N ASN A 106 10.04 -3.92 -3.04
CA ASN A 106 11.06 -4.93 -3.42
C ASN A 106 10.41 -6.32 -3.48
N LEU A 107 9.57 -6.64 -2.54
CA LEU A 107 8.90 -7.97 -2.53
C LEU A 107 7.97 -8.07 -3.74
N ALA A 108 7.10 -7.11 -3.90
CA ALA A 108 6.16 -7.14 -5.05
C ALA A 108 6.90 -7.47 -6.35
N GLU A 109 7.90 -6.69 -6.68
CA GLU A 109 8.66 -6.94 -7.94
C GLU A 109 9.43 -8.27 -7.82
N LYS A 110 10.01 -8.53 -6.69
CA LYS A 110 10.78 -9.80 -6.52
C LYS A 110 9.93 -10.99 -6.98
N PHE A 111 8.64 -10.88 -6.88
CA PHE A 111 7.76 -12.02 -7.32
C PHE A 111 7.21 -11.73 -8.71
N ASP A 112 6.26 -10.85 -8.81
CA ASP A 112 5.66 -10.53 -10.14
C ASP A 112 4.35 -9.77 -9.95
N ILE A 113 4.28 -8.95 -8.92
CA ILE A 113 3.03 -8.19 -8.67
C ILE A 113 3.35 -6.70 -8.60
N ILE A 114 2.39 -5.86 -8.85
CA ILE A 114 2.65 -4.39 -8.81
C ILE A 114 2.03 -3.80 -7.54
N TYR A 115 2.68 -2.82 -6.96
CA TYR A 115 2.13 -2.19 -5.73
C TYR A 115 1.90 -0.69 -5.99
N ASP A 116 0.73 -0.34 -6.45
CA ASP A 116 0.45 1.09 -6.72
C ASP A 116 -0.94 1.45 -6.20
N GLY A 117 -1.07 1.66 -4.92
CA GLY A 117 -2.40 2.02 -4.34
C GLY A 117 -2.34 1.89 -2.82
N TRP A 118 -1.81 2.87 -2.16
CA TRP A 118 -1.72 2.81 -0.67
C TRP A 118 -2.51 3.97 -0.06
N GLY A 119 -3.22 3.73 1.01
CA GLY A 119 -4.01 4.81 1.64
C GLY A 119 -4.22 4.52 3.12
N THR A 120 -4.72 5.47 3.87
CA THR A 120 -4.94 5.25 5.32
C THR A 120 -6.34 5.74 5.70
N TYR A 121 -7.05 5.01 6.52
CA TYR A 121 -8.41 5.46 6.92
C TYR A 121 -8.31 6.73 7.76
N TYR A 122 -9.16 7.69 7.50
CA TYR A 122 -9.11 8.96 8.28
C TYR A 122 -9.97 8.81 9.54
N GLU A 123 -9.41 9.07 10.69
CA GLU A 123 -10.19 8.93 11.95
C GLU A 123 -11.02 10.21 12.17
N GLY A 124 -12.26 10.19 11.77
CA GLY A 124 -13.12 11.40 11.96
C GLY A 124 -14.40 11.25 11.13
N LEU A 125 -14.30 11.44 9.85
CA LEU A 125 -15.50 11.31 8.98
C LEU A 125 -16.66 12.11 9.59
N GLU A 126 -16.65 13.40 9.42
CA GLU A 126 -17.75 14.23 9.99
C GLU A 126 -18.06 13.79 11.42
N HIS A 127 -17.62 14.53 12.40
CA HIS A 127 -17.88 14.15 13.81
C HIS A 127 -18.63 15.28 14.52
N HIS A 128 -19.91 15.40 14.26
CA HIS A 128 -20.70 16.49 14.92
C HIS A 128 -21.07 16.07 16.34
N HIS A 129 -22.08 15.25 16.48
CA HIS A 129 -22.50 14.81 17.84
C HIS A 129 -23.64 13.80 17.71
N HIS A 130 -23.75 13.15 16.58
CA HIS A 130 -24.85 12.15 16.41
C HIS A 130 -24.25 10.84 15.92
N HIS A 131 -22.96 10.79 15.73
CA HIS A 131 -22.31 9.53 15.25
C HIS A 131 -22.35 8.48 16.36
N HIS A 132 -22.51 7.23 16.02
CA HIS A 132 -22.55 6.17 17.06
C HIS A 132 -22.46 4.79 16.40
N MET A 1 15.91 -9.40 -12.47
CA MET A 1 16.81 -10.54 -12.16
C MET A 1 17.94 -10.59 -13.18
N SER A 2 18.12 -9.55 -13.93
CA SER A 2 19.20 -9.54 -14.95
C SER A 2 20.37 -8.66 -14.48
N HIS A 3 20.89 -8.92 -13.31
CA HIS A 3 22.02 -8.11 -12.79
C HIS A 3 21.74 -6.62 -13.05
N GLN A 4 20.84 -6.04 -12.30
CA GLN A 4 20.52 -4.60 -12.50
C GLN A 4 21.77 -3.76 -12.25
N ASP A 5 22.69 -3.75 -13.17
CA ASP A 5 23.95 -2.96 -12.97
C ASP A 5 23.63 -1.46 -13.12
N ASP A 6 22.53 -1.03 -12.56
CA ASP A 6 22.17 0.42 -12.67
C ASP A 6 21.25 0.80 -11.51
N TYR A 7 20.51 -0.14 -10.98
CA TYR A 7 19.61 0.18 -9.84
C TYR A 7 19.03 1.58 -10.02
N LEU A 8 18.20 1.77 -11.01
CA LEU A 8 17.60 3.11 -11.24
C LEU A 8 16.10 2.96 -11.52
N SER A 9 15.32 2.76 -10.50
CA SER A 9 13.85 2.60 -10.68
C SER A 9 13.16 2.52 -9.32
N VAL A 10 13.40 1.47 -8.59
CA VAL A 10 12.76 1.34 -7.25
C VAL A 10 13.00 2.63 -6.44
N GLU A 11 14.04 3.34 -6.76
CA GLU A 11 14.33 4.61 -6.01
C GLU A 11 13.34 5.69 -6.45
N GLU A 12 12.88 5.62 -7.68
CA GLU A 12 11.92 6.65 -8.17
C GLU A 12 10.56 6.43 -7.50
N LEU A 13 10.02 5.25 -7.61
CA LEU A 13 8.70 4.97 -6.97
C LEU A 13 8.74 5.43 -5.51
N ILE A 14 9.72 4.98 -4.77
CA ILE A 14 9.82 5.39 -3.34
C ILE A 14 9.85 6.92 -3.25
N GLU A 15 10.52 7.56 -4.18
CA GLU A 15 10.59 9.05 -4.14
C GLU A 15 9.20 9.65 -4.38
N ILE A 16 8.59 9.32 -5.48
CA ILE A 16 7.23 9.87 -5.78
C ILE A 16 6.34 9.72 -4.55
N GLN A 17 6.22 8.52 -4.03
CA GLN A 17 5.35 8.31 -2.84
C GLN A 17 5.94 9.04 -1.64
N LYS A 18 7.20 9.40 -1.70
CA LYS A 18 7.82 10.13 -0.56
C LYS A 18 7.17 11.51 -0.43
N GLU A 19 7.02 12.20 -1.53
CA GLU A 19 6.39 13.56 -1.47
C GLU A 19 4.89 13.42 -1.25
N GLU A 20 4.21 12.67 -2.08
CA GLU A 20 2.75 12.51 -1.91
C GLU A 20 2.45 12.01 -0.49
N THR A 21 3.17 11.04 -0.02
CA THR A 21 2.93 10.53 1.35
C THR A 21 3.00 11.68 2.35
N ARG A 22 4.05 12.45 2.31
CA ARG A 22 4.19 13.59 3.26
C ARG A 22 2.94 14.47 3.19
N ASP A 23 2.45 14.75 2.01
CA ASP A 23 1.24 15.60 1.89
C ASP A 23 0.08 14.94 2.62
N ILE A 24 -0.15 13.67 2.41
CA ILE A 24 -1.28 12.99 3.09
C ILE A 24 -1.11 13.10 4.61
N ILE A 25 -0.09 12.48 5.15
CA ILE A 25 0.13 12.55 6.62
C ILE A 25 -0.01 14.00 7.09
N GLN A 26 0.57 14.93 6.36
CA GLN A 26 0.47 16.35 6.76
C GLN A 26 -0.99 16.71 7.01
N ALA A 27 -1.80 16.69 5.99
CA ALA A 27 -3.24 17.03 6.17
C ALA A 27 -3.74 16.45 7.49
N LEU A 28 -3.42 15.22 7.77
CA LEU A 28 -3.89 14.60 9.05
C LEU A 28 -3.25 15.33 10.24
N LEU A 29 -2.07 15.84 10.08
CA LEU A 29 -1.41 16.56 11.20
C LEU A 29 -2.11 17.90 11.43
N GLU A 30 -2.22 18.71 10.41
CA GLU A 30 -2.90 20.03 10.58
C GLU A 30 -4.34 19.80 11.03
N ASP A 31 -4.86 18.62 10.83
CA ASP A 31 -6.25 18.33 11.24
C ASP A 31 -6.30 18.04 12.74
N GLY A 32 -5.24 17.49 13.27
CA GLY A 32 -5.23 17.19 14.74
C GLY A 32 -4.84 15.72 14.95
N SER A 33 -4.29 15.09 13.94
CA SER A 33 -3.90 13.67 14.09
C SER A 33 -2.75 13.54 15.09
N ASP A 34 -2.87 12.65 16.04
CA ASP A 34 -1.79 12.49 17.05
C ASP A 34 -0.96 11.24 16.72
N PRO A 35 0.31 11.28 16.99
CA PRO A 35 1.24 10.14 16.71
C PRO A 35 1.00 8.96 17.67
N ASP A 36 0.24 9.17 18.70
CA ASP A 36 -0.03 8.06 19.67
C ASP A 36 -1.40 7.44 19.39
N ALA A 37 -2.08 7.93 18.39
CA ALA A 37 -3.42 7.37 18.07
C ALA A 37 -3.27 6.08 17.26
N LEU A 38 -2.16 5.92 16.57
CA LEU A 38 -1.95 4.69 15.77
C LEU A 38 -2.84 4.75 14.53
N TYR A 39 -2.34 4.30 13.41
CA TYR A 39 -3.15 4.34 12.15
C TYR A 39 -3.18 2.94 11.52
N GLU A 40 -4.08 2.72 10.60
CA GLU A 40 -4.17 1.40 9.93
C GLU A 40 -3.74 1.53 8.47
N ILE A 41 -2.53 1.15 8.16
CA ILE A 41 -2.05 1.26 6.75
C ILE A 41 -2.69 0.16 5.91
N GLU A 42 -3.24 0.51 4.78
CA GLU A 42 -3.88 -0.52 3.90
C GLU A 42 -3.23 -0.48 2.51
N HIS A 43 -2.62 -1.56 2.11
CA HIS A 43 -1.96 -1.60 0.78
C HIS A 43 -2.84 -2.39 -0.20
N HIS A 44 -2.71 -2.13 -1.48
CA HIS A 44 -3.54 -2.88 -2.47
C HIS A 44 -2.64 -3.36 -3.62
N LEU A 45 -2.34 -4.63 -3.65
CA LEU A 45 -1.47 -5.16 -4.74
C LEU A 45 -2.28 -6.15 -5.59
N PHE A 46 -1.94 -6.29 -6.84
CA PHE A 46 -2.70 -7.23 -7.71
C PHE A 46 -1.72 -8.10 -8.51
N ALA A 47 -2.20 -9.18 -9.07
CA ALA A 47 -1.30 -10.06 -9.88
C ALA A 47 -2.12 -10.73 -10.97
N GLU A 48 -1.48 -11.49 -11.82
CA GLU A 48 -2.23 -12.18 -12.91
C GLU A 48 -2.21 -13.69 -12.68
N ASP A 49 -1.18 -14.18 -12.03
CA ASP A 49 -1.10 -15.65 -11.77
C ASP A 49 -1.57 -15.94 -10.34
N PHE A 50 -2.79 -16.38 -10.18
CA PHE A 50 -3.30 -16.68 -8.82
C PHE A 50 -2.20 -17.39 -8.00
N ASP A 51 -1.52 -18.32 -8.61
CA ASP A 51 -0.44 -19.04 -7.88
C ASP A 51 0.55 -18.03 -7.32
N LYS A 52 1.18 -17.27 -8.17
CA LYS A 52 2.16 -16.25 -7.69
C LYS A 52 1.48 -15.31 -6.70
N LEU A 53 0.18 -15.21 -6.76
CA LEU A 53 -0.55 -14.31 -5.82
C LEU A 53 -0.45 -14.87 -4.40
N GLU A 54 -0.84 -16.11 -4.21
CA GLU A 54 -0.78 -16.71 -2.86
C GLU A 54 0.68 -16.77 -2.40
N LYS A 55 1.60 -16.77 -3.31
CA LYS A 55 3.04 -16.81 -2.92
C LYS A 55 3.43 -15.49 -2.26
N ALA A 56 3.31 -14.41 -2.98
CA ALA A 56 3.67 -13.09 -2.38
C ALA A 56 2.79 -12.82 -1.16
N ALA A 57 1.51 -13.04 -1.29
CA ALA A 57 0.60 -12.81 -0.13
C ALA A 57 1.06 -13.65 1.05
N VAL A 58 1.32 -14.92 0.83
CA VAL A 58 1.79 -15.79 1.94
C VAL A 58 3.04 -15.19 2.57
N GLU A 59 3.97 -14.76 1.77
CA GLU A 59 5.21 -14.15 2.32
C GLU A 59 4.86 -12.86 3.07
N ALA A 60 3.87 -12.15 2.60
CA ALA A 60 3.47 -10.90 3.28
C ALA A 60 2.82 -11.23 4.62
N PHE A 61 1.69 -11.89 4.61
CA PHE A 61 1.03 -12.24 5.88
C PHE A 61 2.08 -12.68 6.91
N LYS A 62 3.08 -13.40 6.46
CA LYS A 62 4.13 -13.86 7.40
C LYS A 62 4.91 -12.65 7.92
N MET A 63 5.29 -11.76 7.05
CA MET A 63 6.04 -10.55 7.49
C MET A 63 5.35 -9.95 8.72
N GLY A 64 4.06 -9.88 8.70
CA GLY A 64 3.33 -9.30 9.87
C GLY A 64 2.14 -8.47 9.37
N PHE A 65 1.86 -8.52 8.10
CA PHE A 65 0.72 -7.74 7.55
C PHE A 65 -0.54 -8.60 7.53
N GLU A 66 -1.68 -8.00 7.37
CA GLU A 66 -2.94 -8.79 7.34
C GLU A 66 -3.47 -8.83 5.90
N VAL A 67 -3.14 -9.87 5.17
CA VAL A 67 -3.62 -9.97 3.76
C VAL A 67 -5.15 -10.02 3.74
N LEU A 68 -5.75 -9.26 2.87
CA LEU A 68 -7.25 -9.25 2.79
C LEU A 68 -7.68 -9.90 1.47
N GLU A 69 -8.75 -10.66 1.50
CA GLU A 69 -9.22 -11.32 0.25
C GLU A 69 -9.19 -10.31 -0.90
N ALA A 70 -9.15 -10.79 -2.11
CA ALA A 70 -9.12 -9.86 -3.28
C ALA A 70 -10.52 -9.74 -3.88
N GLU A 71 -10.68 -8.91 -4.88
CA GLU A 71 -12.02 -8.75 -5.50
C GLU A 71 -11.86 -8.56 -7.02
N GLU A 72 -12.20 -9.55 -7.79
CA GLU A 72 -12.07 -9.41 -9.27
C GLU A 72 -12.43 -7.99 -9.68
N THR A 73 -11.45 -7.13 -9.79
CA THR A 73 -11.73 -5.72 -10.18
C THR A 73 -11.18 -5.45 -11.58
N GLU A 74 -11.00 -4.20 -11.92
CA GLU A 74 -10.48 -3.87 -13.28
C GLU A 74 -9.99 -2.42 -13.29
N ASP A 75 -8.98 -2.14 -14.07
CA ASP A 75 -8.46 -0.74 -14.13
C ASP A 75 -9.50 0.16 -14.78
N GLU A 76 -10.76 -0.13 -14.60
CA GLU A 76 -11.82 0.70 -15.22
C GLU A 76 -11.62 0.76 -16.73
N ASP A 77 -10.56 0.14 -17.22
CA ASP A 77 -10.31 0.14 -18.68
C ASP A 77 -11.02 -1.05 -19.33
N GLY A 78 -11.36 -2.04 -18.55
CA GLY A 78 -12.05 -3.23 -19.12
C GLY A 78 -11.10 -4.42 -19.11
N ASN A 79 -10.50 -4.70 -17.98
CA ASN A 79 -9.55 -5.86 -17.91
C ASN A 79 -9.95 -6.78 -16.76
N LYS A 80 -9.07 -7.63 -16.33
CA LYS A 80 -9.39 -8.55 -15.20
C LYS A 80 -8.12 -8.85 -14.42
N LEU A 81 -8.14 -8.65 -13.12
CA LEU A 81 -6.94 -8.93 -12.30
C LEU A 81 -7.34 -9.06 -10.83
N LEU A 82 -6.67 -9.90 -10.09
CA LEU A 82 -7.01 -10.07 -8.65
C LEU A 82 -6.29 -9.00 -7.83
N CYS A 83 -6.97 -8.41 -6.89
CA CYS A 83 -6.31 -7.34 -6.07
C CYS A 83 -6.53 -7.64 -4.58
N PHE A 84 -5.53 -8.18 -3.92
CA PHE A 84 -5.68 -8.48 -2.48
C PHE A 84 -5.18 -7.28 -1.67
N ASP A 85 -5.79 -7.02 -0.54
CA ASP A 85 -5.36 -5.85 0.27
C ASP A 85 -4.60 -6.32 1.51
N ALA A 86 -3.77 -5.48 2.07
CA ALA A 86 -3.00 -5.87 3.28
C ALA A 86 -3.21 -4.80 4.36
N THR A 87 -3.10 -5.18 5.61
CA THR A 87 -3.31 -4.18 6.69
C THR A 87 -2.15 -4.25 7.69
N MET A 88 -1.79 -3.14 8.27
CA MET A 88 -0.67 -3.13 9.26
C MET A 88 -0.85 -1.95 10.21
N GLN A 89 -1.28 -2.21 11.42
CA GLN A 89 -1.48 -1.09 12.39
C GLN A 89 -0.11 -0.54 12.82
N SER A 90 0.20 0.66 12.46
CA SER A 90 1.52 1.25 12.85
C SER A 90 1.34 2.73 13.19
N ALA A 91 2.40 3.40 13.55
CA ALA A 91 2.28 4.84 13.90
C ALA A 91 1.97 5.64 12.63
N LEU A 92 1.93 6.94 12.75
CA LEU A 92 1.63 7.78 11.55
C LEU A 92 2.87 8.60 11.18
N ASP A 93 3.58 8.19 10.17
CA ASP A 93 4.81 8.96 9.76
C ASP A 93 5.18 8.58 8.33
N ALA A 94 5.64 9.53 7.56
CA ALA A 94 6.03 9.25 6.16
C ALA A 94 7.27 8.36 6.14
N LYS A 95 8.29 8.73 6.87
CA LYS A 95 9.53 7.89 6.89
C LYS A 95 9.17 6.45 7.23
N LEU A 96 8.42 6.25 8.28
CA LEU A 96 8.02 4.87 8.67
C LEU A 96 7.22 4.24 7.53
N ILE A 97 6.42 5.02 6.85
CA ILE A 97 5.60 4.46 5.74
C ILE A 97 6.51 4.14 4.56
N ASP A 98 7.67 4.75 4.50
CA ASP A 98 8.60 4.48 3.37
C ASP A 98 9.29 3.14 3.60
N GLU A 99 9.61 2.83 4.83
CA GLU A 99 10.29 1.53 5.12
C GLU A 99 9.31 0.39 4.87
N GLN A 100 8.11 0.49 5.40
CA GLN A 100 7.11 -0.60 5.19
C GLN A 100 6.83 -0.73 3.69
N VAL A 101 6.50 0.36 3.05
CA VAL A 101 6.23 0.30 1.59
C VAL A 101 7.47 -0.20 0.86
N GLU A 102 8.63 0.04 1.41
CA GLU A 102 9.88 -0.43 0.76
C GLU A 102 9.89 -1.95 0.71
N LYS A 103 9.49 -2.59 1.77
CA LYS A 103 9.47 -4.08 1.79
C LYS A 103 8.48 -4.57 0.73
N LEU A 104 7.31 -3.98 0.69
CA LEU A 104 6.29 -4.41 -0.31
C LEU A 104 6.81 -4.10 -1.73
N VAL A 105 7.63 -3.10 -1.86
CA VAL A 105 8.17 -2.75 -3.21
C VAL A 105 9.18 -3.82 -3.66
N ASN A 106 10.20 -4.04 -2.89
CA ASN A 106 11.23 -5.04 -3.26
C ASN A 106 10.58 -6.44 -3.34
N LEU A 107 9.87 -6.84 -2.31
CA LEU A 107 9.22 -8.18 -2.33
C LEU A 107 8.35 -8.31 -3.59
N ALA A 108 7.55 -7.32 -3.87
CA ALA A 108 6.66 -7.39 -5.06
C ALA A 108 7.50 -7.56 -6.33
N GLU A 109 8.49 -6.73 -6.52
CA GLU A 109 9.34 -6.85 -7.73
C GLU A 109 10.10 -8.17 -7.71
N LYS A 110 10.28 -8.74 -6.56
CA LYS A 110 11.03 -10.04 -6.47
C LYS A 110 10.09 -11.18 -6.88
N PHE A 111 8.81 -10.99 -6.74
CA PHE A 111 7.85 -12.06 -7.13
C PHE A 111 7.36 -11.83 -8.56
N ASP A 112 6.54 -10.84 -8.75
CA ASP A 112 6.02 -10.55 -10.12
C ASP A 112 4.73 -9.74 -10.03
N ILE A 113 4.62 -8.89 -9.03
CA ILE A 113 3.38 -8.08 -8.88
C ILE A 113 3.76 -6.59 -8.83
N ILE A 114 2.80 -5.73 -8.92
CA ILE A 114 3.11 -4.27 -8.88
C ILE A 114 2.56 -3.67 -7.58
N TYR A 115 3.19 -2.63 -7.09
CA TYR A 115 2.70 -1.99 -5.83
C TYR A 115 2.26 -0.55 -6.12
N ASP A 116 0.98 -0.34 -6.34
CA ASP A 116 0.50 1.03 -6.64
C ASP A 116 -0.95 1.18 -6.15
N GLY A 117 -1.13 1.54 -4.91
CA GLY A 117 -2.52 1.71 -4.39
C GLY A 117 -2.50 1.54 -2.86
N TRP A 118 -1.95 2.49 -2.16
CA TRP A 118 -1.91 2.39 -0.67
C TRP A 118 -2.73 3.53 -0.06
N GLY A 119 -3.14 3.39 1.16
CA GLY A 119 -3.94 4.47 1.81
C GLY A 119 -4.03 4.19 3.32
N THR A 120 -4.53 5.14 4.06
CA THR A 120 -4.65 4.95 5.54
C THR A 120 -6.01 5.46 6.01
N TYR A 121 -6.66 4.75 6.88
CA TYR A 121 -8.00 5.20 7.38
C TYR A 121 -7.81 6.09 8.62
N TYR A 122 -8.69 7.04 8.81
CA TYR A 122 -8.56 7.94 9.99
C TYR A 122 -9.69 7.63 10.99
N GLU A 123 -9.57 8.11 12.19
CA GLU A 123 -10.63 7.85 13.21
C GLU A 123 -11.83 8.76 12.95
N GLY A 124 -12.80 8.75 13.82
CA GLY A 124 -13.99 9.62 13.63
C GLY A 124 -15.08 8.82 12.91
N LEU A 125 -16.07 9.49 12.38
CA LEU A 125 -17.17 8.77 11.67
C LEU A 125 -17.87 7.83 12.65
N GLU A 126 -18.43 8.37 13.70
CA GLU A 126 -19.12 7.50 14.70
C GLU A 126 -18.07 6.65 15.44
N HIS A 127 -17.38 7.25 16.37
CA HIS A 127 -16.35 6.48 17.13
C HIS A 127 -16.08 7.17 18.47
N HIS A 128 -16.79 6.78 19.49
CA HIS A 128 -16.57 7.41 20.83
C HIS A 128 -15.95 6.39 21.78
N HIS A 129 -14.86 6.73 22.40
CA HIS A 129 -14.20 5.77 23.34
C HIS A 129 -14.73 6.00 24.76
N HIS A 130 -14.15 5.34 25.72
CA HIS A 130 -14.62 5.51 27.12
C HIS A 130 -14.46 6.98 27.53
N HIS A 131 -15.08 7.38 28.62
CA HIS A 131 -14.96 8.80 29.07
C HIS A 131 -13.49 9.20 29.12
N HIS A 132 -12.82 8.90 30.20
CA HIS A 132 -11.38 9.26 30.32
C HIS A 132 -10.54 8.30 29.48
N MET A 1 21.73 -4.19 -18.27
CA MET A 1 20.96 -3.18 -19.05
C MET A 1 21.31 -1.77 -18.56
N SER A 2 21.22 -1.53 -17.29
CA SER A 2 21.56 -0.18 -16.76
C SER A 2 23.04 -0.13 -16.41
N HIS A 3 23.46 0.89 -15.71
CA HIS A 3 24.90 1.00 -15.33
C HIS A 3 25.00 1.50 -13.89
N GLN A 4 25.63 0.75 -13.03
CA GLN A 4 25.77 1.19 -11.61
C GLN A 4 24.41 1.67 -11.11
N ASP A 5 23.34 1.21 -11.69
CA ASP A 5 21.99 1.63 -11.24
C ASP A 5 20.99 0.49 -11.48
N ASP A 6 20.55 -0.14 -10.43
CA ASP A 6 19.57 -1.26 -10.59
C ASP A 6 18.43 -0.82 -11.49
N TYR A 7 18.57 -1.02 -12.78
CA TYR A 7 17.47 -0.62 -13.71
C TYR A 7 16.85 0.69 -13.24
N LEU A 8 15.69 1.02 -13.74
CA LEU A 8 15.03 2.29 -13.32
C LEU A 8 13.55 2.02 -13.04
N SER A 9 13.19 1.87 -11.80
CA SER A 9 11.77 1.61 -11.45
C SER A 9 11.57 1.80 -9.95
N VAL A 10 11.74 0.75 -9.19
CA VAL A 10 11.56 0.86 -7.71
C VAL A 10 12.16 2.19 -7.24
N GLU A 11 13.10 2.73 -7.97
CA GLU A 11 13.73 4.00 -7.55
C GLU A 11 12.73 5.15 -7.77
N GLU A 12 12.19 5.27 -8.94
CA GLU A 12 11.21 6.37 -9.20
C GLU A 12 9.97 6.19 -8.33
N LEU A 13 9.31 5.07 -8.46
CA LEU A 13 8.09 4.82 -7.65
C LEU A 13 8.36 5.18 -6.18
N ILE A 14 9.48 4.74 -5.65
CA ILE A 14 9.79 5.05 -4.23
C ILE A 14 9.81 6.57 -4.02
N GLU A 15 10.77 7.25 -4.57
CA GLU A 15 10.84 8.74 -4.41
C GLU A 15 9.46 9.34 -4.62
N ILE A 16 8.74 8.88 -5.60
CA ILE A 16 7.37 9.44 -5.84
C ILE A 16 6.48 9.22 -4.63
N GLN A 17 6.53 8.05 -4.04
CA GLN A 17 5.68 7.78 -2.85
C GLN A 17 6.24 8.52 -1.63
N LYS A 18 7.45 9.01 -1.73
CA LYS A 18 8.04 9.74 -0.57
C LYS A 18 7.48 11.16 -0.52
N GLU A 19 7.36 11.81 -1.65
CA GLU A 19 6.82 13.20 -1.66
C GLU A 19 5.31 13.16 -1.42
N GLU A 20 4.62 12.26 -2.06
CA GLU A 20 3.14 12.17 -1.88
C GLU A 20 2.82 11.88 -0.41
N THR A 21 3.42 10.86 0.14
CA THR A 21 3.15 10.51 1.56
C THR A 21 3.41 11.73 2.45
N ARG A 22 4.60 12.25 2.44
CA ARG A 22 4.93 13.43 3.28
C ARG A 22 3.74 14.40 3.25
N ASP A 23 3.25 14.74 2.09
CA ASP A 23 2.10 15.68 2.00
C ASP A 23 0.94 15.16 2.86
N ILE A 24 0.66 13.89 2.79
CA ILE A 24 -0.46 13.33 3.58
C ILE A 24 -0.15 13.45 5.08
N ILE A 25 0.88 12.78 5.52
CA ILE A 25 1.24 12.86 6.97
C ILE A 25 1.12 14.30 7.46
N GLN A 26 1.71 15.22 6.76
CA GLN A 26 1.63 16.65 7.20
C GLN A 26 0.16 17.07 7.28
N ALA A 27 -0.57 16.92 6.21
CA ALA A 27 -2.00 17.32 6.23
C ALA A 27 -2.67 16.76 7.50
N LEU A 28 -2.51 15.50 7.75
CA LEU A 28 -3.15 14.90 8.97
C LEU A 28 -2.75 15.73 10.19
N LEU A 29 -1.48 15.82 10.49
CA LEU A 29 -1.04 16.61 11.66
C LEU A 29 -1.81 17.93 11.70
N GLU A 30 -1.85 18.63 10.59
CA GLU A 30 -2.58 19.92 10.55
C GLU A 30 -4.04 19.68 10.94
N ASP A 31 -4.52 18.48 10.75
CA ASP A 31 -5.93 18.18 11.12
C ASP A 31 -6.02 17.91 12.63
N GLY A 32 -4.89 17.70 13.26
CA GLY A 32 -4.90 17.44 14.72
C GLY A 32 -4.92 15.93 14.97
N SER A 33 -4.67 15.14 13.97
CA SER A 33 -4.68 13.67 14.15
C SER A 33 -3.60 13.28 15.15
N ASP A 34 -3.89 13.33 16.42
CA ASP A 34 -2.88 12.96 17.45
C ASP A 34 -2.27 11.59 17.08
N PRO A 35 -0.96 11.50 17.11
CA PRO A 35 -0.26 10.22 16.78
C PRO A 35 -0.42 9.17 17.87
N ASP A 36 -1.08 9.52 18.95
CA ASP A 36 -1.29 8.53 20.04
C ASP A 36 -2.51 7.67 19.74
N ALA A 37 -3.22 7.99 18.68
CA ALA A 37 -4.43 7.19 18.34
C ALA A 37 -4.04 6.06 17.37
N LEU A 38 -2.77 5.87 17.15
CA LEU A 38 -2.33 4.78 16.22
C LEU A 38 -3.04 4.97 14.87
N TYR A 39 -2.49 4.44 13.82
CA TYR A 39 -3.13 4.58 12.49
C TYR A 39 -3.10 3.25 11.74
N GLU A 40 -4.15 2.94 11.02
CA GLU A 40 -4.20 1.65 10.27
C GLU A 40 -3.82 1.92 8.81
N ILE A 41 -2.75 1.36 8.35
CA ILE A 41 -2.34 1.58 6.93
C ILE A 41 -2.76 0.37 6.09
N GLU A 42 -3.24 0.62 4.90
CA GLU A 42 -3.66 -0.52 4.02
C GLU A 42 -2.94 -0.41 2.68
N HIS A 43 -2.63 -1.53 2.07
CA HIS A 43 -1.94 -1.49 0.75
C HIS A 43 -2.71 -2.33 -0.26
N HIS A 44 -2.70 -1.93 -1.51
CA HIS A 44 -3.44 -2.70 -2.55
C HIS A 44 -2.43 -3.32 -3.53
N LEU A 45 -2.49 -4.61 -3.73
CA LEU A 45 -1.55 -5.26 -4.67
C LEU A 45 -2.32 -6.21 -5.58
N PHE A 46 -2.03 -6.20 -6.87
CA PHE A 46 -2.76 -7.11 -7.79
C PHE A 46 -1.76 -8.03 -8.50
N ALA A 47 -2.24 -9.09 -9.10
CA ALA A 47 -1.33 -10.02 -9.80
C ALA A 47 -2.04 -10.61 -11.03
N GLU A 48 -1.38 -11.46 -11.76
CA GLU A 48 -2.03 -12.05 -12.97
C GLU A 48 -2.02 -13.58 -12.86
N ASP A 49 -1.06 -14.13 -12.18
CA ASP A 49 -0.99 -15.61 -12.03
C ASP A 49 -1.36 -16.00 -10.60
N PHE A 50 -2.57 -16.44 -10.38
CA PHE A 50 -3.00 -16.84 -9.02
C PHE A 50 -1.81 -17.47 -8.28
N ASP A 51 -1.06 -18.30 -8.94
CA ASP A 51 0.11 -18.94 -8.26
C ASP A 51 0.99 -17.86 -7.63
N LYS A 52 1.75 -17.15 -8.41
CA LYS A 52 2.61 -16.08 -7.85
C LYS A 52 1.81 -15.23 -6.87
N LEU A 53 0.52 -15.19 -7.04
CA LEU A 53 -0.34 -14.38 -6.11
C LEU A 53 -0.30 -14.99 -4.71
N GLU A 54 -0.65 -16.24 -4.60
CA GLU A 54 -0.64 -16.89 -3.26
C GLU A 54 0.78 -16.87 -2.69
N LYS A 55 1.77 -16.92 -3.53
CA LYS A 55 3.18 -16.91 -3.03
C LYS A 55 3.48 -15.56 -2.41
N ALA A 56 3.37 -14.50 -3.17
CA ALA A 56 3.66 -13.14 -2.62
C ALA A 56 2.70 -12.84 -1.48
N ALA A 57 1.47 -13.26 -1.59
CA ALA A 57 0.48 -12.98 -0.51
C ALA A 57 0.92 -13.69 0.78
N VAL A 58 1.25 -14.95 0.69
CA VAL A 58 1.68 -15.70 1.91
C VAL A 58 2.83 -14.95 2.58
N GLU A 59 3.84 -14.58 1.83
CA GLU A 59 4.99 -13.86 2.44
C GLU A 59 4.50 -12.59 3.13
N ALA A 60 3.94 -11.67 2.36
CA ALA A 60 3.44 -10.40 2.97
C ALA A 60 2.89 -10.68 4.37
N PHE A 61 2.13 -11.74 4.53
CA PHE A 61 1.56 -12.06 5.86
C PHE A 61 2.69 -12.47 6.82
N LYS A 62 3.43 -13.48 6.46
CA LYS A 62 4.54 -13.93 7.35
C LYS A 62 5.42 -12.73 7.73
N MET A 63 5.36 -11.68 6.97
CA MET A 63 6.18 -10.48 7.29
C MET A 63 5.57 -9.74 8.48
N GLY A 64 4.31 -9.43 8.41
CA GLY A 64 3.65 -8.71 9.53
C GLY A 64 2.50 -7.85 9.00
N PHE A 65 1.80 -8.34 8.01
CA PHE A 65 0.68 -7.56 7.44
C PHE A 65 -0.61 -8.38 7.50
N GLU A 66 -1.74 -7.74 7.49
CA GLU A 66 -3.03 -8.50 7.54
C GLU A 66 -3.57 -8.67 6.12
N VAL A 67 -2.92 -9.50 5.33
CA VAL A 67 -3.39 -9.71 3.94
C VAL A 67 -4.90 -9.87 3.92
N LEU A 68 -5.52 -9.60 2.79
CA LEU A 68 -7.00 -9.75 2.70
C LEU A 68 -7.35 -10.40 1.36
N GLU A 69 -8.25 -11.34 1.37
CA GLU A 69 -8.64 -12.01 0.10
C GLU A 69 -8.83 -10.97 -1.01
N ALA A 70 -8.83 -11.39 -2.24
CA ALA A 70 -9.00 -10.43 -3.36
C ALA A 70 -10.38 -10.65 -4.00
N GLU A 71 -10.69 -9.88 -5.01
CA GLU A 71 -12.01 -10.05 -5.69
C GLU A 71 -11.82 -10.02 -7.20
N GLU A 72 -12.90 -9.98 -7.95
CA GLU A 72 -12.77 -9.96 -9.44
C GLU A 72 -13.06 -8.55 -9.94
N THR A 73 -12.04 -7.80 -10.28
CA THR A 73 -12.27 -6.41 -10.78
C THR A 73 -11.64 -6.26 -12.17
N GLU A 74 -11.27 -5.07 -12.53
CA GLU A 74 -10.65 -4.84 -13.87
C GLU A 74 -9.74 -3.61 -13.82
N ASP A 75 -8.57 -3.71 -14.37
CA ASP A 75 -7.64 -2.53 -14.34
C ASP A 75 -8.05 -1.53 -15.42
N GLU A 76 -7.43 -0.38 -15.44
CA GLU A 76 -7.80 0.64 -16.47
C GLU A 76 -7.45 0.11 -17.86
N ASP A 77 -7.01 -1.11 -17.94
CA ASP A 77 -6.65 -1.68 -19.27
C ASP A 77 -7.82 -2.50 -19.82
N GLY A 78 -8.63 -3.04 -18.94
CA GLY A 78 -9.79 -3.85 -19.40
C GLY A 78 -9.44 -5.34 -19.34
N ASN A 79 -8.83 -5.77 -18.25
CA ASN A 79 -8.47 -7.20 -18.14
C ASN A 79 -8.87 -7.73 -16.76
N LYS A 80 -9.55 -8.83 -16.70
CA LYS A 80 -9.97 -9.39 -15.39
C LYS A 80 -8.73 -9.89 -14.63
N LEU A 81 -8.66 -9.62 -13.36
CA LEU A 81 -7.47 -10.07 -12.56
C LEU A 81 -7.86 -10.20 -11.09
N LEU A 82 -6.90 -10.26 -10.21
CA LEU A 82 -7.21 -10.39 -8.76
C LEU A 82 -6.50 -9.29 -7.97
N CYS A 83 -7.13 -8.77 -6.95
CA CYS A 83 -6.50 -7.69 -6.15
C CYS A 83 -6.71 -7.97 -4.66
N PHE A 84 -5.66 -8.33 -3.96
CA PHE A 84 -5.80 -8.60 -2.50
C PHE A 84 -5.40 -7.36 -1.72
N ASP A 85 -5.91 -7.21 -0.52
CA ASP A 85 -5.55 -6.01 0.29
C ASP A 85 -4.83 -6.44 1.56
N ALA A 86 -4.09 -5.55 2.17
CA ALA A 86 -3.35 -5.90 3.41
C ALA A 86 -3.48 -4.75 4.41
N THR A 87 -3.60 -5.07 5.68
CA THR A 87 -3.74 -3.99 6.70
C THR A 87 -2.54 -4.03 7.65
N MET A 88 -2.20 -2.90 8.22
CA MET A 88 -1.04 -2.87 9.17
C MET A 88 -1.28 -1.78 10.22
N GLN A 89 -0.95 -2.05 11.46
CA GLN A 89 -1.18 -1.02 12.51
C GLN A 89 0.16 -0.42 12.95
N SER A 90 0.35 0.84 12.72
CA SER A 90 1.64 1.49 13.13
C SER A 90 1.39 2.96 13.45
N ALA A 91 2.23 3.56 14.24
CA ALA A 91 2.04 4.99 14.59
C ALA A 91 2.12 5.84 13.32
N LEU A 92 1.53 6.99 13.32
CA LEU A 92 1.58 7.85 12.10
C LEU A 92 2.98 8.45 11.95
N ASP A 93 3.79 7.86 11.13
CA ASP A 93 5.17 8.39 10.94
C ASP A 93 5.61 8.19 9.48
N ALA A 94 6.06 9.23 8.83
CA ALA A 94 6.49 9.10 7.42
C ALA A 94 7.73 8.20 7.35
N LYS A 95 8.58 8.26 8.35
CA LYS A 95 9.80 7.42 8.36
C LYS A 95 9.38 5.94 8.26
N LEU A 96 8.49 5.51 9.10
CA LEU A 96 8.04 4.10 9.05
C LEU A 96 7.34 3.83 7.72
N ILE A 97 6.19 4.42 7.52
CA ILE A 97 5.46 4.21 6.24
C ILE A 97 6.46 4.12 5.09
N ASP A 98 7.56 4.84 5.21
CA ASP A 98 8.58 4.79 4.12
C ASP A 98 9.20 3.40 4.06
N GLU A 99 9.75 2.93 5.16
CA GLU A 99 10.36 1.58 5.17
C GLU A 99 9.28 0.54 4.90
N GLN A 100 8.11 0.75 5.43
CA GLN A 100 7.00 -0.23 5.20
C GLN A 100 6.76 -0.36 3.70
N VAL A 101 6.55 0.74 3.02
CA VAL A 101 6.31 0.67 1.55
C VAL A 101 7.57 0.19 0.86
N GLU A 102 8.66 0.90 1.02
CA GLU A 102 9.93 0.48 0.37
C GLU A 102 10.06 -1.04 0.44
N LYS A 103 9.56 -1.64 1.49
CA LYS A 103 9.65 -3.12 1.62
C LYS A 103 8.62 -3.77 0.70
N LEU A 104 7.37 -3.49 0.90
CA LEU A 104 6.31 -4.09 0.03
C LEU A 104 6.68 -3.87 -1.44
N VAL A 105 7.48 -2.87 -1.71
CA VAL A 105 7.88 -2.61 -3.12
C VAL A 105 8.92 -3.65 -3.55
N ASN A 106 10.05 -3.68 -2.89
CA ASN A 106 11.10 -4.67 -3.28
C ASN A 106 10.47 -6.06 -3.38
N LEU A 107 9.69 -6.45 -2.40
CA LEU A 107 9.04 -7.79 -2.43
C LEU A 107 8.21 -7.91 -3.70
N ALA A 108 7.27 -7.02 -3.89
CA ALA A 108 6.41 -7.10 -5.11
C ALA A 108 7.27 -7.45 -6.32
N GLU A 109 8.20 -6.60 -6.66
CA GLU A 109 9.07 -6.88 -7.83
C GLU A 109 9.75 -8.25 -7.67
N LYS A 110 10.14 -8.59 -6.47
CA LYS A 110 10.80 -9.90 -6.25
C LYS A 110 9.96 -11.02 -6.87
N PHE A 111 8.66 -10.89 -6.82
CA PHE A 111 7.79 -11.95 -7.40
C PHE A 111 7.37 -11.54 -8.82
N ASP A 112 6.43 -10.64 -8.94
CA ASP A 112 5.98 -10.22 -10.30
C ASP A 112 4.66 -9.44 -10.18
N ILE A 113 4.48 -8.73 -9.11
CA ILE A 113 3.23 -7.95 -8.93
C ILE A 113 3.56 -6.46 -8.89
N ILE A 114 2.56 -5.62 -8.84
CA ILE A 114 2.82 -4.15 -8.81
C ILE A 114 2.28 -3.56 -7.51
N TYR A 115 2.93 -2.57 -6.98
CA TYR A 115 2.45 -1.94 -5.72
C TYR A 115 2.05 -0.49 -6.02
N ASP A 116 0.77 -0.24 -6.17
CA ASP A 116 0.32 1.15 -6.47
C ASP A 116 -1.09 1.36 -5.91
N GLY A 117 -1.20 1.68 -4.64
CA GLY A 117 -2.55 1.89 -4.04
C GLY A 117 -2.47 1.78 -2.53
N TRP A 118 -1.90 2.76 -1.88
CA TRP A 118 -1.78 2.70 -0.39
C TRP A 118 -2.55 3.88 0.22
N GLY A 119 -2.98 3.75 1.45
CA GLY A 119 -3.74 4.85 2.09
C GLY A 119 -4.33 4.39 3.42
N THR A 120 -4.59 5.29 4.32
CA THR A 120 -5.15 4.90 5.64
C THR A 120 -6.59 5.44 5.77
N TYR A 121 -7.25 5.12 6.84
CA TYR A 121 -8.65 5.61 7.03
C TYR A 121 -8.67 6.74 8.06
N TYR A 122 -9.14 7.89 7.70
CA TYR A 122 -9.19 9.02 8.67
C TYR A 122 -9.53 8.49 10.06
N GLU A 123 -8.93 9.05 11.07
CA GLU A 123 -9.22 8.56 12.46
C GLU A 123 -10.40 9.34 13.03
N GLY A 124 -11.40 8.65 13.52
CA GLY A 124 -12.58 9.35 14.10
C GLY A 124 -13.47 9.87 12.97
N LEU A 125 -14.10 8.99 12.24
CA LEU A 125 -14.98 9.43 11.13
C LEU A 125 -16.19 10.19 11.69
N GLU A 126 -16.00 11.41 12.10
CA GLU A 126 -17.12 12.20 12.66
C GLU A 126 -17.76 13.06 11.56
N HIS A 127 -18.64 13.94 11.92
CA HIS A 127 -19.29 14.81 10.89
C HIS A 127 -18.76 16.23 11.01
N HIS A 128 -18.90 16.83 12.17
CA HIS A 128 -18.39 18.22 12.35
C HIS A 128 -17.06 18.20 13.09
N HIS A 129 -16.67 19.30 13.67
CA HIS A 129 -15.38 19.34 14.40
C HIS A 129 -15.55 20.17 15.68
N HIS A 130 -16.18 21.31 15.58
CA HIS A 130 -16.39 22.16 16.77
C HIS A 130 -17.69 21.75 17.47
N HIS A 131 -17.61 21.39 18.72
CA HIS A 131 -18.85 20.98 19.44
C HIS A 131 -19.29 22.10 20.39
N HIS A 132 -20.25 22.89 19.98
CA HIS A 132 -20.73 23.99 20.84
C HIS A 132 -21.98 23.56 21.60
N MET A 1 0.71 6.90 -22.87
CA MET A 1 1.91 6.06 -22.59
C MET A 1 2.88 6.14 -23.77
N SER A 2 3.86 5.28 -23.79
CA SER A 2 4.85 5.30 -24.91
C SER A 2 5.44 3.90 -25.10
N HIS A 3 5.61 3.47 -26.32
CA HIS A 3 6.17 2.11 -26.55
C HIS A 3 5.45 1.11 -25.65
N GLN A 4 5.92 -0.11 -25.58
CA GLN A 4 5.25 -1.12 -24.71
C GLN A 4 6.04 -1.28 -23.41
N ASP A 5 7.35 -1.39 -23.50
CA ASP A 5 8.16 -1.55 -22.27
C ASP A 5 8.71 -0.17 -21.84
N ASP A 6 8.18 0.38 -20.79
CA ASP A 6 8.67 1.71 -20.32
C ASP A 6 9.87 1.52 -19.41
N TYR A 7 10.30 2.56 -18.75
CA TYR A 7 11.47 2.43 -17.84
C TYR A 7 11.03 2.69 -16.40
N LEU A 8 11.15 1.71 -15.54
CA LEU A 8 10.74 1.91 -14.12
C LEU A 8 11.99 2.05 -13.25
N SER A 9 11.83 2.41 -12.00
CA SER A 9 13.01 2.56 -11.10
C SER A 9 12.54 2.66 -9.66
N VAL A 10 12.52 1.57 -8.95
CA VAL A 10 12.08 1.62 -7.52
C VAL A 10 12.61 2.89 -6.86
N GLU A 11 13.70 3.41 -7.37
CA GLU A 11 14.27 4.65 -6.78
C GLU A 11 13.38 5.85 -7.14
N GLU A 12 13.21 6.09 -8.42
CA GLU A 12 12.35 7.24 -8.83
C GLU A 12 10.94 7.04 -8.27
N LEU A 13 10.53 5.81 -8.09
CA LEU A 13 9.18 5.56 -7.53
C LEU A 13 9.18 5.91 -6.04
N ILE A 14 9.98 5.22 -5.27
CA ILE A 14 10.05 5.51 -3.81
C ILE A 14 10.07 7.02 -3.60
N GLU A 15 10.85 7.73 -4.36
CA GLU A 15 10.91 9.21 -4.20
C GLU A 15 9.49 9.79 -4.34
N ILE A 16 8.86 9.55 -5.45
CA ILE A 16 7.48 10.09 -5.65
C ILE A 16 6.61 9.70 -4.46
N GLN A 17 6.60 8.44 -4.11
CA GLN A 17 5.77 8.00 -2.94
C GLN A 17 6.10 8.86 -1.73
N LYS A 18 7.37 9.04 -1.43
CA LYS A 18 7.75 9.88 -0.26
C LYS A 18 7.08 11.25 -0.38
N GLU A 19 7.17 11.87 -1.52
CA GLU A 19 6.54 13.21 -1.70
C GLU A 19 5.05 13.12 -1.35
N GLU A 20 4.28 12.43 -2.17
CA GLU A 20 2.83 12.32 -1.88
C GLU A 20 2.63 12.02 -0.39
N THR A 21 3.12 10.90 0.07
CA THR A 21 2.96 10.57 1.51
C THR A 21 3.14 11.83 2.35
N ARG A 22 4.33 12.38 2.38
CA ARG A 22 4.57 13.61 3.17
C ARG A 22 3.34 14.53 3.06
N ASP A 23 2.89 14.77 1.86
CA ASP A 23 1.70 15.65 1.68
C ASP A 23 0.53 15.12 2.51
N ILE A 24 0.17 13.89 2.32
CA ILE A 24 -0.96 13.31 3.10
C ILE A 24 -0.66 13.42 4.59
N ILE A 25 0.36 12.74 5.06
CA ILE A 25 0.71 12.80 6.50
C ILE A 25 0.58 14.24 6.99
N GLN A 26 1.09 15.18 6.27
CA GLN A 26 1.00 16.61 6.70
C GLN A 26 -0.47 16.99 6.87
N ALA A 27 -1.31 16.60 5.96
CA ALA A 27 -2.76 16.95 6.07
C ALA A 27 -3.35 16.32 7.33
N LEU A 28 -3.03 15.09 7.60
CA LEU A 28 -3.58 14.41 8.81
C LEU A 28 -3.13 15.18 10.07
N LEU A 29 -1.85 15.42 10.20
CA LEU A 29 -1.36 16.16 11.40
C LEU A 29 -2.07 17.51 11.50
N GLU A 30 -2.00 18.30 10.47
CA GLU A 30 -2.67 19.64 10.50
C GLU A 30 -4.12 19.46 10.98
N ASP A 31 -4.70 18.32 10.72
CA ASP A 31 -6.10 18.09 11.15
C ASP A 31 -6.14 17.90 12.67
N GLY A 32 -5.02 17.61 13.27
CA GLY A 32 -5.00 17.41 14.75
C GLY A 32 -5.51 16.02 15.09
N SER A 33 -5.19 15.04 14.28
CA SER A 33 -5.65 13.65 14.55
C SER A 33 -5.12 13.19 15.91
N ASP A 34 -4.77 11.95 16.03
CA ASP A 34 -4.25 11.43 17.33
C ASP A 34 -3.15 10.39 17.06
N PRO A 35 -2.03 10.82 16.56
CA PRO A 35 -0.88 9.92 16.26
C PRO A 35 -0.46 9.08 17.47
N ASP A 36 -1.02 9.36 18.62
CA ASP A 36 -0.65 8.58 19.84
C ASP A 36 -1.47 7.29 19.89
N ALA A 37 -2.61 7.28 19.26
CA ALA A 37 -3.46 6.05 19.28
C ALA A 37 -3.04 5.12 18.14
N LEU A 38 -1.80 5.18 17.74
CA LEU A 38 -1.32 4.30 16.63
C LEU A 38 -2.22 4.52 15.41
N TYR A 39 -1.77 4.11 14.25
CA TYR A 39 -2.60 4.30 13.03
C TYR A 39 -2.65 2.98 12.24
N GLU A 40 -3.52 2.89 11.27
CA GLU A 40 -3.62 1.64 10.46
C GLU A 40 -3.41 1.98 8.99
N ILE A 41 -2.47 1.33 8.35
CA ILE A 41 -2.23 1.60 6.90
C ILE A 41 -2.80 0.46 6.07
N GLU A 42 -3.14 0.72 4.85
CA GLU A 42 -3.70 -0.36 3.98
C GLU A 42 -3.03 -0.33 2.61
N HIS A 43 -2.36 -1.39 2.25
CA HIS A 43 -1.67 -1.43 0.92
C HIS A 43 -2.50 -2.25 -0.06
N HIS A 44 -2.39 -1.97 -1.32
CA HIS A 44 -3.18 -2.73 -2.33
C HIS A 44 -2.22 -3.34 -3.35
N LEU A 45 -2.36 -4.61 -3.62
CA LEU A 45 -1.46 -5.27 -4.61
C LEU A 45 -2.26 -6.28 -5.43
N PHE A 46 -2.02 -6.33 -6.72
CA PHE A 46 -2.77 -7.30 -7.56
C PHE A 46 -1.79 -8.16 -8.36
N ALA A 47 -2.28 -9.17 -9.02
CA ALA A 47 -1.37 -10.05 -9.81
C ALA A 47 -2.17 -10.70 -10.94
N GLU A 48 -1.50 -11.39 -11.83
CA GLU A 48 -2.23 -12.05 -12.95
C GLU A 48 -2.14 -13.57 -12.78
N ASP A 49 -1.15 -14.04 -12.08
CA ASP A 49 -1.01 -15.51 -11.89
C ASP A 49 -1.49 -15.88 -10.48
N PHE A 50 -2.74 -16.22 -10.35
CA PHE A 50 -3.28 -16.58 -9.01
C PHE A 50 -2.22 -17.37 -8.23
N ASP A 51 -1.53 -18.28 -8.88
CA ASP A 51 -0.48 -19.06 -8.17
C ASP A 51 0.52 -18.10 -7.53
N LYS A 52 1.26 -17.39 -8.34
CA LYS A 52 2.26 -16.44 -7.78
C LYS A 52 1.58 -15.53 -6.75
N LEU A 53 0.32 -15.23 -6.96
CA LEU A 53 -0.40 -14.35 -5.99
C LEU A 53 -0.37 -14.99 -4.61
N GLU A 54 -0.78 -16.23 -4.51
CA GLU A 54 -0.80 -16.92 -3.19
C GLU A 54 0.62 -16.90 -2.59
N LYS A 55 1.63 -17.00 -3.40
CA LYS A 55 3.02 -16.98 -2.88
C LYS A 55 3.31 -15.65 -2.20
N ALA A 56 3.38 -14.58 -2.95
CA ALA A 56 3.68 -13.25 -2.35
C ALA A 56 2.66 -12.93 -1.26
N ALA A 57 1.50 -13.55 -1.30
CA ALA A 57 0.47 -13.25 -0.27
C ALA A 57 0.82 -13.99 1.04
N VAL A 58 1.07 -15.27 0.96
CA VAL A 58 1.41 -16.03 2.20
C VAL A 58 2.66 -15.45 2.84
N GLU A 59 3.52 -14.83 2.08
CA GLU A 59 4.76 -14.24 2.66
C GLU A 59 4.40 -12.95 3.42
N ALA A 60 3.70 -12.05 2.78
CA ALA A 60 3.32 -10.78 3.47
C ALA A 60 2.53 -11.12 4.73
N PHE A 61 1.63 -12.05 4.65
CA PHE A 61 0.82 -12.41 5.85
C PHE A 61 1.75 -13.02 6.92
N LYS A 62 2.73 -13.77 6.51
CA LYS A 62 3.66 -14.38 7.49
C LYS A 62 4.61 -13.31 8.03
N MET A 63 4.72 -12.21 7.35
CA MET A 63 5.62 -11.12 7.82
C MET A 63 4.96 -10.38 8.98
N GLY A 64 3.75 -9.94 8.80
CA GLY A 64 3.05 -9.21 9.90
C GLY A 64 1.92 -8.36 9.30
N PHE A 65 1.73 -8.44 8.01
CA PHE A 65 0.64 -7.64 7.37
C PHE A 65 -0.68 -8.41 7.49
N GLU A 66 -1.78 -7.79 7.18
CA GLU A 66 -3.09 -8.48 7.26
C GLU A 66 -3.69 -8.57 5.86
N VAL A 67 -3.28 -9.54 5.09
CA VAL A 67 -3.82 -9.68 3.71
C VAL A 67 -5.35 -9.80 3.75
N LEU A 68 -6.02 -9.17 2.84
CA LEU A 68 -7.51 -9.24 2.81
C LEU A 68 -7.95 -9.88 1.49
N GLU A 69 -8.94 -10.73 1.53
CA GLU A 69 -9.41 -11.38 0.27
C GLU A 69 -9.44 -10.35 -0.86
N ALA A 70 -9.23 -10.78 -2.07
CA ALA A 70 -9.23 -9.82 -3.21
C ALA A 70 -10.62 -9.81 -3.86
N GLU A 71 -10.82 -8.96 -4.83
CA GLU A 71 -12.14 -8.89 -5.51
C GLU A 71 -11.93 -8.88 -7.03
N GLU A 72 -12.05 -10.01 -7.66
CA GLU A 72 -11.86 -10.06 -9.14
C GLU A 72 -12.42 -8.79 -9.77
N THR A 73 -11.57 -7.93 -10.25
CA THR A 73 -12.04 -6.67 -10.89
C THR A 73 -11.19 -6.36 -12.12
N GLU A 74 -11.04 -5.11 -12.46
CA GLU A 74 -10.22 -4.75 -13.65
C GLU A 74 -9.46 -3.45 -13.37
N ASP A 75 -8.36 -3.25 -14.05
CA ASP A 75 -7.57 -2.00 -13.83
C ASP A 75 -7.98 -0.94 -14.86
N GLU A 76 -7.10 -0.01 -15.15
CA GLU A 76 -7.43 1.04 -16.15
C GLU A 76 -7.14 0.52 -17.56
N ASP A 77 -7.24 -0.78 -17.76
CA ASP A 77 -6.98 -1.34 -19.11
C ASP A 77 -8.11 -2.30 -19.49
N GLY A 78 -8.81 -2.81 -18.51
CA GLY A 78 -9.93 -3.76 -18.82
C GLY A 78 -9.45 -5.19 -18.68
N ASN A 79 -8.31 -5.38 -18.04
CA ASN A 79 -7.79 -6.77 -17.86
C ASN A 79 -8.33 -7.35 -16.54
N LYS A 80 -8.94 -8.50 -16.60
CA LYS A 80 -9.48 -9.13 -15.36
C LYS A 80 -8.32 -9.65 -14.52
N LEU A 81 -8.31 -9.34 -13.25
CA LEU A 81 -7.20 -9.83 -12.37
C LEU A 81 -7.68 -9.89 -10.92
N LEU A 82 -6.77 -10.09 -10.00
CA LEU A 82 -7.17 -10.17 -8.57
C LEU A 82 -6.43 -9.09 -7.78
N CYS A 83 -7.09 -8.49 -6.81
CA CYS A 83 -6.43 -7.43 -6.01
C CYS A 83 -6.69 -7.67 -4.52
N PHE A 84 -5.71 -8.14 -3.80
CA PHE A 84 -5.90 -8.39 -2.35
C PHE A 84 -5.44 -7.15 -1.56
N ASP A 85 -5.95 -6.96 -0.37
CA ASP A 85 -5.54 -5.78 0.43
C ASP A 85 -4.73 -6.22 1.64
N ALA A 86 -3.80 -5.42 2.07
CA ALA A 86 -2.97 -5.80 3.25
C ALA A 86 -3.01 -4.67 4.27
N THR A 87 -3.44 -4.96 5.47
CA THR A 87 -3.50 -3.89 6.52
C THR A 87 -2.36 -4.08 7.52
N MET A 88 -1.99 -3.04 8.21
CA MET A 88 -0.88 -3.15 9.20
C MET A 88 -0.98 -2.01 10.21
N GLN A 89 -0.68 -2.28 11.46
CA GLN A 89 -0.76 -1.20 12.49
C GLN A 89 0.61 -0.53 12.62
N SER A 90 0.67 0.74 12.40
CA SER A 90 1.97 1.46 12.51
C SER A 90 1.73 2.91 12.95
N ALA A 91 2.70 3.52 13.58
CA ALA A 91 2.51 4.92 14.03
C ALA A 91 2.53 5.85 12.81
N LEU A 92 1.87 6.98 12.91
CA LEU A 92 1.84 7.93 11.76
C LEU A 92 3.22 8.56 11.58
N ASP A 93 3.84 8.34 10.45
CA ASP A 93 5.19 8.93 10.21
C ASP A 93 5.61 8.69 8.76
N ALA A 94 6.13 9.69 8.11
CA ALA A 94 6.55 9.51 6.69
C ALA A 94 7.70 8.52 6.62
N LYS A 95 8.84 8.88 7.12
CA LYS A 95 10.02 7.95 7.08
C LYS A 95 9.53 6.52 7.32
N LEU A 96 8.59 6.34 8.22
CA LEU A 96 8.07 4.97 8.48
C LEU A 96 7.47 4.39 7.21
N ILE A 97 6.45 5.01 6.68
CA ILE A 97 5.81 4.50 5.44
C ILE A 97 6.86 4.35 4.34
N ASP A 98 7.90 5.14 4.39
CA ASP A 98 8.96 5.05 3.35
C ASP A 98 9.65 3.68 3.45
N GLU A 99 10.14 3.34 4.61
CA GLU A 99 10.82 2.02 4.78
C GLU A 99 9.82 0.89 4.47
N GLN A 100 8.63 0.99 5.01
CA GLN A 100 7.62 -0.08 4.75
C GLN A 100 7.42 -0.24 3.24
N VAL A 101 7.02 0.81 2.57
CA VAL A 101 6.81 0.71 1.11
C VAL A 101 8.04 0.08 0.45
N GLU A 102 9.19 0.63 0.71
CA GLU A 102 10.43 0.06 0.10
C GLU A 102 10.37 -1.47 0.15
N LYS A 103 9.95 -2.00 1.27
CA LYS A 103 9.86 -3.49 1.38
C LYS A 103 8.78 -4.01 0.44
N LEU A 104 7.56 -3.55 0.61
CA LEU A 104 6.47 -4.02 -0.28
C LEU A 104 6.91 -3.88 -1.74
N VAL A 105 7.91 -3.07 -1.98
CA VAL A 105 8.40 -2.89 -3.38
C VAL A 105 9.39 -4.01 -3.71
N ASN A 106 10.55 -3.99 -3.11
CA ASN A 106 11.54 -5.05 -3.39
C ASN A 106 10.85 -6.42 -3.33
N LEU A 107 9.90 -6.56 -2.46
CA LEU A 107 9.18 -7.86 -2.35
C LEU A 107 8.29 -8.05 -3.59
N ALA A 108 7.48 -7.08 -3.91
CA ALA A 108 6.61 -7.21 -5.11
C ALA A 108 7.47 -7.54 -6.32
N GLU A 109 8.47 -6.75 -6.59
CA GLU A 109 9.35 -7.03 -7.76
C GLU A 109 9.98 -8.42 -7.60
N LYS A 110 10.19 -8.84 -6.38
CA LYS A 110 10.80 -10.19 -6.16
C LYS A 110 9.83 -11.27 -6.65
N PHE A 111 8.55 -11.00 -6.60
CA PHE A 111 7.56 -12.01 -7.07
C PHE A 111 7.09 -11.65 -8.47
N ASP A 112 6.21 -10.68 -8.58
CA ASP A 112 5.72 -10.28 -9.93
C ASP A 112 4.38 -9.54 -9.79
N ILE A 113 4.22 -8.77 -8.75
CA ILE A 113 2.94 -8.03 -8.58
C ILE A 113 3.20 -6.53 -8.69
N ILE A 114 2.19 -5.76 -9.03
CA ILE A 114 2.39 -4.29 -9.16
C ILE A 114 1.93 -3.59 -7.89
N TYR A 115 2.85 -3.13 -7.09
CA TYR A 115 2.46 -2.43 -5.83
C TYR A 115 2.17 -0.96 -6.14
N ASP A 116 0.94 -0.55 -6.08
CA ASP A 116 0.59 0.87 -6.37
C ASP A 116 -0.81 1.17 -5.88
N GLY A 117 -0.96 1.51 -4.62
CA GLY A 117 -2.32 1.81 -4.09
C GLY A 117 -2.30 1.70 -2.56
N TRP A 118 -1.70 2.63 -1.89
CA TRP A 118 -1.66 2.59 -0.40
C TRP A 118 -2.38 3.82 0.17
N GLY A 119 -3.07 3.65 1.26
CA GLY A 119 -3.78 4.81 1.87
C GLY A 119 -4.29 4.43 3.26
N THR A 120 -4.85 5.37 3.97
CA THR A 120 -5.36 5.06 5.34
C THR A 120 -6.64 5.86 5.60
N TYR A 121 -7.32 5.58 6.68
CA TYR A 121 -8.56 6.34 7.00
C TYR A 121 -8.56 6.73 8.47
N TYR A 122 -9.08 7.88 8.80
CA TYR A 122 -9.11 8.32 10.21
C TYR A 122 -9.30 7.11 11.13
N GLU A 123 -8.39 6.88 12.03
CA GLU A 123 -8.52 5.72 12.95
C GLU A 123 -9.21 6.15 14.24
N GLY A 124 -10.35 6.81 14.13
CA GLY A 124 -11.06 7.26 15.35
C GLY A 124 -12.55 7.39 15.04
N LEU A 125 -13.01 6.75 14.01
CA LEU A 125 -14.46 6.83 13.67
C LEU A 125 -14.98 5.45 13.28
N GLU A 126 -15.69 4.81 14.16
CA GLU A 126 -16.23 3.45 13.85
C GLU A 126 -17.58 3.25 14.54
N HIS A 127 -17.72 3.75 15.74
CA HIS A 127 -19.00 3.58 16.46
C HIS A 127 -20.00 4.64 16.00
N HIS A 128 -20.67 4.39 14.90
CA HIS A 128 -21.66 5.39 14.40
C HIS A 128 -22.97 5.23 15.18
N HIS A 129 -24.04 5.79 14.67
CA HIS A 129 -25.34 5.67 15.39
C HIS A 129 -26.41 5.16 14.41
N HIS A 130 -27.55 5.80 14.39
CA HIS A 130 -28.62 5.35 13.45
C HIS A 130 -28.76 6.34 12.31
N HIS A 131 -28.14 6.07 11.19
CA HIS A 131 -28.23 7.01 10.04
C HIS A 131 -28.03 6.23 8.73
N HIS A 132 -28.42 6.80 7.62
CA HIS A 132 -28.24 6.10 6.32
C HIS A 132 -26.75 6.03 5.98
#